data_2HIL
#
_entry.id   2HIL
#
_cell.length_a   1.000
_cell.length_b   1.000
_cell.length_c   1.000
_cell.angle_alpha   90.00
_cell.angle_beta   90.00
_cell.angle_gamma   90.00
#
_symmetry.space_group_name_H-M   'P 1'
#
loop_
_entity.id
_entity.type
_entity.pdbx_description
1 polymer 'Fimbrial protein'
2 branched alpha-D-galactopyranose-(1-3)-2,4-bisacetamido-2,4-dideoxy-beta-D-glucopyranose
3 non-polymer 'PHOSPHORIC ACID MONO-(2-AMINO-ETHYL) ESTER'
#
_entity_poly.entity_id   1
_entity_poly.type   'polypeptide(L)'
_entity_poly.pdbx_seq_one_letter_code
;(MEA)TLIELMIVIAIVGILAAVALPAYQDYTARAQVSEAILLAEGQKSAVTEYYLNHGKWPENNTSAGVASSPTDIKGK
YVKEVEVKNGVVTATMLSSGVNNEIKGKKLSLWARRENGSVKWFCGQPVTRTDDDTVADAKDGKEIDTKHLPSTCRDNFD
AK
;
_entity_poly.pdbx_strand_id   A,B,C,D,E,F,G,H,I,J,K,L,M,N,O,P,Q,R
#
loop_
_chem_comp.id
_chem_comp.type
_chem_comp.name
_chem_comp.formula
DT6 D-saccharide, beta linking 2,4-bisacetamido-2,4-dideoxy-beta-D-glucopyranose 'C10 H18 N2 O6'
GLA D-saccharide, alpha linking alpha-D-galactopyranose 'C6 H12 O6'
OPE non-polymer 'PHOSPHORIC ACID MONO-(2-AMINO-ETHYL) ESTER' 'C2 H8 N O4 P'
#
# COMPACT_ATOMS: atom_id res chain seq x y z
N MEA A 1 30.89 28.84 -42.34
CA MEA A 1 31.86 27.88 -42.93
C MEA A 1 31.83 26.50 -42.26
O MEA A 1 32.11 25.49 -42.90
CB MEA A 1 33.29 28.46 -42.95
CG MEA A 1 33.86 28.77 -41.59
CD1 MEA A 1 33.22 29.68 -40.73
CE1 MEA A 1 33.75 29.97 -39.48
CZ MEA A 1 34.93 29.37 -39.06
CE2 MEA A 1 35.59 28.48 -39.91
CD2 MEA A 1 35.05 28.18 -41.16
N THR A 2 31.45 26.46 -40.98
CA THR A 2 31.57 25.23 -40.17
C THR A 2 30.51 24.97 -39.10
N LEU A 3 30.61 25.71 -37.99
CA LEU A 3 30.07 25.29 -36.69
C LEU A 3 28.55 25.34 -36.56
N ILE A 4 27.88 24.26 -36.96
CA ILE A 4 26.43 24.18 -36.86
C ILE A 4 25.95 23.00 -35.99
N GLU A 5 26.87 22.07 -35.70
CA GLU A 5 26.56 20.91 -34.89
C GLU A 5 26.34 21.30 -33.42
N LEU A 6 27.12 22.26 -32.95
CA LEU A 6 26.97 22.79 -31.59
C LEU A 6 25.74 23.68 -31.48
N MET A 7 25.45 24.43 -32.54
CA MET A 7 24.34 25.38 -32.57
C MET A 7 22.98 24.70 -32.67
N ILE A 8 22.89 23.64 -33.48
CA ILE A 8 21.63 22.91 -33.63
C ILE A 8 21.34 22.02 -32.43
N VAL A 9 22.36 21.34 -31.91
CA VAL A 9 22.20 20.44 -30.76
C VAL A 9 21.92 21.17 -29.44
N ILE A 10 22.35 22.43 -29.34
CA ILE A 10 21.96 23.27 -28.20
C ILE A 10 20.51 23.76 -28.36
N ALA A 11 20.06 23.83 -29.61
CA ALA A 11 18.73 24.32 -29.95
C ALA A 11 17.70 23.19 -30.10
N ILE A 12 18.17 21.94 -30.14
CA ILE A 12 17.26 20.79 -30.10
C ILE A 12 16.96 20.36 -28.67
N VAL A 13 17.92 20.59 -27.76
CA VAL A 13 17.73 20.34 -26.33
C VAL A 13 16.85 21.43 -25.73
N GLY A 14 16.96 22.64 -26.27
CA GLY A 14 16.10 23.75 -25.90
C GLY A 14 14.65 23.51 -26.26
N ILE A 15 14.41 23.04 -27.49
CA ILE A 15 13.05 22.70 -27.94
C ILE A 15 12.57 21.37 -27.36
N LEU A 16 13.50 20.52 -26.97
CA LEU A 16 13.17 19.25 -26.30
C LEU A 16 12.59 19.51 -24.91
N ALA A 17 13.13 20.53 -24.24
CA ALA A 17 12.63 20.96 -22.94
C ALA A 17 11.24 21.58 -23.05
N ALA A 18 11.00 22.29 -24.16
CA ALA A 18 9.71 22.91 -24.44
C ALA A 18 8.63 21.88 -24.73
N VAL A 19 9.02 20.75 -25.34
CA VAL A 19 8.11 19.64 -25.62
C VAL A 19 7.93 18.80 -24.35
N ALA A 20 8.99 18.68 -23.55
CA ALA A 20 8.93 17.95 -22.29
C ALA A 20 8.32 18.78 -21.16
N LEU A 21 8.03 20.06 -21.45
CA LEU A 21 7.48 20.99 -20.47
C LEU A 21 6.02 20.68 -20.07
N PRO A 22 5.10 20.55 -21.04
CA PRO A 22 3.70 20.25 -20.72
C PRO A 22 3.47 18.82 -20.20
N ALA A 23 4.34 17.89 -20.59
CA ALA A 23 4.24 16.50 -20.13
C ALA A 23 4.58 16.39 -18.63
N TYR A 24 5.65 17.06 -18.22
CA TYR A 24 6.07 17.11 -16.82
C TYR A 24 5.14 18.00 -16.00
N GLN A 25 4.62 19.06 -16.63
CA GLN A 25 3.61 19.92 -16.02
C GLN A 25 2.25 19.23 -15.90
N ASP A 26 1.99 18.26 -16.76
CA ASP A 26 0.46 17.62 -16.17
C ASP A 26 0.77 16.37 -15.36
N TYR A 27 1.87 15.72 -15.68
CA TYR A 27 2.26 14.54 -14.93
C TYR A 27 2.45 15.05 -13.52
N THR A 28 3.04 16.24 -13.43
CA THR A 28 3.30 16.87 -12.16
C THR A 28 2.03 17.20 -11.39
N ALA A 29 1.11 17.92 -12.03
CA ALA A 29 -0.14 18.30 -11.37
C ALA A 29 -0.94 17.07 -10.98
N ARG A 30 -0.99 16.12 -11.90
CA ARG A 30 -1.71 14.87 -11.71
C ARG A 30 -1.13 14.15 -10.53
N ALA A 31 0.12 14.48 -10.19
CA ALA A 31 0.81 13.85 -9.07
C ALA A 31 0.45 14.55 -7.76
N GLN A 32 0.30 15.87 -7.83
CA GLN A 32 -0.04 16.70 -6.67
C GLN A 32 -1.51 16.52 -6.28
N VAL A 33 -2.31 16.02 -7.20
CA VAL A 33 -3.72 15.78 -6.93
C VAL A 33 -3.87 14.42 -6.31
N SER A 34 -3.04 13.47 -6.76
CA SER A 34 -3.10 12.12 -6.26
C SER A 34 -2.85 12.08 -4.76
N GLU A 35 -2.31 13.17 -4.23
CA GLU A 35 -2.04 13.24 -2.80
C GLU A 35 -3.19 13.86 -2.07
N ALA A 36 -3.81 14.86 -2.69
CA ALA A 36 -4.95 15.49 -2.07
C ALA A 36 -5.93 14.35 -1.81
N ILE A 37 -5.89 13.37 -2.71
CA ILE A 37 -6.75 12.21 -2.59
C ILE A 37 -6.34 11.31 -1.44
N LEU A 38 -5.04 11.18 -1.21
CA LEU A 38 -4.57 10.31 -0.13
C LEU A 38 -4.82 10.96 1.20
N LEU A 39 -4.79 12.29 1.22
CA LEU A 39 -5.01 13.03 2.45
C LEU A 39 -6.50 13.03 2.76
N ALA A 40 -7.32 12.96 1.72
CA ALA A 40 -8.75 12.95 1.89
C ALA A 40 -9.15 11.59 2.46
N GLU A 41 -8.56 10.54 1.91
CA GLU A 41 -8.84 9.19 2.39
C GLU A 41 -8.20 9.02 3.76
N GLY A 42 -8.36 7.84 4.36
CA GLY A 42 -7.77 7.61 5.67
C GLY A 42 -8.51 8.40 6.73
N GLN A 43 -9.49 9.16 6.24
CA GLN A 43 -10.36 9.95 7.06
C GLN A 43 -11.73 9.39 6.77
N LYS A 44 -11.73 8.35 5.96
CA LYS A 44 -12.95 7.66 5.59
C LYS A 44 -13.30 6.86 6.83
N SER A 45 -12.26 6.29 7.44
CA SER A 45 -12.42 5.49 8.66
C SER A 45 -13.24 6.22 9.70
N ALA A 46 -12.78 7.39 10.11
CA ALA A 46 -13.49 8.16 11.10
C ALA A 46 -14.94 8.36 10.65
N VAL A 47 -15.11 8.89 9.45
CA VAL A 47 -16.44 9.15 8.93
C VAL A 47 -17.33 7.92 8.82
N THR A 48 -16.76 6.81 8.39
CA THR A 48 -17.54 5.57 8.27
C THR A 48 -18.02 5.13 9.64
N GLU A 49 -17.09 5.05 10.57
CA GLU A 49 -17.45 4.62 11.90
C GLU A 49 -18.51 5.57 12.47
N TYR A 50 -18.27 6.87 12.42
CA TYR A 50 -19.26 7.79 12.96
C TYR A 50 -20.66 7.51 12.40
N TYR A 51 -20.75 7.31 11.09
CA TYR A 51 -22.04 7.04 10.47
C TYR A 51 -22.68 5.71 10.93
N LEU A 52 -21.92 4.61 10.83
CA LEU A 52 -22.43 3.31 11.25
C LEU A 52 -22.80 3.25 12.73
N ASN A 53 -22.04 3.93 13.57
CA ASN A 53 -22.34 3.92 15.00
C ASN A 53 -23.54 4.79 15.36
N HIS A 54 -23.75 5.90 14.65
CA HIS A 54 -24.85 6.79 14.96
C HIS A 54 -25.96 6.94 13.93
N GLY A 55 -25.68 6.58 12.68
CA GLY A 55 -26.71 6.71 11.67
C GLY A 55 -26.85 8.13 11.15
N LYS A 56 -25.92 8.99 11.52
CA LYS A 56 -25.89 10.40 11.08
C LYS A 56 -24.46 10.68 10.62
N TRP A 57 -24.30 11.46 9.55
CA TRP A 57 -22.97 11.78 9.04
C TRP A 57 -22.32 12.81 9.93
N PRO A 58 -21.00 12.69 10.17
CA PRO A 58 -20.31 13.66 11.03
C PRO A 58 -20.39 15.06 10.44
N GLU A 59 -20.90 16.01 11.24
CA GLU A 59 -21.05 17.39 10.77
C GLU A 59 -19.75 18.09 10.40
N ASN A 60 -18.71 17.85 11.19
CA ASN A 60 -17.41 18.47 10.96
C ASN A 60 -16.28 17.60 11.47
N ASN A 61 -15.04 18.02 11.22
CA ASN A 61 -13.87 17.26 11.64
C ASN A 61 -13.91 16.75 13.08
N THR A 62 -14.27 17.65 13.99
CA THR A 62 -14.33 17.30 15.41
C THR A 62 -15.34 16.20 15.65
N SER A 63 -16.48 16.29 15.00
CA SER A 63 -17.48 15.25 15.13
C SER A 63 -16.89 13.93 14.67
N ALA A 64 -16.22 13.95 13.52
CA ALA A 64 -15.62 12.74 12.97
C ALA A 64 -14.46 12.25 13.83
N GLY A 65 -14.01 13.11 14.74
CA GLY A 65 -12.92 12.74 15.60
C GLY A 65 -11.61 12.83 14.86
N VAL A 66 -11.34 14.01 14.29
CA VAL A 66 -10.11 14.24 13.55
C VAL A 66 -9.69 15.67 13.84
N ALA A 67 -8.43 15.98 13.56
CA ALA A 67 -7.89 17.32 13.80
C ALA A 67 -9.03 18.33 13.68
N SER A 68 -9.54 18.74 14.83
CA SER A 68 -10.65 19.69 14.90
C SER A 68 -10.47 20.85 13.95
N SER A 69 -9.26 21.06 13.48
CA SER A 69 -8.96 22.18 12.59
C SER A 69 -8.67 21.69 11.16
N PRO A 70 -9.49 22.10 10.18
CA PRO A 70 -9.30 21.69 8.78
C PRO A 70 -7.85 21.87 8.35
N THR A 71 -7.31 23.03 8.69
CA THR A 71 -5.93 23.39 8.36
C THR A 71 -4.91 22.47 9.01
N ASP A 72 -5.35 21.64 9.92
CA ASP A 72 -4.42 20.73 10.58
C ASP A 72 -4.28 19.44 9.78
N ILE A 73 -5.06 19.32 8.70
CA ILE A 73 -5.01 18.15 7.83
C ILE A 73 -4.52 18.56 6.45
N LYS A 74 -3.46 19.38 6.44
CA LYS A 74 -2.87 19.86 5.22
C LYS A 74 -1.66 19.05 4.80
N GLY A 75 -1.10 19.42 3.67
CA GLY A 75 0.08 18.76 3.15
C GLY A 75 0.95 19.72 2.38
N LYS A 76 1.74 19.16 1.47
CA LYS A 76 2.65 19.94 0.63
C LYS A 76 1.87 20.70 -0.43
N TYR A 77 0.92 20.03 -1.05
CA TYR A 77 0.09 20.62 -2.08
C TYR A 77 -1.31 20.79 -1.55
N VAL A 78 -1.55 20.24 -0.36
CA VAL A 78 -2.85 20.31 0.27
C VAL A 78 -2.88 21.37 1.35
N LYS A 79 -3.75 22.35 1.16
CA LYS A 79 -3.90 23.42 2.13
C LYS A 79 -4.79 23.00 3.28
N GLU A 80 -5.51 21.89 3.09
CA GLU A 80 -6.40 21.35 4.13
C GLU A 80 -7.34 20.23 3.67
N VAL A 81 -8.16 19.78 4.61
CA VAL A 81 -9.13 18.73 4.40
C VAL A 81 -10.21 18.92 5.45
N GLU A 82 -11.42 19.24 4.98
CA GLU A 82 -12.56 19.48 5.85
C GLU A 82 -13.65 18.44 5.66
N VAL A 83 -14.25 18.04 6.78
CA VAL A 83 -15.34 17.09 6.77
C VAL A 83 -16.58 17.92 6.98
N LYS A 84 -17.48 17.88 6.01
CA LYS A 84 -18.71 18.65 6.10
C LYS A 84 -19.87 17.70 5.84
N ASN A 85 -20.49 17.23 6.92
CA ASN A 85 -21.60 16.28 6.87
C ASN A 85 -21.22 14.98 6.17
N GLY A 86 -20.11 14.40 6.60
CA GLY A 86 -19.65 13.15 6.02
C GLY A 86 -18.85 13.31 4.74
N VAL A 87 -19.01 14.45 4.06
CA VAL A 87 -18.28 14.73 2.83
C VAL A 87 -16.91 15.25 3.21
N VAL A 88 -15.86 14.67 2.66
CA VAL A 88 -14.52 15.12 2.97
C VAL A 88 -13.93 15.77 1.73
N THR A 89 -13.65 17.06 1.84
CA THR A 89 -13.11 17.84 0.73
C THR A 89 -11.65 18.19 0.95
N ALA A 90 -10.82 18.08 -0.08
CA ALA A 90 -9.41 18.40 0.05
C ALA A 90 -9.06 19.61 -0.79
N THR A 91 -8.45 20.63 -0.17
CA THR A 91 -8.07 21.83 -0.91
C THR A 91 -6.60 21.84 -1.26
N MET A 92 -6.31 22.26 -2.49
CA MET A 92 -4.95 22.34 -2.98
C MET A 92 -4.32 23.65 -2.51
N LEU A 93 -3.12 23.56 -1.97
CA LEU A 93 -2.40 24.74 -1.50
C LEU A 93 -2.33 25.78 -2.62
N SER A 94 -1.56 26.84 -2.39
CA SER A 94 -1.40 27.88 -3.40
C SER A 94 0.06 27.93 -3.81
N SER A 95 0.92 27.34 -2.97
CA SER A 95 2.36 27.31 -3.23
C SER A 95 2.88 25.88 -3.34
N GLY A 96 3.64 25.61 -4.39
CA GLY A 96 4.21 24.29 -4.59
C GLY A 96 3.42 23.40 -5.53
N VAL A 97 2.39 23.96 -6.17
CA VAL A 97 1.56 23.18 -7.09
C VAL A 97 1.62 23.62 -8.56
N ASN A 98 0.90 22.92 -9.41
CA ASN A 98 0.87 23.21 -10.84
C ASN A 98 0.68 24.70 -11.12
N ASN A 99 -0.54 25.07 -11.46
CA ASN A 99 -0.85 26.46 -11.77
C ASN A 99 -2.34 26.56 -12.01
N GLU A 100 -2.92 25.50 -12.56
CA GLU A 100 -4.34 25.50 -12.83
C GLU A 100 -5.05 24.57 -11.88
N ILE A 101 -4.40 24.24 -10.77
CA ILE A 101 -5.01 23.35 -9.79
C ILE A 101 -4.92 23.86 -8.34
N LYS A 102 -4.18 24.94 -8.12
CA LYS A 102 -4.04 25.47 -6.76
C LYS A 102 -5.32 26.12 -6.28
N GLY A 103 -5.56 26.00 -4.98
CA GLY A 103 -6.76 26.54 -4.40
C GLY A 103 -7.94 25.75 -4.91
N LYS A 104 -7.66 24.66 -5.64
CA LYS A 104 -8.74 23.85 -6.18
C LYS A 104 -8.91 22.60 -5.34
N LYS A 105 -10.11 22.02 -5.35
CA LYS A 105 -10.35 20.86 -4.53
C LYS A 105 -11.27 19.75 -5.06
N LEU A 106 -11.27 18.63 -4.35
CA LEU A 106 -12.09 17.47 -4.67
C LEU A 106 -12.83 16.99 -3.40
N SER A 107 -13.72 16.01 -3.55
CA SER A 107 -14.47 15.50 -2.41
C SER A 107 -14.63 14.01 -2.44
N LEU A 108 -14.80 13.46 -1.25
CA LEU A 108 -15.01 12.04 -1.03
C LEU A 108 -16.28 12.05 -0.23
N TRP A 109 -17.25 11.25 -0.63
CA TRP A 109 -18.51 11.20 0.11
C TRP A 109 -18.94 9.77 0.06
N ALA A 110 -19.83 9.40 0.95
CA ALA A 110 -20.28 8.03 0.96
C ALA A 110 -21.77 7.91 0.87
N ARG A 111 -22.25 6.69 0.80
CA ARG A 111 -23.66 6.43 0.69
C ARG A 111 -24.02 5.23 1.53
N ARG A 112 -25.15 5.32 2.21
CA ARG A 112 -25.63 4.23 3.04
C ARG A 112 -25.90 3.01 2.19
N GLU A 113 -25.26 1.90 2.52
CA GLU A 113 -25.52 0.67 1.79
C GLU A 113 -26.50 -0.13 2.61
N ASN A 114 -26.68 0.30 3.86
CA ASN A 114 -27.56 -0.34 4.82
C ASN A 114 -26.73 -1.44 5.48
N GLY A 115 -26.10 -1.09 6.60
CA GLY A 115 -25.26 -2.06 7.29
C GLY A 115 -23.80 -1.74 7.00
N SER A 116 -23.59 -0.92 5.96
CA SER A 116 -22.27 -0.50 5.54
C SER A 116 -22.46 0.67 4.57
N VAL A 117 -21.36 1.26 4.12
CA VAL A 117 -21.43 2.36 3.17
C VAL A 117 -20.43 2.16 2.05
N LYS A 118 -20.62 2.86 0.94
CA LYS A 118 -19.71 2.80 -0.18
C LYS A 118 -19.18 4.21 -0.45
N TRP A 119 -17.90 4.32 -0.71
CA TRP A 119 -17.30 5.64 -0.95
C TRP A 119 -17.09 6.03 -2.41
N PHE A 120 -17.19 7.32 -2.66
CA PHE A 120 -17.03 7.86 -3.99
C PHE A 120 -15.93 8.90 -3.92
N CYS A 121 -15.34 9.22 -5.07
CA CYS A 121 -14.26 10.19 -5.14
C CYS A 121 -14.44 10.98 -6.43
N GLY A 122 -14.43 12.30 -6.32
CA GLY A 122 -14.60 13.11 -7.52
C GLY A 122 -14.50 14.60 -7.27
N GLN A 123 -15.17 15.38 -8.10
CA GLN A 123 -15.14 16.83 -7.98
C GLN A 123 -16.06 17.26 -6.85
N PRO A 124 -15.67 18.29 -6.09
CA PRO A 124 -16.40 18.85 -4.95
C PRO A 124 -17.90 18.66 -4.97
N VAL A 125 -18.44 18.26 -3.83
CA VAL A 125 -19.87 18.04 -3.72
C VAL A 125 -20.38 18.52 -2.36
N THR A 126 -21.67 18.80 -2.25
CA THR A 126 -22.25 19.25 -1.00
C THR A 126 -23.27 18.21 -0.58
N ARG A 127 -23.47 18.00 0.71
CA ARG A 127 -24.49 17.03 1.09
C ARG A 127 -25.83 17.72 1.26
N THR A 128 -26.86 17.13 0.69
CA THR A 128 -28.20 17.66 0.78
C THR A 128 -28.89 16.95 1.93
N ASP A 129 -29.16 15.66 1.76
CA ASP A 129 -29.76 14.88 2.82
C ASP A 129 -28.84 13.69 3.14
N ASP A 130 -29.19 12.88 4.12
CA ASP A 130 -28.30 11.78 4.52
C ASP A 130 -27.93 10.80 3.43
N ASP A 131 -28.61 10.88 2.30
CA ASP A 131 -28.29 9.97 1.22
C ASP A 131 -28.27 10.67 -0.13
N THR A 132 -27.90 11.95 -0.12
CA THR A 132 -27.85 12.71 -1.35
C THR A 132 -26.94 13.92 -1.23
N VAL A 133 -26.08 14.09 -2.23
CA VAL A 133 -25.15 15.20 -2.30
C VAL A 133 -25.32 15.83 -3.67
N ALA A 134 -24.66 16.95 -3.93
CA ALA A 134 -24.78 17.61 -5.23
C ALA A 134 -23.54 18.42 -5.53
N ASP A 135 -23.31 18.66 -6.81
CA ASP A 135 -22.15 19.42 -7.25
C ASP A 135 -22.01 20.72 -6.51
N ALA A 136 -20.85 20.92 -5.92
CA ALA A 136 -20.58 22.16 -5.23
C ALA A 136 -20.12 23.07 -6.36
N LYS A 137 -20.96 23.20 -7.39
CA LYS A 137 -20.65 24.04 -8.55
C LYS A 137 -20.29 25.45 -8.10
N ASP A 138 -19.06 25.86 -8.38
CA ASP A 138 -18.62 27.19 -7.96
C ASP A 138 -17.40 27.68 -8.73
N GLY A 139 -16.70 26.76 -9.39
CA GLY A 139 -15.52 27.13 -10.16
C GLY A 139 -14.15 26.76 -9.61
N LYS A 140 -14.09 26.19 -8.42
CA LYS A 140 -12.81 25.83 -7.83
C LYS A 140 -12.54 24.31 -7.84
N GLU A 141 -13.29 23.57 -8.64
CA GLU A 141 -13.10 22.13 -8.73
C GLU A 141 -11.87 21.78 -9.54
N ILE A 142 -11.12 20.76 -9.08
CA ILE A 142 -9.95 20.33 -9.82
C ILE A 142 -10.48 19.74 -11.12
N ASP A 143 -9.91 20.21 -12.23
CA ASP A 143 -10.26 19.81 -13.58
C ASP A 143 -10.17 18.32 -13.84
N THR A 144 -11.18 17.79 -14.49
CA THR A 144 -11.20 16.35 -14.78
C THR A 144 -9.87 15.78 -15.26
N LYS A 145 -9.14 16.52 -16.08
CA LYS A 145 -7.88 16.01 -16.59
C LYS A 145 -6.86 15.69 -15.50
N HIS A 146 -6.98 16.32 -14.35
CA HIS A 146 -6.04 16.08 -13.26
C HIS A 146 -6.47 14.99 -12.29
N LEU A 147 -7.66 14.46 -12.50
CA LEU A 147 -8.16 13.43 -11.61
C LEU A 147 -7.95 12.01 -12.10
N PRO A 148 -7.49 11.12 -11.21
CA PRO A 148 -7.25 9.71 -11.52
C PRO A 148 -8.50 9.10 -12.17
N SER A 149 -8.34 7.91 -12.70
CA SER A 149 -9.45 7.20 -13.31
C SER A 149 -10.37 6.71 -12.17
N THR A 150 -9.79 6.55 -10.99
CA THR A 150 -10.52 6.08 -9.83
C THR A 150 -11.23 7.20 -9.10
N CYS A 151 -11.13 8.43 -9.61
CA CYS A 151 -11.80 9.54 -8.93
C CYS A 151 -12.56 10.39 -9.92
N ARG A 152 -13.34 9.73 -10.75
CA ARG A 152 -14.15 10.41 -11.77
C ARG A 152 -15.62 10.31 -11.39
N ASP A 153 -15.94 10.07 -10.13
CA ASP A 153 -17.34 9.94 -9.71
C ASP A 153 -18.22 11.20 -9.76
N ASN A 154 -19.44 11.03 -10.24
CA ASN A 154 -20.44 12.11 -10.33
C ASN A 154 -21.31 12.16 -9.07
N PHE A 155 -21.85 13.34 -8.81
CA PHE A 155 -22.67 13.55 -7.64
C PHE A 155 -23.74 12.46 -7.45
N ASP A 156 -24.25 11.90 -8.55
CA ASP A 156 -25.29 10.87 -8.41
C ASP A 156 -24.81 9.44 -8.62
N ALA A 157 -23.52 9.20 -8.48
CA ALA A 157 -23.00 7.85 -8.63
C ALA A 157 -23.61 6.97 -7.55
N LYS A 158 -23.95 5.73 -7.88
CA LYS A 158 -24.51 4.85 -6.88
C LYS A 158 -23.67 3.59 -6.84
N MEA B 1 42.77 26.59 -48.99
CA MEA B 1 42.03 26.65 -50.29
C MEA B 1 40.62 26.07 -50.21
O MEA B 1 39.73 26.51 -50.94
CB MEA B 1 42.84 25.98 -51.44
CG MEA B 1 43.12 24.52 -51.23
CD1 MEA B 1 43.83 24.06 -50.12
CE1 MEA B 1 44.08 22.70 -49.93
CZ MEA B 1 43.65 21.78 -50.88
CE2 MEA B 1 42.96 22.21 -52.00
CD2 MEA B 1 42.69 23.58 -52.18
N THR B 2 40.40 25.13 -49.30
CA THR B 2 39.13 24.36 -49.26
C THR B 2 38.61 23.92 -47.88
N LEU B 3 39.25 22.89 -47.32
CA LEU B 3 38.64 22.00 -46.32
C LEU B 3 38.43 22.62 -44.94
N ILE B 4 37.29 23.29 -44.76
CA ILE B 4 36.96 23.89 -43.46
C ILE B 4 35.65 23.35 -42.86
N GLU B 5 34.86 22.67 -43.70
CA GLU B 5 33.59 22.09 -43.27
C GLU B 5 33.81 20.91 -42.32
N LEU B 6 34.84 20.11 -42.60
CA LEU B 6 35.21 18.98 -41.74
C LEU B 6 35.88 19.48 -40.45
N MET B 7 36.66 20.55 -40.56
CA MET B 7 37.42 21.10 -39.43
C MET B 7 36.53 21.84 -38.43
N ILE B 8 35.55 22.58 -38.93
CA ILE B 8 34.64 23.32 -38.04
C ILE B 8 33.62 22.40 -37.40
N VAL B 9 33.07 21.46 -38.16
CA VAL B 9 32.05 20.53 -37.66
C VAL B 9 32.60 19.50 -36.67
N ILE B 10 33.90 19.19 -36.76
CA ILE B 10 34.56 18.38 -35.73
C ILE B 10 34.82 19.20 -34.46
N ALA B 11 34.93 20.52 -34.64
CA ALA B 11 35.23 21.45 -33.55
C ALA B 11 33.96 22.08 -32.95
N ILE B 12 32.81 21.89 -33.60
CA ILE B 12 31.53 22.28 -33.01
C ILE B 12 30.93 21.16 -32.17
N VAL B 13 31.23 19.91 -32.54
CA VAL B 13 30.82 18.75 -31.75
C VAL B 13 31.68 18.63 -30.51
N GLY B 14 32.95 19.06 -30.63
CA GLY B 14 33.87 19.13 -29.51
C GLY B 14 33.42 20.14 -28.46
N ILE B 15 33.04 21.33 -28.92
CA ILE B 15 32.52 22.38 -28.01
C ILE B 15 31.09 22.10 -27.57
N LEU B 16 30.36 21.31 -28.35
CA LEU B 16 29.01 20.88 -28.00
C LEU B 16 29.05 19.94 -26.80
N ALA B 17 30.06 19.09 -26.76
CA ALA B 17 30.29 18.18 -25.65
C ALA B 17 30.69 18.93 -24.38
N ALA B 18 31.45 20.01 -24.55
CA ALA B 18 31.87 20.87 -23.45
C ALA B 18 30.70 21.65 -22.84
N VAL B 19 29.72 22.00 -23.68
CA VAL B 19 28.51 22.67 -23.22
C VAL B 19 27.53 21.66 -22.63
N ALA B 20 27.52 20.45 -23.19
CA ALA B 20 26.67 19.37 -22.70
C ALA B 20 27.29 18.66 -21.49
N LEU B 21 28.52 19.05 -21.14
CA LEU B 21 29.26 18.44 -20.03
C LEU B 21 28.68 18.79 -18.64
N PRO B 22 28.49 20.07 -18.32
CA PRO B 22 27.94 20.46 -17.01
C PRO B 22 26.45 20.11 -16.84
N ALA B 23 25.71 20.04 -17.95
CA ALA B 23 24.30 19.68 -17.91
C ALA B 23 24.10 18.22 -17.52
N TYR B 24 24.90 17.34 -18.13
CA TYR B 24 24.88 15.91 -17.84
C TYR B 24 25.54 15.63 -16.48
N GLN B 25 26.54 16.43 -16.13
CA GLN B 25 27.18 16.37 -14.81
C GLN B 25 26.27 16.91 -13.70
N ASP B 26 25.34 17.78 -14.07
CA ASP B 26 24.41 18.00 -12.58
C ASP B 26 23.17 17.15 -12.72
N TYR B 27 22.73 16.90 -13.94
CA TYR B 27 21.58 16.05 -14.14
C TYR B 27 21.98 14.72 -13.55
N THR B 28 23.22 14.37 -13.80
CA THR B 28 23.78 13.12 -13.32
C THR B 28 23.82 13.04 -11.80
N ALA B 29 24.44 14.03 -11.17
CA ALA B 29 24.55 14.06 -9.71
C ALA B 29 23.18 14.08 -9.07
N ARG B 30 22.32 14.93 -9.62
CA ARG B 30 20.96 15.10 -9.14
C ARG B 30 20.24 13.78 -9.23
N ALA B 31 20.73 12.90 -10.10
CA ALA B 31 20.12 11.58 -10.29
C ALA B 31 20.64 10.59 -9.24
N GLN B 32 21.92 10.73 -8.89
CA GLN B 32 22.57 9.87 -7.91
C GLN B 32 22.12 10.22 -6.49
N VAL B 33 21.58 11.41 -6.32
CA VAL B 33 21.10 11.84 -5.01
C VAL B 33 19.67 11.38 -4.85
N SER B 34 18.92 11.38 -5.95
CA SER B 34 17.53 10.97 -5.92
C SER B 34 17.40 9.53 -5.44
N GLU B 35 18.51 8.80 -5.46
CA GLU B 35 18.49 7.42 -5.02
C GLU B 35 18.84 7.31 -3.57
N ALA B 36 19.78 8.16 -3.14
CA ALA B 36 20.16 8.15 -1.74
C ALA B 36 18.86 8.39 -0.99
N ILE B 37 17.98 9.16 -1.61
CA ILE B 37 16.69 9.48 -1.04
C ILE B 37 15.77 8.26 -1.03
N LEU B 38 15.84 7.44 -2.07
CA LEU B 38 14.96 6.28 -2.13
C LEU B 38 15.44 5.21 -1.17
N LEU B 39 16.75 5.18 -0.95
CA LEU B 39 17.33 4.21 -0.04
C LEU B 39 17.05 4.63 1.38
N ALA B 40 16.94 5.94 1.59
CA ALA B 40 16.68 6.47 2.91
C ALA B 40 15.24 6.16 3.27
N GLU B 41 14.35 6.37 2.31
CA GLU B 41 12.93 6.09 2.52
C GLU B 41 12.74 4.58 2.58
N GLY B 42 11.52 4.12 2.77
CA GLY B 42 11.26 2.68 2.83
C GLY B 42 11.83 2.11 4.12
N GLN B 43 12.45 3.00 4.87
CA GLN B 43 13.00 2.68 6.15
C GLN B 43 12.26 3.60 7.10
N LYS B 44 11.31 4.31 6.53
CA LYS B 44 10.48 5.21 7.29
C LYS B 44 9.52 4.29 8.01
N SER B 45 9.07 3.26 7.30
CA SER B 45 8.15 2.26 7.85
C SER B 45 8.64 1.73 9.17
N ALA B 46 9.82 1.16 9.19
CA ALA B 46 10.38 0.62 10.41
C ALA B 46 10.38 1.70 11.50
N VAL B 47 10.98 2.84 11.18
CA VAL B 47 11.07 3.93 12.14
C VAL B 47 9.73 4.45 12.63
N THR B 48 8.76 4.57 11.73
CA THR B 48 7.44 5.03 12.12
C THR B 48 6.80 4.05 13.08
N GLU B 49 6.79 2.80 12.70
CA GLU B 49 6.19 1.79 13.55
C GLU B 49 6.88 1.81 14.91
N TYR B 50 8.21 1.72 14.91
CA TYR B 50 8.90 1.71 16.20
C TYR B 50 8.45 2.87 17.09
N TYR B 51 8.37 4.07 16.54
CA TYR B 51 7.94 5.23 17.31
C TYR B 51 6.48 5.14 17.83
N LEU B 52 5.54 4.86 16.93
CA LEU B 52 4.14 4.74 17.31
C LEU B 52 3.88 3.60 18.31
N ASN B 53 4.61 2.50 18.17
CA ASN B 53 4.41 1.39 19.09
C ASN B 53 5.04 1.64 20.46
N HIS B 54 6.16 2.36 20.51
CA HIS B 54 6.83 2.60 21.78
C HIS B 54 6.89 4.04 22.29
N GLY B 55 6.70 5.01 21.39
CA GLY B 55 6.74 6.39 21.84
C GLY B 55 8.17 6.90 22.00
N LYS B 56 9.14 6.13 21.51
CA LYS B 56 10.55 6.50 21.55
C LYS B 56 11.10 6.23 20.15
N TRP B 57 12.00 7.10 19.67
CA TRP B 57 12.58 6.92 18.33
C TRP B 57 13.61 5.82 18.37
N PRO B 58 13.69 4.99 17.32
CA PRO B 58 14.67 3.90 17.30
C PRO B 58 16.09 4.45 17.36
N GLU B 59 16.87 3.98 18.35
CA GLU B 59 18.24 4.46 18.52
C GLU B 59 19.17 4.17 17.35
N ASN B 60 19.04 2.99 16.78
CA ASN B 60 19.88 2.58 15.66
C ASN B 60 19.17 1.59 14.75
N ASN B 61 19.80 1.23 13.64
CA ASN B 61 19.19 0.30 12.69
C ASN B 61 18.57 -0.95 13.30
N THR B 62 19.31 -1.59 14.20
CA THR B 62 18.83 -2.80 14.85
C THR B 62 17.56 -2.54 15.63
N SER B 63 17.52 -1.41 16.33
CA SER B 63 16.33 -1.06 17.06
C SER B 63 15.17 -0.93 16.09
N ALA B 64 15.41 -0.24 14.97
CA ALA B 64 14.36 -0.04 13.97
C ALA B 64 13.99 -1.34 13.28
N GLY B 65 14.82 -2.35 13.48
CA GLY B 65 14.56 -3.63 12.86
C GLY B 65 14.94 -3.60 11.40
N VAL B 66 16.18 -3.22 11.12
CA VAL B 66 16.69 -3.16 9.76
C VAL B 66 18.13 -3.62 9.80
N ALA B 67 18.66 -3.97 8.63
CA ALA B 67 20.04 -4.43 8.53
C ALA B 67 20.86 -3.80 9.64
N SER B 68 21.08 -4.57 10.70
CA SER B 68 21.81 -4.11 11.87
C SER B 68 23.08 -3.36 11.49
N SER B 69 23.52 -3.52 10.26
CA SER B 69 24.75 -2.88 9.80
C SER B 69 24.45 -1.76 8.79
N PRO B 70 24.81 -0.50 9.12
CA PRO B 70 24.56 0.64 8.22
C PRO B 70 25.01 0.33 6.80
N THR B 71 26.21 -0.23 6.70
CA THR B 71 26.82 -0.59 5.44
C THR B 71 26.02 -1.65 4.68
N ASP B 72 25.05 -2.24 5.33
CA ASP B 72 24.25 -3.26 4.66
C ASP B 72 23.07 -2.61 3.92
N ILE B 73 22.93 -1.30 4.07
CA ILE B 73 21.86 -0.54 3.41
C ILE B 73 22.47 0.43 2.41
N LYS B 74 23.45 -0.07 1.66
CA LYS B 74 24.13 0.74 0.67
C LYS B 74 23.58 0.53 -0.73
N GLY B 75 24.14 1.26 -1.68
CA GLY B 75 23.72 1.15 -3.05
C GLY B 75 24.88 1.42 -3.99
N LYS B 76 24.55 1.86 -5.20
CA LYS B 76 25.53 2.15 -6.23
C LYS B 76 26.25 3.45 -5.90
N TYR B 77 25.48 4.45 -5.50
CA TYR B 77 26.02 5.75 -5.16
C TYR B 77 25.92 5.95 -3.65
N VAL B 78 25.22 5.01 -3.00
CA VAL B 78 25.03 5.08 -1.57
C VAL B 78 25.96 4.15 -0.85
N LYS B 79 26.80 4.72 0.01
CA LYS B 79 27.75 3.93 0.78
C LYS B 79 27.08 3.34 2.01
N GLU B 80 25.88 3.85 2.34
CA GLU B 80 25.11 3.37 3.49
C GLU B 80 23.91 4.22 3.88
N VAL B 81 23.25 3.77 4.94
CA VAL B 81 22.07 4.42 5.49
C VAL B 81 21.99 4.01 6.95
N GLU B 82 22.15 4.99 7.83
CA GLU B 82 22.12 4.76 9.26
C GLU B 82 20.95 5.45 9.93
N VAL B 83 20.35 4.76 10.89
CA VAL B 83 19.24 5.28 11.66
C VAL B 83 19.85 5.68 12.98
N LYS B 84 19.75 6.95 13.31
CA LYS B 84 20.28 7.47 14.55
C LYS B 84 19.19 8.25 15.26
N ASN B 85 18.53 7.59 16.21
CA ASN B 85 17.42 8.16 16.98
C ASN B 85 16.28 8.60 16.08
N GLY B 86 15.84 7.70 15.21
CA GLY B 86 14.73 7.99 14.30
C GLY B 86 15.14 8.75 13.04
N VAL B 87 16.30 9.41 13.09
CA VAL B 87 16.80 10.15 11.94
C VAL B 87 17.51 9.17 11.02
N VAL B 88 17.14 9.15 9.75
CA VAL B 88 17.78 8.25 8.81
C VAL B 88 18.62 9.05 7.85
N THR B 89 19.93 8.83 7.90
CA THR B 89 20.88 9.55 7.06
C THR B 89 21.45 8.65 5.96
N ALA B 90 21.57 9.18 4.75
CA ALA B 90 22.10 8.37 3.65
C ALA B 90 23.42 8.96 3.17
N THR B 91 24.47 8.13 3.13
CA THR B 91 25.78 8.59 2.69
C THR B 91 26.06 8.19 1.24
N MET B 92 26.62 9.14 0.50
CA MET B 92 26.97 8.93 -0.89
C MET B 92 28.33 8.22 -0.97
N LEU B 93 28.38 7.17 -1.78
CA LEU B 93 29.61 6.41 -1.96
C LEU B 93 30.75 7.36 -2.35
N SER B 94 31.89 6.80 -2.71
CA SER B 94 33.03 7.60 -3.12
C SER B 94 33.36 7.26 -4.58
N SER B 95 32.84 6.13 -5.03
CA SER B 95 33.07 5.67 -6.40
C SER B 95 31.75 5.53 -7.17
N GLY B 96 31.71 6.09 -8.37
CA GLY B 96 30.53 6.01 -9.20
C GLY B 96 29.61 7.21 -9.12
N VAL B 97 30.05 8.26 -8.43
CA VAL B 97 29.23 9.46 -8.28
C VAL B 97 29.82 10.72 -8.93
N ASN B 98 29.08 11.82 -8.83
CA ASN B 98 29.49 13.09 -9.42
C ASN B 98 30.94 13.43 -9.11
N ASN B 99 31.15 14.30 -8.14
CA ASN B 99 32.49 14.72 -7.77
C ASN B 99 32.36 15.64 -6.55
N GLU B 100 31.28 16.40 -6.51
CA GLU B 100 31.08 17.31 -5.41
C GLU B 100 29.95 16.81 -4.53
N ILE B 101 29.63 15.53 -4.64
CA ILE B 101 28.58 14.95 -3.81
C ILE B 101 28.96 13.64 -3.13
N LYS B 102 30.12 13.08 -3.46
CA LYS B 102 30.54 11.83 -2.85
C LYS B 102 30.93 12.00 -1.40
N GLY B 103 30.66 10.97 -0.60
CA GLY B 103 30.94 11.03 0.81
C GLY B 103 30.02 12.04 1.44
N LYS B 104 29.06 12.55 0.66
CA LYS B 104 28.13 13.54 1.18
C LYS B 104 26.80 12.88 1.48
N LYS B 105 26.04 13.46 2.41
CA LYS B 105 24.77 12.86 2.78
C LYS B 105 23.59 13.77 3.13
N LEU B 106 22.43 13.14 3.25
CA LEU B 106 21.18 13.81 3.60
C LEU B 106 20.48 13.05 4.74
N SER B 107 19.38 13.60 5.25
CA SER B 107 18.66 12.96 6.34
C SER B 107 17.16 13.06 6.19
N LEU B 108 16.49 12.09 6.79
CA LEU B 108 15.05 12.01 6.81
C LEU B 108 14.78 11.91 8.28
N TRP B 109 13.86 12.72 8.79
CA TRP B 109 13.54 12.66 10.20
C TRP B 109 12.08 12.92 10.29
N ALA B 110 11.48 12.56 11.41
CA ALA B 110 10.06 12.76 11.54
C ALA B 110 9.72 13.55 12.77
N ARG B 111 8.43 13.84 12.92
CA ARG B 111 7.96 14.61 14.05
C ARG B 111 6.65 14.04 14.52
N ARG B 112 6.49 13.98 15.83
CA ARG B 112 5.27 13.48 16.43
C ARG B 112 4.10 14.36 16.04
N GLU B 113 3.08 13.76 15.43
CA GLU B 113 1.90 14.54 15.09
C GLU B 113 0.88 14.29 16.17
N ASN B 114 1.16 13.26 16.98
CA ASN B 114 0.30 12.83 18.08
C ASN B 114 -0.70 11.87 17.46
N GLY B 115 -0.37 10.59 17.50
CA GLY B 115 -1.22 9.57 16.91
C GLY B 115 -0.66 9.14 15.57
N SER B 116 0.27 9.96 15.07
CA SER B 116 0.94 9.70 13.81
C SER B 116 2.15 10.64 13.73
N VAL B 117 2.95 10.51 12.69
CA VAL B 117 4.11 11.38 12.51
C VAL B 117 4.17 11.89 11.08
N LYS B 118 4.93 12.97 10.87
CA LYS B 118 5.11 13.52 9.55
C LYS B 118 6.62 13.50 9.23
N TRP B 119 6.96 13.11 8.01
CA TRP B 119 8.37 13.04 7.63
C TRP B 119 8.92 14.23 6.84
N PHE B 120 10.20 14.49 7.05
CA PHE B 120 10.88 15.59 6.39
C PHE B 120 12.07 14.99 5.67
N CYS B 121 12.58 15.73 4.68
CA CYS B 121 13.71 15.28 3.90
C CYS B 121 14.58 16.49 3.60
N GLY B 122 15.87 16.40 3.89
CA GLY B 122 16.74 17.53 3.64
C GLY B 122 18.21 17.25 3.94
N GLN B 123 18.94 18.30 4.28
CA GLN B 123 20.36 18.18 4.58
C GLN B 123 20.53 17.62 5.98
N PRO B 124 21.54 16.76 6.19
CA PRO B 124 21.86 16.10 7.46
C PRO B 124 21.43 16.83 8.70
N VAL B 125 20.85 16.08 9.63
CA VAL B 125 20.40 16.66 10.88
C VAL B 125 20.65 15.70 12.04
N THR B 126 20.71 16.23 13.25
CA THR B 126 20.94 15.39 14.44
C THR B 126 19.72 15.51 15.31
N ARG B 127 19.36 14.47 16.05
CA ARG B 127 18.20 14.62 16.92
C ARG B 127 18.65 15.10 18.30
N THR B 128 17.95 16.10 18.81
CA THR B 128 18.25 16.65 20.11
C THR B 128 17.34 15.96 21.10
N ASP B 129 16.05 16.25 21.03
CA ASP B 129 15.07 15.61 21.89
C ASP B 129 14.03 14.89 21.01
N ASP B 130 13.09 14.19 21.63
CA ASP B 130 12.12 13.42 20.85
C ASP B 130 11.32 14.21 19.83
N ASP B 131 11.39 15.52 19.90
CA ASP B 131 10.64 16.33 18.96
C ASP B 131 11.45 17.51 18.44
N THR B 132 12.77 17.32 18.37
CA THR B 132 13.64 18.38 17.90
C THR B 132 14.97 17.84 17.39
N VAL B 133 15.35 18.30 16.21
CA VAL B 133 16.61 17.92 15.57
C VAL B 133 17.33 19.22 15.20
N ALA B 134 18.56 19.12 14.72
CA ALA B 134 19.31 20.32 14.35
C ALA B 134 20.33 20.00 13.28
N ASP B 135 20.73 21.02 12.54
CA ASP B 135 21.68 20.85 11.46
C ASP B 135 22.92 20.13 11.93
N ALA B 136 23.26 19.06 11.24
CA ALA B 136 24.46 18.32 11.56
C ALA B 136 25.53 19.09 10.81
N LYS B 137 25.61 20.39 11.07
CA LYS B 137 26.59 21.27 10.42
C LYS B 137 27.99 20.69 10.58
N ASP B 138 28.63 20.36 9.47
CA ASP B 138 29.97 19.79 9.53
C ASP B 138 30.71 19.88 8.21
N GLY B 139 29.99 20.13 7.12
CA GLY B 139 30.61 20.25 5.81
C GLY B 139 30.42 19.12 4.82
N LYS B 140 29.76 18.04 5.21
CA LYS B 140 29.56 16.91 4.31
C LYS B 140 28.11 16.80 3.79
N GLU B 141 27.34 17.87 3.93
CA GLU B 141 25.96 17.86 3.45
C GLU B 141 25.89 17.98 1.94
N ILE B 142 24.98 17.23 1.32
CA ILE B 142 24.81 17.33 -0.11
C ILE B 142 24.27 18.73 -0.37
N ASP B 143 24.91 19.42 -1.30
CA ASP B 143 24.59 20.79 -1.70
C ASP B 143 23.17 20.98 -2.17
N THR B 144 22.52 22.03 -1.70
CA THR B 144 21.15 22.30 -2.08
C THR B 144 20.84 22.09 -3.57
N LYS B 145 21.77 22.47 -4.44
CA LYS B 145 21.51 22.32 -5.87
C LYS B 145 21.27 20.89 -6.30
N HIS B 146 21.76 19.92 -5.54
CA HIS B 146 21.59 18.51 -5.89
C HIS B 146 20.36 17.87 -5.28
N LEU B 147 19.66 18.61 -4.45
CA LEU B 147 18.48 18.07 -3.79
C LEU B 147 17.16 18.41 -4.47
N PRO B 148 16.29 17.41 -4.60
CA PRO B 148 14.97 17.58 -5.22
C PRO B 148 14.23 18.73 -4.55
N SER B 149 13.12 19.14 -5.16
CA SER B 149 12.30 20.20 -4.62
C SER B 149 11.57 19.64 -3.38
N THR B 150 11.39 18.32 -3.37
CA THR B 150 10.72 17.65 -2.28
C THR B 150 11.64 17.34 -1.12
N CYS B 151 12.91 17.74 -1.21
CA CYS B 151 13.82 17.45 -0.11
C CYS B 151 14.63 18.68 0.24
N ARG B 152 13.92 19.79 0.41
CA ARG B 152 14.55 21.06 0.76
C ARG B 152 14.19 21.43 2.19
N ASP B 153 13.79 20.46 3.01
CA ASP B 153 13.39 20.77 4.39
C ASP B 153 14.49 21.22 5.36
N ASN B 154 14.17 22.22 6.17
CA ASN B 154 15.06 22.77 7.19
C ASN B 154 14.87 22.07 8.53
N PHE B 155 15.92 22.09 9.35
CA PHE B 155 15.89 21.45 10.65
C PHE B 155 14.61 21.79 11.45
N ASP B 156 14.08 23.01 11.28
CA ASP B 156 12.89 23.38 12.04
C ASP B 156 11.57 23.35 11.27
N ALA B 157 11.54 22.61 10.17
CA ALA B 157 10.31 22.50 9.40
C ALA B 157 9.26 21.84 10.28
N LYS B 158 8.02 22.30 10.18
CA LYS B 158 6.96 21.67 10.97
C LYS B 158 5.86 21.25 10.02
N MEA C 1 43.10 26.82 -62.79
CA MEA C 1 43.16 28.31 -62.75
C MEA C 1 42.35 28.91 -61.59
O MEA C 1 42.70 29.98 -61.08
CB MEA C 1 42.74 28.94 -64.10
CG MEA C 1 41.32 28.64 -64.52
CD1 MEA C 1 40.89 27.32 -64.70
CE1 MEA C 1 39.58 27.04 -65.10
CZ MEA C 1 38.68 28.08 -65.33
CE2 MEA C 1 39.10 29.40 -65.18
CD2 MEA C 1 40.41 29.66 -64.77
N THR C 2 41.30 28.21 -61.16
CA THR C 2 40.33 28.77 -60.19
C THR C 2 39.70 27.82 -59.18
N LEU C 3 38.74 27.02 -59.66
CA LEU C 3 37.67 26.44 -58.83
C LEU C 3 38.12 25.32 -57.89
N ILE C 4 38.57 25.70 -56.70
CA ILE C 4 38.99 24.71 -55.70
C ILE C 4 38.19 24.80 -54.39
N GLU C 5 37.48 25.91 -54.22
CA GLU C 5 36.66 26.14 -53.03
C GLU C 5 35.45 25.21 -53.00
N LEU C 6 34.87 24.96 -54.16
CA LEU C 6 33.74 24.04 -54.30
C LEU C 6 34.21 22.59 -54.18
N MET C 7 35.40 22.31 -54.71
CA MET C 7 35.96 20.95 -54.74
C MET C 7 36.45 20.48 -53.38
N ILE C 8 37.07 21.39 -52.61
CA ILE C 8 37.57 21.04 -51.28
C ILE C 8 36.44 20.96 -50.26
N VAL C 9 35.49 21.91 -50.31
CA VAL C 9 34.37 21.95 -49.37
C VAL C 9 33.35 20.80 -49.59
N ILE C 10 33.28 20.27 -50.81
CA ILE C 10 32.49 19.06 -51.05
C ILE C 10 33.23 17.81 -50.53
N ALA C 11 34.55 17.92 -50.47
CA ALA C 11 35.41 16.82 -50.03
C ALA C 11 35.77 16.87 -48.55
N ILE C 12 35.46 17.99 -47.90
CA ILE C 12 35.59 18.09 -46.43
C ILE C 12 34.31 17.64 -45.73
N VAL C 13 33.17 17.82 -46.39
CA VAL C 13 31.88 17.33 -45.90
C VAL C 13 31.80 15.81 -46.09
N GLY C 14 32.43 15.32 -47.15
CA GLY C 14 32.56 13.90 -47.41
C GLY C 14 33.38 13.18 -46.36
N ILE C 15 34.53 13.77 -46.01
CA ILE C 15 35.38 13.21 -44.96
C ILE C 15 34.84 13.50 -43.56
N LEU C 16 34.02 14.54 -43.44
CA LEU C 16 33.35 14.86 -42.18
C LEU C 16 32.32 13.80 -41.83
N ALA C 17 31.64 13.28 -42.86
CA ALA C 17 30.68 12.20 -42.71
C ALA C 17 31.37 10.89 -42.32
N ALA C 18 32.57 10.69 -42.85
CA ALA C 18 33.38 9.51 -42.55
C ALA C 18 33.91 9.52 -41.11
N VAL C 19 34.17 10.72 -40.59
CA VAL C 19 34.59 10.90 -39.20
C VAL C 19 33.38 10.85 -38.27
N ALA C 20 32.23 11.35 -38.74
CA ALA C 20 30.99 11.31 -37.99
C ALA C 20 30.29 9.96 -38.09
N LEU C 21 30.84 9.07 -38.91
CA LEU C 21 30.26 7.74 -39.15
C LEU C 21 30.38 6.79 -37.94
N PRO C 22 31.59 6.60 -37.39
CA PRO C 22 31.75 5.71 -36.23
C PRO C 22 31.16 6.26 -34.93
N ALA C 23 31.07 7.59 -34.81
CA ALA C 23 30.48 8.22 -33.64
C ALA C 23 28.97 7.98 -33.56
N TYR C 24 28.30 8.14 -34.70
CA TYR C 24 26.87 7.89 -34.82
C TYR C 24 26.57 6.39 -34.81
N GLN C 25 27.49 5.60 -35.37
CA GLN C 25 27.41 4.14 -35.31
C GLN C 25 27.69 3.59 -33.91
N ASP C 26 28.43 4.35 -33.11
CA ASP C 26 28.36 3.48 -31.57
C ASP C 26 27.34 4.19 -30.72
N TYR C 27 27.13 5.47 -30.96
CA TYR C 27 26.13 6.21 -30.21
C TYR C 27 24.84 5.49 -30.52
N THR C 28 24.71 5.13 -31.79
CA THR C 28 23.53 4.45 -32.27
C THR C 28 23.33 3.08 -31.63
N ALA C 29 24.34 2.23 -31.68
CA ALA C 29 24.25 0.90 -31.09
C ALA C 29 24.00 0.98 -29.60
N ARG C 30 24.74 1.87 -28.96
CA ARG C 30 24.64 2.09 -27.53
C ARG C 30 23.24 2.52 -27.19
N ALA C 31 22.53 3.05 -28.18
CA ALA C 31 21.15 3.51 -27.99
C ALA C 31 20.17 2.35 -28.13
N GLN C 32 20.48 1.44 -29.05
CA GLN C 32 19.66 0.26 -29.32
C GLN C 32 19.79 -0.77 -28.20
N VAL C 33 20.86 -0.67 -27.43
CA VAL C 33 21.09 -1.60 -26.33
C VAL C 33 20.38 -1.06 -25.10
N SER C 34 20.36 0.26 -24.97
CA SER C 34 19.73 0.90 -23.83
C SER C 34 18.26 0.54 -23.76
N GLU C 35 17.72 0.04 -24.87
CA GLU C 35 16.32 -0.34 -24.91
C GLU C 35 16.14 -1.79 -24.55
N ALA C 36 17.08 -2.61 -25.00
CA ALA C 36 17.01 -4.02 -24.69
C ALA C 36 16.96 -4.06 -23.17
N ILE C 37 17.63 -3.10 -22.55
CA ILE C 37 17.68 -3.00 -21.12
C ILE C 37 16.34 -2.57 -20.53
N LEU C 38 15.64 -1.68 -21.23
CA LEU C 38 14.36 -1.21 -20.72
C LEU C 38 13.31 -2.27 -20.88
N LEU C 39 13.47 -3.10 -21.92
CA LEU C 39 12.52 -4.16 -22.18
C LEU C 39 12.77 -5.29 -21.20
N ALA C 40 14.01 -5.44 -20.77
CA ALA C 40 14.37 -6.47 -19.83
C ALA C 40 13.80 -6.09 -18.47
N GLU C 41 13.95 -4.83 -18.11
CA GLU C 41 13.42 -4.35 -16.83
C GLU C 41 11.90 -4.30 -16.92
N GLY C 42 11.24 -3.89 -15.85
CA GLY C 42 9.78 -3.81 -15.88
C GLY C 42 9.18 -5.21 -15.87
N GLN C 43 10.09 -6.17 -15.90
CA GLN C 43 9.76 -7.57 -15.85
C GLN C 43 10.45 -8.05 -14.59
N LYS C 44 11.04 -7.10 -13.90
CA LYS C 44 11.73 -7.38 -12.66
C LYS C 44 10.60 -7.56 -11.66
N SER C 45 9.58 -6.72 -11.80
CA SER C 45 8.41 -6.76 -10.93
C SER C 45 7.84 -8.15 -10.83
N ALA C 46 7.47 -8.73 -11.96
CA ALA C 46 6.92 -10.06 -11.97
C ALA C 46 7.88 -11.03 -11.27
N VAL C 47 9.12 -11.05 -11.71
CA VAL C 47 10.13 -11.93 -11.15
C VAL C 47 10.37 -11.72 -9.66
N THR C 48 10.41 -10.47 -9.22
CA THR C 48 10.62 -10.18 -7.81
C THR C 48 9.47 -10.73 -6.99
N GLU C 49 8.26 -10.38 -7.39
CA GLU C 49 7.10 -10.84 -6.66
C GLU C 49 7.10 -12.37 -6.64
N TYR C 50 7.24 -13.01 -7.80
CA TYR C 50 7.23 -14.46 -7.80
C TYR C 50 8.21 -15.04 -6.78
N TYR C 51 9.42 -14.51 -6.74
CA TYR C 51 10.42 -14.99 -5.79
C TYR C 51 10.05 -14.76 -4.31
N LEU C 52 9.70 -13.52 -3.97
CA LEU C 52 9.33 -13.20 -2.59
C LEU C 52 8.07 -13.96 -2.12
N ASN C 53 7.12 -14.16 -3.02
CA ASN C 53 5.91 -14.89 -2.63
C ASN C 53 6.14 -16.39 -2.49
N HIS C 54 7.02 -16.96 -3.30
CA HIS C 54 7.25 -18.40 -3.25
C HIS C 54 8.63 -18.88 -2.79
N GLY C 55 9.63 -18.01 -2.86
CA GLY C 55 10.96 -18.42 -2.44
C GLY C 55 11.68 -19.23 -3.50
N LYS C 56 11.12 -19.26 -4.70
CA LYS C 56 11.72 -19.97 -5.84
C LYS C 56 11.67 -19.00 -7.03
N TRP C 57 12.71 -18.99 -7.87
CA TRP C 57 12.75 -18.11 -9.02
C TRP C 57 11.84 -18.63 -10.10
N PRO C 58 11.12 -17.73 -10.81
CA PRO C 58 10.21 -18.18 -11.87
C PRO C 58 10.98 -18.91 -12.97
N GLU C 59 10.56 -20.14 -13.27
CA GLU C 59 11.24 -20.94 -14.29
C GLU C 59 11.21 -20.36 -15.69
N ASN C 60 10.07 -19.78 -16.07
CA ASN C 60 9.91 -19.20 -17.39
C ASN C 60 8.91 -18.05 -17.37
N ASN C 61 8.75 -17.38 -18.51
CA ASN C 61 7.84 -16.25 -18.61
C ASN C 61 6.45 -16.49 -18.01
N THR C 62 5.86 -17.63 -18.35
CA THR C 62 4.52 -17.97 -17.86
C THR C 62 4.51 -18.05 -16.35
N SER C 63 5.55 -18.65 -15.78
CA SER C 63 5.64 -18.73 -14.34
C SER C 63 5.66 -17.34 -13.77
N ALA C 64 6.48 -16.47 -14.36
CA ALA C 64 6.60 -15.09 -13.88
C ALA C 64 5.32 -14.30 -14.13
N GLY C 65 4.44 -14.87 -14.95
CA GLY C 65 3.19 -14.19 -15.25
C GLY C 65 3.42 -13.09 -16.25
N VAL C 66 4.02 -13.44 -17.38
CA VAL C 66 4.29 -12.48 -18.44
C VAL C 66 4.07 -13.18 -19.75
N ALA C 67 3.92 -12.42 -20.83
CA ALA C 67 3.69 -12.97 -22.15
C ALA C 67 4.35 -14.35 -22.23
N SER C 68 3.53 -15.37 -22.06
CA SER C 68 4.00 -16.75 -22.08
C SER C 68 4.98 -17.03 -23.20
N SER C 69 5.00 -16.15 -24.19
CA SER C 69 5.87 -16.33 -25.35
C SER C 69 7.02 -15.30 -25.35
N PRO C 70 8.29 -15.76 -25.26
CA PRO C 70 9.44 -14.85 -25.26
C PRO C 70 9.34 -13.82 -26.37
N THR C 71 8.99 -14.31 -27.56
CA THR C 71 8.85 -13.47 -28.74
C THR C 71 7.75 -12.43 -28.61
N ASP C 72 6.96 -12.53 -27.56
CA ASP C 72 5.89 -11.57 -27.38
C ASP C 72 6.40 -10.36 -26.58
N ILE C 73 7.65 -10.43 -26.14
CA ILE C 73 8.27 -9.35 -25.39
C ILE C 73 9.42 -8.76 -26.19
N LYS C 74 9.16 -8.55 -27.48
CA LYS C 74 10.16 -8.01 -28.39
C LYS C 74 9.98 -6.51 -28.59
N GLY C 75 10.88 -5.94 -29.39
CA GLY C 75 10.84 -4.53 -29.68
C GLY C 75 11.37 -4.25 -31.07
N LYS C 76 11.85 -3.03 -31.27
CA LYS C 76 12.40 -2.59 -32.54
C LYS C 76 13.76 -3.23 -32.77
N TYR C 77 14.59 -3.22 -31.73
CA TYR C 77 15.92 -3.79 -31.79
C TYR C 77 15.96 -5.06 -30.97
N VAL C 78 14.86 -5.30 -30.24
CA VAL C 78 14.78 -6.47 -29.39
C VAL C 78 13.94 -7.55 -30.04
N LYS C 79 14.56 -8.70 -30.25
CA LYS C 79 13.88 -9.82 -30.86
C LYS C 79 13.07 -10.59 -29.83
N GLU C 80 13.35 -10.32 -28.54
CA GLU C 80 12.64 -10.96 -27.43
C GLU C 80 13.25 -10.74 -26.05
N VAL C 81 12.60 -11.36 -25.07
CA VAL C 81 13.00 -11.29 -23.68
C VAL C 81 12.45 -12.54 -23.00
N GLU C 82 13.36 -13.38 -22.54
CA GLU C 82 13.00 -14.64 -21.90
C GLU C 82 13.43 -14.66 -20.44
N VAL C 83 12.56 -15.23 -19.61
CA VAL C 83 12.83 -15.37 -18.19
C VAL C 83 13.19 -16.82 -18.02
N LYS C 84 14.40 -17.07 -17.55
CA LYS C 84 14.88 -18.42 -17.34
C LYS C 84 15.41 -18.53 -15.92
N ASN C 85 14.56 -19.05 -15.03
CA ASN C 85 14.88 -19.20 -13.61
C ASN C 85 15.20 -17.87 -12.95
N GLY C 86 14.33 -16.90 -13.14
CA GLY C 86 14.51 -15.58 -12.56
C GLY C 86 15.44 -14.67 -13.36
N VAL C 87 16.28 -15.25 -14.21
CA VAL C 87 17.19 -14.48 -15.04
C VAL C 87 16.42 -14.01 -16.27
N VAL C 88 16.46 -12.71 -16.55
CA VAL C 88 15.75 -12.19 -17.70
C VAL C 88 16.78 -11.74 -18.73
N THR C 89 16.76 -12.40 -19.88
CA THR C 89 17.70 -12.11 -20.96
C THR C 89 17.01 -11.42 -22.13
N ALA C 90 17.66 -10.41 -22.70
CA ALA C 90 17.06 -9.69 -23.82
C ALA C 90 17.89 -9.90 -25.08
N THR C 91 17.24 -10.35 -26.15
CA THR C 91 17.95 -10.58 -27.40
C THR C 91 17.74 -9.44 -28.40
N MET C 92 18.83 -9.07 -29.06
CA MET C 92 18.81 -8.01 -30.04
C MET C 92 18.34 -8.57 -31.38
N LEU C 93 17.40 -7.88 -32.00
CA LEU C 93 16.86 -8.31 -33.29
C LEU C 93 18.01 -8.50 -34.28
N SER C 94 17.67 -8.73 -35.54
CA SER C 94 18.69 -8.90 -36.57
C SER C 94 18.54 -7.78 -37.59
N SER C 95 17.39 -7.13 -37.57
CA SER C 95 17.10 -6.02 -38.49
C SER C 95 16.82 -4.73 -37.73
N GLY C 96 17.47 -3.66 -38.16
CA GLY C 96 17.27 -2.36 -37.53
C GLY C 96 18.29 -2.00 -36.47
N VAL C 97 19.33 -2.82 -36.33
CA VAL C 97 20.36 -2.56 -35.33
C VAL C 97 21.76 -2.28 -35.91
N ASN C 98 22.71 -2.02 -35.02
CA ASN C 98 24.09 -1.70 -35.41
C ASN C 98 24.62 -2.66 -36.46
N ASN C 99 25.43 -3.62 -36.03
CA ASN C 99 26.02 -4.58 -36.93
C ASN C 99 26.79 -5.59 -36.09
N GLU C 100 27.36 -5.11 -34.99
CA GLU C 100 28.12 -5.99 -34.13
C GLU C 100 27.37 -6.23 -32.84
N ILE C 101 26.06 -5.98 -32.86
CA ILE C 101 25.25 -6.20 -31.66
C ILE C 101 23.96 -6.98 -31.92
N LYS C 102 23.63 -7.24 -33.19
CA LYS C 102 22.41 -7.97 -33.50
C LYS C 102 22.52 -9.44 -33.12
N GLY C 103 21.38 -10.00 -32.71
CA GLY C 103 21.36 -11.38 -32.29
C GLY C 103 22.15 -11.51 -31.01
N LYS C 104 22.57 -10.37 -30.45
CA LYS C 104 23.34 -10.38 -29.22
C LYS C 104 22.45 -10.03 -28.05
N LYS C 105 22.82 -10.48 -26.85
CA LYS C 105 21.98 -10.20 -25.70
C LYS C 105 22.65 -9.95 -24.34
N LEU C 106 21.83 -9.51 -23.39
CA LEU C 106 22.25 -9.23 -22.03
C LEU C 106 21.28 -9.89 -21.04
N SER C 107 21.60 -9.83 -19.74
CA SER C 107 20.76 -10.44 -18.73
C SER C 107 20.63 -9.60 -17.49
N LEU C 108 19.52 -9.80 -16.81
CA LEU C 108 19.19 -9.14 -15.57
C LEU C 108 18.91 -10.31 -14.67
N TRP C 109 19.52 -10.33 -13.49
CA TRP C 109 19.28 -11.41 -12.56
C TRP C 109 19.29 -10.80 -11.20
N ALA C 110 18.74 -11.50 -10.24
CA ALA C 110 18.69 -10.95 -8.91
C ALA C 110 19.30 -11.87 -7.89
N ARG C 111 19.37 -11.39 -6.66
CA ARG C 111 19.93 -12.16 -5.59
C ARG C 111 19.12 -11.95 -4.33
N ARG C 112 18.92 -13.04 -3.60
CA ARG C 112 18.17 -12.99 -2.35
C ARG C 112 18.89 -12.08 -1.36
N GLU C 113 18.19 -11.07 -0.87
CA GLU C 113 18.79 -10.21 0.13
C GLU C 113 18.28 -10.68 1.47
N ASN C 114 17.24 -11.52 1.41
CA ASN C 114 16.58 -12.08 2.59
C ASN C 114 15.53 -11.06 3.00
N GLY C 115 14.31 -11.24 2.48
CA GLY C 115 13.24 -10.31 2.77
C GLY C 115 13.03 -9.41 1.57
N SER C 116 14.02 -9.40 0.68
CA SER C 116 14.00 -8.61 -0.54
C SER C 116 15.12 -9.12 -1.44
N VAL C 117 15.22 -8.57 -2.64
CA VAL C 117 16.28 -8.97 -3.56
C VAL C 117 16.92 -7.75 -4.19
N LYS C 118 18.12 -7.92 -4.74
CA LYS C 118 18.81 -6.85 -5.42
C LYS C 118 19.06 -7.28 -6.86
N TRP C 119 18.85 -6.37 -7.80
CA TRP C 119 19.04 -6.70 -9.21
C TRP C 119 20.38 -6.27 -9.83
N PHE C 120 20.82 -7.06 -10.79
CA PHE C 120 22.07 -6.81 -11.49
C PHE C 120 21.74 -6.73 -12.96
N CYS C 121 22.64 -6.11 -13.73
CA CYS C 121 22.45 -5.96 -15.16
C CYS C 121 23.82 -6.11 -15.82
N GLY C 122 23.90 -6.97 -16.82
CA GLY C 122 25.18 -7.17 -17.48
C GLY C 122 25.12 -8.12 -18.65
N GLN C 123 26.24 -8.77 -18.94
CA GLN C 123 26.32 -9.71 -20.05
C GLN C 123 25.68 -11.02 -19.64
N PRO C 124 24.98 -11.68 -20.59
CA PRO C 124 24.26 -12.95 -20.40
C PRO C 124 24.80 -13.84 -19.31
N VAL C 125 23.89 -14.39 -18.51
CA VAL C 125 24.28 -15.27 -17.43
C VAL C 125 23.25 -16.41 -17.30
N THR C 126 23.67 -17.51 -16.68
CA THR C 126 22.79 -18.65 -16.49
C THR C 126 22.62 -18.84 -15.01
N ARG C 127 21.47 -19.32 -14.54
CA ARG C 127 21.36 -19.54 -13.11
C ARG C 127 21.76 -20.97 -12.76
N THR C 128 22.59 -21.09 -11.74
CA THR C 128 23.07 -22.38 -11.29
C THR C 128 22.15 -22.82 -10.16
N ASP C 129 22.23 -22.14 -9.02
CA ASP C 129 21.36 -22.44 -7.90
C ASP C 129 20.57 -21.17 -7.54
N ASP C 130 19.68 -21.26 -6.57
CA ASP C 130 18.83 -20.12 -6.24
C ASP C 130 19.57 -18.84 -5.87
N ASP C 131 20.86 -18.94 -5.66
CA ASP C 131 21.62 -17.77 -5.29
C ASP C 131 22.96 -17.69 -6.02
N THR C 132 22.99 -18.25 -7.23
CA THR C 132 24.21 -18.25 -8.00
C THR C 132 23.95 -18.43 -9.49
N VAL C 133 24.58 -17.58 -10.29
CA VAL C 133 24.46 -17.61 -11.74
C VAL C 133 25.88 -17.63 -12.28
N ALA C 134 26.04 -17.80 -13.59
CA ALA C 134 27.37 -17.82 -14.20
C ALA C 134 27.31 -17.37 -15.63
N ASP C 135 28.45 -16.90 -16.14
CA ASP C 135 28.55 -16.41 -17.49
C ASP C 135 27.99 -17.40 -18.48
N ALA C 136 27.05 -16.95 -19.29
CA ALA C 136 26.49 -17.80 -20.33
C ALA C 136 27.49 -17.64 -21.46
N LYS C 137 28.77 -17.93 -21.16
CA LYS C 137 29.84 -17.82 -22.15
C LYS C 137 29.49 -18.62 -23.40
N ASP C 138 29.37 -17.94 -24.53
CA ASP C 138 29.02 -18.63 -25.76
C ASP C 138 29.34 -17.82 -27.01
N GLY C 139 29.58 -16.52 -26.83
CA GLY C 139 29.92 -15.66 -27.96
C GLY C 139 28.86 -14.69 -28.47
N LYS C 140 27.66 -14.73 -27.92
CA LYS C 140 26.60 -13.83 -28.38
C LYS C 140 26.30 -12.69 -27.38
N GLU C 141 27.22 -12.44 -26.45
CA GLU C 141 27.03 -11.37 -25.49
C GLU C 141 27.26 -10.00 -26.10
N ILE C 142 26.44 -9.02 -25.74
CA ILE C 142 26.63 -7.68 -26.24
C ILE C 142 27.95 -7.19 -25.63
N ASP C 143 28.82 -6.70 -26.49
CA ASP C 143 30.14 -6.20 -26.15
C ASP C 143 30.14 -5.10 -25.10
N THR C 144 31.04 -5.22 -24.13
CA THR C 144 31.11 -4.23 -23.06
C THR C 144 30.98 -2.78 -23.53
N LYS C 145 31.59 -2.45 -24.67
CA LYS C 145 31.52 -1.07 -25.14
C LYS C 145 30.11 -0.57 -25.39
N HIS C 146 29.18 -1.47 -25.65
CA HIS C 146 27.80 -1.07 -25.92
C HIS C 146 26.91 -1.03 -24.70
N LEU C 147 27.46 -1.42 -23.56
CA LEU C 147 26.67 -1.45 -22.34
C LEU C 147 26.86 -0.24 -21.45
N PRO C 148 25.74 0.31 -20.94
CA PRO C 148 25.75 1.48 -20.05
C PRO C 148 26.70 1.23 -18.89
N SER C 149 26.97 2.30 -18.14
CA SER C 149 27.84 2.20 -16.98
C SER C 149 27.04 1.46 -15.88
N THR C 150 25.72 1.54 -15.97
CA THR C 150 24.85 0.91 -15.00
C THR C 150 24.59 -0.55 -15.31
N CYS C 151 25.20 -1.08 -16.38
CA CYS C 151 24.96 -2.47 -16.71
C CYS C 151 26.27 -3.17 -17.02
N ARG C 152 27.23 -2.99 -16.12
CA ARG C 152 28.55 -3.60 -16.27
C ARG C 152 28.73 -4.69 -15.22
N ASP C 153 27.64 -5.22 -14.66
CA ASP C 153 27.75 -6.25 -13.62
C ASP C 153 28.29 -7.63 -14.04
N ASN C 154 29.14 -8.19 -13.20
CA ASN C 154 29.74 -9.52 -13.40
C ASN C 154 28.90 -10.60 -12.73
N PHE C 155 29.01 -11.82 -13.25
CA PHE C 155 28.26 -12.94 -12.74
C PHE C 155 28.31 -13.05 -11.21
N ASP C 156 29.43 -12.65 -10.61
CA ASP C 156 29.55 -12.76 -9.14
C ASP C 156 29.36 -11.45 -8.37
N ALA C 157 28.74 -10.46 -8.99
CA ALA C 157 28.49 -9.21 -8.31
C ALA C 157 27.59 -9.48 -7.11
N LYS C 158 27.85 -8.80 -6.00
CA LYS C 158 27.00 -8.99 -4.83
C LYS C 158 26.48 -7.64 -4.40
N MEA D 1 44.62 38.82 -69.45
CA MEA D 1 46.10 38.75 -69.21
C MEA D 1 46.45 38.11 -67.86
O MEA D 1 47.51 37.49 -67.73
CB MEA D 1 46.77 40.14 -69.36
CG MEA D 1 46.28 41.18 -68.38
CD1 MEA D 1 44.92 41.55 -68.34
CE1 MEA D 1 44.48 42.51 -67.44
CZ MEA D 1 45.38 43.14 -66.58
CE2 MEA D 1 46.72 42.80 -66.63
CD2 MEA D 1 47.17 41.83 -67.52
N THR D 2 45.55 38.23 -66.88
CA THR D 2 45.86 37.83 -65.49
C THR D 2 44.73 37.24 -64.65
N LEU D 3 43.83 38.12 -64.19
CA LEU D 3 43.01 37.90 -62.99
C LEU D 3 41.90 36.86 -63.15
N ILE D 4 42.23 35.59 -62.92
CA ILE D 4 41.24 34.52 -63.00
C ILE D 4 41.09 33.74 -61.68
N GLU D 5 42.04 33.93 -60.77
CA GLU D 5 42.03 33.27 -59.47
C GLU D 5 40.91 33.82 -58.58
N LEU D 6 40.68 35.12 -58.67
CA LEU D 6 39.59 35.77 -57.93
C LEU D 6 38.24 35.46 -58.55
N MET D 7 38.20 35.37 -59.87
CA MET D 7 36.97 35.13 -60.62
C MET D 7 36.46 33.69 -60.51
N ILE D 8 37.38 32.72 -60.52
CA ILE D 8 37.00 31.31 -60.39
C ILE D 8 36.65 30.95 -58.96
N VAL D 9 37.42 31.45 -57.99
CA VAL D 9 37.20 31.15 -56.57
C VAL D 9 35.94 31.82 -56.00
N ILE D 10 35.50 32.94 -56.61
CA ILE D 10 34.21 33.53 -56.25
C ILE D 10 33.06 32.72 -56.89
N ALA D 11 33.37 32.03 -57.99
CA ALA D 11 32.39 31.25 -58.73
C ALA D 11 32.37 29.77 -58.34
N ILE D 12 33.36 29.34 -57.56
CA ILE D 12 33.33 28.00 -56.98
C ILE D 12 32.62 27.99 -55.63
N VAL D 13 32.68 29.11 -54.91
CA VAL D 13 31.95 29.28 -53.66
C VAL D 13 30.46 29.49 -53.96
N GLY D 14 30.18 30.13 -55.09
CA GLY D 14 28.82 30.31 -55.59
C GLY D 14 28.15 28.99 -55.94
N ILE D 15 28.88 28.14 -56.67
CA ILE D 15 28.38 26.81 -57.02
C ILE D 15 28.44 25.83 -55.85
N LEU D 16 29.33 26.11 -54.88
CA LEU D 16 29.43 25.32 -53.65
C LEU D 16 28.18 25.50 -52.80
N ALA D 17 27.65 26.74 -52.79
CA ALA D 17 26.41 27.06 -52.09
C ALA D 17 25.21 26.39 -52.75
N ALA D 18 25.25 26.29 -54.08
CA ALA D 18 24.20 25.64 -54.86
C ALA D 18 24.17 24.12 -54.64
N VAL D 19 25.34 23.54 -54.40
CA VAL D 19 25.46 22.12 -54.09
C VAL D 19 25.12 21.87 -52.60
N ALA D 20 25.48 22.82 -51.75
CA ALA D 20 25.17 22.75 -50.33
C ALA D 20 23.73 23.18 -50.03
N LEU D 21 23.03 23.64 -51.05
CA LEU D 21 21.65 24.13 -50.91
C LEU D 21 20.62 23.01 -50.62
N PRO D 22 20.58 21.96 -51.44
CA PRO D 22 19.63 20.86 -51.22
C PRO D 22 19.95 20.00 -49.99
N ALA D 23 21.23 19.93 -49.62
CA ALA D 23 21.65 19.17 -48.44
C ALA D 23 21.16 19.82 -47.15
N TYR D 24 21.31 21.15 -47.06
CA TYR D 24 20.85 21.92 -45.92
C TYR D 24 19.32 22.06 -45.94
N GLN D 25 18.75 22.12 -47.14
CA GLN D 25 17.30 22.11 -47.32
C GLN D 25 16.68 20.74 -47.02
N ASP D 26 17.47 19.69 -47.15
CA ASP D 26 16.47 18.37 -46.53
C ASP D 26 16.92 18.10 -45.12
N TYR D 27 18.17 18.41 -44.80
CA TYR D 27 18.66 18.21 -43.46
C TYR D 27 17.77 19.11 -42.62
N THR D 28 17.51 20.29 -43.17
CA THR D 28 16.69 21.28 -42.50
C THR D 28 15.26 20.81 -42.28
N ALA D 29 14.59 20.37 -43.33
CA ALA D 29 13.21 19.90 -43.23
C ALA D 29 13.12 18.70 -42.31
N ARG D 30 14.06 17.79 -42.48
CA ARG D 30 14.13 16.57 -41.69
C ARG D 30 14.29 16.95 -40.24
N ALA D 31 14.79 18.15 -39.98
CA ALA D 31 15.00 18.64 -38.62
C ALA D 31 13.71 19.23 -38.05
N GLN D 32 12.94 19.89 -38.91
CA GLN D 32 11.68 20.53 -38.55
C GLN D 32 10.58 19.48 -38.34
N VAL D 33 10.79 18.29 -38.89
CA VAL D 33 9.81 17.22 -38.74
C VAL D 33 10.12 16.47 -37.46
N SER D 34 11.40 16.36 -37.14
CA SER D 34 11.81 15.65 -35.94
C SER D 34 11.22 16.29 -34.70
N GLU D 35 10.74 17.51 -34.85
CA GLU D 35 10.15 18.21 -33.72
C GLU D 35 8.65 18.00 -33.68
N ALA D 36 8.04 17.95 -34.85
CA ALA D 36 6.62 17.71 -34.91
C ALA D 36 6.43 16.39 -34.16
N ILE D 37 7.44 15.53 -34.27
CA ILE D 37 7.41 14.24 -33.63
C ILE D 37 7.56 14.37 -32.12
N LEU D 38 8.39 15.30 -31.68
CA LEU D 38 8.59 15.46 -30.24
C LEU D 38 7.38 16.11 -29.61
N LEU D 39 6.70 16.95 -30.37
CA LEU D 39 5.53 17.63 -29.88
C LEU D 39 4.36 16.66 -29.85
N ALA D 40 4.39 15.68 -30.74
CA ALA D 40 3.34 14.68 -30.82
C ALA D 40 3.50 13.77 -29.62
N GLU D 41 4.73 13.37 -29.34
CA GLU D 41 5.00 12.49 -28.21
C GLU D 41 4.81 13.30 -26.92
N GLY D 42 5.01 12.67 -25.77
CA GLY D 42 4.85 13.39 -24.51
C GLY D 42 3.38 13.66 -24.25
N GLN D 43 2.59 13.25 -25.23
CA GLN D 43 1.16 13.37 -25.17
C GLN D 43 0.67 11.94 -25.28
N LYS D 44 1.65 11.04 -25.30
CA LYS D 44 1.37 9.63 -25.36
C LYS D 44 0.92 9.29 -23.96
N SER D 45 1.60 9.89 -22.98
CA SER D 45 1.29 9.69 -21.57
C SER D 45 -0.19 9.86 -21.30
N ALA D 46 -0.72 11.04 -21.61
CA ALA D 46 -2.12 11.31 -21.39
C ALA D 46 -2.97 10.24 -22.06
N VAL D 47 -2.74 10.04 -23.35
CA VAL D 47 -3.49 9.07 -24.12
C VAL D 47 -3.39 7.64 -23.60
N THR D 48 -2.19 7.24 -23.20
CA THR D 48 -2.01 5.89 -22.67
C THR D 48 -2.81 5.71 -21.40
N GLU D 49 -2.62 6.64 -20.48
CA GLU D 49 -3.33 6.56 -19.23
C GLU D 49 -4.83 6.53 -19.49
N TYR D 50 -5.33 7.50 -20.26
CA TYR D 50 -6.77 7.51 -20.53
C TYR D 50 -7.26 6.14 -21.01
N TYR D 51 -6.55 5.53 -21.95
CA TYR D 51 -6.95 4.22 -22.46
C TYR D 51 -6.92 3.10 -21.40
N LEU D 52 -5.79 2.96 -20.70
CA LEU D 52 -5.65 1.92 -19.68
C LEU D 52 -6.63 2.10 -18.53
N ASN D 53 -6.92 3.35 -18.16
CA ASN D 53 -7.86 3.58 -17.06
C ASN D 53 -9.31 3.35 -17.48
N HIS D 54 -9.66 3.64 -18.73
CA HIS D 54 -11.04 3.50 -19.16
C HIS D 54 -11.32 2.44 -20.23
N GLY D 55 -10.31 2.02 -20.98
CA GLY D 55 -10.53 1.03 -22.00
C GLY D 55 -11.12 1.62 -23.27
N LYS D 56 -11.13 2.95 -23.35
CA LYS D 56 -11.61 3.67 -24.53
C LYS D 56 -10.57 4.73 -24.86
N TRP D 57 -10.32 4.97 -26.14
CA TRP D 57 -9.33 5.97 -26.55
C TRP D 57 -9.89 7.36 -26.36
N PRO D 58 -9.06 8.32 -25.90
CA PRO D 58 -9.56 9.69 -25.70
C PRO D 58 -10.05 10.29 -27.01
N GLU D 59 -11.30 10.76 -27.01
CA GLU D 59 -11.88 11.34 -28.23
C GLU D 59 -11.19 12.58 -28.74
N ASN D 60 -10.79 13.45 -27.82
CA ASN D 60 -10.11 14.69 -28.19
C ASN D 60 -9.15 15.15 -27.11
N ASN D 61 -8.40 16.22 -27.37
CA ASN D 61 -7.44 16.74 -26.41
C ASN D 61 -7.96 16.87 -24.98
N THR D 62 -9.13 17.45 -24.83
CA THR D 62 -9.73 17.66 -23.52
C THR D 62 -9.96 16.33 -22.82
N SER D 63 -10.43 15.34 -23.56
CA SER D 63 -10.63 14.03 -22.99
C SER D 63 -9.30 13.51 -22.48
N ALA D 64 -8.26 13.64 -23.30
CA ALA D 64 -6.93 13.16 -22.93
C ALA D 64 -6.35 13.98 -21.79
N GLY D 65 -6.96 15.12 -21.52
CA GLY D 65 -6.47 15.97 -20.45
C GLY D 65 -5.26 16.74 -20.91
N VAL D 66 -5.40 17.45 -22.02
CA VAL D 66 -4.31 18.26 -22.56
C VAL D 66 -4.93 19.52 -23.12
N ALA D 67 -4.10 20.53 -23.34
CA ALA D 67 -4.57 21.81 -23.87
C ALA D 67 -5.80 21.57 -24.72
N SER D 68 -6.97 21.82 -24.14
CA SER D 68 -8.25 21.61 -24.80
C SER D 68 -8.25 22.13 -26.23
N SER D 69 -7.29 23.00 -26.54
CA SER D 69 -7.22 23.60 -27.87
C SER D 69 -6.02 23.06 -28.66
N PRO D 70 -6.29 22.39 -29.81
CA PRO D 70 -5.21 21.83 -30.64
C PRO D 70 -4.11 22.86 -30.88
N THR D 71 -4.52 24.06 -31.21
CA THR D 71 -3.63 25.17 -31.49
C THR D 71 -2.79 25.58 -30.28
N ASP D 72 -3.12 25.03 -29.13
CA ASP D 72 -2.36 25.37 -27.94
C ASP D 72 -1.17 24.42 -27.78
N ILE D 73 -1.07 23.44 -28.68
CA ILE D 73 0.03 22.48 -28.67
C ILE D 73 0.87 22.65 -29.93
N LYS D 74 1.15 23.90 -30.26
CA LYS D 74 1.92 24.22 -31.44
C LYS D 74 3.38 24.49 -31.11
N GLY D 75 4.16 24.76 -32.15
CA GLY D 75 5.57 25.04 -31.98
C GLY D 75 6.05 26.00 -33.04
N LYS D 76 7.35 25.95 -33.32
CA LYS D 76 7.99 26.80 -34.30
C LYS D 76 7.60 26.36 -35.70
N TYR D 77 7.65 25.05 -35.93
CA TYR D 77 7.31 24.48 -37.22
C TYR D 77 6.00 23.75 -37.11
N VAL D 78 5.52 23.62 -35.87
CA VAL D 78 4.27 22.92 -35.62
C VAL D 78 3.14 23.88 -35.39
N LYS D 79 2.13 23.78 -36.24
CA LYS D 79 0.96 24.66 -36.15
C LYS D 79 -0.01 24.11 -35.11
N GLU D 80 0.19 22.85 -34.70
CA GLU D 80 -0.66 22.22 -33.69
C GLU D 80 -0.47 20.71 -33.53
N VAL D 81 -1.27 20.16 -32.63
CA VAL D 81 -1.26 18.74 -32.32
C VAL D 81 -2.64 18.41 -31.76
N GLU D 82 -3.37 17.58 -32.50
CA GLU D 82 -4.71 17.18 -32.12
C GLU D 82 -4.81 15.70 -31.81
N VAL D 83 -5.58 15.38 -30.78
CA VAL D 83 -5.80 14.01 -30.38
C VAL D 83 -7.19 13.69 -30.89
N LYS D 84 -7.27 12.70 -31.76
CA LYS D 84 -8.54 12.29 -32.33
C LYS D 84 -8.69 10.79 -32.15
N ASN D 85 -9.42 10.41 -31.10
CA ASN D 85 -9.66 9.01 -30.73
C ASN D 85 -8.34 8.26 -30.47
N GLY D 86 -7.51 8.85 -29.61
CA GLY D 86 -6.24 8.25 -29.26
C GLY D 86 -5.13 8.51 -30.26
N VAL D 87 -5.48 8.87 -31.48
CA VAL D 87 -4.50 9.16 -32.52
C VAL D 87 -4.05 10.60 -32.33
N VAL D 88 -2.75 10.83 -32.26
CA VAL D 88 -2.25 12.17 -32.09
C VAL D 88 -1.55 12.60 -33.37
N THR D 89 -2.09 13.61 -34.02
CA THR D 89 -1.56 14.12 -35.28
C THR D 89 -0.88 15.48 -35.09
N ALA D 90 0.27 15.67 -35.73
CA ALA D 90 0.98 16.93 -35.60
C ALA D 90 1.03 17.65 -36.94
N THR D 91 0.58 18.90 -36.97
CA THR D 91 0.58 19.68 -38.20
C THR D 91 1.75 20.64 -38.27
N MET D 92 2.35 20.71 -39.45
CA MET D 92 3.49 21.58 -39.69
C MET D 92 2.98 22.98 -40.01
N LEU D 93 3.55 23.98 -39.36
CA LEU D 93 3.17 25.37 -39.58
C LEU D 93 3.25 25.70 -41.07
N SER D 94 3.09 26.97 -41.40
CA SER D 94 3.18 27.39 -42.79
C SER D 94 4.35 28.36 -42.93
N SER D 95 4.80 28.88 -41.80
CA SER D 95 5.92 29.82 -41.78
C SER D 95 7.08 29.30 -40.93
N GLY D 96 8.27 29.35 -41.50
CA GLY D 96 9.46 28.89 -40.79
C GLY D 96 9.88 27.47 -41.12
N VAL D 97 9.23 26.86 -42.11
CA VAL D 97 9.56 25.49 -42.49
C VAL D 97 10.12 25.34 -43.91
N ASN D 98 10.46 24.10 -44.27
CA ASN D 98 11.03 23.80 -45.58
C ASN D 98 10.27 24.47 -46.71
N ASN D 99 9.42 23.71 -47.39
CA ASN D 99 8.65 24.23 -48.49
C ASN D 99 7.71 23.12 -48.96
N GLU D 100 8.17 21.88 -48.86
CA GLU D 100 7.35 20.77 -49.28
C GLU D 100 6.88 19.98 -48.07
N ILE D 101 6.91 20.61 -46.90
CA ILE D 101 6.45 19.96 -45.69
C ILE D 101 5.50 20.80 -44.83
N LYS D 102 5.31 22.06 -45.19
CA LYS D 102 4.42 22.92 -44.42
C LYS D 102 2.96 22.55 -44.60
N GLY D 103 2.19 22.72 -43.54
CA GLY D 103 0.78 22.37 -43.58
C GLY D 103 0.69 20.86 -43.69
N LYS D 104 1.81 20.17 -43.57
CA LYS D 104 1.81 18.72 -43.68
C LYS D 104 1.91 18.11 -42.29
N LYS D 105 1.42 16.88 -42.13
CA LYS D 105 1.44 16.26 -40.82
C LYS D 105 1.68 14.75 -40.73
N LEU D 106 1.90 14.30 -39.50
CA LEU D 106 2.12 12.90 -39.18
C LEU D 106 1.22 12.48 -37.99
N SER D 107 1.21 11.19 -37.66
CA SER D 107 0.38 10.71 -36.57
C SER D 107 1.08 9.67 -35.72
N LEU D 108 0.63 9.60 -34.48
CA LEU D 108 1.12 8.66 -33.50
C LEU D 108 -0.15 8.00 -33.06
N TRP D 109 -0.18 6.67 -33.04
CA TRP D 109 -1.37 5.97 -32.60
C TRP D 109 -0.89 4.77 -31.87
N ALA D 110 -1.76 4.19 -31.07
CA ALA D 110 -1.34 3.05 -30.31
C ALA D 110 -2.24 1.85 -30.54
N ARG D 111 -1.87 0.75 -29.92
CA ARG D 111 -2.63 -0.48 -30.07
C ARG D 111 -2.67 -1.19 -28.74
N ARG D 112 -3.84 -1.74 -28.43
CA ARG D 112 -4.02 -2.49 -27.19
C ARG D 112 -3.11 -3.70 -27.18
N GLU D 113 -2.27 -3.80 -26.16
CA GLU D 113 -1.41 -4.97 -26.05
C GLU D 113 -2.09 -5.91 -25.07
N ASN D 114 -3.08 -5.36 -24.36
CA ASN D 114 -3.83 -6.08 -23.34
C ASN D 114 -3.04 -5.94 -22.05
N GLY D 115 -3.38 -4.92 -21.28
CA GLY D 115 -2.67 -4.66 -20.04
C GLY D 115 -1.70 -3.51 -20.25
N SER D 116 -1.45 -3.20 -21.52
CA SER D 116 -0.57 -2.11 -21.91
C SER D 116 -0.80 -1.85 -23.40
N VAL D 117 -0.14 -0.84 -23.94
CA VAL D 117 -0.28 -0.54 -25.37
C VAL D 117 1.09 -0.29 -25.99
N LYS D 118 1.16 -0.38 -27.31
CA LYS D 118 2.39 -0.10 -28.03
C LYS D 118 2.13 1.05 -29.00
N TRP D 119 3.08 1.97 -29.08
CA TRP D 119 2.92 3.13 -29.97
C TRP D 119 3.61 3.04 -31.32
N PHE D 120 2.99 3.67 -32.31
CA PHE D 120 3.51 3.70 -33.66
C PHE D 120 3.66 5.15 -34.05
N CYS D 121 4.49 5.40 -35.06
CA CYS D 121 4.75 6.75 -35.54
C CYS D 121 4.88 6.68 -37.05
N GLY D 122 4.14 7.52 -37.76
CA GLY D 122 4.21 7.50 -39.21
C GLY D 122 3.37 8.57 -39.88
N GLN D 123 2.94 8.29 -41.10
CA GLN D 123 2.13 9.23 -41.87
C GLN D 123 0.70 9.18 -41.36
N PRO D 124 0.02 10.35 -41.32
CA PRO D 124 -1.35 10.52 -40.85
C PRO D 124 -2.25 9.31 -40.97
N VAL D 125 -3.00 9.04 -39.91
CA VAL D 125 -3.91 7.91 -39.91
C VAL D 125 -5.20 8.28 -39.18
N THR D 126 -6.27 7.54 -39.46
CA THR D 126 -7.56 7.79 -38.81
C THR D 126 -7.91 6.56 -38.01
N ARG D 127 -8.61 6.70 -36.90
CA ARG D 127 -8.97 5.50 -36.17
C ARG D 127 -10.34 5.00 -36.63
N THR D 128 -10.42 3.71 -36.89
CA THR D 128 -11.65 3.09 -37.34
C THR D 128 -12.34 2.53 -36.10
N ASP D 129 -11.75 1.50 -35.51
CA ASP D 129 -12.29 0.91 -34.30
C ASP D 129 -11.21 0.97 -33.21
N ASP D 130 -11.53 0.54 -32.00
CA ASP D 130 -10.57 0.65 -30.90
C ASP D 130 -9.23 -0.03 -31.13
N ASP D 131 -9.14 -0.84 -32.16
CA ASP D 131 -7.89 -1.51 -32.43
C ASP D 131 -7.54 -1.50 -33.91
N THR D 132 -7.96 -0.46 -34.61
CA THR D 132 -7.71 -0.36 -36.03
C THR D 132 -7.78 1.08 -36.52
N VAL D 133 -6.77 1.48 -37.28
CA VAL D 133 -6.70 2.81 -37.86
C VAL D 133 -6.43 2.62 -39.35
N ALA D 134 -6.45 3.70 -40.12
CA ALA D 134 -6.20 3.60 -41.56
C ALA D 134 -5.63 4.89 -42.09
N ASP D 135 -4.94 4.80 -43.23
CA ASP D 135 -4.32 5.94 -43.84
C ASP D 135 -5.30 7.08 -44.01
N ALA D 136 -4.94 8.24 -43.49
CA ALA D 136 -5.77 9.41 -43.64
C ALA D 136 -5.35 9.94 -45.01
N LYS D 137 -5.44 9.08 -46.02
CA LYS D 137 -5.07 9.43 -47.40
C LYS D 137 -5.81 10.70 -47.83
N ASP D 138 -5.05 11.75 -48.12
CA ASP D 138 -5.67 13.01 -48.51
C ASP D 138 -4.71 13.95 -49.22
N GLY D 139 -3.41 13.68 -49.10
CA GLY D 139 -2.41 14.51 -49.76
C GLY D 139 -1.58 15.46 -48.91
N LYS D 140 -1.87 15.54 -47.61
CA LYS D 140 -1.12 16.44 -46.75
C LYS D 140 -0.13 15.71 -45.81
N GLU D 141 0.17 14.45 -46.12
CA GLU D 141 1.10 13.70 -45.31
C GLU D 141 2.54 14.10 -45.55
N ILE D 142 3.34 14.18 -44.49
CA ILE D 142 4.73 14.53 -44.64
C ILE D 142 5.37 13.37 -45.40
N ASP D 143 6.08 13.71 -46.47
CA ASP D 143 6.75 12.78 -47.36
C ASP D 143 7.73 11.85 -46.66
N THR D 144 7.67 10.57 -47.00
CA THR D 144 8.57 9.60 -46.38
C THR D 144 10.01 10.07 -46.22
N LYS D 145 10.54 10.78 -47.21
CA LYS D 145 11.92 11.22 -47.13
C LYS D 145 12.21 12.11 -45.92
N HIS D 146 11.19 12.78 -45.41
CA HIS D 146 11.39 13.68 -44.26
C HIS D 146 11.18 13.01 -42.92
N LEU D 147 10.76 11.75 -42.94
CA LEU D 147 10.50 11.06 -41.69
C LEU D 147 11.66 10.19 -41.20
N PRO D 148 11.96 10.25 -39.91
CA PRO D 148 13.02 9.48 -39.28
C PRO D 148 12.84 8.00 -39.61
N SER D 149 13.85 7.21 -39.30
CA SER D 149 13.79 5.77 -39.53
C SER D 149 12.85 5.18 -38.46
N THR D 150 12.71 5.89 -37.35
CA THR D 150 11.86 5.45 -36.26
C THR D 150 10.42 5.85 -36.46
N CYS D 151 10.10 6.50 -37.57
CA CYS D 151 8.71 6.91 -37.79
C CYS D 151 8.27 6.57 -39.19
N ARG D 152 8.52 5.32 -39.58
CA ARG D 152 8.15 4.82 -40.90
C ARG D 152 7.01 3.82 -40.76
N ASP D 153 6.27 3.85 -39.66
CA ASP D 153 5.18 2.88 -39.46
C ASP D 153 3.95 3.00 -40.38
N ASN D 154 3.46 1.85 -40.83
CA ASN D 154 2.28 1.75 -41.69
C ASN D 154 1.01 1.57 -40.85
N PHE D 155 -0.12 1.97 -41.42
CA PHE D 155 -1.39 1.88 -40.75
C PHE D 155 -1.63 0.51 -40.09
N ASP D 156 -1.11 -0.56 -40.71
CA ASP D 156 -1.33 -1.89 -40.14
C ASP D 156 -0.15 -2.49 -39.38
N ALA D 157 0.78 -1.65 -38.94
CA ALA D 157 1.91 -2.14 -38.18
C ALA D 157 1.40 -2.77 -36.90
N LYS D 158 1.99 -3.87 -36.48
CA LYS D 158 1.56 -4.49 -35.23
C LYS D 158 2.77 -4.64 -34.34
N MEA E 1 57.27 43.92 -71.64
CA MEA E 1 57.41 43.01 -72.82
C MEA E 1 56.72 41.66 -72.62
O MEA E 1 56.28 41.04 -73.58
CB MEA E 1 58.90 42.82 -73.21
CG MEA E 1 59.76 42.19 -72.13
CD1 MEA E 1 59.89 42.79 -70.87
CE1 MEA E 1 60.69 42.21 -69.89
CZ MEA E 1 61.37 41.03 -70.15
CE2 MEA E 1 61.26 40.43 -71.40
CD2 MEA E 1 60.46 41.01 -72.38
N THR E 2 56.61 41.22 -71.35
CA THR E 2 56.13 39.85 -71.05
C THR E 2 55.30 39.65 -69.79
N LEU E 3 55.97 39.67 -68.63
CA LEU E 3 55.51 39.00 -67.41
C LEU E 3 54.33 39.67 -66.71
N ILE E 4 53.11 39.31 -67.13
CA ILE E 4 51.91 39.86 -66.50
C ILE E 4 51.00 38.77 -65.91
N GLU E 5 51.26 37.52 -66.27
CA GLU E 5 50.49 36.38 -65.79
C GLU E 5 50.76 36.13 -64.30
N LEU E 6 52.02 36.30 -63.90
CA LEU E 6 52.41 36.16 -62.49
C LEU E 6 51.94 37.36 -61.67
N MET E 7 51.96 38.54 -62.28
CA MET E 7 51.59 39.79 -61.60
C MET E 7 50.09 39.93 -61.37
N ILE E 8 49.29 39.51 -62.35
CA ILE E 8 47.83 39.57 -62.23
C ILE E 8 47.29 38.48 -61.32
N VAL E 9 47.81 37.26 -61.45
CA VAL E 9 47.35 36.12 -60.65
C VAL E 9 47.76 36.21 -59.17
N ILE E 10 48.84 36.95 -58.87
CA ILE E 10 49.17 37.26 -57.47
C ILE E 10 48.26 38.36 -56.92
N ALA E 11 47.73 39.18 -57.83
CA ALA E 11 46.86 40.30 -57.48
C ALA E 11 45.38 39.97 -57.55
N ILE E 12 45.05 38.81 -58.13
CA ILE E 12 43.66 38.31 -58.09
C ILE E 12 43.42 37.47 -56.84
N VAL E 13 44.46 36.81 -56.35
CA VAL E 13 44.40 36.05 -55.10
C VAL E 13 44.39 37.02 -53.91
N GLY E 14 45.08 38.15 -54.07
CA GLY E 14 45.07 39.22 -53.10
C GLY E 14 43.70 39.86 -52.94
N ILE E 15 43.05 40.16 -54.06
CA ILE E 15 41.70 40.70 -54.03
C ILE E 15 40.63 39.64 -53.73
N LEU E 16 40.97 38.38 -53.99
CA LEU E 16 40.09 37.26 -53.65
C LEU E 16 40.00 37.10 -52.14
N ALA E 17 41.11 37.32 -51.46
CA ALA E 17 41.18 37.29 -50.00
C ALA E 17 40.38 38.45 -49.39
N ALA E 18 40.41 39.60 -50.06
CA ALA E 18 39.67 40.79 -49.63
C ALA E 18 38.16 40.61 -49.78
N VAL E 19 37.75 39.85 -50.80
CA VAL E 19 36.34 39.52 -51.02
C VAL E 19 35.91 38.38 -50.08
N ALA E 20 36.83 37.46 -49.82
CA ALA E 20 36.58 36.34 -48.90
C ALA E 20 36.74 36.76 -47.44
N LEU E 21 37.17 38.00 -47.21
CA LEU E 21 37.42 38.52 -45.87
C LEU E 21 36.12 38.76 -45.06
N PRO E 22 35.15 39.51 -45.60
CA PRO E 22 33.90 39.77 -44.87
C PRO E 22 32.99 38.53 -44.75
N ALA E 23 33.11 37.60 -45.69
CA ALA E 23 32.32 36.37 -45.65
C ALA E 23 32.76 35.46 -44.50
N TYR E 24 34.07 35.31 -44.35
CA TYR E 24 34.67 34.52 -43.26
C TYR E 24 34.55 35.26 -41.93
N GLN E 25 34.63 36.59 -41.98
CA GLN E 25 34.39 37.44 -40.81
C GLN E 25 32.93 37.46 -40.39
N ASP E 26 32.03 37.21 -41.33
CA ASP E 26 30.52 37.14 -40.42
C ASP E 26 30.19 35.68 -40.19
N TYR E 27 30.67 34.82 -41.08
CA TYR E 27 30.44 33.40 -40.91
C TYR E 27 31.10 33.07 -39.60
N THR E 28 32.26 33.68 -39.40
CA THR E 28 33.04 33.47 -38.20
C THR E 28 32.32 33.96 -36.95
N ALA E 29 31.88 35.21 -36.94
CA ALA E 29 31.19 35.77 -35.78
C ALA E 29 29.92 35.01 -35.49
N ARG E 30 29.19 34.72 -36.56
CA ARG E 30 27.93 33.99 -36.48
C ARG E 30 28.19 32.63 -35.87
N ALA E 31 29.43 32.17 -35.97
CA ALA E 31 29.82 30.87 -35.42
C ALA E 31 30.14 30.98 -33.92
N GLN E 32 30.74 32.10 -33.55
CA GLN E 32 31.12 32.37 -32.16
C GLN E 32 29.91 32.71 -31.31
N VAL E 33 28.82 33.11 -31.96
CA VAL E 33 27.59 33.43 -31.26
C VAL E 33 26.79 32.16 -31.07
N SER E 34 26.86 31.27 -32.04
CA SER E 34 26.12 30.03 -31.98
C SER E 34 26.54 29.21 -30.77
N GLU E 35 27.68 29.56 -30.19
CA GLU E 35 28.17 28.86 -29.02
C GLU E 35 27.71 29.52 -27.76
N ALA E 36 27.67 30.84 -27.78
CA ALA E 36 27.20 31.57 -26.61
C ALA E 36 25.81 31.01 -26.35
N ILE E 37 25.14 30.64 -27.43
CA ILE E 37 23.81 30.09 -27.35
C ILE E 37 23.82 28.69 -26.75
N LEU E 38 24.84 27.90 -27.08
CA LEU E 38 24.90 26.54 -26.57
C LEU E 38 25.28 26.55 -25.11
N LEU E 39 26.06 27.55 -24.72
CA LEU E 39 26.49 27.66 -23.35
C LEU E 39 25.34 28.19 -22.50
N ALA E 40 24.47 28.97 -23.13
CA ALA E 40 23.33 29.53 -22.44
C ALA E 40 22.34 28.41 -22.19
N GLU E 41 22.13 27.58 -23.20
CA GLU E 41 21.21 26.45 -23.07
C GLU E 41 21.85 25.41 -22.15
N GLY E 42 21.16 24.31 -21.91
CA GLY E 42 21.72 23.27 -21.05
C GLY E 42 21.74 23.73 -19.61
N GLN E 43 21.29 24.98 -19.45
CA GLN E 43 21.17 25.60 -18.17
C GLN E 43 19.69 25.92 -18.07
N LYS E 44 18.98 25.48 -19.08
CA LYS E 44 17.55 25.67 -19.14
C LYS E 44 17.01 24.65 -18.16
N SER E 45 17.62 23.47 -18.18
CA SER E 45 17.24 22.38 -17.29
C SER E 45 17.15 22.84 -15.85
N ALA E 46 18.25 23.36 -15.32
CA ALA E 46 18.27 23.82 -13.96
C ALA E 46 17.14 24.83 -13.73
N VAL E 47 17.11 25.85 -14.57
CA VAL E 47 16.09 26.89 -14.46
C VAL E 47 14.66 26.39 -14.57
N THR E 48 14.42 25.47 -15.50
CA THR E 48 13.08 24.92 -15.66
C THR E 48 12.66 24.18 -14.41
N GLU E 49 13.52 23.27 -13.97
CA GLU E 49 13.21 22.51 -12.79
C GLU E 49 12.96 23.45 -11.62
N TYR E 50 13.89 24.38 -11.36
CA TYR E 50 13.69 25.29 -10.24
C TYR E 50 12.32 25.95 -10.29
N TYR E 51 11.92 26.44 -11.46
CA TYR E 51 10.61 27.08 -11.60
C TYR E 51 9.42 26.13 -11.35
N LEU E 52 9.40 24.99 -12.02
CA LEU E 52 8.32 24.03 -11.86
C LEU E 52 8.22 23.48 -10.44
N ASN E 53 9.37 23.28 -9.78
CA ASN E 53 9.34 22.76 -8.42
C ASN E 53 8.93 23.82 -7.39
N HIS E 54 9.27 25.08 -7.62
CA HIS E 54 8.94 26.12 -6.66
C HIS E 54 7.95 27.20 -7.11
N GLY E 55 7.77 27.37 -8.41
CA GLY E 55 6.85 28.38 -8.88
C GLY E 55 7.45 29.77 -8.86
N LYS E 56 8.76 29.85 -8.63
CA LYS E 56 9.50 31.12 -8.62
C LYS E 56 10.74 30.91 -9.49
N TRP E 57 11.14 31.92 -10.26
CA TRP E 57 12.32 31.81 -11.11
C TRP E 57 13.58 31.90 -10.27
N PRO E 58 14.61 31.10 -10.61
CA PRO E 58 15.86 31.15 -9.83
C PRO E 58 16.49 32.54 -9.90
N GLU E 59 16.74 33.14 -8.73
CA GLU E 59 17.32 34.48 -8.68
C GLU E 59 18.71 34.60 -9.29
N ASN E 60 19.55 33.59 -9.05
CA ASN E 60 20.91 33.60 -9.58
C ASN E 60 21.42 32.18 -9.82
N ASN E 61 22.61 32.06 -10.39
CA ASN E 61 23.19 30.76 -10.68
C ASN E 61 23.11 29.74 -9.54
N THR E 62 23.47 30.17 -8.35
CA THR E 62 23.45 29.30 -7.18
C THR E 62 22.06 28.79 -6.90
N SER E 63 21.07 29.67 -7.03
CA SER E 63 19.70 29.26 -6.83
C SER E 63 19.36 28.18 -7.85
N ALA E 64 19.74 28.42 -9.10
CA ALA E 64 19.44 27.46 -10.16
C ALA E 64 20.24 26.18 -9.99
N GLY E 65 21.24 26.22 -9.12
CA GLY E 65 22.06 25.05 -8.88
C GLY E 65 23.05 24.88 -10.00
N VAL E 66 23.83 25.92 -10.27
CA VAL E 66 24.84 25.88 -11.31
C VAL E 66 26.04 26.66 -10.79
N ALA E 67 27.19 26.46 -11.43
CA ALA E 67 28.41 27.15 -11.03
C ALA E 67 28.05 28.48 -10.41
N SER E 68 28.05 28.51 -9.08
CA SER E 68 27.70 29.71 -8.33
C SER E 68 28.35 30.96 -8.89
N SER E 69 29.38 30.78 -9.70
CA SER E 69 30.10 31.92 -10.26
C SER E 69 29.84 32.06 -11.77
N PRO E 70 29.23 33.19 -12.21
CA PRO E 70 28.94 33.41 -13.62
C PRO E 70 30.15 33.09 -14.50
N THR E 71 31.30 33.59 -14.07
CA THR E 71 32.57 33.40 -14.77
C THR E 71 32.98 31.94 -14.86
N ASP E 72 32.29 31.08 -14.14
CA ASP E 72 32.64 29.67 -14.18
C ASP E 72 31.89 28.97 -15.31
N ILE E 73 31.02 29.72 -15.99
CA ILE E 73 30.26 29.18 -17.12
C ILE E 73 30.67 29.90 -18.41
N LYS E 74 31.98 30.05 -18.57
CA LYS E 74 32.53 30.72 -19.72
C LYS E 74 33.00 29.73 -20.79
N GLY E 75 33.48 30.28 -21.89
CA GLY E 75 33.97 29.47 -22.98
C GLY E 75 35.10 30.17 -23.71
N LYS E 76 35.28 29.81 -24.97
CA LYS E 76 36.31 30.37 -25.82
C LYS E 76 35.93 31.79 -26.23
N TYR E 77 34.68 31.97 -26.62
CA TYR E 77 34.18 33.27 -27.03
C TYR E 77 33.23 33.79 -25.98
N VAL E 78 32.92 32.92 -25.01
CA VAL E 78 32.00 33.30 -23.95
C VAL E 78 32.76 33.63 -22.68
N LYS E 79 32.57 34.86 -22.22
CA LYS E 79 33.22 35.32 -21.00
C LYS E 79 32.44 34.88 -19.78
N GLU E 80 31.20 34.43 -19.99
CA GLU E 80 30.34 33.95 -18.91
C GLU E 80 28.88 33.71 -19.28
N VAL E 81 28.12 33.30 -18.28
CA VAL E 81 26.70 33.03 -18.40
C VAL E 81 26.10 33.19 -17.01
N GLU E 82 25.23 34.18 -16.87
CA GLU E 82 24.59 34.49 -15.61
C GLU E 82 23.09 34.27 -15.66
N VAL E 83 22.56 33.73 -14.57
CA VAL E 83 21.14 33.48 -14.45
C VAL E 83 20.65 34.59 -13.55
N LYS E 84 19.74 35.40 -14.06
CA LYS E 84 19.18 36.50 -13.30
C LYS E 84 17.66 36.41 -13.37
N ASN E 85 17.07 35.84 -12.33
CA ASN E 85 15.63 35.63 -12.21
C ASN E 85 15.09 34.77 -13.36
N GLY E 86 15.72 33.63 -13.57
CA GLY E 86 15.31 32.72 -14.63
C GLY E 86 15.83 33.07 -16.01
N VAL E 87 16.24 34.32 -16.20
CA VAL E 87 16.78 34.76 -17.48
C VAL E 87 18.25 34.39 -17.51
N VAL E 88 18.68 33.70 -18.56
CA VAL E 88 20.06 33.31 -18.67
C VAL E 88 20.71 34.10 -19.79
N THR E 89 21.68 34.93 -19.43
CA THR E 89 22.39 35.78 -20.37
C THR E 89 23.81 35.29 -20.63
N ALA E 90 24.24 35.31 -21.88
CA ALA E 90 25.59 34.86 -22.20
C ALA E 90 26.42 36.02 -22.73
N THR E 91 27.59 36.25 -22.12
CA THR E 91 28.46 37.33 -22.55
C THR E 91 29.60 36.83 -23.42
N MET E 92 29.86 37.59 -24.48
CA MET E 92 30.94 37.26 -25.41
C MET E 92 32.26 37.78 -24.86
N LEU E 93 33.27 36.93 -24.86
CA LEU E 93 34.59 37.30 -24.37
C LEU E 93 35.06 38.57 -25.08
N SER E 94 36.32 38.94 -24.86
CA SER E 94 36.88 40.12 -25.50
C SER E 94 38.02 39.69 -26.40
N SER E 95 38.52 38.48 -26.16
CA SER E 95 39.62 37.92 -26.94
C SER E 95 39.21 36.64 -27.66
N GLY E 96 39.51 36.56 -28.94
CA GLY E 96 39.19 35.38 -29.73
C GLY E 96 37.90 35.46 -30.51
N VAL E 97 37.28 36.65 -30.52
CA VAL E 97 36.02 36.83 -31.24
C VAL E 97 36.08 37.82 -32.42
N ASN E 98 34.96 37.98 -33.10
CA ASN E 98 34.87 38.87 -34.26
C ASN E 98 35.51 40.22 -34.00
N ASN E 99 34.69 41.21 -33.73
CA ASN E 99 35.17 42.56 -33.48
C ASN E 99 33.97 43.43 -33.09
N GLU E 100 32.82 43.11 -33.67
CA GLU E 100 31.63 43.87 -33.36
C GLU E 100 30.67 43.04 -32.54
N ILE E 101 31.20 41.99 -31.90
CA ILE E 101 30.37 41.14 -31.07
C ILE E 101 30.96 40.83 -29.69
N LYS E 102 32.21 41.24 -29.45
CA LYS E 102 32.83 40.98 -28.16
C LYS E 102 32.24 41.83 -27.06
N GLY E 103 32.19 41.25 -25.86
CA GLY E 103 31.62 41.96 -24.73
C GLY E 103 30.13 42.11 -24.97
N LYS E 104 29.63 41.48 -26.03
CA LYS E 104 28.21 41.57 -26.34
C LYS E 104 27.50 40.31 -25.90
N LYS E 105 26.20 40.41 -25.63
CA LYS E 105 25.48 39.24 -25.16
C LYS E 105 24.02 39.05 -25.60
N LEU E 106 23.50 37.86 -25.31
CA LEU E 106 22.13 37.47 -25.61
C LEU E 106 21.47 36.87 -24.35
N SER E 107 20.17 36.57 -24.44
CA SER E 107 19.46 36.01 -23.30
C SER E 107 18.48 34.94 -23.70
N LEU E 108 18.22 34.06 -22.75
CA LEU E 108 17.29 32.97 -22.89
C LEU E 108 16.40 33.19 -21.70
N TRP E 109 15.09 33.18 -21.92
CA TRP E 109 14.17 33.36 -20.82
C TRP E 109 13.00 32.49 -21.11
N ALA E 110 12.21 32.20 -20.10
CA ALA E 110 11.08 31.34 -20.32
C ALA E 110 9.79 31.97 -19.87
N ARG E 111 8.70 31.26 -20.12
CA ARG E 111 7.40 31.74 -19.74
C ARG E 111 6.57 30.60 -19.22
N ARG E 112 5.80 30.88 -18.18
CA ARG E 112 4.93 29.88 -17.58
C ARG E 112 3.89 29.44 -18.59
N GLU E 113 3.83 28.14 -18.87
CA GLU E 113 2.81 27.64 -19.77
C GLU E 113 1.69 27.10 -18.91
N ASN E 114 2.00 26.94 -17.62
CA ASN E 114 1.08 26.40 -16.63
C ASN E 114 1.23 24.90 -16.68
N GLY E 115 2.11 24.38 -15.84
CA GLY E 115 2.37 22.95 -15.83
C GLY E 115 3.68 22.66 -16.55
N SER E 116 4.14 23.67 -17.30
CA SER E 116 5.38 23.59 -18.04
C SER E 116 5.73 25.02 -18.49
N VAL E 117 6.88 25.18 -19.12
CA VAL E 117 7.29 26.49 -19.61
C VAL E 117 7.81 26.39 -21.03
N LYS E 118 7.86 27.52 -21.73
CA LYS E 118 8.39 27.57 -23.08
C LYS E 118 9.58 28.54 -23.09
N TRP E 119 10.64 28.17 -23.78
CA TRP E 119 11.83 29.02 -23.83
C TRP E 119 11.98 29.88 -25.08
N PHE E 120 12.59 31.04 -24.88
CA PHE E 120 12.82 31.99 -25.96
C PHE E 120 14.30 32.25 -26.00
N CYS E 121 14.78 32.76 -27.14
CA CYS E 121 16.19 33.05 -27.33
C CYS E 121 16.28 34.32 -28.16
N GLY E 122 17.05 35.29 -27.69
CA GLY E 122 17.18 36.53 -28.43
C GLY E 122 18.15 37.51 -27.82
N GLN E 123 17.91 38.80 -28.06
CA GLN E 123 18.78 39.85 -27.55
C GLN E 123 18.45 40.08 -26.08
N PRO E 124 19.48 40.36 -25.26
CA PRO E 124 19.38 40.61 -23.82
C PRO E 124 18.06 41.14 -23.33
N VAL E 125 17.58 40.57 -22.23
CA VAL E 125 16.32 40.99 -21.66
C VAL E 125 16.40 40.96 -20.13
N THR E 126 15.54 41.72 -19.47
CA THR E 126 15.51 41.76 -18.01
C THR E 126 14.17 41.23 -17.56
N ARG E 127 14.10 40.57 -16.42
CA ARG E 127 12.78 40.11 -15.99
C ARG E 127 12.12 41.17 -15.12
N THR E 128 10.85 41.44 -15.41
CA THR E 128 10.09 42.41 -14.66
C THR E 128 9.32 41.65 -13.59
N ASP E 129 8.34 40.86 -14.02
CA ASP E 129 7.57 40.04 -13.10
C ASP E 129 7.70 38.57 -13.52
N ASP E 130 7.12 37.66 -12.75
CA ASP E 130 7.28 36.23 -13.06
C ASP E 130 6.86 35.80 -14.45
N ASP E 131 6.18 36.68 -15.16
CA ASP E 131 5.74 36.32 -16.49
C ASP E 131 5.93 37.46 -17.48
N THR E 132 6.96 38.28 -17.24
CA THR E 132 7.22 39.39 -18.11
C THR E 132 8.67 39.86 -18.00
N VAL E 133 9.30 40.05 -19.15
CA VAL E 133 10.67 40.53 -19.25
C VAL E 133 10.66 41.70 -20.20
N ALA E 134 11.79 42.40 -20.35
CA ALA E 134 11.86 43.55 -21.25
C ALA E 134 13.27 43.74 -21.74
N ASP E 135 13.40 44.41 -22.88
CA ASP E 135 14.68 44.66 -23.50
C ASP E 135 15.65 45.27 -22.52
N ALA E 136 16.80 44.64 -22.38
CA ALA E 136 17.83 45.16 -21.51
C ALA E 136 18.54 46.16 -22.41
N LYS E 137 17.77 47.10 -22.96
CA LYS E 137 18.30 48.13 -23.85
C LYS E 137 19.47 48.86 -23.18
N ASP E 138 20.65 48.75 -23.77
CA ASP E 138 21.82 49.40 -23.18
C ASP E 138 22.96 49.57 -24.17
N GLY E 139 22.90 48.84 -25.29
CA GLY E 139 23.93 48.95 -26.31
C GLY E 139 24.93 47.79 -26.45
N LYS E 140 24.84 46.80 -25.58
CA LYS E 140 25.78 45.67 -25.66
C LYS E 140 25.13 44.37 -26.22
N GLU E 141 23.97 44.52 -26.86
CA GLU E 141 23.31 43.36 -27.43
C GLU E 141 23.97 42.89 -28.71
N ILE E 142 24.07 41.58 -28.89
CA ILE E 142 24.65 41.05 -30.10
C ILE E 142 23.69 41.42 -31.22
N ASP E 143 24.23 42.02 -32.27
CA ASP E 143 23.51 42.48 -33.44
C ASP E 143 22.70 41.41 -34.14
N THR E 144 21.47 41.75 -34.48
CA THR E 144 20.60 40.78 -35.15
C THR E 144 21.27 39.95 -36.24
N LYS E 145 22.15 40.57 -37.02
CA LYS E 145 22.80 39.84 -38.10
C LYS E 145 23.61 38.65 -37.62
N HIS E 146 24.06 38.67 -36.37
CA HIS E 146 24.87 37.57 -35.84
C HIS E 146 24.07 36.48 -35.16
N LEU E 147 22.76 36.69 -35.05
CA LEU E 147 21.92 35.73 -34.37
C LEU E 147 21.20 34.76 -35.30
N PRO E 148 21.21 33.46 -34.95
CA PRO E 148 20.56 32.41 -35.73
C PRO E 148 19.11 32.80 -35.99
N SER E 149 18.46 32.04 -36.88
CA SER E 149 17.07 32.27 -37.20
C SER E 149 16.23 31.79 -36.00
N THR E 150 16.81 30.87 -35.23
CA THR E 150 16.13 30.32 -34.07
C THR E 150 16.31 31.18 -32.83
N CYS E 151 17.00 32.31 -32.95
CA CYS E 151 17.20 33.15 -31.78
C CYS E 151 16.91 34.60 -32.11
N ARG E 152 15.76 34.82 -32.74
CA ARG E 152 15.33 36.16 -33.12
C ARG E 152 14.16 36.58 -32.26
N ASP E 153 13.96 35.96 -31.10
CA ASP E 153 12.82 36.30 -30.25
C ASP E 153 12.81 37.70 -29.59
N ASN E 154 11.65 38.33 -29.60
CA ASN E 154 11.44 39.65 -28.99
C ASN E 154 10.97 39.52 -27.53
N PHE E 155 11.24 40.55 -26.75
CA PHE E 155 10.88 40.56 -25.35
C PHE E 155 9.43 40.10 -25.10
N ASP E 156 8.53 40.40 -26.03
CA ASP E 156 7.13 40.01 -25.82
C ASP E 156 6.66 38.78 -26.60
N ALA E 157 7.60 37.95 -27.04
CA ALA E 157 7.24 36.75 -27.76
C ALA E 157 6.42 35.86 -26.84
N LYS E 158 5.39 35.21 -27.37
CA LYS E 158 4.60 34.32 -26.53
C LYS E 158 4.58 32.96 -27.18
N MEA F 1 64.54 39.84 -82.65
CA MEA F 1 63.77 40.81 -83.49
C MEA F 1 62.32 40.96 -83.05
O MEA F 1 61.72 42.03 -83.23
CB MEA F 1 63.86 40.45 -85.00
CG MEA F 1 63.28 39.10 -85.36
CD1 MEA F 1 63.78 37.93 -84.78
CE1 MEA F 1 63.26 36.68 -85.11
CZ MEA F 1 62.23 36.59 -86.05
CE2 MEA F 1 61.74 37.74 -86.64
CD2 MEA F 1 62.27 38.99 -86.29
N THR F 2 61.75 39.92 -82.45
CA THR F 2 60.30 39.87 -82.15
C THR F 2 59.85 39.16 -80.87
N LEU F 3 59.87 37.83 -80.92
CA LEU F 3 59.04 36.96 -80.08
C LEU F 3 59.44 36.91 -78.60
N ILE F 4 58.92 37.85 -77.81
CA ILE F 4 59.21 37.87 -76.38
C ILE F 4 57.93 37.79 -75.51
N GLU F 5 56.78 37.99 -76.14
CA GLU F 5 55.49 37.92 -75.46
C GLU F 5 55.16 36.48 -75.06
N LEU F 6 55.50 35.53 -75.92
CA LEU F 6 55.29 34.11 -75.64
C LEU F 6 56.31 33.61 -74.62
N MET F 7 57.54 34.12 -74.70
CA MET F 7 58.63 33.70 -73.84
C MET F 7 58.51 34.22 -72.40
N ILE F 8 58.06 35.47 -72.25
CA ILE F 8 57.88 36.05 -70.91
C ILE F 8 56.63 35.49 -70.22
N VAL F 9 55.53 35.37 -70.96
CA VAL F 9 54.27 34.88 -70.41
C VAL F 9 54.29 33.38 -70.06
N ILE F 10 55.16 32.61 -70.71
CA ILE F 10 55.38 31.23 -70.30
C ILE F 10 56.28 31.17 -69.04
N ALA F 11 57.07 32.21 -68.86
CA ALA F 11 58.00 32.30 -67.73
C ALA F 11 57.45 33.08 -66.54
N ILE F 12 56.31 33.75 -66.74
CA ILE F 12 55.58 34.37 -65.62
C ILE F 12 54.60 33.39 -64.98
N VAL F 13 54.08 32.46 -65.78
CA VAL F 13 53.21 31.40 -65.28
C VAL F 13 54.05 30.35 -64.55
N GLY F 14 55.29 30.17 -65.00
CA GLY F 14 56.25 29.31 -64.35
C GLY F 14 56.64 29.81 -62.97
N ILE F 15 56.93 31.11 -62.87
CA ILE F 15 57.24 31.74 -61.58
C ILE F 15 56.00 31.96 -60.72
N LEU F 16 54.84 32.04 -61.37
CA LEU F 16 53.56 32.16 -60.67
C LEU F 16 53.25 30.87 -59.90
N ALA F 17 53.60 29.74 -60.51
CA ALA F 17 53.45 28.43 -59.88
C ALA F 17 54.39 28.26 -58.70
N ALA F 18 55.59 28.84 -58.82
CA ALA F 18 56.60 28.81 -57.77
C ALA F 18 56.20 29.66 -56.56
N VAL F 19 55.47 30.75 -56.82
CA VAL F 19 54.94 31.61 -55.76
C VAL F 19 53.66 31.00 -55.17
N ALA F 20 52.87 30.33 -56.02
CA ALA F 20 51.67 29.64 -55.58
C ALA F 20 51.97 28.28 -54.95
N LEU F 21 53.23 27.87 -55.00
CA LEU F 21 53.66 26.57 -54.49
C LEU F 21 53.61 26.47 -52.95
N PRO F 22 54.24 27.40 -52.21
CA PRO F 22 54.22 27.36 -50.74
C PRO F 22 52.85 27.68 -50.13
N ALA F 23 52.03 28.46 -50.85
CA ALA F 23 50.69 28.80 -50.37
C ALA F 23 49.77 27.58 -50.39
N TYR F 24 49.82 26.82 -51.49
CA TYR F 24 49.05 25.59 -51.64
C TYR F 24 49.63 24.47 -50.78
N GLN F 25 50.95 24.48 -50.62
CA GLN F 25 51.64 23.55 -49.72
C GLN F 25 51.39 23.88 -48.25
N ASP F 26 51.08 25.14 -47.95
CA ASP F 26 50.69 25.05 -46.24
C ASP F 26 49.18 25.00 -46.13
N TYR F 27 48.49 25.56 -47.11
CA TYR F 27 47.04 25.53 -47.10
C TYR F 27 46.72 24.06 -47.12
N THR F 28 47.49 23.33 -47.92
CA THR F 28 47.29 21.91 -48.07
C THR F 28 47.54 21.14 -46.78
N ALA F 29 48.70 21.34 -46.16
CA ALA F 29 49.03 20.65 -44.92
C ALA F 29 48.05 21.00 -43.83
N ARG F 30 47.74 22.28 -43.75
CA ARG F 30 46.82 22.81 -42.75
C ARG F 30 45.47 22.17 -42.95
N ALA F 31 45.23 21.66 -44.15
CA ALA F 31 43.96 20.99 -44.48
C ALA F 31 43.99 19.53 -44.04
N GLN F 32 45.15 18.90 -44.18
CA GLN F 32 45.35 17.50 -43.81
C GLN F 32 45.40 17.33 -42.29
N VAL F 33 45.68 18.42 -41.59
CA VAL F 33 45.74 18.37 -40.14
C VAL F 33 44.35 18.59 -39.59
N SER F 34 43.57 19.43 -40.27
CA SER F 34 42.21 19.72 -39.84
C SER F 34 41.38 18.45 -39.79
N GLU F 35 41.86 17.41 -40.44
CA GLU F 35 41.13 16.14 -40.45
C GLU F 35 41.59 15.24 -39.34
N ALA F 36 42.89 15.28 -39.07
CA ALA F 36 43.42 14.47 -37.99
C ALA F 36 42.62 14.90 -36.77
N ILE F 37 42.25 16.18 -36.76
CA ILE F 37 41.48 16.74 -35.67
C ILE F 37 40.05 16.21 -35.66
N LEU F 38 39.48 16.02 -36.85
CA LEU F 38 38.10 15.55 -36.91
C LEU F 38 38.04 14.08 -36.56
N LEU F 39 39.11 13.36 -36.87
CA LEU F 39 39.17 11.95 -36.58
C LEU F 39 39.43 11.75 -35.09
N ALA F 40 40.11 12.71 -34.49
CA ALA F 40 40.41 12.65 -33.07
C ALA F 40 39.12 12.89 -32.31
N GLU F 41 38.37 13.89 -32.75
CA GLU F 41 37.10 14.21 -32.10
C GLU F 41 36.10 13.10 -32.43
N GLY F 42 34.87 13.22 -31.93
CA GLY F 42 33.87 12.20 -32.21
C GLY F 42 34.20 10.92 -31.46
N GLN F 43 35.33 11.00 -30.77
CA GLN F 43 35.81 9.92 -29.95
C GLN F 43 35.88 10.52 -28.57
N LYS F 44 35.42 11.77 -28.50
CA LYS F 44 35.38 12.49 -27.25
C LYS F 44 34.20 11.88 -26.52
N SER F 45 33.14 11.61 -27.28
CA SER F 45 31.93 11.01 -26.74
C SER F 45 32.23 9.79 -25.91
N ALA F 46 32.87 8.80 -26.52
CA ALA F 46 33.21 7.59 -25.81
C ALA F 46 33.99 7.93 -24.54
N VAL F 47 35.07 8.67 -24.71
CA VAL F 47 35.92 9.05 -23.59
C VAL F 47 35.20 9.83 -22.50
N THR F 48 34.34 10.76 -22.89
CA THR F 48 33.60 11.54 -21.91
C THR F 48 32.68 10.64 -21.11
N GLU F 49 31.89 9.85 -21.81
CA GLU F 49 30.99 8.96 -21.14
C GLU F 49 31.77 8.05 -20.20
N TYR F 50 32.80 7.37 -20.72
CA TYR F 50 33.56 6.49 -19.85
C TYR F 50 33.99 7.17 -18.56
N TYR F 51 34.52 8.39 -18.67
CA TYR F 51 34.94 9.13 -17.49
C TYR F 51 33.80 9.47 -16.51
N LEU F 52 32.74 10.09 -17.03
CA LEU F 52 31.60 10.45 -16.19
C LEU F 52 30.91 9.24 -15.55
N ASN F 53 30.85 8.14 -16.27
CA ASN F 53 30.21 6.95 -15.71
C ASN F 53 31.09 6.24 -14.67
N HIS F 54 32.40 6.26 -14.84
CA HIS F 54 33.29 5.57 -13.92
C HIS F 54 34.23 6.43 -13.07
N GLY F 55 34.48 7.67 -13.49
CA GLY F 55 35.37 8.51 -12.72
C GLY F 55 36.83 8.20 -12.97
N LYS F 56 37.10 7.39 -13.98
CA LYS F 56 38.46 7.03 -14.38
C LYS F 56 38.54 7.19 -15.90
N TRP F 57 39.67 7.68 -16.41
CA TRP F 57 39.83 7.88 -17.85
C TRP F 57 40.05 6.55 -18.53
N PRO F 58 39.46 6.36 -19.73
CA PRO F 58 39.65 5.08 -20.43
C PRO F 58 41.12 4.83 -20.76
N GLU F 59 41.63 3.69 -20.32
CA GLU F 59 43.04 3.36 -20.56
C GLU F 59 43.45 3.24 -22.01
N ASN F 60 42.57 2.64 -22.82
CA ASN F 60 42.84 2.45 -24.24
C ASN F 60 41.56 2.43 -25.05
N ASN F 61 41.69 2.35 -26.38
CA ASN F 61 40.53 2.35 -27.26
C ASN F 61 39.41 1.39 -26.85
N THR F 62 39.79 0.16 -26.52
CA THR F 62 38.82 -0.86 -26.13
C THR F 62 38.07 -0.43 -24.88
N SER F 63 38.79 0.14 -23.92
CA SER F 63 38.14 0.62 -22.72
C SER F 63 37.12 1.68 -23.10
N ALA F 64 37.52 2.60 -23.97
CA ALA F 64 36.63 3.68 -24.38
C ALA F 64 35.48 3.16 -25.24
N GLY F 65 35.61 1.92 -25.68
CA GLY F 65 34.58 1.32 -26.50
C GLY F 65 34.66 1.84 -27.91
N VAL F 66 35.84 1.70 -28.51
CA VAL F 66 36.07 2.13 -29.89
C VAL F 66 36.97 1.11 -30.53
N ALA F 67 37.03 1.12 -31.86
CA ALA F 67 37.86 0.19 -32.61
C ALA F 67 39.06 -0.19 -31.76
N SER F 68 38.97 -1.36 -31.14
CA SER F 68 40.02 -1.86 -30.26
C SER F 68 41.41 -1.67 -30.84
N SER F 69 41.47 -1.44 -32.14
CA SER F 69 42.76 -1.29 -32.82
C SER F 69 42.99 0.16 -33.27
N PRO F 70 44.03 0.82 -32.74
CA PRO F 70 44.33 2.21 -33.11
C PRO F 70 44.30 2.41 -34.62
N THR F 71 44.94 1.49 -35.32
CA THR F 71 45.02 1.50 -36.77
C THR F 71 43.66 1.38 -37.45
N ASP F 72 42.64 1.08 -36.68
CA ASP F 72 41.31 0.96 -37.26
C ASP F 72 40.60 2.31 -37.27
N ILE F 73 41.26 3.32 -36.69
CA ILE F 73 40.71 4.67 -36.66
C ILE F 73 41.61 5.61 -37.48
N LYS F 74 41.98 5.13 -38.66
CA LYS F 74 42.83 5.89 -39.55
C LYS F 74 42.03 6.60 -40.63
N GLY F 75 42.76 7.35 -41.46
CA GLY F 75 42.13 8.08 -42.54
C GLY F 75 43.07 8.19 -43.72
N LYS F 76 42.85 9.21 -44.54
CA LYS F 76 43.65 9.46 -45.72
C LYS F 76 45.02 9.99 -45.32
N TYR F 77 45.04 10.93 -44.39
CA TYR F 77 46.26 11.53 -43.91
C TYR F 77 46.53 11.05 -42.50
N VAL F 78 45.54 10.35 -41.93
CA VAL F 78 45.65 9.85 -40.58
C VAL F 78 46.00 8.38 -40.57
N LYS F 79 47.13 8.05 -39.97
CA LYS F 79 47.58 6.68 -39.89
C LYS F 79 46.91 5.97 -38.72
N GLU F 80 46.28 6.75 -37.83
CA GLU F 80 45.57 6.20 -36.68
C GLU F 80 45.14 7.22 -35.63
N VAL F 81 44.52 6.70 -34.58
CA VAL F 81 44.03 7.48 -33.46
C VAL F 81 43.97 6.54 -32.26
N GLU F 82 44.79 6.83 -31.26
CA GLU F 82 44.86 6.02 -30.06
C GLU F 82 44.41 6.77 -28.83
N VAL F 83 43.69 6.07 -27.96
CA VAL F 83 43.21 6.64 -26.72
C VAL F 83 44.13 6.08 -25.67
N LYS F 84 44.83 6.96 -24.97
CA LYS F 84 45.76 6.54 -23.93
C LYS F 84 45.43 7.32 -22.67
N ASN F 85 44.68 6.68 -21.78
CA ASN F 85 44.22 7.27 -20.52
C ASN F 85 43.40 8.54 -20.74
N GLY F 86 42.40 8.43 -21.60
CA GLY F 86 41.53 9.56 -21.90
C GLY F 86 42.08 10.52 -22.93
N VAL F 87 43.40 10.50 -23.14
CA VAL F 87 44.04 11.36 -24.13
C VAL F 87 43.90 10.69 -25.48
N VAL F 88 43.40 11.42 -26.47
CA VAL F 88 43.25 10.86 -27.79
C VAL F 88 44.24 11.53 -28.72
N THR F 89 45.17 10.75 -29.25
CA THR F 89 46.22 11.25 -30.13
C THR F 89 45.99 10.81 -31.57
N ALA F 90 46.19 11.70 -32.53
CA ALA F 90 45.99 11.35 -33.93
C ALA F 90 47.31 11.42 -34.68
N THR F 91 47.67 10.33 -35.35
CA THR F 91 48.92 10.29 -36.11
C THR F 91 48.70 10.52 -37.59
N MET F 92 49.58 11.32 -38.18
CA MET F 92 49.52 11.63 -39.60
C MET F 92 50.19 10.52 -40.38
N LEU F 93 49.52 10.04 -41.42
CA LEU F 93 50.05 8.98 -42.27
C LEU F 93 51.45 9.37 -42.77
N SER F 94 51.99 8.59 -43.69
CA SER F 94 53.30 8.89 -44.25
C SER F 94 53.14 9.14 -45.74
N SER F 95 52.01 8.70 -46.28
CA SER F 95 51.71 8.86 -47.70
C SER F 95 50.45 9.69 -47.92
N GLY F 96 50.54 10.68 -48.79
CA GLY F 96 49.40 11.53 -49.10
C GLY F 96 49.35 12.83 -48.32
N VAL F 97 50.41 13.12 -47.58
CA VAL F 97 50.45 14.36 -46.78
C VAL F 97 51.54 15.36 -47.21
N ASN F 98 51.57 16.49 -46.53
CA ASN F 98 52.53 17.56 -46.82
C ASN F 98 53.94 17.02 -47.00
N ASN F 99 54.76 17.17 -45.98
CA ASN F 99 56.14 16.71 -46.03
C ASN F 99 56.76 16.94 -44.65
N GLU F 100 56.31 18.00 -43.98
CA GLU F 100 56.85 18.29 -42.66
C GLU F 100 55.79 18.02 -41.61
N ILE F 101 54.79 17.22 -41.96
CA ILE F 101 53.74 16.87 -41.01
C ILE F 101 53.42 15.37 -40.94
N LYS F 102 53.99 14.58 -41.83
CA LYS F 102 53.72 13.14 -41.82
C LYS F 102 54.36 12.45 -40.64
N GLY F 103 53.68 11.42 -40.15
CA GLY F 103 54.18 10.70 -38.99
C GLY F 103 54.11 11.62 -37.79
N LYS F 104 53.50 12.78 -37.97
CA LYS F 104 53.39 13.73 -36.87
C LYS F 104 51.99 13.68 -36.29
N LYS F 105 51.85 14.05 -35.02
CA LYS F 105 50.55 13.99 -34.39
C LYS F 105 50.16 15.07 -33.37
N LEU F 106 48.88 15.06 -33.01
CA LEU F 106 48.31 15.98 -32.03
C LEU F 106 47.49 15.19 -30.99
N SER F 107 47.00 15.88 -29.96
CA SER F 107 46.23 15.21 -28.92
C SER F 107 45.05 16.03 -28.46
N LEU F 108 44.06 15.32 -27.95
CA LEU F 108 42.84 15.90 -27.42
C LEU F 108 42.80 15.27 -26.05
N TRP F 109 42.61 16.08 -25.02
CA TRP F 109 42.54 15.54 -23.68
C TRP F 109 41.52 16.36 -22.96
N ALA F 110 41.01 15.85 -21.87
CA ALA F 110 40.00 16.58 -21.15
C ALA F 110 40.36 16.79 -19.71
N ARG F 111 39.52 17.52 -19.01
CA ARG F 111 39.75 17.82 -17.62
C ARG F 111 38.44 17.76 -16.87
N ARG F 112 38.49 17.19 -15.67
CA ARG F 112 37.32 17.08 -14.83
C ARG F 112 36.81 18.47 -14.48
N GLU F 113 35.54 18.74 -14.80
CA GLU F 113 34.97 20.02 -14.43
C GLU F 113 34.18 19.79 -13.15
N ASN F 114 33.96 18.52 -12.85
CA ASN F 114 33.19 18.08 -11.69
C ASN F 114 31.74 18.06 -12.13
N GLY F 115 31.29 16.90 -12.60
CA GLY F 115 29.93 16.77 -13.09
C GLY F 115 29.93 16.79 -14.61
N SER F 116 31.06 17.23 -15.17
CA SER F 116 31.25 17.29 -16.61
C SER F 116 32.76 17.51 -16.84
N VAL F 117 33.16 17.53 -18.11
CA VAL F 117 34.56 17.76 -18.44
C VAL F 117 34.67 18.77 -19.58
N LYS F 118 35.85 19.35 -19.74
CA LYS F 118 36.10 20.29 -20.81
C LYS F 118 37.26 19.74 -21.66
N TRP F 119 37.12 19.84 -22.97
CA TRP F 119 38.16 19.33 -23.86
C TRP F 119 39.15 20.35 -24.41
N PHE F 120 40.37 19.87 -24.63
CA PHE F 120 41.43 20.71 -25.16
C PHE F 120 41.94 20.04 -26.41
N CYS F 121 42.61 20.82 -27.26
CA CYS F 121 43.15 20.32 -28.51
C CYS F 121 44.49 21.01 -28.74
N GLY F 122 45.52 20.23 -29.01
CA GLY F 122 46.83 20.82 -29.23
C GLY F 122 47.90 19.82 -29.60
N GLN F 123 49.15 20.14 -29.27
CA GLN F 123 50.27 19.27 -29.59
C GLN F 123 50.32 18.13 -28.58
N PRO F 124 50.68 16.92 -29.03
CA PRO F 124 50.78 15.70 -28.24
C PRO F 124 51.03 15.89 -26.76
N VAL F 125 50.29 15.16 -25.94
CA VAL F 125 50.46 15.25 -24.50
C VAL F 125 50.30 13.86 -23.87
N THR F 126 50.84 13.69 -22.68
CA THR F 126 50.75 12.42 -21.97
C THR F 126 49.97 12.66 -20.70
N ARG F 127 49.21 11.69 -20.22
CA ARG F 127 48.50 11.93 -18.98
C ARG F 127 49.35 11.47 -17.80
N THR F 128 49.43 12.33 -16.79
CA THR F 128 50.20 12.03 -15.60
C THR F 128 49.23 11.46 -14.58
N ASP F 129 48.34 12.29 -14.07
CA ASP F 129 47.33 11.86 -13.13
C ASP F 129 45.94 12.17 -13.71
N ASP F 130 44.88 11.78 -13.02
CA ASP F 130 43.53 11.97 -13.57
C ASP F 130 43.16 13.40 -13.93
N ASP F 131 43.98 14.34 -13.51
CA ASP F 131 43.68 15.73 -13.81
C ASP F 131 44.91 16.50 -14.24
N THR F 132 45.86 15.81 -14.86
CA THR F 132 47.09 16.44 -15.28
C THR F 132 47.77 15.65 -16.39
N VAL F 133 48.17 16.38 -17.44
CA VAL F 133 48.86 15.80 -18.58
C VAL F 133 50.11 16.65 -18.80
N ALA F 134 50.98 16.23 -19.71
CA ALA F 134 52.21 16.99 -19.98
C ALA F 134 52.68 16.75 -21.39
N ASP F 135 53.45 17.71 -21.91
CA ASP F 135 53.96 17.63 -23.26
C ASP F 135 54.63 16.31 -23.53
N ALA F 136 54.19 15.63 -24.58
CA ALA F 136 54.79 14.39 -24.96
C ALA F 136 55.98 14.84 -25.81
N LYS F 137 56.81 15.69 -25.22
CA LYS F 137 58.00 16.21 -25.91
C LYS F 137 58.84 15.08 -26.47
N ASP F 138 58.98 15.03 -27.79
CA ASP F 138 59.75 13.96 -28.40
C ASP F 138 60.19 14.29 -29.82
N GLY F 139 59.57 15.30 -30.43
CA GLY F 139 59.94 15.70 -31.78
C GLY F 139 58.98 15.37 -32.92
N LYS F 140 57.90 14.64 -32.63
CA LYS F 140 56.96 14.28 -33.68
C LYS F 140 55.64 15.08 -33.62
N GLU F 141 55.64 16.19 -32.89
CA GLU F 141 54.45 17.01 -32.80
C GLU F 141 54.21 17.83 -34.05
N ILE F 142 52.95 17.94 -34.47
CA ILE F 142 52.64 18.73 -35.64
C ILE F 142 52.94 20.17 -35.25
N ASP F 143 53.72 20.84 -36.10
CA ASP F 143 54.16 22.21 -35.94
C ASP F 143 53.04 23.21 -35.75
N THR F 144 53.20 24.10 -34.78
CA THR F 144 52.17 25.10 -34.52
C THR F 144 51.57 25.74 -35.77
N LYS F 145 52.39 26.02 -36.78
CA LYS F 145 51.87 26.65 -37.98
C LYS F 145 50.78 25.86 -38.68
N HIS F 146 50.77 24.54 -38.49
CA HIS F 146 49.77 23.70 -39.15
C HIS F 146 48.51 23.47 -38.33
N LEU F 147 48.50 23.99 -37.11
CA LEU F 147 47.35 23.81 -36.25
C LEU F 147 46.36 24.97 -36.24
N PRO F 148 45.06 24.66 -36.32
CA PRO F 148 44.00 25.65 -36.32
C PRO F 148 44.16 26.57 -35.12
N SER F 149 43.40 27.65 -35.11
CA SER F 149 43.42 28.60 -34.01
C SER F 149 42.70 27.93 -32.82
N THR F 150 41.82 26.99 -33.13
CA THR F 150 41.07 26.29 -32.11
C THR F 150 41.82 25.11 -31.53
N CYS F 151 43.06 24.89 -31.97
CA CYS F 151 43.81 23.76 -31.44
C CYS F 151 45.22 24.18 -31.08
N ARG F 152 45.31 25.28 -30.34
CA ARG F 152 46.59 25.83 -29.89
C ARG F 152 46.73 25.62 -28.39
N ASP F 153 45.99 24.70 -27.80
CA ASP F 153 46.06 24.49 -26.35
C ASP F 153 47.37 23.90 -25.78
N ASN F 154 47.80 24.46 -24.65
CA ASN F 154 49.00 24.01 -23.94
C ASN F 154 48.67 22.96 -22.89
N PHE F 155 49.66 22.13 -22.56
CA PHE F 155 49.48 21.07 -21.60
C PHE F 155 48.78 21.54 -20.31
N ASP F 156 49.00 22.79 -19.91
CA ASP F 156 48.37 23.27 -18.68
C ASP F 156 47.16 24.18 -18.86
N ALA F 157 46.54 24.12 -20.03
CA ALA F 157 45.36 24.94 -20.28
C ALA F 157 44.28 24.51 -19.30
N LYS F 158 43.52 25.47 -18.79
CA LYS F 158 42.44 25.11 -17.87
C LYS F 158 41.15 25.70 -18.41
N MEA G 1 62.71 46.10 -94.82
CA MEA G 1 63.62 47.20 -94.37
C MEA G 1 63.49 47.50 -92.87
O MEA G 1 64.46 47.94 -92.24
CB MEA G 1 63.41 48.49 -95.22
CG MEA G 1 62.02 49.08 -95.13
CD1 MEA G 1 60.90 48.34 -95.51
CE1 MEA G 1 59.62 48.88 -95.45
CZ MEA G 1 59.45 50.20 -95.01
CE2 MEA G 1 60.56 50.95 -94.64
CD2 MEA G 1 61.84 50.40 -94.70
N THR G 2 62.31 47.24 -92.30
CA THR G 2 62.01 47.67 -90.92
C THR G 2 61.11 46.76 -90.07
N LEU G 3 59.81 46.79 -90.36
CA LEU G 3 58.75 46.46 -89.40
C LEU G 3 58.63 44.96 -89.07
N ILE G 4 59.40 44.52 -88.08
CA ILE G 4 59.34 43.11 -87.66
C ILE G 4 58.97 42.96 -86.17
N GLU G 5 59.03 44.06 -85.43
CA GLU G 5 58.70 44.06 -84.01
C GLU G 5 57.20 43.87 -83.79
N LEU G 6 56.39 44.47 -84.67
CA LEU G 6 54.94 44.32 -84.63
C LEU G 6 54.52 42.94 -85.13
N MET G 7 55.23 42.44 -86.13
CA MET G 7 54.92 41.16 -86.76
C MET G 7 55.27 39.95 -85.89
N ILE G 8 56.41 40.03 -85.19
CA ILE G 8 56.83 38.93 -84.30
C ILE G 8 56.03 38.92 -83.01
N VAL G 9 55.79 40.09 -82.42
CA VAL G 9 55.06 40.21 -81.16
C VAL G 9 53.56 39.89 -81.30
N ILE G 10 53.00 40.05 -82.50
CA ILE G 10 51.63 39.58 -82.76
C ILE G 10 51.61 38.07 -82.95
N ALA G 11 52.75 37.51 -83.36
CA ALA G 11 52.89 36.08 -83.63
C ALA G 11 53.46 35.30 -82.45
N ILE G 12 53.94 36.01 -81.43
CA ILE G 12 54.34 35.36 -80.17
C ILE G 12 53.16 35.27 -79.20
N VAL G 13 52.23 36.22 -79.29
CA VAL G 13 50.99 36.20 -78.51
C VAL G 13 50.04 35.15 -79.09
N GLY G 14 50.10 34.97 -80.41
CA GLY G 14 49.35 33.94 -81.11
C GLY G 14 49.79 32.54 -80.69
N ILE G 15 51.11 32.31 -80.66
CA ILE G 15 51.65 31.03 -80.22
C ILE G 15 51.60 30.86 -78.70
N LEU G 16 51.54 31.98 -77.98
CA LEU G 16 51.39 31.97 -76.52
C LEU G 16 50.00 31.45 -76.14
N ALA G 17 49.00 31.82 -76.94
CA ALA G 17 47.63 31.35 -76.76
C ALA G 17 47.52 29.85 -77.06
N ALA G 18 48.29 29.39 -78.05
CA ALA G 18 48.32 27.98 -78.43
C ALA G 18 48.99 27.11 -77.36
N VAL G 19 49.96 27.68 -76.65
CA VAL G 19 50.63 27.00 -75.54
C VAL G 19 49.75 27.09 -74.27
N ALA G 20 49.05 28.20 -74.11
CA ALA G 20 48.14 28.40 -72.99
C ALA G 20 46.79 27.71 -73.21
N LEU G 21 46.60 27.15 -74.40
CA LEU G 21 45.35 26.50 -74.78
C LEU G 21 45.10 25.16 -74.04
N PRO G 22 46.05 24.22 -74.07
CA PRO G 22 45.87 22.93 -73.38
C PRO G 22 45.91 23.04 -71.85
N ALA G 23 46.61 24.05 -71.33
CA ALA G 23 46.68 24.28 -69.88
C ALA G 23 45.34 24.73 -69.31
N TYR G 24 44.70 25.67 -70.01
CA TYR G 24 43.38 26.18 -69.64
C TYR G 24 42.29 25.15 -69.96
N GLN G 25 42.50 24.38 -71.03
CA GLN G 25 41.62 23.26 -71.38
C GLN G 25 41.76 22.08 -70.42
N ASP G 26 42.93 21.97 -69.78
CA ASP G 26 42.62 20.64 -68.66
C ASP G 26 42.32 21.26 -67.31
N TYR G 27 42.85 22.46 -67.06
CA TYR G 27 42.58 23.13 -65.81
C TYR G 27 41.08 23.31 -65.81
N THR G 28 40.57 23.65 -66.98
CA THR G 28 39.15 23.87 -67.16
C THR G 28 38.31 22.63 -66.91
N ALA G 29 38.64 21.53 -67.59
CA ALA G 29 37.91 20.28 -67.43
C ALA G 29 37.99 19.78 -66.00
N ARG G 30 39.20 19.85 -65.45
CA ARG G 30 39.48 19.42 -64.09
C ARG G 30 38.63 20.23 -63.15
N ALA G 31 38.20 21.41 -63.59
CA ALA G 31 37.38 22.29 -62.77
C ALA G 31 35.90 21.90 -62.85
N GLN G 32 35.49 21.47 -64.04
CA GLN G 32 34.12 21.06 -64.31
C GLN G 32 33.81 19.69 -63.69
N VAL G 33 34.87 18.94 -63.40
CA VAL G 33 34.70 17.64 -62.78
C VAL G 33 34.64 17.81 -61.28
N SER G 34 35.40 18.78 -60.77
CA SER G 34 35.42 19.04 -59.34
C SER G 34 34.04 19.39 -58.82
N GLU G 35 33.14 19.75 -59.74
CA GLU G 35 31.79 20.10 -59.35
C GLU G 35 30.88 18.91 -59.40
N ALA G 36 31.10 18.05 -60.40
CA ALA G 36 30.30 16.85 -60.50
C ALA G 36 30.48 16.15 -59.16
N ILE G 37 31.67 16.32 -58.59
CA ILE G 37 31.99 15.73 -57.32
C ILE G 37 31.25 16.40 -56.18
N LEU G 38 31.07 17.71 -56.26
CA LEU G 38 30.38 18.43 -55.19
C LEU G 38 28.90 18.15 -55.25
N LEU G 39 28.40 17.92 -56.45
CA LEU G 39 26.99 17.63 -56.64
C LEU G 39 26.71 16.21 -56.20
N ALA G 40 27.71 15.34 -56.33
CA ALA G 40 27.56 13.96 -55.95
C ALA G 40 27.53 13.90 -54.43
N GLU G 41 28.43 14.64 -53.80
CA GLU G 41 28.48 14.67 -52.34
C GLU G 41 27.25 15.44 -51.83
N GLY G 42 27.13 15.57 -50.52
CA GLY G 42 25.99 16.29 -49.97
C GLY G 42 24.72 15.48 -50.14
N GLN G 43 24.91 14.34 -50.79
CA GLN G 43 23.85 13.40 -51.03
C GLN G 43 24.33 12.14 -50.33
N LYS G 44 25.47 12.30 -49.67
CA LYS G 44 26.06 11.22 -48.92
C LYS G 44 25.21 11.14 -47.67
N SER G 45 24.84 12.30 -47.16
CA SER G 45 24.00 12.41 -45.96
C SER G 45 22.77 11.53 -46.07
N ALA G 46 21.97 11.77 -47.09
CA ALA G 46 20.76 10.99 -47.28
C ALA G 46 21.11 9.50 -47.31
N VAL G 47 22.04 9.13 -48.17
CA VAL G 47 22.44 7.75 -48.32
C VAL G 47 23.00 7.13 -47.04
N THR G 48 23.80 7.88 -46.31
CA THR G 48 24.36 7.36 -45.07
C THR G 48 23.26 7.08 -44.07
N GLU G 49 22.41 8.08 -43.86
CA GLU G 49 21.33 7.92 -42.93
C GLU G 49 20.47 6.73 -43.34
N TYR G 50 20.03 6.70 -44.60
CA TYR G 50 19.20 5.58 -45.02
C TYR G 50 19.83 4.24 -44.67
N TYR G 51 21.12 4.08 -44.94
CA TYR G 51 21.81 2.83 -44.63
C TYR G 51 21.87 2.51 -43.12
N LEU G 52 22.35 3.47 -42.32
CA LEU G 52 22.45 3.27 -40.88
C LEU G 52 21.09 3.03 -40.21
N ASN G 53 20.05 3.71 -40.70
CA ASN G 53 18.73 3.52 -40.11
C ASN G 53 18.08 2.19 -40.52
N HIS G 54 18.35 1.72 -41.72
CA HIS G 54 17.72 0.48 -42.19
C HIS G 54 18.65 -0.71 -42.44
N GLY G 55 19.93 -0.46 -42.64
CA GLY G 55 20.84 -1.57 -42.88
C GLY G 55 20.80 -2.03 -44.32
N LYS G 56 20.13 -1.27 -45.19
CA LYS G 56 20.04 -1.57 -46.62
C LYS G 56 20.35 -0.26 -47.35
N TRP G 57 21.06 -0.35 -48.48
CA TRP G 57 21.40 0.85 -49.25
C TRP G 57 20.20 1.35 -50.01
N PRO G 58 20.02 2.67 -50.09
CA PRO G 58 18.86 3.21 -50.82
C PRO G 58 18.89 2.80 -52.29
N GLU G 59 17.80 2.18 -52.75
CA GLU G 59 17.74 1.71 -54.14
C GLU G 59 17.81 2.81 -55.18
N ASN G 60 17.16 3.93 -54.91
CA ASN G 60 17.15 5.05 -55.84
C ASN G 60 16.99 6.38 -55.12
N ASN G 61 17.06 7.48 -55.85
CA ASN G 61 16.94 8.80 -55.27
C ASN G 61 15.78 8.98 -54.28
N THR G 62 14.60 8.51 -54.69
CA THR G 62 13.41 8.63 -53.86
C THR G 62 13.60 7.89 -52.55
N SER G 63 14.18 6.71 -52.61
CA SER G 63 14.45 5.96 -51.40
C SER G 63 15.35 6.76 -50.51
N ALA G 64 16.41 7.33 -51.08
CA ALA G 64 17.35 8.13 -50.31
C ALA G 64 16.73 9.42 -49.80
N GLY G 65 15.57 9.75 -50.36
CA GLY G 65 14.90 10.96 -49.95
C GLY G 65 15.54 12.17 -50.59
N VAL G 66 15.65 12.14 -51.92
CA VAL G 66 16.24 13.24 -52.66
C VAL G 66 15.44 13.38 -53.94
N ALA G 67 15.58 14.53 -54.60
CA ALA G 67 14.88 14.79 -55.84
C ALA G 67 14.62 13.47 -56.56
N SER G 68 13.40 12.98 -56.41
CA SER G 68 13.00 11.70 -57.00
C SER G 68 13.46 11.56 -58.44
N SER G 69 13.81 12.68 -59.06
CA SER G 69 14.23 12.67 -60.45
C SER G 69 15.73 12.95 -60.60
N PRO G 70 16.51 11.98 -61.14
CA PRO G 70 17.96 12.16 -61.30
C PRO G 70 18.29 13.50 -61.94
N THR G 71 17.54 13.82 -62.99
CA THR G 71 17.70 15.07 -63.73
C THR G 71 17.43 16.29 -62.89
N ASP G 72 16.90 16.10 -61.71
CA ASP G 72 16.61 17.25 -60.85
C ASP G 72 17.82 17.59 -60.00
N ILE G 73 18.88 16.77 -60.10
CA ILE G 73 20.11 16.99 -59.36
C ILE G 73 21.25 17.29 -60.34
N LYS G 74 20.95 18.15 -61.31
CA LYS G 74 21.91 18.54 -62.32
C LYS G 74 22.58 19.86 -62.00
N GLY G 75 23.50 20.24 -62.86
CA GLY G 75 24.21 21.49 -62.69
C GLY G 75 24.58 22.08 -64.04
N LYS G 76 25.63 22.90 -64.04
CA LYS G 76 26.12 23.57 -65.23
C LYS G 76 26.82 22.57 -66.13
N TYR G 77 27.67 21.73 -65.53
CA TYR G 77 28.41 20.73 -66.26
C TYR G 77 27.85 19.36 -65.92
N VAL G 78 26.95 19.33 -64.94
CA VAL G 78 26.35 18.10 -64.50
C VAL G 78 24.96 17.93 -65.06
N LYS G 79 24.77 16.87 -65.82
CA LYS G 79 23.49 16.58 -66.43
C LYS G 79 22.57 15.88 -65.44
N GLU G 80 23.16 15.38 -64.34
CA GLU G 80 22.40 14.71 -63.29
C GLU G 80 23.23 13.98 -62.24
N VAL G 81 22.53 13.35 -61.31
CA VAL G 81 23.12 12.60 -60.22
C VAL G 81 22.07 11.58 -59.78
N GLU G 82 22.40 10.30 -59.98
CA GLU G 82 21.50 9.21 -59.64
C GLU G 82 22.07 8.34 -58.53
N VAL G 83 21.18 7.92 -57.64
CA VAL G 83 21.54 7.05 -56.54
C VAL G 83 21.04 5.69 -56.95
N LYS G 84 21.96 4.75 -57.06
CA LYS G 84 21.61 3.39 -57.46
C LYS G 84 22.21 2.43 -56.44
N ASN G 85 21.38 2.01 -55.49
CA ASN G 85 21.77 1.11 -54.41
C ASN G 85 22.89 1.69 -53.57
N GLY G 86 22.71 2.93 -53.12
CA GLY G 86 23.70 3.60 -52.30
C GLY G 86 24.83 4.24 -53.07
N VAL G 87 25.03 3.81 -54.32
CA VAL G 87 26.09 4.36 -55.16
C VAL G 87 25.53 5.63 -55.80
N VAL G 88 26.25 6.73 -55.69
CA VAL G 88 25.80 7.97 -56.28
C VAL G 88 26.71 8.32 -57.44
N THR G 89 26.13 8.33 -58.64
CA THR G 89 26.88 8.62 -59.86
C THR G 89 26.53 9.99 -60.42
N ALA G 90 27.54 10.74 -60.87
CA ALA G 90 27.28 12.07 -61.41
C ALA G 90 27.63 12.10 -62.89
N THR G 91 26.68 12.53 -63.73
CA THR G 91 26.92 12.61 -65.17
C THR G 91 27.23 14.01 -65.62
N MET G 92 28.22 14.12 -66.50
CA MET G 92 28.65 15.39 -67.05
C MET G 92 27.73 15.77 -68.21
N LEU G 93 27.25 17.00 -68.20
CA LEU G 93 26.37 17.50 -69.25
C LEU G 93 27.03 17.27 -70.62
N SER G 94 26.44 17.82 -71.66
CA SER G 94 26.99 17.70 -73.00
C SER G 94 27.35 19.08 -73.51
N SER G 95 26.77 20.10 -72.86
CA SER G 95 27.02 21.49 -73.24
C SER G 95 27.64 22.29 -72.09
N GLY G 96 28.71 23.01 -72.39
CA GLY G 96 29.39 23.81 -71.39
C GLY G 96 30.59 23.15 -70.74
N VAL G 97 30.98 21.99 -71.25
CA VAL G 97 32.13 21.27 -70.69
C VAL G 97 33.33 21.13 -71.64
N ASN G 98 34.39 20.50 -71.15
CA ASN G 98 35.61 20.30 -71.92
C ASN G 98 35.33 19.80 -73.32
N ASN G 99 35.52 18.50 -73.53
CA ASN G 99 35.30 17.90 -74.83
C ASN G 99 35.50 16.40 -74.68
N GLU G 100 36.40 16.01 -73.79
CA GLU G 100 36.66 14.60 -73.58
C GLU G 100 36.12 14.17 -72.23
N ILE G 101 35.20 14.95 -71.68
CA ILE G 101 34.61 14.61 -70.39
C ILE G 101 33.08 14.71 -70.35
N LYS G 102 32.47 15.23 -71.42
CA LYS G 102 31.02 15.35 -71.44
C LYS G 102 30.33 14.01 -71.58
N GLY G 103 29.17 13.90 -70.95
CA GLY G 103 28.43 12.65 -70.98
C GLY G 103 29.21 11.63 -70.19
N LYS G 104 30.28 12.06 -69.53
CA LYS G 104 31.09 11.14 -68.75
C LYS G 104 30.76 11.30 -67.27
N LYS G 105 30.99 10.24 -66.49
CA LYS G 105 30.66 10.31 -65.08
C LYS G 105 31.56 9.59 -64.07
N LEU G 106 31.31 9.88 -62.79
CA LEU G 106 32.03 9.29 -61.68
C LEU G 106 31.03 8.75 -60.63
N SER G 107 31.53 8.08 -59.60
CA SER G 107 30.66 7.54 -58.57
C SER G 107 31.23 7.69 -57.18
N LEU G 108 30.33 7.71 -56.22
CA LEU G 108 30.64 7.81 -54.82
C LEU G 108 29.90 6.63 -54.26
N TRP G 109 30.57 5.82 -53.47
CA TRP G 109 29.90 4.67 -52.88
C TRP G 109 30.48 4.52 -51.51
N ALA G 110 29.79 3.80 -50.66
CA ALA G 110 30.29 3.65 -49.31
C ALA G 110 30.42 2.20 -48.92
N ARG G 111 30.94 1.98 -47.72
CA ARG G 111 31.14 0.65 -47.22
C ARG G 111 30.79 0.61 -45.75
N ARG G 112 30.14 -0.47 -45.35
CA ARG G 112 29.77 -0.66 -43.96
C ARG G 112 31.01 -0.73 -43.09
N GLU G 113 31.10 0.15 -42.10
CA GLU G 113 32.23 0.09 -41.20
C GLU G 113 31.76 -0.65 -39.96
N ASN G 114 30.45 -0.80 -39.87
CA ASN G 114 29.79 -1.46 -38.74
C ASN G 114 29.57 -0.39 -37.70
N GLY G 115 28.41 0.24 -37.74
CA GLY G 115 28.11 1.32 -36.81
C GLY G 115 28.25 2.65 -37.52
N SER G 116 28.92 2.61 -38.67
CA SER G 116 29.15 3.78 -39.50
C SER G 116 29.63 3.28 -40.87
N VAL G 117 29.83 4.21 -41.80
CA VAL G 117 30.30 3.84 -43.12
C VAL G 117 31.42 4.78 -43.56
N LYS G 118 32.20 4.36 -44.55
CA LYS G 118 33.26 5.18 -45.09
C LYS G 118 32.99 5.39 -46.58
N TRP G 119 33.18 6.60 -47.06
CA TRP G 119 32.93 6.90 -48.47
C TRP G 119 34.14 6.91 -49.40
N PHE G 120 33.90 6.53 -50.64
CA PHE G 120 34.93 6.48 -51.64
C PHE G 120 34.48 7.34 -52.80
N CYS G 121 35.44 7.77 -53.62
CA CYS G 121 35.14 8.62 -54.76
C CYS G 121 36.05 8.19 -55.90
N GLY G 122 35.47 7.94 -57.07
CA GLY G 122 36.30 7.51 -58.19
C GLY G 122 35.52 7.33 -59.48
N GLN G 123 36.01 6.45 -60.34
CA GLN G 123 35.37 6.19 -61.62
C GLN G 123 34.16 5.29 -61.41
N PRO G 124 33.07 5.52 -62.16
CA PRO G 124 31.81 4.78 -62.10
C PRO G 124 31.92 3.35 -61.60
N VAL G 125 31.00 2.99 -60.71
CA VAL G 125 30.98 1.64 -60.18
C VAL G 125 29.54 1.16 -60.01
N THR G 126 29.35 -0.15 -59.94
CA THR G 126 28.02 -0.73 -59.77
C THR G 126 28.02 -1.47 -58.46
N ARG G 127 26.89 -1.52 -57.76
CA ARG G 127 26.90 -2.29 -56.53
C ARG G 127 26.48 -3.73 -56.80
N THR G 128 27.24 -4.66 -56.24
CA THR G 128 26.97 -6.07 -56.40
C THR G 128 26.16 -6.51 -55.20
N ASP G 129 26.79 -6.53 -54.03
CA ASP G 129 26.11 -6.88 -52.81
C ASP G 129 26.24 -5.70 -51.81
N ASP G 130 25.62 -5.81 -50.65
CA ASP G 130 25.63 -4.69 -49.71
C ASP G 130 27.02 -4.21 -49.29
N ASP G 131 28.04 -4.96 -49.62
CA ASP G 131 29.38 -4.56 -49.24
C ASP G 131 30.38 -4.78 -50.36
N THR G 132 29.90 -4.68 -51.61
CA THR G 132 30.77 -4.89 -52.74
C THR G 132 30.21 -4.23 -54.00
N VAL G 133 31.07 -3.50 -54.69
CA VAL G 133 30.73 -2.82 -55.93
C VAL G 133 31.78 -3.21 -56.95
N ALA G 134 31.60 -2.82 -58.21
CA ALA G 134 32.56 -3.18 -59.26
C ALA G 134 32.54 -2.15 -60.36
N ASP G 135 33.64 -2.07 -61.10
CA ASP G 135 33.78 -1.12 -62.18
C ASP G 135 32.61 -1.20 -63.13
N ALA G 136 31.97 -0.06 -63.36
CA ALA G 136 30.88 0.00 -64.29
C ALA G 136 31.60 0.18 -65.63
N LYS G 137 32.51 -0.74 -65.93
CA LYS G 137 33.28 -0.69 -67.18
C LYS G 137 32.35 -0.59 -68.37
N ASP G 138 32.46 0.50 -69.12
CA ASP G 138 31.59 0.67 -70.27
C ASP G 138 32.11 1.72 -71.25
N GLY G 139 33.06 2.54 -70.80
CA GLY G 139 33.64 3.55 -71.67
C GLY G 139 33.25 5.01 -71.44
N LYS G 140 32.34 5.28 -70.51
CA LYS G 140 31.92 6.65 -70.25
C LYS G 140 32.49 7.21 -68.92
N GLU G 141 33.51 6.57 -68.38
CA GLU G 141 34.12 7.05 -67.15
C GLU G 141 34.99 8.27 -67.37
N ILE G 142 34.93 9.23 -66.46
CA ILE G 142 35.77 10.41 -66.58
C ILE G 142 37.21 9.91 -66.40
N ASP G 143 38.05 10.30 -67.35
CA ASP G 143 39.46 9.94 -67.40
C ASP G 143 40.24 10.30 -66.16
N THR G 144 41.06 9.37 -65.68
CA THR G 144 41.85 9.63 -64.48
C THR G 144 42.49 11.02 -64.41
N LYS G 145 42.98 11.51 -65.55
CA LYS G 145 43.64 12.81 -65.54
C LYS G 145 42.74 13.94 -65.08
N HIS G 146 41.43 13.79 -65.21
CA HIS G 146 40.51 14.84 -64.82
C HIS G 146 40.00 14.71 -63.38
N LEU G 147 40.40 13.64 -62.71
CA LEU G 147 39.94 13.43 -61.35
C LEU G 147 40.93 13.89 -60.28
N PRO G 148 40.42 14.58 -59.25
CA PRO G 148 41.22 15.08 -58.14
C PRO G 148 42.04 13.95 -57.54
N SER G 149 42.98 14.30 -56.69
CA SER G 149 43.82 13.30 -56.02
C SER G 149 42.94 12.60 -54.96
N THR G 150 41.89 13.30 -54.52
CA THR G 150 40.99 12.75 -53.53
C THR G 150 39.91 11.90 -54.13
N CYS G 151 39.93 11.70 -55.45
CA CYS G 151 38.89 10.88 -56.07
C CYS G 151 39.51 9.88 -57.03
N ARG G 152 40.53 9.19 -56.55
CA ARG G 152 41.23 8.19 -57.36
C ARG G 152 40.92 6.80 -56.82
N ASP G 153 39.83 6.64 -56.07
CA ASP G 153 39.51 5.33 -55.50
C ASP G 153 39.10 4.20 -56.48
N ASN G 154 39.61 3.01 -56.23
CA ASN G 154 39.31 1.81 -57.02
C ASN G 154 38.12 1.05 -56.44
N PHE G 155 37.44 0.30 -57.29
CA PHE G 155 36.28 -0.46 -56.89
C PHE G 155 36.51 -1.27 -55.59
N ASP G 156 37.74 -1.73 -55.37
CA ASP G 156 38.00 -2.52 -54.16
C ASP G 156 38.71 -1.79 -53.03
N ALA G 157 38.66 -0.46 -53.05
CA ALA G 157 39.29 0.31 -51.99
C ALA G 157 38.61 -0.04 -50.68
N LYS G 158 39.37 -0.13 -49.60
CA LYS G 158 38.76 -0.42 -48.32
C LYS G 158 39.19 0.66 -47.34
N MEA H 1 69.67 57.67 -97.74
CA MEA H 1 70.86 56.84 -98.10
C MEA H 1 71.00 55.58 -97.24
O MEA H 1 71.53 54.57 -97.70
CB MEA H 1 72.16 57.67 -98.08
CG MEA H 1 72.51 58.26 -96.73
CD1 MEA H 1 71.64 59.13 -96.07
CE1 MEA H 1 71.96 59.67 -94.83
CZ MEA H 1 73.18 59.36 -94.24
CE2 MEA H 1 74.07 58.52 -94.88
CD2 MEA H 1 73.73 57.98 -96.12
N THR H 2 70.49 55.63 -95.99
CA THR H 2 70.75 54.56 -95.01
C THR H 2 69.63 54.24 -94.02
N LEU H 3 69.47 55.11 -93.02
CA LEU H 3 68.88 54.77 -91.72
C LEU H 3 67.37 54.54 -91.74
N ILE H 4 66.96 53.31 -92.03
CA ILE H 4 65.54 52.96 -92.04
C ILE H 4 65.19 51.84 -91.05
N GLU H 5 66.21 51.14 -90.56
CA GLU H 5 66.03 50.05 -89.61
C GLU H 5 65.58 50.58 -88.25
N LEU H 6 66.12 51.73 -87.85
CA LEU H 6 65.73 52.38 -86.60
C LEU H 6 64.36 53.03 -86.72
N MET H 7 64.06 53.57 -87.90
CA MET H 7 62.81 54.28 -88.16
C MET H 7 61.61 53.35 -88.29
N ILE H 8 61.79 52.19 -88.94
CA ILE H 8 60.71 51.22 -89.09
C ILE H 8 60.45 50.46 -87.80
N VAL H 9 61.52 50.05 -87.10
CA VAL H 9 61.39 49.28 -85.86
C VAL H 9 60.85 50.12 -84.68
N ILE H 10 61.03 51.44 -84.72
CA ILE H 10 60.37 52.31 -83.75
C ILE H 10 58.88 52.51 -84.11
N ALA H 11 58.57 52.33 -85.39
CA ALA H 11 57.21 52.50 -85.90
C ALA H 11 56.43 51.19 -85.98
N ILE H 12 57.11 50.06 -85.80
CA ILE H 12 56.42 48.77 -85.67
C ILE H 12 56.06 48.48 -84.22
N VAL H 13 56.85 48.99 -83.28
CA VAL H 13 56.56 48.89 -81.85
C VAL H 13 55.42 49.86 -81.49
N GLY H 14 55.37 50.99 -82.20
CA GLY H 14 54.30 51.95 -82.06
C GLY H 14 52.96 51.39 -82.50
N ILE H 15 52.95 50.74 -83.67
CA ILE H 15 51.74 50.09 -84.18
C ILE H 15 51.43 48.78 -83.45
N LEU H 16 52.45 48.17 -82.87
CA LEU H 16 52.28 46.96 -82.06
C LEU H 16 51.51 47.28 -80.78
N ALA H 17 51.78 48.46 -80.21
CA ALA H 17 51.08 48.95 -79.03
C ALA H 17 49.62 49.28 -79.35
N ALA H 18 49.38 49.78 -80.56
CA ALA H 18 48.04 50.11 -81.04
C ALA H 18 47.19 48.85 -81.27
N VAL H 19 47.85 47.76 -81.68
CA VAL H 19 47.19 46.47 -81.87
C VAL H 19 47.01 45.76 -80.51
N ALA H 20 47.98 45.96 -79.61
CA ALA H 20 47.92 45.39 -78.27
C ALA H 20 47.05 46.23 -77.33
N LEU H 21 46.57 47.37 -77.83
CA LEU H 21 45.76 48.31 -77.04
C LEU H 21 44.35 47.77 -76.73
N PRO H 22 43.57 47.35 -77.75
CA PRO H 22 42.23 46.82 -77.50
C PRO H 22 42.19 45.47 -76.81
N ALA H 23 43.25 44.67 -76.98
CA ALA H 23 43.36 43.36 -76.33
C ALA H 23 43.54 43.50 -74.82
N TYR H 24 44.41 44.42 -74.42
CA TYR H 24 44.67 44.72 -73.01
C TYR H 24 43.50 45.52 -72.41
N GLN H 25 42.88 46.35 -73.23
CA GLN H 25 41.67 47.09 -72.83
C GLN H 25 40.45 46.17 -72.73
N ASP H 26 40.47 45.06 -73.46
CA ASP H 26 39.01 44.22 -72.92
C ASP H 26 39.45 43.18 -71.92
N TYR H 27 40.69 42.70 -72.04
CA TYR H 27 41.19 41.73 -71.10
C TYR H 27 41.13 42.44 -69.77
N THR H 28 41.48 43.71 -69.80
CA THR H 28 41.49 44.54 -68.62
C THR H 28 40.10 44.71 -68.01
N ALA H 29 39.15 45.15 -68.82
CA ALA H 29 37.78 45.38 -68.34
C ALA H 29 37.18 44.08 -67.84
N ARG H 30 37.39 43.03 -68.62
CA ARG H 30 36.88 41.70 -68.31
C ARG H 30 37.46 41.26 -66.99
N ALA H 31 38.59 41.84 -66.61
CA ALA H 31 39.24 41.52 -65.34
C ALA H 31 38.63 42.29 -64.17
N GLN H 32 38.25 43.54 -64.45
CA GLN H 32 37.65 44.43 -63.46
C GLN H 32 36.19 44.02 -63.17
N VAL H 33 35.60 43.27 -64.08
CA VAL H 33 34.23 42.81 -63.90
C VAL H 33 34.26 41.51 -63.11
N SER H 34 35.29 40.71 -63.35
CA SER H 34 35.41 39.44 -62.65
C SER H 34 35.49 39.64 -61.16
N GLU H 35 35.78 40.87 -60.74
CA GLU H 35 35.87 41.16 -59.33
C GLU H 35 34.56 41.64 -58.78
N ALA H 36 33.84 42.41 -59.60
CA ALA H 36 32.55 42.89 -59.17
C ALA H 36 31.76 41.63 -58.84
N ILE H 37 32.07 40.56 -59.57
CA ILE H 37 31.42 39.29 -59.37
C ILE H 37 31.86 38.63 -58.07
N LEU H 38 33.12 38.78 -57.71
CA LEU H 38 33.62 38.17 -56.48
C LEU H 38 33.11 38.93 -55.28
N LEU H 39 32.91 40.22 -55.45
CA LEU H 39 32.42 41.05 -54.37
C LEU H 39 30.93 40.81 -54.19
N ALA H 40 30.26 40.45 -55.27
CA ALA H 40 28.84 40.19 -55.23
C ALA H 40 28.64 38.86 -54.51
N GLU H 41 29.46 37.88 -54.84
CA GLU H 41 29.37 36.57 -54.20
C GLU H 41 29.87 36.70 -52.77
N GLY H 42 29.86 35.60 -52.02
CA GLY H 42 30.34 35.66 -50.64
C GLY H 42 29.35 36.42 -49.78
N GLN H 43 28.31 36.90 -50.45
CA GLN H 43 27.24 37.61 -49.83
C GLN H 43 26.02 36.77 -50.16
N LYS H 44 26.29 35.65 -50.81
CA LYS H 44 25.27 34.71 -51.17
C LYS H 44 24.93 34.02 -49.87
N SER H 45 25.97 33.74 -49.09
CA SER H 45 25.84 33.08 -47.80
C SER H 45 24.78 33.76 -46.93
N ALA H 46 24.98 35.04 -46.67
CA ALA H 46 24.03 35.78 -45.87
C ALA H 46 22.63 35.65 -46.45
N VAL H 47 22.50 35.98 -47.73
CA VAL H 47 21.21 35.91 -48.40
C VAL H 47 20.58 34.53 -48.40
N THR H 48 21.38 33.50 -48.62
CA THR H 48 20.85 32.14 -48.63
C THR H 48 20.31 31.78 -47.25
N GLU H 49 21.13 32.00 -46.24
CA GLU H 49 20.71 31.68 -44.90
C GLU H 49 19.44 32.47 -44.57
N TYR H 50 19.45 33.78 -44.78
CA TYR H 50 18.26 34.55 -44.47
C TYR H 50 17.00 33.94 -45.10
N TYR H 51 17.08 33.57 -46.37
CA TYR H 51 15.94 32.97 -47.06
C TYR H 51 15.50 31.61 -46.47
N LEU H 52 16.45 30.69 -46.33
CA LEU H 52 16.14 29.37 -45.78
C LEU H 52 15.63 29.42 -44.34
N ASN H 53 16.16 30.34 -43.55
CA ASN H 53 15.70 30.45 -42.16
C ASN H 53 14.33 31.12 -42.04
N HIS H 54 14.02 32.07 -42.91
CA HIS H 54 12.75 32.77 -42.82
C HIS H 54 11.75 32.56 -43.96
N GLY H 55 12.22 32.12 -45.12
CA GLY H 55 11.31 31.91 -46.23
C GLY H 55 10.97 33.20 -46.95
N LYS H 56 11.69 34.27 -46.63
CA LYS H 56 11.52 35.58 -47.26
C LYS H 56 12.91 36.08 -47.63
N TRP H 57 13.05 36.73 -48.79
CA TRP H 57 14.35 37.24 -49.23
C TRP H 57 14.71 38.48 -48.44
N PRO H 58 16.00 38.64 -48.08
CA PRO H 58 16.40 39.82 -47.31
C PRO H 58 16.13 41.10 -48.10
N GLU H 59 15.38 42.02 -47.49
CA GLU H 59 15.04 43.28 -48.17
C GLU H 59 16.23 44.16 -48.52
N ASN H 60 17.20 44.23 -47.60
CA ASN H 60 18.38 45.05 -47.82
C ASN H 60 19.60 44.49 -47.10
N ASN H 61 20.76 45.10 -47.30
CA ASN H 61 21.99 44.62 -46.68
C ASN H 61 21.88 44.32 -45.18
N THR H 62 21.27 45.24 -44.44
CA THR H 62 21.11 45.06 -43.00
C THR H 62 20.30 43.83 -42.69
N SER H 63 19.23 43.61 -43.45
CA SER H 63 18.43 42.43 -43.25
C SER H 63 19.29 41.20 -43.46
N ALA H 64 20.08 41.21 -44.54
CA ALA H 64 20.94 40.07 -44.85
C ALA H 64 22.06 39.92 -43.84
N GLY H 65 22.25 40.95 -43.03
CA GLY H 65 23.29 40.92 -42.03
C GLY H 65 24.63 41.17 -42.67
N VAL H 66 24.75 42.28 -43.38
CA VAL H 66 26.00 42.66 -44.03
C VAL H 66 26.12 44.16 -43.91
N ALA H 67 27.32 44.67 -44.13
CA ALA H 67 27.59 46.11 -44.04
C ALA H 67 26.31 46.86 -44.40
N SER H 68 25.61 47.31 -43.37
CA SER H 68 24.35 48.02 -43.53
C SER H 68 24.41 49.07 -44.63
N SER H 69 25.62 49.45 -45.01
CA SER H 69 25.81 50.48 -46.03
C SER H 69 26.35 49.89 -47.34
N PRO H 70 25.57 50.00 -48.44
CA PRO H 70 25.99 49.45 -49.74
C PRO H 70 27.42 49.85 -50.07
N THR H 71 27.72 51.13 -49.86
CA THR H 71 29.03 51.71 -50.11
C THR H 71 30.12 51.10 -49.24
N ASP H 72 29.74 50.31 -48.27
CA ASP H 72 30.73 49.69 -47.41
C ASP H 72 31.19 48.35 -48.00
N ILE H 73 30.57 47.96 -49.11
CA ILE H 73 30.92 46.71 -49.80
C ILE H 73 31.49 47.04 -51.18
N LYS H 74 32.37 48.03 -51.21
CA LYS H 74 32.99 48.46 -52.44
C LYS H 74 34.37 47.85 -52.63
N GLY H 75 34.98 48.18 -53.75
CA GLY H 75 36.30 47.69 -54.06
C GLY H 75 37.08 48.70 -54.89
N LYS H 76 38.04 48.20 -55.65
CA LYS H 76 38.88 49.02 -56.50
C LYS H 76 38.11 49.48 -57.72
N TYR H 77 37.37 48.55 -58.32
CA TYR H 77 36.56 48.85 -59.49
C TYR H 77 35.10 48.82 -59.11
N VAL H 78 34.84 48.37 -57.88
CA VAL H 78 33.47 48.28 -57.39
C VAL H 78 33.14 49.43 -56.48
N LYS H 79 32.14 50.19 -56.87
CA LYS H 79 31.70 51.35 -56.09
C LYS H 79 30.77 50.90 -54.97
N GLU H 80 30.28 49.66 -55.06
CA GLU H 80 29.40 49.09 -54.04
C GLU H 80 28.73 47.78 -54.40
N VAL H 81 27.91 47.30 -53.48
CA VAL H 81 27.16 46.06 -53.62
C VAL H 81 25.95 46.18 -52.70
N GLU H 82 24.77 46.19 -53.32
CA GLU H 82 23.53 46.32 -52.58
C GLU H 82 22.66 45.08 -52.72
N VAL H 83 22.02 44.72 -51.61
CA VAL H 83 21.13 43.57 -51.58
C VAL H 83 19.74 44.18 -51.60
N LYS H 84 18.98 43.85 -52.62
CA LYS H 84 17.63 44.36 -52.75
C LYS H 84 16.69 43.19 -52.97
N ASN H 85 16.05 42.75 -51.89
CA ASN H 85 15.13 41.61 -51.89
C ASN H 85 15.81 40.34 -52.37
N GLY H 86 16.95 40.03 -51.76
CA GLY H 86 17.71 38.83 -52.12
C GLY H 86 18.59 38.97 -53.34
N VAL H 87 18.30 39.97 -54.17
CA VAL H 87 19.10 40.22 -55.37
C VAL H 87 20.31 41.04 -54.95
N VAL H 88 21.50 40.60 -55.32
CA VAL H 88 22.69 41.33 -54.97
C VAL H 88 23.29 41.93 -56.23
N THR H 89 23.32 43.25 -56.29
CA THR H 89 23.84 43.97 -57.45
C THR H 89 25.18 44.62 -57.15
N ALA H 90 26.12 44.54 -58.09
CA ALA H 90 27.43 45.14 -57.88
C ALA H 90 27.66 46.27 -58.86
N THR H 91 28.00 47.46 -58.35
CA THR H 91 28.25 48.61 -59.21
C THR H 91 29.72 48.86 -59.43
N MET H 92 30.05 49.17 -60.68
CA MET H 92 31.44 49.44 -61.06
C MET H 92 31.76 50.90 -60.74
N LEU H 93 32.89 51.11 -60.09
CA LEU H 93 33.34 52.46 -59.72
C LEU H 93 33.34 53.34 -60.97
N SER H 94 33.89 54.54 -60.84
CA SER H 94 33.97 55.46 -61.96
C SER H 94 35.44 55.73 -62.25
N SER H 95 36.28 55.43 -61.27
CA SER H 95 37.72 55.65 -61.40
C SER H 95 38.49 54.33 -61.26
N GLY H 96 39.41 54.10 -62.18
CA GLY H 96 40.22 52.89 -62.15
C GLY H 96 39.70 51.76 -63.01
N VAL H 97 38.68 52.02 -63.81
CA VAL H 97 38.11 50.99 -64.67
C VAL H 97 38.24 51.26 -66.18
N ASN H 98 37.76 50.32 -66.98
CA ASN H 98 37.83 50.42 -68.44
C ASN H 98 37.42 51.78 -68.95
N ASN H 99 36.19 51.88 -69.44
CA ASN H 99 35.68 53.13 -69.97
C ASN H 99 34.22 52.92 -70.35
N GLU H 100 33.91 51.70 -70.79
CA GLU H 100 32.55 51.41 -71.17
C GLU H 100 31.92 50.46 -70.17
N ILE H 101 32.49 50.41 -68.97
CA ILE H 101 31.94 49.56 -67.92
C ILE H 101 31.79 50.25 -66.56
N LYS H 102 32.29 51.48 -66.44
CA LYS H 102 32.18 52.18 -65.16
C LYS H 102 30.75 52.64 -64.89
N GLY H 103 30.41 52.64 -63.60
CA GLY H 103 29.07 53.01 -63.22
C GLY H 103 28.10 51.95 -63.72
N LYS H 104 28.66 50.85 -64.24
CA LYS H 104 27.81 49.79 -64.76
C LYS H 104 27.78 48.65 -63.75
N LYS H 105 26.71 47.85 -63.79
CA LYS H 105 26.58 46.78 -62.83
C LYS H 105 25.94 45.45 -63.28
N LEU H 106 26.06 44.45 -62.42
CA LEU H 106 25.50 43.13 -62.63
C LEU H 106 24.72 42.68 -61.37
N SER H 107 24.05 41.53 -61.45
CA SER H 107 23.27 41.04 -60.32
C SER H 107 23.38 39.55 -60.14
N LEU H 108 23.18 39.13 -58.91
CA LEU H 108 23.20 37.75 -58.51
C LEU H 108 21.88 37.62 -57.83
N TRP H 109 21.11 36.60 -58.19
CA TRP H 109 19.81 36.40 -57.56
C TRP H 109 19.64 34.92 -57.45
N ALA H 110 18.74 34.50 -56.59
CA ALA H 110 18.55 33.08 -56.42
C ALA H 110 17.11 32.68 -56.62
N ARG H 111 16.88 31.38 -56.55
CA ARG H 111 15.56 30.84 -56.74
C ARG H 111 15.33 29.71 -55.77
N ARG H 112 14.12 29.67 -55.22
CA ARG H 112 13.75 28.63 -54.27
C ARG H 112 13.81 27.27 -54.97
N GLU H 113 14.59 26.35 -54.42
CA GLU H 113 14.64 25.02 -54.99
C GLU H 113 13.73 24.16 -54.15
N ASN H 114 13.35 24.70 -52.99
CA ASN H 114 12.49 24.02 -52.02
C ASN H 114 13.41 23.20 -51.15
N GLY H 115 13.85 23.79 -50.04
CA GLY H 115 14.77 23.11 -49.15
C GLY H 115 16.18 23.66 -49.36
N SER H 116 16.35 24.36 -50.48
CA SER H 116 17.61 24.97 -50.84
C SER H 116 17.32 25.95 -51.99
N VAL H 117 18.34 26.68 -52.42
CA VAL H 117 18.18 27.62 -53.52
C VAL H 117 19.33 27.47 -54.52
N LYS H 118 19.12 27.98 -55.73
CA LYS H 118 20.15 27.95 -56.74
C LYS H 118 20.45 29.40 -57.16
N TRP H 119 21.72 29.72 -57.32
CA TRP H 119 22.09 31.08 -57.70
C TRP H 119 22.39 31.31 -59.18
N PHE H 120 22.09 32.53 -59.62
CA PHE H 120 22.31 32.92 -61.00
C PHE H 120 23.19 34.15 -60.98
N CYS H 121 23.83 34.42 -62.11
CA CYS H 121 24.72 35.57 -62.23
C CYS H 121 24.55 36.14 -63.63
N GLY H 122 24.31 37.44 -63.72
CA GLY H 122 24.13 38.04 -65.03
C GLY H 122 23.95 39.54 -64.99
N GLN H 123 23.23 40.08 -65.98
CA GLN H 123 22.99 41.51 -66.07
C GLN H 123 21.89 41.89 -65.09
N PRO H 124 22.01 43.07 -64.46
CA PRO H 124 21.07 43.62 -63.48
C PRO H 124 19.65 43.13 -63.59
N VAL H 125 19.05 42.78 -62.46
CA VAL H 125 17.68 42.32 -62.45
C VAL H 125 16.95 42.86 -61.21
N THR H 126 15.63 42.89 -61.25
CA THR H 126 14.84 43.38 -60.13
C THR H 126 13.99 42.23 -59.67
N ARG H 127 13.69 42.14 -58.37
CA ARG H 127 12.82 41.05 -57.95
C ARG H 127 11.36 41.49 -57.98
N THR H 128 10.52 40.64 -58.56
CA THR H 128 9.11 40.93 -58.66
C THR H 128 8.44 40.24 -57.48
N ASP H 129 8.42 38.92 -57.49
CA ASP H 129 7.85 38.16 -56.39
C ASP H 129 8.93 37.23 -55.82
N ASP H 130 8.62 36.49 -54.76
CA ASP H 130 9.64 35.65 -54.13
C ASP H 130 10.30 34.63 -55.04
N ASP H 131 9.75 34.44 -56.22
CA ASP H 131 10.34 33.47 -57.13
C ASP H 131 10.39 33.99 -58.55
N THR H 132 10.52 35.30 -58.70
CA THR H 132 10.56 35.90 -60.02
C THR H 132 11.22 37.27 -60.00
N VAL H 133 12.15 37.47 -60.93
CA VAL H 133 12.87 38.72 -61.09
C VAL H 133 12.74 39.12 -62.54
N ALA H 134 13.21 40.31 -62.90
CA ALA H 134 13.12 40.77 -64.28
C ALA H 134 14.23 41.76 -64.59
N ASP H 135 14.55 41.88 -65.88
CA ASP H 135 15.60 42.77 -66.32
C ASP H 135 15.42 44.16 -65.76
N ALA H 136 16.46 44.66 -65.10
CA ALA H 136 16.42 46.00 -64.58
C ALA H 136 16.84 46.84 -65.79
N LYS H 137 16.11 46.66 -66.90
CA LYS H 137 16.40 47.39 -68.13
C LYS H 137 16.45 48.90 -67.86
N ASP H 138 17.61 49.50 -68.10
CA ASP H 138 17.74 50.93 -67.84
C ASP H 138 18.94 51.54 -68.56
N GLY H 139 19.86 50.70 -69.01
CA GLY H 139 21.04 51.18 -69.73
C GLY H 139 22.38 51.16 -69.02
N LYS H 140 22.41 50.76 -67.75
CA LYS H 140 23.66 50.73 -67.01
C LYS H 140 24.19 49.29 -66.78
N GLU H 141 23.67 48.34 -67.53
CA GLU H 141 24.14 46.96 -67.40
C GLU H 141 25.50 46.74 -68.03
N ILE H 142 26.34 45.97 -67.38
CA ILE H 142 27.65 45.67 -67.94
C ILE H 142 27.38 44.83 -69.19
N ASP H 143 27.99 45.26 -70.29
CA ASP H 143 27.86 44.64 -71.60
C ASP H 143 28.23 43.17 -71.63
N THR H 144 27.41 42.37 -72.29
CA THR H 144 27.69 40.94 -72.36
C THR H 144 29.14 40.57 -72.63
N LYS H 145 29.81 41.34 -73.49
CA LYS H 145 31.19 41.01 -73.82
C LYS H 145 32.13 41.03 -72.61
N HIS H 146 31.77 41.77 -71.57
CA HIS H 146 32.62 41.86 -70.39
C HIS H 146 32.28 40.83 -69.31
N LEU H 147 31.24 40.06 -69.54
CA LEU H 147 30.83 39.08 -68.55
C LEU H 147 31.34 37.66 -68.82
N PRO H 148 31.85 37.00 -67.77
CA PRO H 148 32.36 35.64 -67.86
C PRO H 148 31.32 34.73 -68.51
N SER H 149 31.75 33.52 -68.85
CA SER H 149 30.86 32.54 -69.45
C SER H 149 29.92 32.03 -68.33
N THR H 150 30.40 32.14 -67.08
CA THR H 150 29.63 31.69 -65.94
C THR H 150 28.66 32.74 -65.45
N CYS H 151 28.59 33.89 -66.11
CA CYS H 151 27.67 34.93 -65.66
C CYS H 151 26.88 35.49 -66.82
N ARG H 152 26.32 34.58 -67.62
CA ARG H 152 25.52 34.97 -68.79
C ARG H 152 24.06 34.64 -68.53
N ASP H 153 23.65 34.50 -67.26
CA ASP H 153 22.27 34.16 -66.96
C ASP H 153 21.18 35.21 -67.28
N ASN H 154 20.07 34.76 -67.82
CA ASN H 154 18.91 35.60 -68.15
C ASN H 154 17.92 35.65 -66.99
N PHE H 155 17.15 36.73 -66.94
CA PHE H 155 16.17 36.93 -65.89
C PHE H 155 15.31 35.67 -65.64
N ASP H 156 15.03 34.90 -66.69
CA ASP H 156 14.18 33.71 -66.50
C ASP H 156 14.92 32.38 -66.45
N ALA H 157 16.22 32.42 -66.17
CA ALA H 157 16.98 31.18 -66.08
C ALA H 157 16.41 30.35 -64.94
N LYS H 158 16.34 29.04 -65.12
CA LYS H 158 15.84 28.19 -64.05
C LYS H 158 16.88 27.13 -63.76
N MEA I 1 82.43 56.91 -102.96
CA MEA I 1 81.84 56.67 -104.31
C MEA I 1 80.55 55.85 -104.26
O MEA I 1 79.68 56.00 -105.13
CB MEA I 1 82.87 56.03 -105.27
CG MEA I 1 83.38 54.67 -104.84
CD1 MEA I 1 84.04 54.50 -103.61
CE1 MEA I 1 84.51 53.26 -103.21
CZ MEA I 1 84.36 52.15 -104.05
CE2 MEA I 1 83.73 52.31 -105.28
CD2 MEA I 1 83.25 53.56 -105.66
N THR I 2 80.40 54.98 -103.24
CA THR I 2 79.31 54.01 -103.20
C THR I 2 78.71 53.66 -101.84
N LEU I 3 79.46 52.85 -101.07
CA LEU I 3 78.91 51.99 -100.02
C LEU I 3 78.44 52.72 -98.76
N ILE I 4 77.19 53.19 -98.77
CA ILE I 4 76.63 53.86 -97.61
C ILE I 4 75.37 53.16 -97.05
N GLU I 5 74.80 52.25 -97.84
CA GLU I 5 73.62 51.49 -97.45
C GLU I 5 73.94 50.50 -96.33
N LEU I 6 75.12 49.90 -96.39
CA LEU I 6 75.58 48.98 -95.36
C LEU I 6 76.01 49.74 -94.10
N MET I 7 76.60 50.92 -94.29
CA MET I 7 77.11 51.74 -93.20
C MET I 7 76.01 52.42 -92.39
N ILE I 8 74.97 52.91 -93.07
CA ILE I 8 73.85 53.55 -92.38
C ILE I 8 72.94 52.54 -91.70
N VAL I 9 72.65 51.42 -92.37
CA VAL I 9 71.77 50.39 -91.83
C VAL I 9 72.39 49.61 -90.66
N ILE I 10 73.72 49.56 -90.58
CA ILE I 10 74.39 49.01 -89.40
C ILE I 10 74.36 50.03 -88.25
N ALA I 11 74.25 51.31 -88.60
CA ALA I 11 74.25 52.40 -87.64
C ALA I 11 72.84 52.85 -87.24
N ILE I 12 71.83 52.37 -87.95
CA ILE I 12 70.44 52.58 -87.54
C ILE I 12 69.96 51.48 -86.60
N VAL I 13 70.51 50.28 -86.75
CA VAL I 13 70.23 49.16 -85.86
C VAL I 13 70.96 49.37 -84.53
N GLY I 14 72.13 50.02 -84.60
CA GLY I 14 72.90 50.40 -83.43
C GLY I 14 72.16 51.43 -82.58
N ILE I 15 71.63 52.46 -83.24
CA ILE I 15 70.84 53.49 -82.54
C ILE I 15 69.44 53.00 -82.18
N LEU I 16 68.94 52.00 -82.91
CA LEU I 16 67.66 51.37 -82.61
C LEU I 16 67.74 50.60 -81.29
N ALA I 17 68.88 49.97 -81.04
CA ALA I 17 69.14 49.27 -79.79
C ALA I 17 69.25 50.24 -78.61
N ALA I 18 69.82 51.42 -78.89
CA ALA I 18 69.97 52.47 -77.88
C ALA I 18 68.61 53.09 -77.49
N VAL I 19 67.69 53.14 -78.45
CA VAL I 19 66.33 53.62 -78.21
C VAL I 19 65.48 52.51 -77.56
N ALA I 20 65.75 51.26 -77.95
CA ALA I 20 65.06 50.11 -77.37
C ALA I 20 65.66 49.70 -76.02
N LEU I 21 66.75 50.36 -75.63
CA LEU I 21 67.46 50.04 -74.39
C LEU I 21 66.67 50.44 -73.12
N PRO I 22 66.23 51.70 -73.00
CA PRO I 22 65.47 52.13 -71.81
C PRO I 22 64.07 51.53 -71.72
N ALA I 23 63.48 51.18 -72.87
CA ALA I 23 62.15 50.57 -72.90
C ALA I 23 62.18 49.15 -72.32
N TYR I 24 63.18 48.38 -72.72
CA TYR I 24 63.39 47.01 -72.23
C TYR I 24 63.93 47.04 -70.80
N GLN I 25 64.73 48.05 -70.48
CA GLN I 25 65.22 48.28 -69.11
C GLN I 25 64.11 48.77 -68.18
N ASP I 26 63.08 49.41 -68.74
CA ASP I 26 61.98 49.61 -67.39
C ASP I 26 60.92 48.53 -67.50
N TYR I 27 60.68 48.06 -68.71
CA TYR I 27 59.72 46.99 -68.89
C TYR I 27 60.29 45.85 -68.08
N THR I 28 61.59 45.71 -68.17
CA THR I 28 62.30 44.66 -67.47
C THR I 28 62.19 44.79 -65.96
N ALA I 29 62.55 45.94 -65.42
CA ALA I 29 62.49 46.17 -63.98
C ALA I 29 61.07 46.02 -63.46
N ARG I 30 60.15 46.61 -64.21
CA ARG I 30 58.73 46.58 -63.87
C ARG I 30 58.27 45.14 -63.84
N ALA I 31 59.00 44.27 -64.52
CA ALA I 31 58.66 42.84 -64.57
C ALA I 31 59.22 42.11 -63.35
N GLN I 32 60.41 42.53 -62.91
CA GLN I 32 61.09 41.94 -61.77
C GLN I 32 60.43 42.37 -60.45
N VAL I 33 59.68 43.46 -60.50
CA VAL I 33 58.99 43.94 -59.32
C VAL I 33 57.66 43.24 -59.22
N SER I 34 57.05 42.97 -60.37
CA SER I 34 55.75 42.30 -60.39
C SER I 34 55.83 40.94 -59.73
N GLU I 35 57.04 40.44 -59.55
CA GLU I 35 57.22 39.14 -58.92
C GLU I 35 57.43 39.29 -57.44
N ALA I 36 58.15 40.34 -57.06
CA ALA I 36 58.37 40.58 -55.64
C ALA I 36 56.97 40.67 -55.05
N ILE I 37 56.04 41.16 -55.85
CA ILE I 37 54.67 41.30 -55.43
C ILE I 37 53.97 39.95 -55.33
N LEU I 38 54.29 39.03 -56.23
CA LEU I 38 53.66 37.72 -56.20
C LEU I 38 54.21 36.90 -55.06
N LEU I 39 55.47 37.14 -54.73
CA LEU I 39 56.10 36.42 -53.65
C LEU I 39 55.61 36.96 -52.32
N ALA I 40 55.24 38.24 -52.31
CA ALA I 40 54.75 38.88 -51.11
C ALA I 40 53.35 38.34 -50.84
N GLU I 41 52.55 38.26 -51.89
CA GLU I 41 51.20 37.73 -51.76
C GLU I 41 51.28 36.23 -51.50
N GLY I 42 50.13 35.58 -51.35
CA GLY I 42 50.13 34.14 -51.12
C GLY I 42 50.64 33.85 -49.71
N GLN I 43 51.00 34.93 -49.05
CA GLN I 43 51.47 34.88 -47.69
C GLN I 43 50.47 35.75 -46.95
N LYS I 44 49.48 36.20 -47.69
CA LYS I 44 48.42 37.01 -47.15
C LYS I 44 47.57 36.02 -46.38
N SER I 45 47.39 34.85 -46.97
CA SER I 45 46.61 33.78 -46.38
C SER I 45 47.03 33.51 -44.93
N ALA I 46 48.29 33.18 -44.74
CA ALA I 46 48.79 32.92 -43.42
C ALA I 46 48.48 34.11 -42.49
N VAL I 47 48.90 35.29 -42.92
CA VAL I 47 48.69 36.49 -42.13
C VAL I 47 47.23 36.79 -41.84
N THR I 48 46.36 36.62 -42.82
CA THR I 48 44.94 36.87 -42.62
C THR I 48 44.38 35.91 -41.58
N GLU I 49 44.64 34.64 -41.78
CA GLU I 49 44.14 33.66 -40.86
C GLU I 49 44.67 33.97 -39.45
N TYR I 50 45.99 34.14 -39.32
CA TYR I 50 46.52 34.43 -37.99
C TYR I 50 45.77 35.58 -37.32
N TYR I 51 45.54 36.66 -38.05
CA TYR I 51 44.82 37.81 -37.49
C TYR I 51 43.36 37.51 -37.09
N LEU I 52 42.58 36.93 -38.02
CA LEU I 52 41.20 36.60 -37.73
C LEU I 52 41.04 35.58 -36.61
N ASN I 53 41.96 34.62 -36.53
CA ASN I 53 41.86 33.62 -35.48
C ASN I 53 42.29 34.16 -34.11
N HIS I 54 43.24 35.07 -34.07
CA HIS I 54 43.72 35.59 -32.80
C HIS I 54 43.46 37.08 -32.50
N GLY I 55 43.20 37.87 -33.53
CA GLY I 55 42.95 39.28 -33.29
C GLY I 55 44.22 40.07 -33.10
N LYS I 56 45.37 39.44 -33.37
CA LYS I 56 46.68 40.08 -33.27
C LYS I 56 47.43 39.75 -34.56
N TRP I 57 48.20 40.70 -35.09
CA TRP I 57 48.95 40.47 -36.33
C TRP I 57 50.16 39.60 -36.04
N PRO I 58 50.49 38.67 -36.95
CA PRO I 58 51.65 37.79 -36.73
C PRO I 58 52.93 38.62 -36.62
N GLU I 59 53.67 38.43 -35.52
CA GLU I 59 54.90 39.18 -35.31
C GLU I 59 55.99 38.93 -36.33
N ASN I 60 56.13 37.67 -36.73
CA ASN I 60 57.16 37.30 -37.70
C ASN I 60 56.73 36.09 -38.53
N ASN I 61 57.54 35.71 -39.51
CA ASN I 61 57.23 34.58 -40.37
C ASN I 61 56.76 33.32 -39.64
N THR I 62 57.50 32.95 -38.60
CA THR I 62 57.17 31.75 -37.83
C THR I 62 55.80 31.87 -37.20
N SER I 63 55.48 33.05 -36.68
CA SER I 63 54.17 33.25 -36.11
C SER I 63 53.13 33.04 -37.18
N ALA I 64 53.36 33.61 -38.36
CA ALA I 64 52.40 33.49 -39.47
C ALA I 64 52.36 32.06 -39.99
N GLY I 65 53.33 31.26 -39.58
CA GLY I 65 53.37 29.89 -40.03
C GLY I 65 53.89 29.80 -41.45
N VAL I 66 55.07 30.38 -41.66
CA VAL I 66 55.71 30.36 -42.97
C VAL I 66 57.19 30.19 -42.74
N ALA I 67 57.91 29.81 -43.80
CA ALA I 67 59.35 29.60 -43.72
C ALA I 67 59.92 30.52 -42.64
N SER I 68 60.15 29.94 -41.46
CA SER I 68 60.66 30.68 -40.32
C SER I 68 61.80 31.61 -40.69
N SER I 69 62.40 31.38 -41.85
CA SER I 69 63.54 32.18 -42.28
C SER I 69 63.16 33.09 -43.47
N PRO I 70 63.24 34.43 -43.29
CA PRO I 70 62.90 35.36 -44.37
C PRO I 70 63.55 34.98 -45.68
N THR I 71 64.84 34.64 -45.59
CA THR I 71 65.64 34.25 -46.74
C THR I 71 65.14 32.97 -47.40
N ASP I 72 64.21 32.29 -46.76
CA ASP I 72 63.68 31.07 -47.34
C ASP I 72 62.50 31.38 -48.26
N ILE I 73 62.11 32.65 -48.31
CA ILE I 73 61.01 33.09 -49.17
C ILE I 73 61.55 34.04 -50.24
N LYS I 74 62.66 33.64 -50.83
CA LYS I 74 63.30 34.43 -51.86
C LYS I 74 62.95 33.94 -53.25
N GLY I 75 63.47 34.64 -54.24
CA GLY I 75 63.24 34.29 -55.63
C GLY I 75 64.42 34.66 -56.49
N LYS I 76 64.16 34.86 -57.77
CA LYS I 76 65.17 35.21 -58.75
C LYS I 76 65.61 36.66 -58.55
N TYR I 77 64.64 37.53 -58.36
CA TYR I 77 64.90 38.94 -58.17
C TYR I 77 64.60 39.30 -56.72
N VAL I 78 64.01 38.34 -56.01
CA VAL I 78 63.65 38.55 -54.62
C VAL I 78 64.65 37.91 -53.69
N LYS I 79 65.27 38.73 -52.85
CA LYS I 79 66.26 38.25 -51.90
C LYS I 79 65.57 37.70 -50.66
N GLU I 80 64.28 38.01 -50.51
CA GLU I 80 63.48 37.53 -49.38
C GLU I 80 62.12 38.18 -49.21
N VAL I 81 61.43 37.75 -48.16
CA VAL I 81 60.10 38.24 -47.82
C VAL I 81 59.94 38.00 -46.32
N GLU I 82 59.82 39.10 -45.58
CA GLU I 82 59.67 39.06 -44.13
C GLU I 82 58.32 39.58 -43.68
N VAL I 83 57.76 38.91 -42.68
CA VAL I 83 56.50 39.30 -42.10
C VAL I 83 56.86 39.97 -40.80
N LYS I 84 56.51 41.24 -40.67
CA LYS I 84 56.81 41.99 -39.47
C LYS I 84 55.51 42.64 -38.98
N ASN I 85 54.88 41.99 -38.01
CA ASN I 85 53.62 42.43 -37.42
C ASN I 85 52.51 42.53 -38.47
N GLY I 86 52.34 41.45 -39.24
CA GLY I 86 51.32 41.42 -40.27
C GLY I 86 51.71 42.07 -41.58
N VAL I 87 52.73 42.94 -41.54
CA VAL I 87 53.21 43.61 -42.74
C VAL I 87 54.18 42.67 -43.44
N VAL I 88 53.97 42.43 -44.72
CA VAL I 88 54.85 41.55 -45.46
C VAL I 88 55.64 42.38 -46.46
N THR I 89 56.96 42.41 -46.26
CA THR I 89 57.86 43.18 -47.11
C THR I 89 58.69 42.29 -48.01
N ALA I 90 58.84 42.67 -49.27
CA ALA I 90 59.63 41.86 -50.20
C ALA I 90 60.87 42.62 -50.64
N THR I 91 62.04 42.00 -50.48
CA THR I 91 63.30 42.64 -50.87
C THR I 91 63.79 42.13 -52.21
N MET I 92 64.27 43.07 -53.02
CA MET I 92 64.80 42.76 -54.33
C MET I 92 66.25 42.31 -54.20
N LEU I 93 66.59 41.21 -54.83
CA LEU I 93 67.94 40.67 -54.81
C LEU I 93 68.93 41.76 -55.22
N SER I 94 70.19 41.38 -55.41
CA SER I 94 71.20 42.33 -55.83
C SER I 94 71.74 41.89 -57.18
N SER I 95 71.49 40.62 -57.51
CA SER I 95 71.95 40.05 -58.78
C SER I 95 70.78 39.57 -59.63
N GLY I 96 70.77 39.95 -60.89
CA GLY I 96 69.71 39.54 -61.81
C GLY I 96 68.60 40.54 -61.97
N VAL I 97 68.76 41.74 -61.41
CA VAL I 97 67.73 42.77 -61.51
C VAL I 97 68.15 44.03 -62.28
N ASN I 98 67.22 44.97 -62.40
CA ASN I 98 67.47 46.21 -63.13
C ASN I 98 68.79 46.85 -62.75
N ASN I 99 68.73 47.87 -61.90
CA ASN I 99 69.92 48.58 -61.48
C ASN I 99 69.50 49.60 -60.43
N GLU I 100 68.30 50.15 -60.59
CA GLU I 100 67.82 51.13 -59.65
C GLU I 100 66.71 50.54 -58.81
N ILE I 101 66.64 49.22 -58.75
CA ILE I 101 65.62 48.56 -57.95
C ILE I 101 66.15 47.43 -57.05
N LYS I 102 67.43 47.07 -57.20
CA LYS I 102 67.99 46.01 -56.38
C LYS I 102 68.17 46.43 -54.94
N GLY I 103 68.00 45.48 -54.04
CA GLY I 103 68.12 45.76 -52.63
C GLY I 103 66.95 46.66 -52.23
N LYS I 104 66.02 46.87 -53.16
CA LYS I 104 64.88 47.72 -52.86
C LYS I 104 63.66 46.86 -52.58
N LYS I 105 62.71 47.41 -51.81
CA LYS I 105 61.55 46.61 -51.47
C LYS I 105 60.19 47.32 -51.36
N LEU I 106 59.14 46.51 -51.26
CA LEU I 106 57.77 46.97 -51.11
C LEU I 106 57.09 46.23 -49.94
N SER I 107 55.86 46.62 -49.61
CA SER I 107 55.15 45.99 -48.50
C SER I 107 53.68 45.79 -48.79
N LEU I 108 53.13 44.80 -48.12
CA LEU I 108 51.73 44.45 -48.21
C LEU I 108 51.33 44.47 -46.77
N TRP I 109 50.23 45.16 -46.46
CA TRP I 109 49.77 45.22 -45.09
C TRP I 109 48.28 45.20 -45.16
N ALA I 110 47.64 44.88 -44.06
CA ALA I 110 46.21 44.82 -44.08
C ALA I 110 45.59 45.68 -43.00
N ARG I 111 44.27 45.73 -43.02
CA ARG I 111 43.54 46.52 -42.06
C ARG I 111 42.30 45.78 -41.62
N ARG I 112 42.02 45.87 -40.33
CA ARG I 112 40.85 45.22 -39.76
C ARG I 112 39.59 45.80 -40.39
N GLU I 113 38.76 44.95 -40.99
CA GLU I 113 37.51 45.44 -41.54
C GLU I 113 36.45 45.13 -40.51
N ASN I 114 36.81 44.30 -39.55
CA ASN I 114 35.92 43.85 -38.48
C ASN I 114 35.18 42.64 -39.03
N GLY I 115 35.74 41.46 -38.78
CA GLY I 115 35.13 40.23 -39.29
C GLY I 115 35.91 39.76 -40.50
N SER I 116 36.74 40.66 -41.03
CA SER I 116 37.58 40.38 -42.18
C SER I 116 38.60 41.52 -42.28
N VAL I 117 39.52 41.41 -43.23
CA VAL I 117 40.51 42.46 -43.43
C VAL I 117 40.65 42.79 -44.91
N LYS I 118 41.21 43.95 -45.21
CA LYS I 118 41.45 44.36 -46.58
C LYS I 118 42.96 44.59 -46.75
N TRP I 119 43.50 44.12 -47.87
CA TRP I 119 44.93 44.28 -48.12
C TRP I 119 45.35 45.43 -49.02
N PHE I 120 46.53 45.96 -48.74
CA PHE I 120 47.07 47.07 -49.49
C PHE I 120 48.42 46.63 -50.02
N CYS I 121 48.90 47.32 -51.05
CA CYS I 121 50.18 47.00 -51.66
C CYS I 121 50.84 48.32 -52.05
N GLY I 122 52.08 48.50 -51.65
CA GLY I 122 52.77 49.74 -51.99
C GLY I 122 54.21 49.79 -51.53
N GLN I 123 54.71 50.99 -51.28
CA GLN I 123 56.08 51.18 -50.85
C GLN I 123 56.19 50.85 -49.37
N PRO I 124 57.31 50.23 -48.96
CA PRO I 124 57.61 49.81 -47.58
C PRO I 124 56.91 50.59 -46.49
N VAL I 125 56.37 49.88 -45.51
CA VAL I 125 55.68 50.51 -44.41
C VAL I 125 55.98 49.77 -43.11
N THR I 126 55.80 50.44 -41.98
CA THR I 126 56.05 49.82 -40.68
C THR I 126 54.74 49.82 -39.94
N ARG I 127 54.49 48.82 -39.09
CA ARG I 127 53.24 48.86 -38.35
C ARG I 127 53.44 49.58 -37.01
N THR I 128 52.52 50.49 -36.72
CA THR I 128 52.58 51.25 -35.49
C THR I 128 51.69 50.52 -34.49
N ASP I 129 50.38 50.55 -34.72
CA ASP I 129 49.45 49.85 -33.86
C ASP I 129 48.65 48.84 -34.71
N ASP I 130 47.80 48.06 -34.08
CA ASP I 130 47.07 47.03 -34.82
C ASP I 130 46.26 47.51 -36.01
N ASP I 131 46.08 48.81 -36.12
CA ASP I 131 45.31 49.33 -37.23
C ASP I 131 45.96 50.57 -37.84
N THR I 132 47.28 50.64 -37.78
CA THR I 132 48.00 51.76 -38.31
C THR I 132 49.45 51.43 -38.63
N VAL I 133 49.87 51.81 -39.83
CA VAL I 133 51.24 51.60 -40.29
C VAL I 133 51.75 52.95 -40.78
N ALA I 134 53.03 53.04 -41.13
CA ALA I 134 53.59 54.30 -41.61
C ALA I 134 54.76 54.04 -42.52
N ASP I 135 55.05 55.02 -43.38
CA ASP I 135 56.14 54.91 -44.33
C ASP I 135 57.43 54.49 -43.66
N ALA I 136 58.02 53.43 -44.15
CA ALA I 136 59.29 52.98 -43.63
C ALA I 136 60.29 53.84 -44.39
N LYS I 137 60.11 55.16 -44.31
CA LYS I 137 60.98 56.11 -45.00
C LYS I 137 62.44 55.85 -44.64
N ASP I 138 63.25 55.50 -45.63
CA ASP I 138 64.64 55.21 -45.37
C ASP I 138 65.50 55.27 -46.63
N GLY I 139 64.86 55.24 -47.80
CA GLY I 139 65.60 55.31 -49.05
C GLY I 139 65.73 54.05 -49.89
N LYS I 140 65.24 52.92 -49.39
CA LYS I 140 65.34 51.68 -50.14
C LYS I 140 63.99 51.22 -50.76
N GLU I 141 63.03 52.13 -50.85
CA GLU I 141 61.74 51.80 -51.44
C GLU I 141 61.82 51.72 -52.94
N ILE I 142 61.12 50.74 -53.53
CA ILE I 142 61.10 50.61 -54.97
C ILE I 142 60.35 51.84 -55.48
N ASP I 143 60.96 52.53 -56.43
CA ASP I 143 60.46 53.74 -57.05
C ASP I 143 59.07 53.60 -57.66
N THR I 144 58.21 54.56 -57.40
CA THR I 144 56.85 54.51 -57.94
C THR I 144 56.76 54.06 -59.39
N LYS I 145 57.69 54.49 -60.23
CA LYS I 145 57.63 54.12 -61.64
C LYS I 145 57.69 52.62 -61.88
N HIS I 146 58.27 51.88 -60.95
CA HIS I 146 58.38 50.43 -61.12
C HIS I 146 57.22 49.64 -60.52
N LEU I 147 56.31 50.34 -59.86
CA LEU I 147 55.19 49.66 -59.24
C LEU I 147 53.91 49.66 -60.07
N PRO I 148 53.24 48.50 -60.14
CA PRO I 148 52.00 48.34 -60.88
C PRO I 148 51.00 49.40 -60.45
N SER I 149 49.91 49.51 -61.20
CA SER I 149 48.86 50.46 -60.89
C SER I 149 48.11 49.91 -59.65
N THR I 150 48.17 48.60 -59.47
CA THR I 150 47.50 47.96 -58.36
C THR I 150 48.33 47.98 -57.09
N CYS I 151 49.51 48.60 -57.13
CA CYS I 151 50.34 48.63 -55.92
C CYS I 151 50.87 50.02 -55.69
N ARG I 152 49.96 50.99 -55.74
CA ARG I 152 50.31 52.40 -55.52
C ARG I 152 49.74 52.86 -54.20
N ASP I 153 49.41 51.94 -53.28
CA ASP I 153 48.82 52.34 -52.00
C ASP I 153 49.71 53.12 -51.01
N ASN I 154 49.13 54.13 -50.39
CA ASN I 154 49.80 54.96 -49.39
C ASN I 154 49.58 54.43 -47.97
N PHE I 155 50.51 54.75 -47.08
CA PHE I 155 50.45 54.28 -45.72
C PHE I 155 49.06 54.47 -45.08
N ASP I 156 48.35 55.53 -45.47
CA ASP I 156 47.02 55.76 -44.87
C ASP I 156 45.83 55.38 -45.74
N ALA I 157 46.05 54.51 -46.72
CA ALA I 157 44.96 54.07 -47.57
C ALA I 157 43.94 53.34 -46.70
N LYS I 158 42.66 53.54 -46.98
CA LYS I 158 41.65 52.83 -46.20
C LYS I 158 40.75 52.09 -47.16
N MEA J 1 22.12 18.40 -40.15
CA MEA J 1 23.25 19.25 -39.66
C MEA J 1 23.31 19.34 -38.14
O MEA J 1 24.39 19.51 -37.57
CB MEA J 1 23.23 20.65 -40.31
CG MEA J 1 21.99 21.46 -40.01
CD1 MEA J 1 20.71 21.00 -40.35
CE1 MEA J 1 19.57 21.75 -40.07
CZ MEA J 1 19.69 22.99 -39.46
CE2 MEA J 1 20.96 23.48 -39.12
CD2 MEA J 1 22.09 22.71 -39.40
N THR J 2 22.16 19.22 -37.47
CA THR J 2 22.06 19.49 -36.02
C THR J 2 21.09 18.64 -35.20
N LEU J 3 19.80 18.95 -35.34
CA LEU J 3 18.77 18.67 -34.32
C LEU J 3 18.40 17.19 -34.17
N ILE J 4 19.15 16.46 -33.35
CA ILE J 4 18.86 15.06 -33.09
C ILE J 4 18.59 14.75 -31.61
N GLU J 5 18.93 15.71 -30.74
CA GLU J 5 18.73 15.57 -29.30
C GLU J 5 17.24 15.62 -28.95
N LEU J 6 16.50 16.47 -29.65
CA LEU J 6 15.05 16.57 -29.47
C LEU J 6 14.33 15.39 -30.09
N MET J 7 14.85 14.90 -31.22
CA MET J 7 14.24 13.80 -31.96
C MET J 7 14.44 12.44 -31.29
N ILE J 8 15.62 12.21 -30.72
CA ILE J 8 15.89 10.95 -30.03
C ILE J 8 15.22 10.89 -28.67
N VAL J 9 15.26 11.99 -27.91
CA VAL J 9 14.67 12.05 -26.57
C VAL J 9 13.13 12.02 -26.59
N ILE J 10 12.52 12.46 -27.68
CA ILE J 10 11.07 12.29 -27.85
C ILE J 10 10.74 10.83 -28.23
N ALA J 11 11.71 10.15 -28.84
CA ALA J 11 11.57 8.78 -29.30
C ALA J 11 12.06 7.74 -28.29
N ILE J 12 12.76 8.20 -27.24
CA ILE J 12 13.13 7.31 -26.13
C ILE J 12 12.04 7.30 -25.06
N VAL J 13 11.30 8.41 -24.93
CA VAL J 13 10.16 8.49 -24.02
C VAL J 13 8.98 7.72 -24.62
N GLY J 14 8.89 7.73 -25.95
CA GLY J 14 7.90 6.96 -26.68
C GLY J 14 8.10 5.46 -26.50
N ILE J 15 9.34 5.00 -26.64
CA ILE J 15 9.67 3.59 -26.42
C ILE J 15 9.71 3.21 -24.94
N LEU J 16 9.93 4.21 -24.09
CA LEU J 16 9.90 4.01 -22.64
C LEU J 16 8.48 3.70 -22.17
N ALA J 17 7.50 4.35 -22.80
CA ALA J 17 6.10 4.11 -22.53
C ALA J 17 5.66 2.72 -23.00
N ALA J 18 6.25 2.27 -24.12
CA ALA J 18 5.99 0.95 -24.68
C ALA J 18 6.55 -0.17 -23.81
N VAL J 19 7.68 0.11 -23.15
CA VAL J 19 8.30 -0.83 -22.21
C VAL J 19 7.57 -0.78 -20.85
N ALA J 20 7.11 0.41 -20.47
CA ALA J 20 6.35 0.60 -19.24
C ALA J 20 4.88 0.21 -19.40
N LEU J 21 4.49 -0.14 -20.63
CA LEU J 21 3.10 -0.50 -20.94
C LEU J 21 2.67 -1.86 -20.35
N PRO J 22 3.42 -2.94 -20.60
CA PRO J 22 3.06 -4.26 -20.06
C PRO J 22 3.25 -4.38 -18.54
N ALA J 23 4.17 -3.60 -17.98
CA ALA J 23 4.40 -3.59 -16.53
C ALA J 23 3.23 -3.00 -15.77
N TYR J 24 2.72 -1.86 -16.27
CA TYR J 24 1.56 -1.19 -15.70
C TYR J 24 0.27 -1.96 -16.02
N GLN J 25 0.23 -2.59 -17.19
CA GLN J 25 -0.87 -3.47 -17.58
C GLN J 25 -0.87 -4.79 -16.80
N ASP J 26 0.29 -5.19 -16.31
CA ASP J 26 -0.16 -6.59 -15.33
C ASP J 26 -0.22 -6.13 -13.89
N TYR J 27 0.54 -5.10 -13.56
CA TYR J 27 0.52 -4.57 -12.21
C TYR J 27 -0.92 -4.13 -12.02
N THR J 28 -1.45 -3.54 -13.08
CA THR J 28 -2.81 -3.04 -13.07
C THR J 28 -3.84 -4.15 -12.89
N ALA J 29 -3.79 -5.17 -13.73
CA ALA J 29 -4.73 -6.28 -13.65
C ALA J 29 -4.62 -6.99 -12.31
N ARG J 30 -3.38 -7.21 -11.90
CA ARG J 30 -3.08 -7.89 -10.65
C ARG J 30 -3.67 -7.08 -9.52
N ALA J 31 -3.89 -5.79 -9.75
CA ALA J 31 -4.46 -4.90 -8.74
C ALA J 31 -5.99 -5.01 -8.71
N GLN J 32 -6.58 -5.18 -9.90
CA GLN J 32 -8.02 -5.31 -10.06
C GLN J 32 -8.52 -6.67 -9.58
N VAL J 33 -7.61 -7.63 -9.51
CA VAL J 33 -7.97 -8.96 -9.04
C VAL J 33 -7.87 -8.99 -7.53
N SER J 34 -6.91 -8.26 -6.99
CA SER J 34 -6.71 -8.21 -5.55
C SER J 34 -7.95 -7.70 -4.85
N GLU J 35 -8.84 -7.07 -5.61
CA GLU J 35 -10.05 -6.54 -5.03
C GLU J 35 -11.18 -7.53 -5.13
N ALA J 36 -11.21 -8.25 -6.24
CA ALA J 36 -12.23 -9.27 -6.41
C ALA J 36 -12.08 -10.17 -5.19
N ILE J 37 -10.84 -10.30 -4.75
CA ILE J 37 -10.52 -11.12 -3.60
C ILE J 37 -11.03 -10.50 -2.31
N LEU J 38 -10.95 -9.19 -2.20
CA LEU J 38 -11.40 -8.52 -0.99
C LEU J 38 -12.91 -8.52 -0.92
N LEU J 39 -13.54 -8.48 -2.07
CA LEU J 39 -14.99 -8.48 -2.14
C LEU J 39 -15.50 -9.88 -1.85
N ALA J 40 -14.70 -10.88 -2.20
CA ALA J 40 -15.07 -12.26 -1.98
C ALA J 40 -14.98 -12.53 -0.49
N GLU J 41 -13.91 -12.06 0.13
CA GLU J 41 -13.74 -12.24 1.56
C GLU J 41 -14.74 -11.36 2.30
N GLY J 42 -14.73 -11.40 3.62
CA GLY J 42 -15.66 -10.56 4.38
C GLY J 42 -17.07 -11.10 4.24
N GLN J 43 -17.16 -12.16 3.44
CA GLN J 43 -18.39 -12.85 3.21
C GLN J 43 -18.10 -14.26 3.69
N LYS J 44 -16.90 -14.41 4.24
CA LYS J 44 -16.46 -15.67 4.78
C LYS J 44 -17.21 -15.78 6.08
N SER J 45 -17.30 -14.65 6.78
CA SER J 45 -18.00 -14.58 8.06
C SER J 45 -19.38 -15.19 7.98
N ALA J 46 -20.21 -14.67 7.09
CA ALA J 46 -21.55 -15.19 6.94
C ALA J 46 -21.50 -16.70 6.69
N VAL J 47 -20.74 -17.09 5.69
CA VAL J 47 -20.62 -18.49 5.33
C VAL J 47 -20.09 -19.38 6.44
N THR J 48 -19.10 -18.90 7.17
CA THR J 48 -18.54 -19.68 8.27
C THR J 48 -19.59 -19.89 9.34
N GLU J 49 -20.20 -18.81 9.77
CA GLU J 49 -21.21 -18.91 10.78
C GLU J 49 -22.31 -19.85 10.32
N TYR J 50 -22.86 -19.62 9.13
CA TYR J 50 -23.92 -20.50 8.66
C TYR J 50 -23.53 -21.97 8.77
N TYR J 51 -22.32 -22.32 8.34
CA TYR J 51 -21.86 -23.70 8.42
C TYR J 51 -21.73 -24.23 9.86
N LEU J 52 -21.02 -23.51 10.72
CA LEU J 52 -20.83 -23.93 12.10
C LEU J 52 -22.15 -24.01 12.87
N ASN J 53 -23.08 -23.10 12.59
CA ASN J 53 -24.35 -23.14 13.30
C ASN J 53 -25.28 -24.25 12.80
N HIS J 54 -25.21 -24.58 11.52
CA HIS J 54 -26.09 -25.61 10.98
C HIS J 54 -25.45 -26.90 10.47
N GLY J 55 -24.15 -26.86 10.18
CA GLY J 55 -23.50 -28.05 9.69
C GLY J 55 -23.76 -28.30 8.21
N LYS J 56 -24.33 -27.31 7.53
CA LYS J 56 -24.61 -27.37 6.10
C LYS J 56 -24.11 -26.06 5.50
N TRP J 57 -23.54 -26.10 4.31
CA TRP J 57 -23.02 -24.90 3.65
C TRP J 57 -24.18 -24.09 3.10
N PRO J 58 -24.11 -22.74 3.20
CA PRO J 58 -25.20 -21.91 2.69
C PRO J 58 -25.38 -22.11 1.18
N GLU J 59 -26.60 -22.45 0.77
CA GLU J 59 -26.87 -22.69 -0.65
C GLU J 59 -26.67 -21.49 -1.55
N ASN J 60 -27.07 -20.32 -1.06
CA ASN J 60 -26.95 -19.09 -1.84
C ASN J 60 -26.79 -17.87 -0.94
N ASN J 61 -26.57 -16.71 -1.54
CA ASN J 61 -26.39 -15.48 -0.78
C ASN J 61 -27.40 -15.25 0.34
N THR J 62 -28.68 -15.44 0.01
CA THR J 62 -29.75 -15.23 0.98
C THR J 62 -29.60 -16.17 2.15
N SER J 63 -29.26 -17.42 1.87
CA SER J 63 -29.05 -18.37 2.94
C SER J 63 -27.93 -17.88 3.83
N ALA J 64 -26.84 -17.42 3.22
CA ALA J 64 -25.69 -16.94 3.98
C ALA J 64 -26.01 -15.63 4.70
N GLY J 65 -27.13 -15.03 4.33
CA GLY J 65 -27.52 -13.79 4.95
C GLY J 65 -26.71 -12.64 4.41
N VAL J 66 -26.73 -12.49 3.08
CA VAL J 66 -26.00 -11.42 2.42
C VAL J 66 -26.86 -10.96 1.26
N ALA J 67 -26.56 -9.77 0.74
CA ALA J 67 -27.31 -9.21 -0.37
C ALA J 67 -27.88 -10.34 -1.21
N SER J 68 -29.15 -10.64 -1.00
CA SER J 68 -29.83 -11.72 -1.69
C SER J 68 -29.54 -11.72 -3.18
N SER J 69 -29.04 -10.61 -3.69
CA SER J 69 -28.74 -10.49 -5.11
C SER J 69 -27.23 -10.47 -5.38
N PRO J 70 -26.71 -11.47 -6.12
CA PRO J 70 -25.27 -11.53 -6.43
C PRO J 70 -24.74 -10.18 -6.91
N THR J 71 -25.50 -9.59 -7.83
CA THR J 71 -25.17 -8.31 -8.43
C THR J 71 -25.13 -7.18 -7.41
N ASP J 72 -25.59 -7.44 -6.21
CA ASP J 72 -25.58 -6.40 -5.19
C ASP J 72 -24.25 -6.41 -4.43
N ILE J 73 -23.39 -7.37 -4.77
CA ILE J 73 -22.07 -7.48 -4.14
C ILE J 73 -20.99 -7.26 -5.19
N LYS J 74 -21.20 -6.22 -6.00
CA LYS J 74 -20.27 -5.88 -7.06
C LYS J 74 -19.33 -4.76 -6.65
N GLY J 75 -18.44 -4.43 -7.55
CA GLY J 75 -17.49 -3.35 -7.31
C GLY J 75 -17.12 -2.65 -8.60
N LYS J 76 -15.95 -2.04 -8.61
CA LYS J 76 -15.44 -1.31 -9.76
C LYS J 76 -15.02 -2.28 -10.86
N TYR J 77 -14.31 -3.33 -10.46
CA TYR J 77 -13.84 -4.33 -11.39
C TYR J 77 -14.61 -5.60 -11.16
N VAL J 78 -15.41 -5.62 -10.10
CA VAL J 78 -16.20 -6.78 -9.76
C VAL J 78 -17.64 -6.61 -10.18
N LYS J 79 -18.09 -7.51 -11.04
CA LYS J 79 -19.45 -7.47 -11.54
C LYS J 79 -20.40 -8.13 -10.54
N GLU J 80 -19.83 -8.87 -9.59
CA GLU J 80 -20.61 -9.55 -8.55
C GLU J 80 -19.83 -10.55 -7.70
N VAL J 81 -20.57 -11.18 -6.79
CA VAL J 81 -20.05 -12.17 -5.87
C VAL J 81 -21.23 -13.05 -5.46
N GLU J 82 -21.16 -14.31 -5.84
CA GLU J 82 -22.22 -15.27 -5.54
C GLU J 82 -21.74 -16.38 -4.62
N VAL J 83 -22.61 -16.76 -3.70
CA VAL J 83 -22.33 -17.82 -2.76
C VAL J 83 -23.12 -19.00 -3.29
N LYS J 84 -22.41 -20.07 -3.62
CA LYS J 84 -23.04 -21.27 -4.14
C LYS J 84 -22.55 -22.46 -3.32
N ASN J 85 -23.37 -22.86 -2.35
CA ASN J 85 -23.07 -23.96 -1.44
C ASN J 85 -21.78 -23.71 -0.66
N GLY J 86 -21.69 -22.54 -0.04
CA GLY J 86 -20.51 -22.18 0.74
C GLY J 86 -19.35 -21.65 -0.06
N VAL J 87 -19.34 -21.93 -1.37
CA VAL J 87 -18.28 -21.45 -2.25
C VAL J 87 -18.64 -20.03 -2.66
N VAL J 88 -17.72 -19.10 -2.49
CA VAL J 88 -17.98 -17.72 -2.86
C VAL J 88 -17.12 -17.38 -4.07
N THR J 89 -17.78 -17.09 -5.19
CA THR J 89 -17.10 -16.76 -6.43
C THR J 89 -17.22 -15.28 -6.77
N ALA J 90 -16.14 -14.67 -7.23
CA ALA J 90 -16.18 -13.26 -7.58
C ALA J 90 -15.96 -13.08 -9.07
N THR J 91 -16.88 -12.37 -9.73
CA THR J 91 -16.75 -12.13 -11.17
C THR J 91 -16.22 -10.75 -11.47
N MET J 92 -15.30 -10.70 -12.44
CA MET J 92 -14.69 -9.45 -12.86
C MET J 92 -15.61 -8.76 -13.86
N LEU J 93 -15.84 -7.47 -13.64
CA LEU J 93 -16.70 -6.68 -14.52
C LEU J 93 -16.21 -6.82 -15.97
N SER J 94 -16.78 -6.03 -16.86
CA SER J 94 -16.38 -6.05 -18.26
C SER J 94 -15.81 -4.69 -18.63
N SER J 95 -16.12 -3.70 -17.80
CA SER J 95 -15.65 -2.33 -18.02
C SER J 95 -14.78 -1.84 -16.86
N GLY J 96 -13.62 -1.28 -17.18
CA GLY J 96 -12.73 -0.76 -16.17
C GLY J 96 -11.63 -1.71 -15.74
N VAL J 97 -11.50 -2.84 -16.44
CA VAL J 97 -10.48 -3.82 -16.10
C VAL J 97 -9.41 -4.03 -17.19
N ASN J 98 -8.45 -4.91 -16.90
CA ASN J 98 -7.35 -5.21 -17.82
C ASN J 98 -7.85 -5.44 -19.24
N ASN J 99 -7.93 -6.71 -19.62
CA ASN J 99 -8.37 -7.07 -20.96
C ASN J 99 -8.45 -8.59 -21.02
N GLU J 100 -7.57 -9.26 -20.29
CA GLU J 100 -7.56 -10.70 -20.29
C GLU J 100 -8.06 -11.22 -18.96
N ILE J 101 -8.76 -10.37 -18.21
CA ILE J 101 -9.29 -10.79 -16.92
C ILE J 101 -10.77 -10.42 -16.70
N LYS J 102 -11.35 -9.66 -17.61
CA LYS J 102 -12.75 -9.27 -17.46
C LYS J 102 -13.69 -10.45 -17.69
N GLY J 103 -14.80 -10.44 -16.95
CA GLY J 103 -15.76 -11.51 -17.07
C GLY J 103 -15.12 -12.77 -16.49
N LYS J 104 -13.94 -12.63 -15.91
CA LYS J 104 -13.25 -13.77 -15.34
C LYS J 104 -13.42 -13.78 -13.83
N LYS J 105 -13.33 -14.96 -13.22
CA LYS J 105 -13.52 -15.04 -11.79
C LYS J 105 -12.70 -16.04 -10.99
N LEU J 106 -12.77 -15.90 -9.66
CA LEU J 106 -12.09 -16.77 -8.71
C LEU J 106 -13.08 -17.26 -7.64
N SER J 107 -12.63 -18.15 -6.75
CA SER J 107 -13.49 -18.68 -5.71
C SER J 107 -12.80 -18.84 -4.40
N LEU J 108 -13.59 -18.78 -3.34
CA LEU J 108 -13.14 -18.94 -1.98
C LEU J 108 -14.04 -20.04 -1.50
N TRP J 109 -13.48 -21.07 -0.88
CA TRP J 109 -14.29 -22.16 -0.38
C TRP J 109 -13.65 -22.60 0.88
N ALA J 110 -14.39 -23.31 1.70
CA ALA J 110 -13.82 -23.74 2.96
C ALA J 110 -13.93 -25.22 3.15
N ARG J 111 -13.36 -25.69 4.25
CA ARG J 111 -13.38 -27.11 4.55
C ARG J 111 -13.60 -27.30 6.03
N ARG J 112 -14.40 -28.29 6.37
CA ARG J 112 -14.69 -28.61 7.76
C ARG J 112 -13.41 -29.02 8.46
N GLU J 113 -13.07 -28.32 9.54
CA GLU J 113 -11.89 -28.71 10.30
C GLU J 113 -12.38 -29.53 11.48
N ASN J 114 -13.70 -29.46 11.69
CA ASN J 114 -14.37 -30.15 12.79
C ASN J 114 -14.29 -29.22 13.99
N GLY J 115 -15.32 -28.38 14.15
CA GLY J 115 -15.33 -27.42 15.23
C GLY J 115 -14.98 -26.05 14.69
N SER J 116 -14.44 -26.04 13.47
CA SER J 116 -14.06 -24.82 12.78
C SER J 116 -13.80 -25.19 11.32
N VAL J 117 -13.51 -24.19 10.49
CA VAL J 117 -13.23 -24.44 9.08
C VAL J 117 -12.00 -23.66 8.65
N LYS J 118 -11.40 -24.07 7.53
CA LYS J 118 -10.26 -23.38 6.98
C LYS J 118 -10.61 -22.92 5.57
N TRP J 119 -10.23 -21.70 5.23
CA TRP J 119 -10.55 -21.16 3.91
C TRP J 119 -9.43 -21.23 2.87
N PHE J 120 -9.85 -21.38 1.62
CA PHE J 120 -8.92 -21.46 0.50
C PHE J 120 -9.30 -20.37 -0.47
N CYS J 121 -8.36 -20.01 -1.34
CA CYS J 121 -8.58 -18.97 -2.32
C CYS J 121 -7.87 -19.39 -3.61
N GLY J 122 -8.59 -19.36 -4.72
CA GLY J 122 -7.96 -19.76 -5.97
C GLY J 122 -8.87 -19.61 -7.18
N GLN J 123 -8.63 -20.43 -8.19
CA GLN J 123 -9.42 -20.38 -9.42
C GLN J 123 -10.74 -21.08 -9.18
N PRO J 124 -11.83 -20.55 -9.78
CA PRO J 124 -13.20 -21.06 -9.68
C PRO J 124 -13.33 -22.54 -9.37
N VAL J 125 -14.22 -22.86 -8.44
CA VAL J 125 -14.44 -24.24 -8.07
C VAL J 125 -15.94 -24.48 -7.81
N THR J 126 -16.36 -25.73 -7.89
CA THR J 126 -17.76 -26.08 -7.65
C THR J 126 -17.79 -26.99 -6.45
N ARG J 127 -18.85 -26.95 -5.64
CA ARG J 127 -18.87 -27.87 -4.52
C ARG J 127 -19.59 -29.16 -4.92
N THR J 128 -18.97 -30.28 -4.58
CA THR J 128 -19.52 -31.58 -4.89
C THR J 128 -20.30 -32.04 -3.66
N ASP J 129 -19.58 -32.33 -2.58
CA ASP J 129 -20.21 -32.73 -1.34
C ASP J 129 -19.78 -31.76 -0.24
N ASP J 130 -20.30 -31.91 0.97
CA ASP J 130 -19.98 -30.97 2.04
C ASP J 130 -18.51 -30.80 2.36
N ASP J 131 -17.69 -31.67 1.82
CA ASP J 131 -16.26 -31.57 2.10
C ASP J 131 -15.43 -31.79 0.85
N THR J 132 -15.98 -31.43 -0.30
CA THR J 132 -15.28 -31.63 -1.55
C THR J 132 -15.80 -30.71 -2.65
N VAL J 133 -14.87 -30.05 -3.33
CA VAL J 133 -15.19 -29.15 -4.43
C VAL J 133 -14.32 -29.58 -5.61
N ALA J 134 -14.53 -28.98 -6.77
CA ALA J 134 -13.74 -29.34 -7.95
C ALA J 134 -13.66 -28.18 -8.92
N ASP J 135 -12.63 -28.20 -9.75
CA ASP J 135 -12.41 -27.14 -10.71
C ASP J 135 -13.64 -26.87 -11.53
N ALA J 136 -14.07 -25.62 -11.54
CA ALA J 136 -15.21 -25.22 -12.33
C ALA J 136 -14.59 -24.99 -13.70
N LYS J 137 -13.89 -26.00 -14.22
CA LYS J 137 -13.24 -25.92 -15.53
C LYS J 137 -14.23 -25.48 -16.59
N ASP J 138 -13.99 -24.33 -17.20
CA ASP J 138 -14.90 -23.84 -18.22
C ASP J 138 -14.28 -22.77 -19.11
N GLY J 139 -13.16 -22.20 -18.67
CA GLY J 139 -12.47 -21.19 -19.46
C GLY J 139 -12.55 -19.74 -19.01
N LYS J 140 -13.31 -19.46 -17.96
CA LYS J 140 -13.44 -18.09 -17.48
C LYS J 140 -12.66 -17.82 -16.17
N GLU J 141 -11.74 -18.71 -15.83
CA GLU J 141 -10.94 -18.54 -14.61
C GLU J 141 -9.88 -17.47 -14.79
N ILE J 142 -9.67 -16.65 -13.76
CA ILE J 142 -8.64 -15.64 -13.82
C ILE J 142 -7.32 -16.40 -13.87
N ASP J 143 -6.49 -16.04 -14.84
CA ASP J 143 -5.19 -16.64 -15.10
C ASP J 143 -4.24 -16.59 -13.91
N THR J 144 -3.59 -17.71 -13.65
CA THR J 144 -2.66 -17.78 -12.52
C THR J 144 -1.76 -16.55 -12.35
N LYS J 145 -1.28 -16.00 -13.46
CA LYS J 145 -0.39 -14.85 -13.36
C LYS J 145 -1.02 -13.64 -12.66
N HIS J 146 -2.34 -13.55 -12.67
CA HIS J 146 -3.01 -12.41 -12.05
C HIS J 146 -3.40 -12.66 -10.59
N LEU J 147 -3.16 -13.86 -10.11
CA LEU J 147 -3.53 -14.18 -8.74
C LEU J 147 -2.39 -14.07 -7.74
N PRO J 148 -2.67 -13.46 -6.58
CA PRO J 148 -1.69 -13.27 -5.51
C PRO J 148 -1.05 -14.62 -5.16
N SER J 149 0.01 -14.56 -4.37
CA SER J 149 0.69 -15.77 -3.93
C SER J 149 -0.21 -16.45 -2.88
N THR J 150 -1.07 -15.65 -2.25
CA THR J 150 -1.97 -16.16 -1.23
C THR J 150 -3.24 -16.73 -1.82
N CYS J 151 -3.37 -16.73 -3.14
CA CYS J 151 -4.59 -17.25 -3.73
C CYS J 151 -4.27 -18.18 -4.88
N ARG J 152 -3.36 -19.11 -4.62
CA ARG J 152 -2.93 -20.10 -5.61
C ARG J 152 -3.46 -21.47 -5.23
N ASP J 153 -4.49 -21.55 -4.39
CA ASP J 153 -5.00 -22.85 -3.95
C ASP J 153 -5.71 -23.72 -5.01
N ASN J 154 -5.41 -25.01 -4.97
CA ASN J 154 -6.00 -26.01 -5.86
C ASN J 154 -7.26 -26.63 -5.25
N PHE J 155 -8.14 -27.12 -6.12
CA PHE J 155 -9.39 -27.71 -5.69
C PHE J 155 -9.21 -28.71 -4.54
N ASP J 156 -8.08 -29.42 -4.51
CA ASP J 156 -7.87 -30.41 -3.45
C ASP J 156 -6.94 -29.99 -2.32
N ALA J 157 -6.73 -28.68 -2.17
CA ALA J 157 -5.88 -28.20 -1.10
C ALA J 157 -6.50 -28.60 0.23
N LYS J 158 -5.67 -28.99 1.20
CA LYS J 158 -6.22 -29.35 2.50
C LYS J 158 -5.51 -28.51 3.55
N MEA K 1 23.75 10.22 -29.14
CA MEA K 1 23.11 11.42 -29.77
C MEA K 1 21.76 11.77 -29.15
O MEA K 1 21.36 12.93 -29.13
CB MEA K 1 23.00 11.28 -31.30
CG MEA K 1 22.15 10.11 -31.76
CD1 MEA K 1 22.46 8.81 -31.39
CE1 MEA K 1 21.68 7.73 -31.82
CZ MEA K 1 20.58 7.96 -32.64
CE2 MEA K 1 20.26 9.26 -33.03
CD2 MEA K 1 21.05 10.32 -32.59
N THR K 2 21.05 10.76 -28.62
CA THR K 2 19.65 10.93 -28.18
C THR K 2 19.18 10.13 -26.96
N LEU K 3 18.94 8.84 -27.18
CA LEU K 3 18.04 8.03 -26.36
C LEU K 3 18.54 7.69 -24.96
N ILE K 4 18.29 8.59 -24.00
CA ILE K 4 18.70 8.35 -22.62
C ILE K 4 17.50 8.36 -21.63
N GLU K 5 16.36 8.85 -22.10
CA GLU K 5 15.15 8.93 -21.29
C GLU K 5 14.58 7.53 -21.04
N LEU K 6 14.66 6.66 -22.05
CA LEU K 6 14.21 5.27 -21.93
C LEU K 6 15.20 4.46 -21.10
N MET K 7 16.49 4.76 -21.25
CA MET K 7 17.56 4.02 -20.57
C MET K 7 17.65 4.34 -19.08
N ILE K 8 17.46 5.61 -18.72
CA ILE K 8 17.51 6.01 -17.31
C ILE K 8 16.25 5.61 -16.56
N VAL K 9 15.08 5.79 -17.18
CA VAL K 9 13.80 5.46 -16.56
C VAL K 9 13.57 3.94 -16.40
N ILE K 10 14.21 3.13 -17.24
CA ILE K 10 14.20 1.68 -17.03
C ILE K 10 15.16 1.29 -15.90
N ALA K 11 16.17 2.14 -15.67
CA ALA K 11 17.20 1.90 -14.66
C ALA K 11 16.90 2.58 -13.32
N ILE K 12 15.89 3.46 -13.31
CA ILE K 12 15.40 4.03 -12.04
C ILE K 12 14.31 3.16 -11.43
N VAL K 13 13.55 2.47 -12.28
CA VAL K 13 12.54 1.51 -11.82
C VAL K 13 13.23 0.24 -11.32
N GLY K 14 14.36 -0.10 -11.94
CA GLY K 14 15.20 -1.20 -11.51
C GLY K 14 15.79 -0.97 -10.12
N ILE K 15 16.33 0.23 -9.90
CA ILE K 15 16.86 0.58 -8.58
C ILE K 15 15.77 0.91 -7.57
N LEU K 16 14.59 1.29 -8.07
CA LEU K 16 13.42 1.53 -7.22
C LEU K 16 12.93 0.22 -6.60
N ALA K 17 13.01 -0.86 -7.37
CA ALA K 17 12.66 -2.20 -6.91
C ALA K 17 13.66 -2.70 -5.86
N ALA K 18 14.93 -2.34 -6.05
CA ALA K 18 16.00 -2.70 -5.12
C ALA K 18 15.87 -1.97 -3.78
N VAL K 19 15.35 -0.74 -3.81
CA VAL K 19 15.08 0.04 -2.61
C VAL K 19 13.77 -0.42 -1.95
N ALA K 20 12.80 -0.81 -2.79
CA ALA K 20 11.52 -1.32 -2.31
C ALA K 20 11.61 -2.79 -1.90
N LEU K 21 12.76 -3.40 -2.13
CA LEU K 21 12.98 -4.83 -1.84
C LEU K 21 13.05 -5.13 -0.33
N PRO K 22 13.90 -4.45 0.44
CA PRO K 22 13.99 -4.70 1.88
C PRO K 22 12.78 -4.23 2.68
N ALA K 23 12.05 -3.22 2.17
CA ALA K 23 10.86 -2.72 2.82
C ALA K 23 9.72 -3.73 2.76
N TYR K 24 9.53 -4.33 1.57
CA TYR K 24 8.52 -5.36 1.35
C TYR K 24 8.95 -6.69 1.99
N GLN K 25 10.26 -6.94 2.00
CA GLN K 25 10.84 -8.09 2.70
C GLN K 25 10.78 -7.94 4.22
N ASP K 26 10.74 -6.71 4.70
CA ASP K 26 10.48 -6.96 6.43
C ASP K 26 9.01 -6.76 6.69
N TYR K 27 8.36 -5.95 5.87
CA TYR K 27 6.94 -5.73 6.04
C TYR K 27 6.33 -7.09 5.87
N THR K 28 6.88 -7.83 4.91
CA THR K 28 6.41 -9.16 4.60
C THR K 28 6.61 -10.14 5.75
N ALA K 29 7.84 -10.23 6.26
CA ALA K 29 8.14 -11.14 7.36
C ALA K 29 7.33 -10.79 8.59
N ARG K 30 7.29 -9.50 8.87
CA ARG K 30 6.57 -8.96 10.01
C ARG K 30 5.11 -9.33 9.88
N ALA K 31 4.67 -9.60 8.66
CA ALA K 31 3.28 -9.97 8.40
C ALA K 31 3.06 -11.47 8.64
N GLN K 32 4.07 -12.26 8.30
CA GLN K 32 4.03 -13.71 8.46
C GLN K 32 4.18 -14.11 9.93
N VAL K 33 4.72 -13.20 10.73
CA VAL K 33 4.89 -13.46 12.15
C VAL K 33 3.62 -13.09 12.87
N SER K 34 2.96 -12.04 12.39
CA SER K 34 1.73 -11.57 13.01
C SER K 34 0.67 -12.66 12.99
N GLU K 35 0.89 -13.68 12.16
CA GLU K 35 -0.07 -14.77 12.07
C GLU K 35 0.31 -15.90 13.00
N ALA K 36 1.61 -16.13 13.13
CA ALA K 36 2.07 -17.17 14.03
C ALA K 36 1.47 -16.78 15.38
N ILE K 37 1.35 -15.47 15.58
CA ILE K 37 0.80 -14.95 16.82
C ILE K 37 -0.70 -15.21 16.92
N LEU K 38 -1.40 -15.11 15.80
CA LEU K 38 -2.84 -15.33 15.83
C LEU K 38 -3.15 -16.80 15.99
N LEU K 39 -2.27 -17.64 15.48
CA LEU K 39 -2.45 -19.07 15.57
C LEU K 39 -2.11 -19.52 16.99
N ALA K 40 -1.21 -18.80 17.63
CA ALA K 40 -0.81 -19.12 18.98
C ALA K 40 -1.96 -18.75 19.91
N GLU K 41 -2.55 -17.59 19.68
CA GLU K 41 -3.67 -17.14 20.50
C GLU K 41 -4.88 -18.00 20.15
N GLY K 42 -6.01 -17.74 20.80
CA GLY K 42 -7.21 -18.52 20.50
C GLY K 42 -7.07 -19.92 21.04
N GLN K 43 -5.89 -20.16 21.61
CA GLN K 43 -5.57 -21.41 22.22
C GLN K 43 -5.26 -21.02 23.66
N LYS K 44 -5.46 -19.74 23.94
CA LYS K 44 -5.26 -19.21 25.26
C LYS K 44 -6.46 -19.70 26.03
N SER K 45 -7.62 -19.66 25.37
CA SER K 45 -8.88 -20.11 25.95
C SER K 45 -8.74 -21.48 26.59
N ALA K 46 -8.36 -22.46 25.79
CA ALA K 46 -8.20 -23.81 26.30
C ALA K 46 -7.25 -23.80 27.51
N VAL K 47 -6.08 -23.24 27.32
CA VAL K 47 -5.08 -23.19 28.37
C VAL K 47 -5.54 -22.45 29.63
N THR K 48 -6.24 -21.34 29.45
CA THR K 48 -6.73 -20.59 30.60
C THR K 48 -7.72 -21.42 31.39
N GLU K 49 -8.71 -21.95 30.68
CA GLU K 49 -9.70 -22.75 31.33
C GLU K 49 -9.04 -23.92 32.05
N TYR K 50 -8.20 -24.68 31.34
CA TYR K 50 -7.55 -25.81 32.00
C TYR K 50 -6.89 -25.39 33.31
N TYR K 51 -6.16 -24.29 33.30
CA TYR K 51 -5.49 -23.82 34.51
C TYR K 51 -6.46 -23.41 35.65
N LEU K 52 -7.42 -22.55 35.33
CA LEU K 52 -8.40 -22.12 36.33
C LEU K 52 -9.25 -23.26 36.88
N ASN K 53 -9.59 -24.24 36.04
CA ASN K 53 -10.39 -25.36 36.51
C ASN K 53 -9.58 -26.35 37.34
N HIS K 54 -8.30 -26.53 37.04
CA HIS K 54 -7.49 -27.50 37.77
C HIS K 54 -6.34 -26.94 38.61
N GLY K 55 -5.89 -25.74 38.31
CA GLY K 55 -4.79 -25.17 39.09
C GLY K 55 -3.44 -25.71 38.64
N LYS K 56 -3.42 -26.39 37.51
CA LYS K 56 -2.19 -26.94 36.91
C LYS K 56 -2.22 -26.56 35.43
N TRP K 57 -1.06 -26.22 34.87
CA TRP K 57 -0.99 -25.84 33.45
C TRP K 57 -1.08 -27.08 32.59
N PRO K 58 -1.80 -26.99 31.45
CA PRO K 58 -1.92 -28.17 30.58
C PRO K 58 -0.56 -28.62 30.06
N GLU K 59 -0.24 -29.90 30.28
CA GLU K 59 1.06 -30.42 29.86
C GLU K 59 1.30 -30.40 28.37
N ASN K 60 0.27 -30.72 27.60
CA ASN K 60 0.38 -30.75 26.14
C ASN K 60 -0.95 -30.43 25.47
N ASN K 61 -0.95 -30.32 24.15
CA ASN K 61 -2.17 -30.00 23.41
C ASN K 61 -3.41 -30.79 23.81
N THR K 62 -3.25 -32.10 23.94
CA THR K 62 -4.35 -32.98 24.31
C THR K 62 -4.90 -32.61 25.67
N SER K 63 -4.01 -32.32 26.60
CA SER K 63 -4.45 -31.90 27.93
C SER K 63 -5.27 -30.65 27.80
N ALA K 64 -4.78 -29.69 27.02
CA ALA K 64 -5.48 -28.43 26.83
C ALA K 64 -6.78 -28.61 26.06
N GLY K 65 -6.92 -29.78 25.45
CA GLY K 65 -8.12 -30.05 24.69
C GLY K 65 -8.05 -29.36 23.35
N VAL K 66 -6.98 -29.62 22.60
CA VAL K 66 -6.80 -29.04 21.28
C VAL K 66 -6.16 -30.10 20.42
N ALA K 67 -6.22 -29.90 19.10
CA ALA K 67 -5.64 -30.85 18.15
C ALA K 67 -4.46 -31.56 18.82
N SER K 68 -4.73 -32.77 19.29
CA SER K 68 -3.72 -33.57 19.98
C SER K 68 -2.38 -33.55 19.27
N SER K 69 -2.39 -33.16 18.00
CA SER K 69 -1.16 -33.14 17.21
C SER K 69 -0.69 -31.70 16.93
N PRO K 70 0.50 -31.31 17.42
CA PRO K 70 1.03 -29.96 17.20
C PRO K 70 0.90 -29.54 15.74
N THR K 71 1.29 -30.46 14.86
CA THR K 71 1.25 -30.25 13.42
C THR K 71 -0.15 -30.03 12.90
N ASP K 72 -1.15 -30.25 13.72
CA ASP K 72 -2.52 -30.06 13.29
C ASP K 72 -2.95 -28.61 13.53
N ILE K 73 -2.07 -27.82 14.14
CA ILE K 73 -2.34 -26.41 14.41
C ILE K 73 -1.37 -25.54 13.63
N LYS K 74 -1.19 -25.91 12.35
CA LYS K 74 -0.29 -25.19 11.48
C LYS K 74 -1.02 -24.20 10.59
N GLY K 75 -0.25 -23.48 9.80
CA GLY K 75 -0.80 -22.51 8.88
C GLY K 75 0.03 -22.40 7.62
N LYS K 76 -0.06 -21.24 6.99
CA LYS K 76 0.67 -20.96 5.76
C LYS K 76 2.15 -20.75 6.06
N TYR K 77 2.42 -19.97 7.10
CA TYR K 77 3.78 -19.68 7.51
C TYR K 77 4.06 -20.39 8.81
N VAL K 78 3.01 -20.98 9.39
CA VAL K 78 3.14 -21.69 10.65
C VAL K 78 3.19 -23.18 10.43
N LYS K 79 4.30 -23.78 10.85
CA LYS K 79 4.47 -25.22 10.72
C LYS K 79 3.78 -25.95 11.85
N GLU K 80 3.39 -25.21 12.90
CA GLU K 80 2.69 -25.79 14.05
C GLU K 80 2.56 -24.87 15.26
N VAL K 81 1.95 -25.41 16.30
CA VAL K 81 1.70 -24.73 17.55
C VAL K 81 1.57 -25.81 18.62
N GLU K 82 2.52 -25.82 19.55
CA GLU K 82 2.54 -26.80 20.62
C GLU K 82 2.34 -26.15 21.98
N VAL K 83 1.58 -26.83 22.83
CA VAL K 83 1.32 -26.38 24.18
C VAL K 83 2.21 -27.24 25.05
N LYS K 84 3.12 -26.61 25.76
CA LYS K 84 4.03 -27.32 26.64
C LYS K 84 3.96 -26.69 28.01
N ASN K 85 3.18 -27.31 28.89
CA ASN K 85 2.96 -26.83 30.27
C ASN K 85 2.38 -25.43 30.29
N GLY K 86 1.31 -25.23 29.54
CA GLY K 86 0.65 -23.94 29.49
C GLY K 86 1.28 -22.94 28.53
N VAL K 87 2.54 -23.17 28.17
CA VAL K 87 3.26 -22.30 27.24
C VAL K 87 2.88 -22.73 25.83
N VAL K 88 2.44 -21.79 25.01
CA VAL K 88 2.08 -22.12 23.65
C VAL K 88 3.09 -21.49 22.71
N THR K 89 3.81 -22.35 21.99
CA THR K 89 4.85 -21.92 21.06
C THR K 89 4.42 -22.11 19.61
N ALA K 90 4.71 -21.13 18.77
CA ALA K 90 4.33 -21.25 17.36
C ALA K 90 5.56 -21.30 16.48
N THR K 91 5.66 -22.33 15.64
CA THR K 91 6.81 -22.48 14.75
C THR K 91 6.50 -22.01 13.34
N MET K 92 7.47 -21.30 12.77
CA MET K 92 7.34 -20.78 11.41
C MET K 92 7.72 -21.87 10.42
N LEU K 93 6.88 -22.06 9.41
CA LEU K 93 7.13 -23.07 8.38
C LEU K 93 8.53 -22.85 7.79
N SER K 94 8.83 -23.59 6.73
CA SER K 94 10.12 -23.45 6.07
C SER K 94 9.89 -22.96 4.65
N SER K 95 8.65 -23.11 4.18
CA SER K 95 8.27 -22.70 2.83
C SER K 95 7.17 -21.64 2.86
N GLY K 96 7.38 -20.56 2.12
CA GLY K 96 6.40 -19.49 2.05
C GLY K 96 6.66 -18.33 2.98
N VAL K 97 7.82 -18.33 3.64
CA VAL K 97 8.16 -17.26 4.57
C VAL K 97 9.38 -16.41 4.16
N ASN K 98 9.69 -15.40 4.98
CA ASN K 98 10.81 -14.50 4.71
C ASN K 98 12.07 -15.25 4.30
N ASN K 99 12.99 -15.40 5.24
CA ASN K 99 14.24 -16.08 4.98
C ASN K 99 15.01 -16.17 6.30
N GLU K 100 14.84 -15.16 7.15
CA GLU K 100 15.52 -15.16 8.42
C GLU K 100 14.53 -15.39 9.54
N ILE K 101 13.37 -15.94 9.21
CA ILE K 101 12.36 -16.22 10.22
C ILE K 101 11.76 -17.63 10.13
N LYS K 102 12.09 -18.38 9.09
CA LYS K 102 11.55 -19.73 8.94
C LYS K 102 12.15 -20.69 9.95
N GLY K 103 11.33 -21.65 10.40
CA GLY K 103 11.78 -22.60 11.37
C GLY K 103 11.98 -21.87 12.68
N LYS K 104 11.59 -20.60 12.72
CA LYS K 104 11.76 -19.82 13.94
C LYS K 104 10.43 -19.70 14.66
N LYS K 105 10.48 -19.50 15.98
CA LYS K 105 9.25 -19.42 16.73
C LYS K 105 9.16 -18.44 17.91
N LEU K 106 7.94 -18.28 18.42
CA LEU K 106 7.64 -17.43 19.55
C LEU K 106 6.78 -18.20 20.58
N SER K 107 6.52 -17.59 21.74
CA SER K 107 5.73 -18.25 22.76
C SER K 107 4.77 -17.31 23.45
N LEU K 108 3.70 -17.89 23.96
CA LEU K 108 2.67 -17.20 24.69
C LEU K 108 2.63 -18.00 25.97
N TRP K 109 2.68 -17.33 27.11
CA TRP K 109 2.63 -18.03 28.37
C TRP K 109 1.85 -17.15 29.29
N ALA K 110 1.35 -17.72 30.37
CA ALA K 110 0.55 -16.93 31.27
C ALA K 110 1.08 -17.00 32.68
N ARG K 111 0.45 -16.24 33.56
CA ARG K 111 0.85 -16.19 34.95
C ARG K 111 -0.38 -16.13 35.82
N ARG K 112 -0.33 -16.86 36.93
CA ARG K 112 -1.43 -16.88 37.87
C ARG K 112 -1.64 -15.49 38.45
N GLU K 113 -2.84 -14.95 38.31
CA GLU K 113 -3.13 -13.66 38.89
C GLU K 113 -3.83 -13.92 40.21
N ASN K 114 -4.27 -15.17 40.37
CA ASN K 114 -5.00 -15.63 41.55
C ASN K 114 -6.46 -15.32 41.27
N GLY K 115 -7.16 -16.30 40.71
CA GLY K 115 -8.56 -16.11 40.37
C GLY K 115 -8.69 -15.88 38.87
N SER K 116 -7.55 -15.57 38.25
CA SER K 116 -7.47 -15.33 36.82
C SER K 116 -5.98 -15.36 36.44
N VAL K 117 -5.70 -15.23 35.15
CA VAL K 117 -4.31 -15.21 34.69
C VAL K 117 -4.11 -14.07 33.69
N LYS K 118 -2.85 -13.70 33.48
CA LYS K 118 -2.51 -12.68 32.51
C LYS K 118 -1.56 -13.30 31.48
N TRP K 119 -1.79 -12.99 30.21
CA TRP K 119 -0.95 -13.54 29.15
C TRP K 119 0.17 -12.64 28.63
N PHE K 120 1.25 -13.29 28.22
CA PHE K 120 2.41 -12.58 27.69
C PHE K 120 2.67 -13.14 26.31
N CYS K 121 3.40 -12.38 25.50
CA CYS K 121 3.73 -12.78 24.15
C CYS K 121 5.15 -12.32 23.86
N GLY K 122 5.98 -13.23 23.38
CA GLY K 122 7.36 -12.86 23.09
C GLY K 122 8.18 -13.97 22.48
N GLN K 123 9.49 -13.92 22.71
CA GLN K 123 10.39 -14.92 22.16
C GLN K 123 10.31 -16.18 23.01
N PRO K 124 10.40 -17.36 22.37
CA PRO K 124 10.32 -18.69 22.99
C PRO K 124 10.74 -18.75 24.44
N VAL K 125 9.95 -19.45 25.24
CA VAL K 125 10.25 -19.61 26.64
C VAL K 125 9.88 -21.02 27.11
N THR K 126 10.48 -21.45 28.21
CA THR K 126 10.20 -22.78 28.75
C THR K 126 9.60 -22.58 30.12
N ARG K 127 8.71 -23.47 30.56
CA ARG K 127 8.17 -23.28 31.90
C ARG K 127 9.01 -24.05 32.91
N THR K 128 9.35 -23.38 34.00
CA THR K 128 10.14 -23.97 35.05
C THR K 128 9.17 -24.50 36.09
N ASP K 129 8.50 -23.61 36.79
CA ASP K 129 7.50 -23.99 37.78
C ASP K 129 6.16 -23.36 37.40
N ASP K 130 5.11 -23.65 38.14
CA ASP K 130 3.78 -23.15 37.77
C ASP K 130 3.66 -21.64 37.64
N ASP K 131 4.68 -20.92 38.09
CA ASP K 131 4.62 -19.48 37.99
C ASP K 131 5.95 -18.88 37.54
N THR K 132 6.68 -19.64 36.73
CA THR K 132 7.96 -19.18 36.26
C THR K 132 8.39 -19.90 34.99
N VAL K 133 8.82 -19.12 34.01
CA VAL K 133 9.30 -19.64 32.73
C VAL K 133 10.66 -19.01 32.48
N ALA K 134 11.36 -19.43 31.44
CA ALA K 134 12.67 -18.87 31.13
C ALA K 134 12.97 -18.98 29.66
N ASP K 135 13.86 -18.12 29.18
CA ASP K 135 14.23 -18.09 27.78
C ASP K 135 14.61 -19.45 27.28
N ALA K 136 13.96 -19.88 26.21
CA ALA K 136 14.28 -21.15 25.61
C ALA K 136 15.45 -20.79 24.70
N LYS K 137 16.49 -20.20 25.29
CA LYS K 137 17.68 -19.80 24.54
C LYS K 137 18.24 -20.98 23.75
N ASP K 138 18.26 -20.85 22.43
CA ASP K 138 18.75 -21.95 21.61
C ASP K 138 19.12 -21.50 20.20
N GLY K 139 18.66 -20.31 19.80
CA GLY K 139 18.97 -19.79 18.48
C GLY K 139 17.89 -19.79 17.42
N LYS K 140 16.72 -20.34 17.73
CA LYS K 140 15.63 -20.38 16.76
C LYS K 140 14.50 -19.37 17.07
N GLU K 141 14.77 -18.39 17.92
CA GLU K 141 13.77 -17.40 18.25
C GLU K 141 13.58 -16.38 17.14
N ILE K 142 12.34 -15.99 16.88
CA ILE K 142 12.09 -14.99 15.87
C ILE K 142 12.70 -13.70 16.39
N ASP K 143 13.51 -13.07 15.56
CA ASP K 143 14.22 -11.84 15.84
C ASP K 143 13.33 -10.69 16.27
N THR K 144 13.74 -9.99 17.32
CA THR K 144 12.94 -8.87 17.82
C THR K 144 12.37 -7.96 16.73
N LYS K 145 13.14 -7.70 15.69
CA LYS K 145 12.65 -6.81 14.64
C LYS K 145 11.38 -7.29 13.97
N HIS K 146 11.13 -8.60 13.99
CA HIS K 146 9.94 -9.14 13.35
C HIS K 146 8.74 -9.25 14.27
N LEU K 147 8.92 -8.92 15.53
CA LEU K 147 7.84 -9.03 16.49
C LEU K 147 7.09 -7.73 16.75
N PRO K 148 5.76 -7.78 16.78
CA PRO K 148 4.90 -6.62 17.02
C PRO K 148 5.34 -5.93 18.31
N SER K 149 4.81 -4.74 18.53
CA SER K 149 5.11 -3.98 19.74
C SER K 149 4.37 -4.68 20.91
N THR K 150 3.31 -5.40 20.58
CA THR K 150 2.52 -6.08 21.58
C THR K 150 3.09 -7.45 21.92
N CYS K 151 4.22 -7.83 21.32
CA CYS K 151 4.78 -9.14 21.61
C CYS K 151 6.27 -9.02 21.87
N ARG K 152 6.62 -8.08 22.73
CA ARG K 152 8.02 -7.84 23.10
C ARG K 152 8.26 -8.28 24.53
N ASP K 153 7.40 -9.14 25.08
CA ASP K 153 7.55 -9.56 26.48
C ASP K 153 8.77 -10.44 26.82
N ASN K 154 9.39 -10.15 27.95
CA ASN K 154 10.55 -10.89 28.46
C ASN K 154 10.11 -12.01 29.41
N PHE K 155 10.94 -13.04 29.51
CA PHE K 155 10.65 -14.18 30.35
C PHE K 155 10.16 -13.78 31.75
N ASP K 156 10.66 -12.67 32.28
CA ASP K 156 10.24 -12.26 33.63
C ASP K 156 9.22 -11.13 33.70
N ALA K 157 8.50 -10.91 32.60
CA ALA K 157 7.48 -9.88 32.60
C ALA K 157 6.42 -10.24 33.62
N LYS K 158 5.90 -9.25 34.34
CA LYS K 158 4.85 -9.54 35.31
C LYS K 158 3.67 -8.65 35.00
N MEA L 1 18.36 13.90 -16.97
CA MEA L 1 18.22 13.15 -18.26
C MEA L 1 17.31 11.94 -18.15
O MEA L 1 16.67 11.55 -19.13
CB MEA L 1 19.60 12.76 -18.83
CG MEA L 1 20.42 11.84 -17.95
CD1 MEA L 1 20.77 12.22 -16.65
CE1 MEA L 1 21.53 11.37 -15.83
CZ MEA L 1 21.95 10.14 -16.31
CE2 MEA L 1 21.61 9.76 -17.61
CD2 MEA L 1 20.86 10.60 -18.42
N THR L 2 17.21 11.34 -16.96
CA THR L 2 16.52 10.05 -16.78
C THR L 2 15.78 9.82 -15.46
N LEU L 3 16.53 9.55 -14.40
CA LEU L 3 16.06 8.81 -13.23
C LEU L 3 15.09 9.57 -12.32
N ILE L 4 13.80 9.50 -12.64
CA ILE L 4 12.78 10.15 -11.83
C ILE L 4 11.73 9.17 -11.27
N GLU L 5 11.71 7.96 -11.82
CA GLU L 5 10.78 6.92 -11.40
C GLU L 5 11.13 6.41 -10.00
N LEU L 6 12.43 6.30 -9.71
CA LEU L 6 12.91 5.88 -8.39
C LEU L 6 12.74 7.01 -7.37
N MET L 7 12.94 8.25 -7.83
CA MET L 7 12.88 9.44 -6.96
C MET L 7 11.45 9.81 -6.55
N ILE L 8 10.50 9.68 -7.49
CA ILE L 8 9.10 9.99 -7.19
C ILE L 8 8.44 8.89 -6.37
N VAL L 9 8.71 7.62 -6.71
CA VAL L 9 8.11 6.49 -6.01
C VAL L 9 8.66 6.29 -4.59
N ILE L 10 9.87 6.77 -4.32
CA ILE L 10 10.37 6.80 -2.95
C ILE L 10 9.74 7.96 -2.16
N ALA L 11 9.30 8.98 -2.90
CA ALA L 11 8.71 10.19 -2.31
C ALA L 11 7.18 10.14 -2.26
N ILE L 12 6.58 9.15 -2.94
CA ILE L 12 5.14 8.91 -2.81
C ILE L 12 4.84 7.95 -1.66
N VAL L 13 5.78 7.05 -1.37
CA VAL L 13 5.68 6.14 -0.23
C VAL L 13 5.96 6.91 1.07
N GLY L 14 6.83 7.91 0.97
CA GLY L 14 7.13 8.81 2.07
C GLY L 14 5.91 9.65 2.46
N ILE L 15 5.24 10.22 1.46
CA ILE L 15 4.01 11.00 1.71
C ILE L 15 2.81 10.11 1.99
N LEU L 16 2.87 8.85 1.53
CA LEU L 16 1.83 7.86 1.82
C LEU L 16 1.83 7.50 3.31
N ALA L 17 3.03 7.43 3.89
CA ALA L 17 3.20 7.19 5.32
C ALA L 17 2.70 8.37 6.15
N ALA L 18 2.89 9.58 5.63
CA ALA L 18 2.43 10.80 6.28
C ALA L 18 0.90 10.92 6.28
N VAL L 19 0.27 10.40 5.23
CA VAL L 19 -1.18 10.36 5.13
C VAL L 19 -1.75 9.19 5.95
N ALA L 20 -1.00 8.08 5.99
CA ALA L 20 -1.37 6.92 6.78
C ALA L 20 -1.02 7.08 8.26
N LEU L 21 -0.34 8.18 8.59
CA LEU L 21 0.11 8.45 9.96
C LEU L 21 -1.04 8.80 10.93
N PRO L 22 -1.89 9.78 10.60
CA PRO L 22 -3.01 10.14 11.48
C PRO L 22 -4.12 9.09 11.55
N ALA L 23 -4.27 8.29 10.50
CA ALA L 23 -5.27 7.22 10.46
C ALA L 23 -4.91 6.10 11.44
N TYR L 24 -3.64 5.69 11.42
CA TYR L 24 -3.12 4.67 12.32
C TYR L 24 -2.97 5.22 13.74
N GLN L 25 -2.66 6.50 13.85
CA GLN L 25 -2.62 7.20 15.14
C GLN L 25 -4.01 7.43 15.73
N ASP L 26 -5.02 7.48 14.86
CA ASP L 26 -6.43 7.55 15.92
C ASP L 26 -7.01 6.15 16.00
N TYR L 27 -6.78 5.35 14.95
CA TYR L 27 -7.26 3.99 14.97
C TYR L 27 -6.57 3.36 16.16
N THR L 28 -5.30 3.72 16.29
CA THR L 28 -4.48 3.21 17.36
C THR L 28 -4.97 3.62 18.74
N ALA L 29 -5.17 4.92 18.95
CA ALA L 29 -5.63 5.42 20.24
C ALA L 29 -7.00 4.86 20.57
N ARG L 30 -7.86 4.87 19.57
CA ARG L 30 -9.22 4.37 19.69
C ARG L 30 -9.18 2.92 20.09
N ALA L 31 -8.06 2.26 19.81
CA ALA L 31 -7.88 0.85 20.14
C ALA L 31 -7.43 0.68 21.59
N GLN L 32 -6.59 1.61 22.03
CA GLN L 32 -6.04 1.61 23.39
C GLN L 32 -7.10 2.02 24.41
N VAL L 33 -8.14 2.71 23.93
CA VAL L 33 -9.22 3.14 24.81
C VAL L 33 -10.22 2.02 24.93
N SER L 34 -10.41 1.28 23.85
CA SER L 34 -11.36 0.18 23.83
C SER L 34 -11.01 -0.86 24.88
N GLU L 35 -9.77 -0.80 25.37
CA GLU L 35 -9.33 -1.74 26.38
C GLU L 35 -9.54 -1.20 27.76
N ALA L 36 -9.33 0.10 27.91
CA ALA L 36 -9.55 0.72 29.20
C ALA L 36 -11.00 0.39 29.54
N ILE L 37 -11.82 0.30 28.50
CA ILE L 37 -13.22 -0.01 28.66
C ILE L 37 -13.43 -1.47 29.06
N LEU L 38 -12.61 -2.36 28.53
CA LEU L 38 -12.77 -3.78 28.86
C LEU L 38 -12.27 -4.04 30.26
N LEU L 39 -11.28 -3.26 30.68
CA LEU L 39 -10.72 -3.43 32.00
C LEU L 39 -11.67 -2.83 33.02
N ALA L 40 -12.42 -1.83 32.61
CA ALA L 40 -13.38 -1.17 33.48
C ALA L 40 -14.54 -2.13 33.70
N GLU L 41 -14.99 -2.76 32.62
CA GLU L 41 -16.09 -3.71 32.70
C GLU L 41 -15.59 -4.97 33.41
N GLY L 42 -16.45 -5.95 33.58
CA GLY L 42 -16.02 -7.19 34.24
C GLY L 42 -15.80 -6.94 35.72
N GLN L 43 -15.99 -5.68 36.08
CA GLN L 43 -15.87 -5.24 37.44
C GLN L 43 -17.24 -4.68 37.74
N LYS L 44 -18.12 -4.82 36.77
CA LYS L 44 -19.49 -4.38 36.89
C LYS L 44 -20.12 -5.42 37.79
N SER L 45 -19.76 -6.67 37.55
CA SER L 45 -20.26 -7.80 38.34
C SER L 45 -20.13 -7.55 39.82
N ALA L 46 -18.91 -7.32 40.28
CA ALA L 46 -18.69 -7.06 41.69
C ALA L 46 -19.58 -5.91 42.16
N VAL L 47 -19.50 -4.79 41.47
CA VAL L 47 -20.27 -3.61 41.82
C VAL L 47 -21.78 -3.84 41.80
N THR L 48 -22.27 -4.55 40.81
CA THR L 48 -23.70 -4.82 40.72
C THR L 48 -24.14 -5.65 41.91
N GLU L 49 -23.44 -6.75 42.13
CA GLU L 49 -23.79 -7.61 43.23
C GLU L 49 -23.75 -6.81 44.53
N TYR L 50 -22.64 -6.12 44.79
CA TYR L 50 -22.56 -5.36 46.04
C TYR L 50 -23.79 -4.46 46.22
N TYR L 51 -24.19 -3.75 45.18
CA TYR L 51 -25.35 -2.87 45.27
C TYR L 51 -26.68 -3.61 45.53
N LEU L 52 -26.97 -4.62 44.71
CA LEU L 52 -28.20 -5.40 44.89
C LEU L 52 -28.28 -6.12 46.23
N ASN L 53 -27.14 -6.61 46.72
CA ASN L 53 -27.15 -7.30 48.00
C ASN L 53 -27.27 -6.35 49.19
N HIS L 54 -26.71 -5.16 49.09
CA HIS L 54 -26.76 -4.22 50.20
C HIS L 54 -27.55 -2.92 50.01
N GLY L 55 -27.81 -2.54 48.76
CA GLY L 55 -28.55 -1.33 48.53
C GLY L 55 -27.70 -0.08 48.66
N LYS L 56 -26.38 -0.27 48.74
CA LYS L 56 -25.42 0.83 48.84
C LYS L 56 -24.32 0.53 47.82
N TRP L 57 -23.80 1.56 47.14
CA TRP L 57 -22.74 1.36 46.15
C TRP L 57 -21.42 1.11 46.85
N PRO L 58 -20.60 0.20 46.31
CA PRO L 58 -19.30 -0.09 46.94
C PRO L 58 -18.42 1.16 46.99
N GLU L 59 -17.96 1.53 48.18
CA GLU L 59 -17.13 2.72 48.33
C GLU L 59 -15.80 2.68 47.60
N ASN L 60 -15.16 1.52 47.61
CA ASN L 60 -13.87 1.36 46.94
C ASN L 60 -13.66 -0.07 46.47
N ASN L 61 -12.57 -0.32 45.76
CA ASN L 61 -12.27 -1.66 45.24
C ASN L 61 -12.45 -2.80 46.25
N THR L 62 -11.91 -2.61 47.44
CA THR L 62 -11.99 -3.63 48.49
C THR L 62 -13.43 -3.91 48.84
N SER L 63 -14.24 -2.86 48.95
CA SER L 63 -15.65 -3.04 49.23
C SER L 63 -16.27 -3.89 48.14
N ALA L 64 -15.96 -3.55 46.89
CA ALA L 64 -16.52 -4.28 45.75
C ALA L 64 -15.97 -5.69 45.67
N GLY L 65 -14.92 -5.95 46.43
CA GLY L 65 -14.32 -7.26 46.43
C GLY L 65 -13.48 -7.45 45.19
N VAL L 66 -12.54 -6.53 44.97
CA VAL L 66 -11.64 -6.59 43.83
C VAL L 66 -10.28 -6.13 44.31
N ALA L 67 -9.25 -6.44 43.52
CA ALA L 67 -7.88 -6.05 43.87
C ALA L 67 -7.94 -4.76 44.69
N SER L 68 -7.81 -4.93 46.00
CA SER L 68 -7.86 -3.82 46.93
C SER L 68 -7.04 -2.62 46.47
N SER L 69 -6.13 -2.86 45.54
CA SER L 69 -5.26 -1.81 45.04
C SER L 69 -5.61 -1.41 43.60
N PRO L 70 -6.03 -0.15 43.37
CA PRO L 70 -6.40 0.33 42.04
C PRO L 70 -5.35 -0.07 41.00
N THR L 71 -4.09 0.15 41.37
CA THR L 71 -2.95 -0.15 40.51
C THR L 71 -2.83 -1.64 40.20
N ASP L 72 -3.61 -2.46 40.87
CA ASP L 72 -3.54 -3.89 40.62
C ASP L 72 -4.51 -4.27 39.49
N ILE L 73 -5.27 -3.30 39.01
CA ILE L 73 -6.21 -3.51 37.92
C ILE L 73 -5.79 -2.71 36.70
N LYS L 74 -4.49 -2.76 36.41
CA LYS L 74 -3.92 -2.05 35.29
C LYS L 74 -3.74 -2.94 34.07
N GLY L 75 -3.26 -2.33 32.99
CA GLY L 75 -3.03 -3.05 31.77
C GLY L 75 -1.86 -2.46 31.01
N LYS L 76 -1.86 -2.66 29.70
CA LYS L 76 -0.81 -2.18 28.82
C LYS L 76 -0.94 -0.68 28.64
N TYR L 77 -2.17 -0.22 28.42
CA TYR L 77 -2.44 1.19 28.22
C TYR L 77 -3.18 1.72 29.43
N VAL L 78 -3.57 0.79 30.31
CA VAL L 78 -4.30 1.16 31.51
C VAL L 78 -3.40 1.18 32.72
N LYS L 79 -3.30 2.34 33.34
CA LYS L 79 -2.47 2.49 34.53
C LYS L 79 -3.22 2.02 35.77
N GLU L 80 -4.53 1.84 35.64
CA GLU L 80 -5.37 1.36 36.74
C GLU L 80 -6.88 1.45 36.51
N VAL L 81 -7.62 1.05 37.53
CA VAL L 81 -9.07 1.04 37.53
C VAL L 81 -9.50 1.11 38.99
N GLU L 82 -10.16 2.21 39.34
CA GLU L 82 -10.62 2.44 40.70
C GLU L 82 -12.13 2.50 40.79
N VAL L 83 -12.66 1.91 41.85
CA VAL L 83 -14.09 1.91 42.10
C VAL L 83 -14.28 2.94 43.19
N LYS L 84 -15.06 3.97 42.87
CA LYS L 84 -15.32 5.03 43.83
C LYS L 84 -16.83 5.22 43.92
N ASN L 85 -17.43 4.62 44.94
CA ASN L 85 -18.87 4.65 45.18
C ASN L 85 -19.66 4.09 44.01
N GLY L 86 -19.28 2.88 43.58
CA GLY L 86 -19.94 2.23 42.47
C GLY L 86 -19.49 2.67 41.10
N VAL L 87 -18.86 3.85 41.02
CA VAL L 87 -18.36 4.36 39.75
C VAL L 87 -17.00 3.74 39.51
N VAL L 88 -16.80 3.14 38.34
CA VAL L 88 -15.53 2.53 38.03
C VAL L 88 -14.84 3.36 36.96
N THR L 89 -13.70 3.94 37.31
CA THR L 89 -12.93 4.78 36.40
C THR L 89 -11.65 4.09 35.94
N ALA L 90 -11.34 4.21 34.65
CA ALA L 90 -10.13 3.57 34.14
C ALA L 90 -9.14 4.63 33.67
N THR L 91 -7.91 4.56 34.17
CA THR L 91 -6.89 5.52 33.78
C THR L 91 -5.93 4.96 32.74
N MET L 92 -5.62 5.80 31.76
CA MET L 92 -4.71 5.43 30.69
C MET L 92 -3.28 5.62 31.15
N LEU L 93 -2.44 4.61 30.93
CA LEU L 93 -1.04 4.66 31.31
C LEU L 93 -0.40 5.92 30.72
N SER L 94 0.91 6.02 30.85
CA SER L 94 1.63 7.17 30.29
C SER L 94 2.60 6.68 29.23
N SER L 95 2.86 5.37 29.26
CA SER L 95 3.77 4.74 28.30
C SER L 95 3.06 3.67 27.48
N GLY L 96 3.24 3.72 26.16
CA GLY L 96 2.63 2.75 25.28
C GLY L 96 1.31 3.18 24.66
N VAL L 97 0.93 4.44 24.87
CA VAL L 97 -0.33 4.95 24.32
C VAL L 97 -0.17 6.06 23.28
N ASN L 98 -1.30 6.51 22.74
CA ASN L 98 -1.32 7.56 21.73
C ASN L 98 -0.41 8.73 22.08
N ASN L 99 -1.00 9.81 22.57
CA ASN L 99 -0.25 10.99 22.93
C ASN L 99 -1.22 11.99 23.54
N GLU L 100 -2.46 11.98 23.07
CA GLU L 100 -3.45 12.89 23.60
C GLU L 100 -4.48 12.13 24.41
N ILE L 101 -4.11 10.92 24.85
CA ILE L 101 -5.01 10.12 25.66
C ILE L 101 -4.38 9.51 26.91
N LYS L 102 -3.06 9.65 27.06
CA LYS L 102 -2.39 9.10 28.23
C LYS L 102 -2.71 9.88 29.49
N GLY L 103 -2.77 9.15 30.61
CA GLY L 103 -3.09 9.78 31.87
C GLY L 103 -4.54 10.23 31.81
N LYS L 104 -5.24 9.85 30.75
CA LYS L 104 -6.63 10.24 30.61
C LYS L 104 -7.53 9.07 30.96
N LYS L 105 -8.76 9.36 31.39
CA LYS L 105 -9.65 8.28 31.79
C LYS L 105 -11.15 8.42 31.49
N LEU L 106 -11.86 7.31 31.69
CA LEU L 106 -13.29 7.23 31.49
C LEU L 106 -13.96 6.57 32.72
N SER L 107 -15.29 6.53 32.75
CA SER L 107 -15.99 5.94 33.88
C SER L 107 -17.19 5.13 33.46
N LEU L 108 -17.53 4.18 34.31
CA LEU L 108 -18.66 3.31 34.14
C LEU L 108 -19.39 3.50 35.43
N TRP L 109 -20.70 3.77 35.36
CA TRP L 109 -21.46 3.94 36.58
C TRP L 109 -22.80 3.35 36.31
N ALA L 110 -23.54 3.06 37.35
CA ALA L 110 -24.83 2.45 37.15
C ALA L 110 -25.93 3.23 37.82
N ARG L 111 -27.15 2.77 37.61
CA ARG L 111 -28.31 3.42 38.18
C ARG L 111 -29.29 2.38 38.64
N ARG L 112 -29.90 2.63 39.79
CA ARG L 112 -30.89 1.73 40.36
C ARG L 112 -32.07 1.63 39.42
N GLU L 113 -32.40 0.41 38.99
CA GLU L 113 -33.57 0.24 38.15
C GLU L 113 -34.70 -0.21 39.05
N ASN L 114 -34.32 -0.61 40.27
CA ASN L 114 -35.24 -1.10 41.29
C ASN L 114 -35.38 -2.59 41.02
N GLY L 115 -34.55 -3.38 41.69
CA GLY L 115 -34.57 -4.82 41.48
C GLY L 115 -33.41 -5.22 40.60
N SER L 116 -32.83 -4.22 39.94
CA SER L 116 -31.69 -4.41 39.05
C SER L 116 -31.11 -3.02 38.76
N VAL L 117 -30.01 -2.97 38.02
CA VAL L 117 -29.40 -1.70 37.67
C VAL L 117 -29.03 -1.69 36.18
N LYS L 118 -28.83 -0.49 35.64
CA LYS L 118 -28.41 -0.34 34.27
C LYS L 118 -27.07 0.40 34.24
N TRP L 119 -26.15 -0.06 33.40
CA TRP L 119 -24.84 0.56 33.32
C TRP L 119 -24.64 1.56 32.18
N PHE L 120 -23.80 2.55 32.45
CA PHE L 120 -23.48 3.59 31.48
C PHE L 120 -21.98 3.59 31.32
N CYS L 121 -21.52 4.16 30.20
CA CYS L 121 -20.11 4.22 29.89
C CYS L 121 -19.84 5.57 29.23
N GLY L 122 -18.86 6.31 29.73
CA GLY L 122 -18.57 7.59 29.14
C GLY L 122 -17.38 8.29 29.76
N GLN L 123 -17.39 9.62 29.70
CA GLN L 123 -16.30 10.42 30.25
C GLN L 123 -16.44 10.49 31.76
N PRO L 124 -15.31 10.46 32.49
CA PRO L 124 -15.23 10.50 33.96
C PRO L 124 -16.39 11.18 34.65
N VAL L 125 -16.88 10.55 35.71
CA VAL L 125 -17.98 11.11 36.47
C VAL L 125 -17.77 10.85 37.96
N THR L 126 -18.42 11.64 38.80
CA THR L 126 -18.31 11.47 40.25
C THR L 126 -19.68 11.13 40.77
N ARG L 127 -19.79 10.34 41.83
CA ARG L 127 -21.12 10.06 42.34
C ARG L 127 -21.49 11.08 43.41
N THR L 128 -22.70 11.61 43.30
CA THR L 128 -23.20 12.58 44.23
C THR L 128 -24.01 11.83 45.28
N ASP L 129 -25.15 11.30 44.87
CA ASP L 129 -25.98 10.51 45.76
C ASP L 129 -26.17 9.11 45.15
N ASP L 130 -26.85 8.22 45.85
CA ASP L 130 -26.99 6.85 45.35
C ASP L 130 -27.61 6.70 43.97
N ASP L 131 -28.17 7.77 43.46
CA ASP L 131 -28.77 7.70 42.15
C ASP L 131 -28.45 8.92 41.29
N THR L 132 -27.28 9.49 41.52
CA THR L 132 -26.87 10.66 40.78
C THR L 132 -25.36 10.85 40.78
N VAL L 133 -24.81 11.08 39.60
CA VAL L 133 -23.38 11.31 39.41
C VAL L 133 -23.24 12.61 38.63
N ALA L 134 -22.02 13.10 38.45
CA ALA L 134 -21.81 14.33 37.69
C ALA L 134 -20.44 14.35 37.08
N ASP L 135 -20.29 15.14 36.02
CA ASP L 135 -19.04 15.24 35.30
C ASP L 135 -17.88 15.52 36.24
N ALA L 136 -16.87 14.68 36.17
CA ALA L 136 -15.69 14.89 36.97
C ALA L 136 -14.88 15.87 36.14
N LYS L 137 -15.51 16.99 35.80
CA LYS L 137 -14.86 18.03 34.99
C LYS L 137 -13.52 18.43 35.61
N ASP L 138 -12.44 18.20 34.89
CA ASP L 138 -11.13 18.54 35.42
C ASP L 138 -10.06 18.64 34.34
N GLY L 139 -10.35 18.11 33.15
CA GLY L 139 -9.40 18.17 32.05
C GLY L 139 -8.67 16.90 31.65
N LYS L 140 -8.86 15.81 32.38
CA LYS L 140 -8.18 14.57 32.06
C LYS L 140 -9.11 13.50 31.42
N GLU L 141 -10.27 13.93 30.94
CA GLU L 141 -11.19 13.00 30.31
C GLU L 141 -10.74 12.62 28.91
N ILE L 142 -10.91 11.35 28.56
CA ILE L 142 -10.54 10.90 27.23
C ILE L 142 -11.51 11.60 26.28
N ASP L 143 -10.94 12.23 25.26
CA ASP L 143 -11.66 12.98 24.24
C ASP L 143 -12.73 12.19 23.51
N THR L 144 -13.89 12.78 23.35
CA THR L 144 -14.99 12.09 22.67
C THR L 144 -14.57 11.32 21.42
N LYS L 145 -13.67 11.88 20.62
CA LYS L 145 -13.26 11.21 19.40
C LYS L 145 -12.65 9.83 19.63
N HIS L 146 -12.10 9.60 20.81
CA HIS L 146 -11.48 8.31 21.10
C HIS L 146 -12.43 7.30 21.74
N LEU L 147 -13.64 7.71 22.02
CA LEU L 147 -14.59 6.82 22.65
C LEU L 147 -15.56 6.15 21.70
N PRO L 148 -15.77 4.83 21.88
CA PRO L 148 -16.67 4.04 21.05
C PRO L 148 -18.04 4.71 21.00
N SER L 149 -18.89 4.22 20.10
CA SER L 149 -20.24 4.74 19.97
C SER L 149 -21.05 4.24 21.19
N THR L 150 -20.59 3.12 21.77
CA THR L 150 -21.26 2.55 22.91
C THR L 150 -20.81 3.16 24.22
N CYS L 151 -19.93 4.16 24.17
CA CYS L 151 -19.47 4.78 25.41
C CYS L 151 -19.51 6.28 25.29
N ARG L 152 -20.64 6.79 24.83
CA ARG L 152 -20.84 8.23 24.67
C ARG L 152 -21.84 8.73 25.70
N ASP L 153 -22.05 8.00 26.79
CA ASP L 153 -23.03 8.41 27.79
C ASP L 153 -22.71 9.67 28.62
N ASN L 154 -23.73 10.49 28.83
CA ASN L 154 -23.63 11.73 29.62
C ASN L 154 -23.99 11.47 31.09
N PHE L 155 -23.46 12.31 31.96
CA PHE L 155 -23.69 12.18 33.38
C PHE L 155 -25.17 11.96 33.73
N ASP L 156 -26.08 12.55 32.94
CA ASP L 156 -27.50 12.39 33.26
C ASP L 156 -28.26 11.38 32.39
N ALA L 157 -27.54 10.48 31.75
CA ALA L 157 -28.19 9.48 30.92
C ALA L 157 -29.08 8.62 31.81
N LYS L 158 -30.25 8.25 31.32
CA LYS L 158 -31.13 7.40 32.13
C LYS L 158 -31.47 6.18 31.31
N MEA M 1 5.21 10.86 -14.05
CA MEA M 1 6.66 10.49 -13.99
C MEA M 1 6.99 9.61 -12.77
O MEA M 1 7.92 8.81 -12.84
CB MEA M 1 7.56 11.75 -14.03
CG MEA M 1 7.36 12.71 -12.87
CD1 MEA M 1 6.12 13.30 -12.64
CE1 MEA M 1 5.93 14.19 -11.59
CZ MEA M 1 7.00 14.52 -10.77
CE2 MEA M 1 8.26 13.95 -11.00
CD2 MEA M 1 8.43 13.05 -12.05
N THR M 2 6.22 9.75 -11.69
CA THR M 2 6.56 9.11 -10.41
C THR M 2 5.41 8.62 -9.53
N LEU M 3 4.74 9.56 -8.87
CA LEU M 3 4.00 9.32 -7.62
C LEU M 3 2.70 8.53 -7.78
N ILE M 4 2.81 7.20 -7.75
CA ILE M 4 1.62 6.35 -7.86
C ILE M 4 1.44 5.43 -6.63
N GLU M 5 2.49 5.31 -5.82
CA GLU M 5 2.46 4.48 -4.62
C GLU M 5 1.54 5.09 -3.56
N LEU M 6 1.56 6.42 -3.44
CA LEU M 6 0.70 7.13 -2.51
C LEU M 6 -0.75 7.15 -3.02
N MET M 7 -0.91 7.26 -4.34
CA MET M 7 -2.23 7.36 -4.97
C MET M 7 -2.99 6.02 -4.98
N ILE M 8 -2.28 4.93 -5.21
CA ILE M 8 -2.90 3.60 -5.23
C ILE M 8 -3.21 3.11 -3.81
N VAL M 9 -2.27 3.31 -2.89
CA VAL M 9 -2.42 2.85 -1.50
C VAL M 9 -3.48 3.66 -0.71
N ILE M 10 -3.74 4.91 -1.12
CA ILE M 10 -4.86 5.65 -0.55
C ILE M 10 -6.20 5.18 -1.16
N ALA M 11 -6.12 4.60 -2.36
CA ALA M 11 -7.29 4.13 -3.08
C ALA M 11 -7.56 2.63 -2.89
N ILE M 12 -6.60 1.92 -2.28
CA ILE M 12 -6.84 0.53 -1.87
C ILE M 12 -7.42 0.46 -0.46
N VAL M 13 -7.10 1.44 0.38
CA VAL M 13 -7.67 1.54 1.72
C VAL M 13 -9.11 2.06 1.61
N GLY M 14 -9.35 2.90 0.61
CA GLY M 14 -10.69 3.39 0.30
C GLY M 14 -11.62 2.27 -0.14
N ILE M 15 -11.14 1.42 -1.05
CA ILE M 15 -11.91 0.26 -1.51
C ILE M 15 -11.93 -0.87 -0.48
N LEU M 16 -10.93 -0.89 0.40
CA LEU M 16 -10.89 -1.86 1.50
C LEU M 16 -12.00 -1.58 2.51
N ALA M 17 -12.27 -0.29 2.73
CA ALA M 17 -13.37 0.14 3.60
C ALA M 17 -14.73 -0.19 3.00
N ALA M 18 -14.82 -0.11 1.66
CA ALA M 18 -16.04 -0.44 0.93
C ALA M 18 -16.35 -1.95 0.96
N VAL M 19 -15.29 -2.76 0.99
CA VAL M 19 -15.41 -4.22 1.11
C VAL M 19 -15.67 -4.60 2.58
N ALA M 20 -15.06 -3.86 3.50
CA ALA M 20 -15.26 -4.08 4.93
C ALA M 20 -16.56 -3.46 5.44
N LEU M 21 -17.24 -2.72 4.57
CA LEU M 21 -18.48 -2.03 4.92
C LEU M 21 -19.67 -2.98 5.18
N PRO M 22 -19.99 -3.88 4.23
CA PRO M 22 -21.12 -4.81 4.43
C PRO M 22 -20.85 -5.88 5.50
N ALA M 23 -19.59 -6.23 5.73
CA ALA M 23 -19.22 -7.21 6.73
C ALA M 23 -19.47 -6.68 8.14
N TYR M 24 -19.05 -5.43 8.38
CA TYR M 24 -19.26 -4.76 9.65
C TYR M 24 -20.73 -4.35 9.81
N GLN M 25 -21.38 -4.02 8.70
CA GLN M 25 -22.82 -3.74 8.68
C GLN M 25 -23.66 -5.00 8.88
N ASP M 26 -23.10 -6.16 8.53
CA ASP M 26 -24.28 -7.34 9.09
C ASP M 26 -23.77 -7.90 10.41
N TYR M 27 -22.46 -7.86 10.60
CA TYR M 27 -21.91 -8.33 11.85
C TYR M 27 -22.52 -7.42 12.90
N THR M 28 -22.61 -6.15 12.52
CA THR M 28 -23.16 -5.14 13.40
C THR M 28 -24.63 -5.38 13.72
N ALA M 29 -25.46 -5.53 12.69
CA ALA M 29 -26.88 -5.75 12.90
C ALA M 29 -27.12 -7.03 13.67
N ARG M 30 -26.40 -8.07 13.28
CA ARG M 30 -26.49 -9.38 13.90
C ARG M 30 -26.14 -9.26 15.35
N ALA M 31 -25.40 -8.21 15.70
CA ALA M 31 -24.99 -7.97 17.08
C ALA M 31 -26.08 -7.25 17.87
N GLN M 32 -26.78 -6.34 17.18
CA GLN M 32 -27.87 -5.56 17.76
C GLN M 32 -29.12 -6.41 17.95
N VAL M 33 -29.20 -7.51 17.24
CA VAL M 33 -30.33 -8.41 17.35
C VAL M 33 -30.07 -9.38 18.49
N SER M 34 -28.81 -9.76 18.66
CA SER M 34 -28.44 -10.69 19.70
C SER M 34 -28.79 -10.15 21.07
N GLU M 35 -29.04 -8.85 21.13
CA GLU M 35 -29.39 -8.22 22.40
C GLU M 35 -30.89 -8.18 22.58
N ALA M 36 -31.60 -7.93 21.49
CA ALA M 36 -33.05 -7.91 21.56
C ALA M 36 -33.41 -9.27 22.14
N ILE M 37 -32.61 -10.27 21.81
CA ILE M 37 -32.83 -11.62 22.28
C ILE M 37 -32.53 -11.74 23.77
N LEU M 38 -31.50 -11.04 24.24
CA LEU M 38 -31.14 -11.13 25.65
C LEU M 38 -32.15 -10.38 26.49
N LEU M 39 -32.72 -9.33 25.91
CA LEU M 39 -33.69 -8.53 26.62
C LEU M 39 -35.02 -9.27 26.66
N ALA M 40 -35.26 -10.10 25.64
CA ALA M 40 -36.47 -10.87 25.57
C ALA M 40 -36.40 -11.97 26.61
N GLU M 41 -35.25 -12.61 26.70
CA GLU M 41 -35.05 -13.68 27.68
C GLU M 41 -34.97 -13.04 29.07
N GLY M 42 -34.80 -13.86 30.10
CA GLY M 42 -34.71 -13.32 31.45
C GLY M 42 -36.07 -12.82 31.91
N GLN M 43 -37.01 -12.94 30.98
CA GLN M 43 -38.38 -12.58 31.21
C GLN M 43 -39.13 -13.87 30.98
N LYS M 44 -38.35 -14.91 30.74
CA LYS M 44 -38.90 -16.24 30.53
C LYS M 44 -39.29 -16.68 31.92
N SER M 45 -38.43 -16.37 32.88
CA SER M 45 -38.65 -16.71 34.29
C SER M 45 -40.04 -16.31 34.74
N ALA M 46 -40.35 -15.03 34.64
CA ALA M 46 -41.65 -14.55 35.05
C ALA M 46 -42.75 -15.34 34.33
N VAL M 47 -42.67 -15.38 33.02
CA VAL M 47 -43.66 -16.09 32.22
C VAL M 47 -43.78 -17.57 32.54
N THR M 48 -42.66 -18.23 32.75
CA THR M 48 -42.69 -19.65 33.08
C THR M 48 -43.39 -19.87 34.40
N GLU M 49 -42.96 -19.13 35.41
CA GLU M 49 -43.56 -19.27 36.71
C GLU M 49 -45.06 -18.99 36.61
N TYR M 50 -45.43 -17.85 36.03
CA TYR M 50 -46.85 -17.55 35.93
C TYR M 50 -47.64 -18.72 35.34
N TYR M 51 -47.14 -19.30 34.25
CA TYR M 51 -47.82 -20.44 33.63
C TYR M 51 -47.91 -21.69 34.53
N LEU M 52 -46.78 -22.13 35.06
CA LEU M 52 -46.76 -23.30 35.93
C LEU M 52 -47.58 -23.12 37.21
N ASN M 53 -47.59 -21.91 37.75
CA ASN M 53 -48.37 -21.68 38.97
C ASN M 53 -49.88 -21.58 38.69
N HIS M 54 -50.27 -21.05 37.54
CA HIS M 54 -51.68 -20.89 37.23
C HIS M 54 -52.26 -21.71 36.08
N GLY M 55 -51.40 -22.19 35.19
CA GLY M 55 -51.90 -22.97 34.08
C GLY M 55 -52.47 -22.11 32.96
N LYS M 56 -52.23 -20.81 33.05
CA LYS M 56 -52.67 -19.85 32.03
C LYS M 56 -51.47 -18.95 31.73
N TRP M 57 -51.29 -18.57 30.46
CA TRP M 57 -50.16 -17.71 30.08
C TRP M 57 -50.44 -16.29 30.50
N PRO M 58 -49.40 -15.57 30.98
CA PRO M 58 -49.61 -14.18 31.41
C PRO M 58 -50.08 -13.32 30.25
N GLU M 59 -51.22 -12.64 30.44
CA GLU M 59 -51.78 -11.80 29.38
C GLU M 59 -50.91 -10.63 28.96
N ASN M 60 -50.26 -10.00 29.93
CA ASN M 60 -49.40 -8.85 29.65
C ASN M 60 -48.28 -8.73 30.67
N ASN M 61 -47.38 -7.79 30.46
CA ASN M 61 -46.24 -7.59 31.36
C ASN M 61 -46.60 -7.58 32.85
N THR M 62 -47.64 -6.82 33.19
CA THR M 62 -48.07 -6.71 34.58
C THR M 62 -48.48 -8.06 35.13
N SER M 63 -49.19 -8.83 34.33
CA SER M 63 -49.59 -10.15 34.75
C SER M 63 -48.35 -10.97 35.04
N ALA M 64 -47.37 -10.91 34.13
CA ALA M 64 -46.14 -11.67 34.29
C ALA M 64 -45.31 -11.14 35.45
N GLY M 65 -45.67 -9.96 35.93
CA GLY M 65 -44.94 -9.37 37.03
C GLY M 65 -43.65 -8.77 36.55
N VAL M 66 -43.75 -7.89 35.55
CA VAL M 66 -42.58 -7.23 35.00
C VAL M 66 -42.99 -5.81 34.68
N ALA M 67 -42.00 -4.93 34.50
CA ALA M 67 -42.26 -3.52 34.19
C ALA M 67 -43.59 -3.43 33.45
N SER M 68 -44.62 -3.06 34.19
CA SER M 68 -45.96 -2.94 33.65
C SER M 68 -45.99 -2.22 32.31
N SER M 69 -44.92 -1.50 32.01
CA SER M 69 -44.85 -0.74 30.77
C SER M 69 -43.85 -1.36 29.78
N PRO M 70 -44.33 -1.81 28.60
CA PRO M 70 -43.45 -2.42 27.59
C PRO M 70 -42.20 -1.58 27.36
N THR M 71 -42.41 -0.29 27.22
CA THR M 71 -41.34 0.68 27.00
C THR M 71 -40.35 0.74 28.13
N ASP M 72 -40.67 0.11 29.25
CA ASP M 72 -39.76 0.13 30.38
C ASP M 72 -38.76 -1.03 30.29
N ILE M 73 -38.93 -1.87 29.27
CA ILE M 73 -38.04 -3.01 29.04
C ILE M 73 -37.29 -2.81 27.72
N LYS M 74 -36.81 -1.58 27.52
CA LYS M 74 -36.09 -1.24 26.32
C LYS M 74 -34.58 -1.29 26.52
N GLY M 75 -33.86 -1.02 25.43
CA GLY M 75 -32.42 -1.02 25.48
C GLY M 75 -31.85 -0.01 24.50
N LYS M 76 -30.62 -0.26 24.07
CA LYS M 76 -29.92 0.60 23.14
C LYS M 76 -30.49 0.44 21.75
N TYR M 77 -30.72 -0.80 21.36
CA TYR M 77 -31.27 -1.12 20.04
C TYR M 77 -32.68 -1.62 20.21
N VAL M 78 -33.07 -1.84 21.47
CA VAL M 78 -34.40 -2.34 21.77
C VAL M 78 -35.30 -1.22 22.24
N LYS M 79 -36.38 -1.01 21.50
CA LYS M 79 -37.34 0.02 21.83
C LYS M 79 -38.32 -0.47 22.89
N GLU M 80 -38.32 -1.80 23.12
CA GLU M 80 -39.19 -2.41 24.12
C GLU M 80 -39.28 -3.94 24.07
N VAL M 81 -40.09 -4.46 24.97
CA VAL M 81 -40.33 -5.90 25.10
C VAL M 81 -41.69 -6.05 25.76
N GLU M 82 -42.62 -6.63 25.02
CA GLU M 82 -43.99 -6.82 25.49
C GLU M 82 -44.34 -8.29 25.61
N VAL M 83 -45.06 -8.62 26.68
CA VAL M 83 -45.51 -9.98 26.92
C VAL M 83 -46.97 -9.97 26.53
N LYS M 84 -47.31 -10.78 25.56
CA LYS M 84 -48.69 -10.87 25.09
C LYS M 84 -49.10 -12.34 25.10
N ASN M 85 -49.80 -12.73 26.16
CA ASN M 85 -50.26 -14.11 26.37
C ASN M 85 -49.10 -15.09 26.40
N GLY M 86 -48.10 -14.79 27.22
CA GLY M 86 -46.94 -15.66 27.35
C GLY M 86 -45.88 -15.46 26.28
N VAL M 87 -46.27 -14.87 25.15
CA VAL M 87 -45.34 -14.61 24.06
C VAL M 87 -44.61 -13.32 24.38
N VAL M 88 -43.29 -13.34 24.33
CA VAL M 88 -42.52 -12.14 24.61
C VAL M 88 -41.87 -11.67 23.33
N THR M 89 -42.26 -10.49 22.88
CA THR M 89 -41.76 -9.90 21.65
C THR M 89 -40.82 -8.73 21.92
N ALA M 90 -39.71 -8.66 21.19
CA ALA M 90 -38.76 -7.57 21.39
C ALA M 90 -38.70 -6.68 20.16
N THR M 91 -38.90 -5.39 20.34
CA THR M 91 -38.85 -4.46 19.22
C THR M 91 -37.53 -3.71 19.14
N MET M 92 -37.03 -3.59 17.92
CA MET M 92 -35.77 -2.90 17.67
C MET M 92 -36.03 -1.40 17.58
N LEU M 93 -35.22 -0.63 18.30
CA LEU M 93 -35.35 0.82 18.30
C LEU M 93 -35.34 1.35 16.86
N SER M 94 -35.28 2.66 16.70
CA SER M 94 -35.23 3.26 15.38
C SER M 94 -33.91 4.00 15.23
N SER M 95 -33.27 4.27 16.37
CA SER M 95 -32.01 4.99 16.38
C SER M 95 -30.89 4.15 17.02
N GLY M 96 -29.75 4.07 16.34
CA GLY M 96 -28.62 3.31 16.85
C GLY M 96 -28.52 1.91 16.30
N VAL M 97 -29.35 1.56 15.32
CA VAL M 97 -29.32 0.23 14.73
C VAL M 97 -28.92 0.18 13.25
N ASN M 98 -28.87 -1.02 12.70
CA ASN M 98 -28.48 -1.24 11.31
C ASN M 98 -29.19 -0.28 10.37
N ASN M 99 -30.23 -0.78 9.69
CA ASN M 99 -30.97 0.02 8.75
C ASN M 99 -32.14 -0.82 8.25
N GLU M 100 -31.92 -2.13 8.15
CA GLU M 100 -32.97 -3.00 7.69
C GLU M 100 -33.48 -3.85 8.83
N ILE M 101 -33.23 -3.41 10.06
CA ILE M 101 -33.69 -4.15 11.23
C ILE M 101 -34.39 -3.28 12.29
N LYS M 102 -34.37 -1.96 12.11
CA LYS M 102 -35.01 -1.08 13.08
C LYS M 102 -36.53 -1.16 13.01
N GLY M 103 -37.16 -1.01 14.16
CA GLY M 103 -38.60 -1.09 14.24
C GLY M 103 -38.99 -2.53 13.95
N LYS M 104 -38.01 -3.42 13.85
CA LYS M 104 -38.30 -4.81 13.57
C LYS M 104 -38.19 -5.63 14.85
N LYS M 105 -38.91 -6.76 14.90
CA LYS M 105 -38.88 -7.55 16.11
C LYS M 105 -38.93 -9.08 15.99
N LEU M 106 -38.70 -9.74 17.12
CA LEU M 106 -38.72 -11.19 17.23
C LEU M 106 -39.58 -11.60 18.45
N SER M 107 -39.81 -12.90 18.62
CA SER M 107 -40.62 -13.39 19.72
C SER M 107 -40.06 -14.64 20.35
N LEU M 108 -40.41 -14.81 21.61
CA LEU M 108 -40.02 -15.96 22.41
C LEU M 108 -41.36 -16.43 22.90
N TRP M 109 -41.63 -17.72 22.76
CA TRP M 109 -42.90 -18.25 23.23
C TRP M 109 -42.60 -19.61 23.75
N ALA M 110 -43.48 -20.15 24.56
CA ALA M 110 -43.24 -21.45 25.12
C ALA M 110 -44.36 -22.41 24.85
N ARG M 111 -44.16 -23.64 25.27
CA ARG M 111 -45.14 -24.68 25.06
C ARG M 111 -45.21 -25.56 26.28
N ARG M 112 -46.44 -25.93 26.65
CA ARG M 112 -46.65 -26.80 27.80
C ARG M 112 -45.98 -28.14 27.56
N GLU M 113 -45.09 -28.55 28.45
CA GLU M 113 -44.47 -29.85 28.32
C GLU M 113 -45.23 -30.78 29.24
N ASN M 114 -46.03 -30.19 30.12
CA ASN M 114 -46.82 -30.89 31.12
C ASN M 114 -45.91 -31.09 32.31
N GLY M 115 -45.98 -30.14 33.24
CA GLY M 115 -45.13 -30.19 34.42
C GLY M 115 -43.98 -29.21 34.25
N SER M 116 -43.79 -28.76 33.02
CA SER M 116 -42.75 -27.81 32.66
C SER M 116 -43.05 -27.31 31.25
N VAL M 117 -42.27 -26.36 30.77
CA VAL M 117 -42.45 -25.83 29.43
C VAL M 117 -41.12 -25.75 28.69
N LYS M 118 -41.19 -25.64 27.37
CA LYS M 118 -39.99 -25.50 26.57
C LYS M 118 -40.11 -24.19 25.78
N TRP M 119 -39.01 -23.45 25.70
CA TRP M 119 -39.02 -22.17 25.00
C TRP M 119 -38.48 -22.18 23.57
N PHE M 120 -39.05 -21.31 22.75
CA PHE M 120 -38.65 -21.19 21.36
C PHE M 120 -38.26 -19.75 21.14
N CYS M 121 -37.49 -19.50 20.08
CA CYS M 121 -37.02 -18.17 19.76
C CYS M 121 -37.04 -18.04 18.24
N GLY M 122 -37.66 -16.98 17.74
CA GLY M 122 -37.72 -16.81 16.29
C GLY M 122 -38.39 -15.52 15.86
N GLN M 123 -38.97 -15.55 14.67
CA GLN M 123 -39.64 -14.37 14.12
C GLN M 123 -41.02 -14.23 14.77
N PRO M 124 -41.44 -12.99 15.04
CA PRO M 124 -42.72 -12.64 15.66
C PRO M 124 -43.84 -13.65 15.50
N VAL M 125 -44.54 -13.93 16.59
CA VAL M 125 -45.63 -14.87 16.56
C VAL M 125 -46.77 -14.38 17.46
N THR M 126 -47.98 -14.87 17.21
CA THR M 126 -49.13 -14.49 18.02
C THR M 126 -49.65 -15.74 18.70
N ARG M 127 -50.20 -15.65 19.89
CA ARG M 127 -50.72 -16.85 20.50
C ARG M 127 -52.20 -17.02 20.13
N THR M 128 -52.55 -18.24 19.72
CA THR M 128 -53.90 -18.56 19.34
C THR M 128 -54.58 -19.15 20.57
N ASP M 129 -54.16 -20.35 20.95
CA ASP M 129 -54.69 -21.00 22.13
C ASP M 129 -53.53 -21.29 23.10
N ASP M 130 -53.82 -21.83 24.27
CA ASP M 130 -52.76 -22.05 25.26
C ASP M 130 -51.61 -22.91 24.80
N ASP M 131 -51.76 -23.56 23.67
CA ASP M 131 -50.69 -24.41 23.18
C ASP M 131 -50.47 -24.25 21.68
N THR M 132 -50.75 -23.05 21.17
CA THR M 132 -50.59 -22.81 19.76
C THR M 132 -50.44 -21.32 19.46
N VAL M 133 -49.44 -21.00 18.65
CA VAL M 133 -49.16 -19.63 18.24
C VAL M 133 -49.06 -19.64 16.72
N ALA M 134 -48.94 -18.48 16.10
CA ALA M 134 -48.84 -18.41 14.64
C ALA M 134 -48.09 -17.19 14.21
N ASP M 135 -47.53 -17.23 13.01
CA ASP M 135 -46.75 -16.14 12.47
C ASP M 135 -47.51 -14.83 12.56
N ALA M 136 -46.88 -13.84 13.18
CA ALA M 136 -47.49 -12.53 13.27
C ALA M 136 -47.09 -11.90 11.94
N LYS M 137 -47.44 -12.58 10.84
CA LYS M 137 -47.12 -12.09 9.49
C LYS M 137 -47.63 -10.67 9.31
N ASP M 138 -46.73 -9.74 9.07
CA ASP M 138 -47.13 -8.36 8.90
C ASP M 138 -46.07 -7.51 8.21
N GLY M 139 -44.83 -8.01 8.16
CA GLY M 139 -43.76 -7.29 7.50
C GLY M 139 -42.69 -6.64 8.37
N LYS M 140 -42.84 -6.69 9.69
CA LYS M 140 -41.86 -6.07 10.57
C LYS M 140 -40.96 -7.10 11.30
N GLU M 141 -40.93 -8.33 10.80
CA GLU M 141 -40.10 -9.36 11.40
C GLU M 141 -38.62 -9.16 11.06
N ILE M 142 -37.75 -9.39 12.02
CA ILE M 142 -36.33 -9.27 11.77
C ILE M 142 -35.99 -10.41 10.80
N ASP M 143 -35.32 -10.05 9.71
CA ASP M 143 -34.92 -10.94 8.64
C ASP M 143 -34.08 -12.13 9.10
N THR M 144 -34.41 -13.31 8.61
CA THR M 144 -33.66 -14.51 9.01
C THR M 144 -32.15 -14.33 9.06
N LYS M 145 -31.59 -13.59 8.11
CA LYS M 145 -30.14 -13.42 8.11
C LYS M 145 -29.58 -12.77 9.37
N HIS M 146 -30.41 -12.01 10.08
CA HIS M 146 -29.94 -11.34 11.30
C HIS M 146 -30.17 -12.15 12.56
N LEU M 147 -30.81 -13.30 12.43
CA LEU M 147 -31.09 -14.10 13.60
C LEU M 147 -30.09 -15.24 13.83
N PRO M 148 -29.67 -15.40 15.09
CA PRO M 148 -28.72 -16.44 15.50
C PRO M 148 -29.22 -17.80 15.00
N SER M 149 -28.35 -18.79 15.09
CA SER M 149 -28.70 -20.15 14.70
C SER M 149 -29.65 -20.71 15.78
N THR M 150 -29.55 -20.16 16.98
CA THR M 150 -30.37 -20.59 18.09
C THR M 150 -31.73 -19.91 18.11
N CYS M 151 -32.01 -19.06 17.13
CA CYS M 151 -33.30 -18.38 17.12
C CYS M 151 -33.92 -18.45 15.74
N ARG M 152 -33.95 -19.64 15.18
CA ARG M 152 -34.52 -19.87 13.86
C ARG M 152 -35.82 -20.66 13.99
N ASP M 153 -36.44 -20.66 15.16
CA ASP M 153 -37.67 -21.44 15.36
C ASP M 153 -38.93 -20.98 14.60
N ASN M 154 -39.66 -21.94 14.06
CA ASN M 154 -40.92 -21.70 13.34
C ASN M 154 -42.12 -21.78 14.28
N PHE M 155 -43.19 -21.10 13.89
CA PHE M 155 -44.39 -21.06 14.69
C PHE M 155 -44.84 -22.45 15.18
N ASP M 156 -44.58 -23.48 14.39
CA ASP M 156 -45.01 -24.83 14.80
C ASP M 156 -43.91 -25.73 15.35
N ALA M 157 -42.80 -25.14 15.78
CA ALA M 157 -41.72 -25.93 16.34
C ALA M 157 -42.23 -26.64 17.58
N LYS M 158 -41.83 -27.88 17.79
CA LYS M 158 -42.25 -28.59 18.99
C LYS M 158 -41.02 -29.08 19.73
N MEA N 1 1.99 -1.51 -8.83
CA MEA N 1 2.33 -0.07 -8.61
C MEA N 1 1.76 0.49 -7.30
O MEA N 1 2.35 1.39 -6.70
CB MEA N 1 1.93 0.81 -9.82
CG MEA N 1 0.44 0.83 -10.11
CD1 MEA N 1 -0.24 -0.35 -10.40
CE1 MEA N 1 -1.61 -0.34 -10.69
CZ MEA N 1 -2.31 0.86 -10.69
CE2 MEA N 1 -1.63 2.06 -10.41
CD2 MEA N 1 -0.26 2.02 -10.13
N THR N 2 0.63 -0.06 -6.84
CA THR N 2 -0.12 0.51 -5.71
C THR N 2 -0.84 -0.46 -4.77
N LEU N 3 -1.97 -0.99 -5.24
CA LEU N 3 -3.05 -1.49 -4.38
C LEU N 3 -2.75 -2.79 -3.64
N ILE N 4 -2.13 -2.68 -2.46
CA ILE N 4 -1.83 -3.86 -1.66
C ILE N 4 -2.47 -3.81 -0.25
N GLU N 5 -2.95 -2.63 0.14
CA GLU N 5 -3.59 -2.43 1.43
C GLU N 5 -4.96 -3.13 1.47
N LEU N 6 -5.69 -3.10 0.35
CA LEU N 6 -6.97 -3.79 0.23
C LEU N 6 -6.78 -5.29 0.11
N MET N 7 -5.72 -5.69 -0.58
CA MET N 7 -5.43 -7.11 -0.84
C MET N 7 -4.92 -7.86 0.39
N ILE N 8 -4.07 -7.19 1.19
CA ILE N 8 -3.54 -7.82 2.41
C ILE N 8 -4.58 -7.84 3.52
N VAL N 9 -5.32 -6.75 3.69
CA VAL N 9 -6.33 -6.64 4.75
C VAL N 9 -7.56 -7.54 4.51
N ILE N 10 -7.84 -7.87 3.25
CA ILE N 10 -8.87 -8.87 2.95
C ILE N 10 -8.34 -10.29 3.21
N ALA N 11 -7.01 -10.43 3.15
CA ALA N 11 -6.35 -11.73 3.34
C ALA N 11 -5.86 -11.94 4.77
N ILE N 12 -5.90 -10.89 5.59
CA ILE N 12 -5.62 -11.04 7.03
C ILE N 12 -6.90 -11.35 7.80
N VAL N 13 -8.05 -10.87 7.30
CA VAL N 13 -9.35 -11.19 7.88
C VAL N 13 -9.74 -12.63 7.50
N GLY N 14 -9.30 -13.06 6.32
CA GLY N 14 -9.48 -14.42 5.87
C GLY N 14 -8.72 -15.43 6.73
N ILE N 15 -7.45 -15.11 7.02
CA ILE N 15 -6.63 -15.96 7.89
C ILE N 15 -6.99 -15.78 9.37
N LEU N 16 -7.59 -14.64 9.71
CA LEU N 16 -8.07 -14.39 11.07
C LEU N 16 -9.25 -15.29 11.39
N ALA N 17 -10.10 -15.53 10.39
CA ALA N 17 -11.24 -16.43 10.50
C ALA N 17 -10.77 -17.89 10.65
N ALA N 18 -9.68 -18.22 9.96
CA ALA N 18 -9.09 -19.56 10.02
C ALA N 18 -8.45 -19.84 11.39
N VAL N 19 -7.92 -18.80 12.02
CA VAL N 19 -7.36 -18.89 13.37
C VAL N 19 -8.48 -18.87 14.42
N ALA N 20 -9.54 -18.10 14.14
CA ALA N 20 -10.70 -18.03 15.01
C ALA N 20 -11.65 -19.22 14.82
N LEU N 21 -11.35 -20.05 13.83
CA LEU N 21 -12.19 -21.21 13.50
C LEU N 21 -12.15 -22.33 14.56
N PRO N 22 -10.96 -22.82 14.94
CA PRO N 22 -10.87 -23.88 15.96
C PRO N 22 -11.24 -23.42 17.37
N ALA N 23 -11.07 -22.13 17.66
CA ALA N 23 -11.41 -21.57 18.97
C ALA N 23 -12.92 -21.56 19.18
N TYR N 24 -13.65 -21.12 18.15
CA TYR N 24 -15.12 -21.08 18.16
C TYR N 24 -15.69 -22.49 18.02
N GLN N 25 -14.99 -23.35 17.27
CA GLN N 25 -15.33 -24.77 17.15
C GLN N 25 -15.05 -25.55 18.43
N ASP N 26 -14.11 -25.06 19.23
CA ASP N 26 -14.22 -26.11 20.64
C ASP N 26 -15.02 -25.37 21.69
N TYR N 27 -14.98 -24.05 21.63
CA TYR N 27 -15.76 -23.26 22.58
C TYR N 27 -17.19 -23.68 22.32
N THR N 28 -17.48 -23.83 21.04
CA THR N 28 -18.81 -24.21 20.60
C THR N 28 -19.22 -25.60 21.10
N ALA N 29 -18.40 -26.60 20.83
CA ALA N 29 -18.69 -27.97 21.24
C ALA N 29 -18.79 -28.06 22.75
N ARG N 30 -17.84 -27.41 23.42
CA ARG N 30 -17.77 -27.39 24.87
C ARG N 30 -19.03 -26.77 25.41
N ALA N 31 -19.70 -25.98 24.58
CA ALA N 31 -20.96 -25.32 24.97
C ALA N 31 -22.15 -26.26 24.80
N GLN N 32 -22.10 -27.06 23.75
CA GLN N 32 -23.15 -28.03 23.42
C GLN N 32 -23.12 -29.22 24.37
N VAL N 33 -21.99 -29.43 25.03
CA VAL N 33 -21.85 -30.52 25.97
C VAL N 33 -22.33 -30.05 27.33
N SER N 34 -22.09 -28.77 27.64
CA SER N 34 -22.49 -28.21 28.91
C SER N 34 -23.99 -28.31 29.09
N GLU N 35 -24.71 -28.54 28.00
CA GLU N 35 -26.15 -28.65 28.07
C GLU N 35 -26.58 -30.09 28.25
N ALA N 36 -25.86 -30.98 27.60
CA ALA N 36 -26.16 -32.40 27.74
C ALA N 36 -26.08 -32.65 29.24
N ILE N 37 -25.19 -31.91 29.90
CA ILE N 37 -25.00 -32.04 31.32
C ILE N 37 -26.18 -31.46 32.10
N LEU N 38 -26.75 -30.37 31.60
CA LEU N 38 -27.87 -29.76 32.30
C LEU N 38 -29.12 -30.59 32.12
N LEU N 39 -29.21 -31.25 30.98
CA LEU N 39 -30.36 -32.09 30.69
C LEU N 39 -30.26 -33.38 31.49
N ALA N 40 -29.03 -33.80 31.76
CA ALA N 40 -28.79 -35.01 32.52
C ALA N 40 -29.17 -34.74 33.96
N GLU N 41 -28.74 -33.59 34.47
CA GLU N 41 -29.06 -33.20 35.84
C GLU N 41 -30.55 -32.88 35.92
N GLY N 42 -31.03 -32.51 37.11
CA GLY N 42 -32.44 -32.18 37.25
C GLY N 42 -33.29 -33.43 37.15
N GLN N 43 -32.58 -34.52 36.91
CA GLN N 43 -33.18 -35.83 36.81
C GLN N 43 -32.49 -36.61 37.92
N LYS N 44 -31.66 -35.88 38.65
CA LYS N 44 -30.94 -36.46 39.77
C LYS N 44 -31.99 -36.58 40.85
N SER N 45 -32.83 -35.55 40.94
CA SER N 45 -33.92 -35.51 41.92
C SER N 45 -34.73 -36.79 41.90
N ALA N 46 -35.30 -37.12 40.75
CA ALA N 46 -36.09 -38.33 40.63
C ALA N 46 -35.28 -39.53 41.10
N VAL N 47 -34.11 -39.71 40.52
CA VAL N 47 -33.25 -40.82 40.85
C VAL N 47 -32.84 -40.87 42.32
N THR N 48 -32.53 -39.73 42.91
CA THR N 48 -32.14 -39.69 44.31
C THR N 48 -33.30 -40.14 45.18
N GLU N 49 -34.45 -39.52 44.96
CA GLU N 49 -35.60 -39.87 45.74
C GLU N 49 -35.90 -41.37 45.58
N TYR N 50 -35.99 -41.84 44.34
CA TYR N 50 -36.28 -43.26 44.16
C TYR N 50 -35.34 -44.14 44.98
N TYR N 51 -34.05 -43.85 44.96
CA TYR N 51 -33.08 -44.63 45.72
C TYR N 51 -33.28 -44.55 47.25
N LEU N 52 -33.35 -43.34 47.79
CA LEU N 52 -33.55 -43.14 49.22
C LEU N 52 -34.87 -43.73 49.73
N ASN N 53 -35.92 -43.63 48.92
CA ASN N 53 -37.20 -44.18 49.35
C ASN N 53 -37.26 -45.70 49.27
N HIS N 54 -36.57 -46.31 48.30
CA HIS N 54 -36.62 -47.75 48.15
C HIS N 54 -35.32 -48.53 48.39
N GLY N 55 -34.18 -47.85 48.32
CA GLY N 55 -32.93 -48.55 48.54
C GLY N 55 -32.47 -49.31 47.31
N LYS N 56 -33.12 -49.07 46.17
CA LYS N 56 -32.77 -49.69 44.90
C LYS N 56 -32.74 -48.58 43.86
N TRP N 57 -31.79 -48.64 42.92
CA TRP N 57 -31.68 -47.60 41.89
C TRP N 57 -32.77 -47.79 40.85
N PRO N 58 -33.35 -46.69 40.35
CA PRO N 58 -34.41 -46.82 39.35
C PRO N 58 -33.90 -47.51 38.09
N GLU N 59 -34.57 -48.58 37.68
CA GLU N 59 -34.14 -49.34 36.50
C GLU N 59 -34.19 -48.56 35.20
N ASN N 60 -35.22 -47.75 35.03
CA ASN N 60 -35.38 -46.96 33.81
C ASN N 60 -36.14 -45.67 34.08
N ASN N 61 -36.26 -44.82 33.06
CA ASN N 61 -36.95 -43.54 33.21
C ASN N 61 -38.30 -43.61 33.93
N THR N 62 -39.13 -44.57 33.52
CA THR N 62 -40.45 -44.74 34.10
C THR N 62 -40.35 -45.03 35.58
N SER N 63 -39.40 -45.88 35.96
CA SER N 63 -39.21 -46.19 37.35
C SER N 63 -38.87 -44.91 38.09
N ALA N 64 -37.96 -44.12 37.52
CA ALA N 64 -37.54 -42.87 38.16
C ALA N 64 -38.66 -41.85 38.15
N GLY N 65 -39.69 -42.12 37.37
CA GLY N 65 -40.81 -41.20 37.30
C GLY N 65 -40.45 -40.02 36.43
N VAL N 66 -40.03 -40.30 35.20
CA VAL N 66 -39.68 -39.26 34.25
C VAL N 66 -40.14 -39.73 32.89
N ALA N 67 -40.23 -38.79 31.94
CA ALA N 67 -40.68 -39.11 30.59
C ALA N 67 -40.30 -40.55 30.28
N SER N 68 -41.28 -41.43 30.39
CA SER N 68 -41.09 -42.85 30.16
C SER N 68 -40.28 -43.13 28.90
N SER N 69 -40.17 -42.14 28.03
CA SER N 69 -39.46 -42.30 26.77
C SER N 69 -38.15 -41.50 26.77
N PRO N 70 -36.99 -42.19 26.66
CA PRO N 70 -35.68 -41.52 26.65
C PRO N 70 -35.67 -40.33 25.70
N THR N 71 -36.21 -40.56 24.51
CA THR N 71 -36.29 -39.56 23.46
C THR N 71 -37.15 -38.37 23.84
N ASP N 72 -37.87 -38.47 24.95
CA ASP N 72 -38.70 -37.37 25.38
C ASP N 72 -37.91 -36.41 26.25
N ILE N 73 -36.66 -36.76 26.54
CA ILE N 73 -35.77 -35.92 27.35
C ILE N 73 -34.61 -35.44 26.49
N LYS N 74 -34.93 -35.00 25.29
CA LYS N 74 -33.94 -34.52 24.36
C LYS N 74 -33.85 -33.00 24.35
N GLY N 75 -32.92 -32.50 23.55
CA GLY N 75 -32.72 -31.07 23.44
C GLY N 75 -32.26 -30.70 22.05
N LYS N 76 -31.58 -29.57 21.95
CA LYS N 76 -31.07 -29.05 20.69
C LYS N 76 -29.87 -29.88 20.24
N TYR N 77 -28.98 -30.17 21.17
CA TYR N 77 -27.79 -30.95 20.89
C TYR N 77 -27.93 -32.31 21.53
N VAL N 78 -28.97 -32.46 22.35
CA VAL N 78 -29.22 -33.70 23.04
C VAL N 78 -30.30 -34.50 22.36
N LYS N 79 -29.93 -35.71 21.94
CA LYS N 79 -30.87 -36.59 21.27
C LYS N 79 -31.71 -37.35 22.29
N GLU N 80 -31.27 -37.31 23.56
CA GLU N 80 -31.99 -37.98 24.64
C GLU N 80 -31.24 -38.07 25.97
N VAL N 81 -31.90 -38.69 26.93
CA VAL N 81 -31.38 -38.90 28.27
C VAL N 81 -32.10 -40.12 28.83
N GLU N 82 -31.33 -41.17 29.08
CA GLU N 82 -31.87 -42.42 29.60
C GLU N 82 -31.33 -42.74 30.98
N VAL N 83 -32.22 -43.25 31.83
CA VAL N 83 -31.87 -43.63 33.18
C VAL N 83 -31.77 -45.14 33.12
N LYS N 84 -30.60 -45.66 33.42
CA LYS N 84 -30.37 -47.10 33.40
C LYS N 84 -29.75 -47.50 34.73
N ASN N 85 -30.60 -47.98 35.64
CA ASN N 85 -30.20 -48.39 36.99
C ASN N 85 -29.57 -47.25 37.77
N GLY N 86 -30.26 -46.11 37.80
CA GLY N 86 -29.77 -44.95 38.51
C GLY N 86 -28.77 -44.11 37.74
N VAL N 87 -28.14 -44.70 36.73
CA VAL N 87 -27.16 -43.99 35.91
C VAL N 87 -27.93 -43.22 34.85
N VAL N 88 -27.66 -41.93 34.73
CA VAL N 88 -28.34 -41.13 33.75
C VAL N 88 -27.35 -40.73 32.67
N THR N 89 -27.59 -41.20 31.45
CA THR N 89 -26.72 -40.93 30.32
C THR N 89 -27.35 -39.96 29.33
N ALA N 90 -26.58 -39.01 28.83
CA ALA N 90 -27.12 -38.05 27.88
C ALA N 90 -26.46 -38.21 26.52
N THR N 91 -27.26 -38.38 25.48
CA THR N 91 -26.72 -38.55 24.14
C THR N 91 -26.80 -37.26 23.32
N MET N 92 -25.71 -37.00 22.60
CA MET N 92 -25.62 -35.82 21.76
C MET N 92 -26.30 -36.09 20.43
N LEU N 93 -27.15 -35.17 20.00
CA LEU N 93 -27.86 -35.30 18.73
C LEU N 93 -26.86 -35.55 17.61
N SER N 94 -27.34 -35.53 16.38
CA SER N 94 -26.47 -35.73 15.22
C SER N 94 -26.48 -34.46 14.38
N SER N 95 -27.49 -33.62 14.61
CA SER N 95 -27.63 -32.38 13.87
C SER N 95 -27.60 -31.16 14.81
N GLY N 96 -26.79 -30.18 14.46
CA GLY N 96 -26.69 -28.96 15.26
C GLY N 96 -25.53 -28.95 16.24
N VAL N 97 -24.66 -29.96 16.15
CA VAL N 97 -23.51 -30.04 17.06
C VAL N 97 -22.14 -29.92 16.37
N ASN N 98 -21.09 -29.96 17.17
CA ASN N 98 -19.72 -29.84 16.68
C ASN N 98 -19.47 -30.72 15.46
N ASN N 99 -18.82 -31.85 15.68
CA ASN N 99 -18.51 -32.78 14.60
C ASN N 99 -17.87 -34.01 15.22
N GLU N 100 -17.13 -33.81 16.30
CA GLU N 100 -16.48 -34.93 16.95
C GLU N 100 -17.15 -35.21 18.28
N ILE N 101 -18.38 -34.73 18.44
CA ILE N 101 -19.12 -34.97 19.68
C ILE N 101 -20.55 -35.47 19.46
N LYS N 102 -21.03 -35.48 18.22
CA LYS N 102 -22.39 -35.93 17.95
C LYS N 102 -22.53 -37.43 18.13
N GLY N 103 -23.71 -37.83 18.60
CA GLY N 103 -23.96 -39.24 18.84
C GLY N 103 -23.10 -39.67 20.00
N LYS N 104 -22.44 -38.72 20.65
CA LYS N 104 -21.58 -39.06 21.77
C LYS N 104 -22.28 -38.72 23.07
N LYS N 105 -21.91 -39.40 24.15
CA LYS N 105 -22.58 -39.15 25.41
C LYS N 105 -21.75 -39.22 26.71
N LEU N 106 -22.38 -38.77 27.80
CA LEU N 106 -21.80 -38.77 29.13
C LEU N 106 -22.78 -39.39 30.14
N SER N 107 -22.35 -39.58 31.38
CA SER N 107 -23.22 -40.17 32.39
C SER N 107 -23.07 -39.51 33.74
N LEU N 108 -24.15 -39.61 34.50
CA LEU N 108 -24.22 -39.07 35.85
C LEU N 108 -24.65 -40.29 36.62
N TRP N 109 -23.96 -40.58 37.71
CA TRP N 109 -24.32 -41.74 38.51
C TRP N 109 -24.08 -41.35 39.93
N ALA N 110 -24.67 -42.07 40.85
CA ALA N 110 -24.49 -41.71 42.24
C ALA N 110 -23.99 -42.86 43.06
N ARG N 111 -23.73 -42.58 44.32
CA ARG N 111 -23.22 -43.59 45.23
C ARG N 111 -23.88 -43.43 46.57
N ARG N 112 -24.21 -44.55 47.19
CA ARG N 112 -24.83 -44.55 48.51
C ARG N 112 -23.87 -43.94 49.52
N GLU N 113 -24.32 -42.89 50.20
CA GLU N 113 -23.48 -42.30 51.24
C GLU N 113 -23.96 -42.87 52.56
N ASN N 114 -25.13 -43.50 52.51
CA ASN N 114 -25.78 -44.09 53.67
C ASN N 114 -26.59 -42.97 54.31
N GLY N 115 -27.86 -42.87 53.91
CA GLY N 115 -28.71 -41.81 54.43
C GLY N 115 -28.84 -40.72 53.39
N SER N 116 -27.94 -40.76 52.40
CA SER N 116 -27.92 -39.81 51.31
C SER N 116 -26.99 -40.37 50.23
N VAL N 117 -26.90 -39.69 49.10
CA VAL N 117 -26.02 -40.13 48.03
C VAL N 117 -25.20 -38.95 47.49
N LYS N 118 -24.12 -39.26 46.79
CA LYS N 118 -23.30 -38.24 46.18
C LYS N 118 -23.25 -38.50 44.67
N TRP N 119 -23.37 -37.44 43.88
CA TRP N 119 -23.36 -37.60 42.43
C TRP N 119 -22.03 -37.33 41.73
N PHE N 120 -21.83 -38.04 40.63
CA PHE N 120 -20.62 -37.91 39.84
C PHE N 120 -21.05 -37.57 38.44
N CYS N 121 -20.12 -37.00 37.66
CA CYS N 121 -20.39 -36.62 36.29
C CYS N 121 -19.15 -36.91 35.47
N GLY N 122 -19.31 -37.62 34.36
CA GLY N 122 -18.15 -37.95 33.55
C GLY N 122 -18.50 -38.69 32.27
N GLN N 123 -17.55 -39.48 31.79
CA GLN N 123 -17.74 -40.26 30.56
C GLN N 123 -18.59 -41.47 30.88
N PRO N 124 -19.49 -41.85 29.94
CA PRO N 124 -20.41 -42.99 30.03
C PRO N 124 -19.96 -44.11 30.95
N VAL N 125 -20.88 -44.59 31.77
CA VAL N 125 -20.58 -45.68 32.68
C VAL N 125 -21.79 -46.63 32.78
N THR N 126 -21.54 -47.86 33.20
CA THR N 126 -22.61 -48.85 33.34
C THR N 126 -22.68 -49.22 34.81
N ARG N 127 -23.85 -49.55 35.33
CA ARG N 127 -23.89 -49.94 36.72
C ARG N 127 -23.73 -51.45 36.83
N THR N 128 -22.85 -51.88 37.74
CA THR N 128 -22.60 -53.27 37.97
C THR N 128 -23.49 -53.71 39.12
N ASP N 129 -23.19 -53.22 40.32
CA ASP N 129 -23.99 -53.52 41.49
C ASP N 129 -24.50 -52.20 42.09
N ASP N 130 -25.30 -52.26 43.14
CA ASP N 130 -25.88 -51.05 43.70
C ASP N 130 -24.89 -49.98 44.14
N ASP N 131 -23.62 -50.35 44.20
CA ASP N 131 -22.62 -49.38 44.62
C ASP N 131 -21.37 -49.45 43.77
N THR N 132 -21.54 -49.82 42.50
CA THR N 132 -20.41 -49.93 41.61
C THR N 132 -20.83 -49.84 40.14
N VAL N 133 -20.12 -49.01 39.40
CA VAL N 133 -20.36 -48.81 37.98
C VAL N 133 -19.02 -49.00 37.28
N ALA N 134 -19.01 -49.00 35.95
CA ALA N 134 -17.77 -49.18 35.20
C ALA N 134 -17.86 -48.53 33.85
N ASP N 135 -16.70 -48.20 33.28
CA ASP N 135 -16.64 -47.53 32.00
C ASP N 135 -17.45 -48.27 30.95
N ALA N 136 -18.35 -47.55 30.32
CA ALA N 136 -19.15 -48.12 29.26
C ALA N 136 -18.24 -47.98 28.05
N LYS N 137 -17.02 -48.52 28.16
CA LYS N 137 -16.03 -48.46 27.09
C LYS N 137 -16.64 -49.01 25.79
N ASP N 138 -16.72 -48.16 24.77
CA ASP N 138 -17.30 -48.59 23.51
C ASP N 138 -16.93 -47.68 22.36
N GLY N 139 -16.44 -46.48 22.67
CA GLY N 139 -16.04 -45.54 21.62
C GLY N 139 -16.94 -44.34 21.35
N LYS N 140 -18.07 -44.24 22.03
CA LYS N 140 -18.97 -43.11 21.81
C LYS N 140 -18.96 -42.08 22.97
N GLU N 141 -17.94 -42.15 23.81
CA GLU N 141 -17.84 -41.21 24.91
C GLU N 141 -17.39 -39.83 24.46
N ILE N 142 -17.98 -38.79 25.03
CA ILE N 142 -17.58 -37.44 24.68
C ILE N 142 -16.15 -37.30 25.20
N ASP N 143 -15.27 -36.84 24.32
CA ASP N 143 -13.85 -36.64 24.57
C ASP N 143 -13.56 -35.72 25.75
N THR N 144 -12.63 -36.14 26.59
CA THR N 144 -12.27 -35.33 27.76
C THR N 144 -12.16 -33.84 27.49
N LYS N 145 -11.60 -33.46 26.35
CA LYS N 145 -11.44 -32.04 26.06
C LYS N 145 -12.75 -31.26 26.03
N HIS N 146 -13.85 -31.94 25.77
CA HIS N 146 -15.15 -31.26 25.70
C HIS N 146 -15.90 -31.24 27.01
N LEU N 147 -15.35 -31.89 28.03
CA LEU N 147 -16.02 -31.95 29.31
C LEU N 147 -15.53 -30.92 30.33
N PRO N 148 -16.48 -30.27 31.02
CA PRO N 148 -16.17 -29.26 32.03
C PRO N 148 -15.19 -29.83 33.04
N SER N 149 -14.66 -28.96 33.88
CA SER N 149 -13.72 -29.37 34.93
C SER N 149 -14.55 -30.10 36.01
N THR N 150 -15.84 -29.78 36.07
CA THR N 150 -16.72 -30.38 37.05
C THR N 150 -17.28 -31.72 36.58
N CYS N 151 -16.88 -32.18 35.40
CA CYS N 151 -17.41 -33.45 34.92
C CYS N 151 -16.29 -34.31 34.39
N ARG N 152 -15.24 -34.44 35.18
CA ARG N 152 -14.07 -35.25 34.82
C ARG N 152 -14.02 -36.50 35.69
N ASP N 153 -15.14 -36.89 36.30
CA ASP N 153 -15.14 -38.06 37.19
C ASP N 153 -14.92 -39.44 36.54
N ASN N 154 -14.11 -40.26 37.20
CA ASN N 154 -13.80 -41.63 36.77
C ASN N 154 -14.77 -42.63 37.39
N PHE N 155 -14.93 -43.77 36.70
CA PHE N 155 -15.85 -44.79 37.15
C PHE N 155 -15.68 -45.13 38.64
N ASP N 156 -14.46 -45.02 39.16
CA ASP N 156 -14.25 -45.36 40.58
C ASP N 156 -14.11 -44.18 41.53
N ALA N 157 -14.59 -43.02 41.10
CA ALA N 157 -14.52 -41.85 41.96
C ALA N 157 -15.35 -42.12 43.21
N LYS N 158 -14.88 -41.66 44.37
CA LYS N 158 -15.64 -41.87 45.58
C LYS N 158 -15.85 -40.52 46.24
N MEA O 1 2.80 -3.67 4.78
CA MEA O 1 1.98 -3.28 3.59
C MEA O 1 0.50 -3.61 3.76
O MEA O 1 -0.35 -2.92 3.19
CB MEA O 1 2.54 -3.91 2.29
CG MEA O 1 2.55 -5.42 2.28
CD1 MEA O 1 3.25 -6.15 3.24
CE1 MEA O 1 3.26 -7.55 3.22
CZ MEA O 1 2.59 -8.23 2.22
CE2 MEA O 1 1.89 -7.51 1.24
CD2 MEA O 1 1.88 -6.12 1.27
N THR O 2 0.18 -4.63 4.56
CA THR O 2 -1.20 -5.16 4.65
C THR O 2 -1.68 -5.68 6.00
N LEU O 3 -1.20 -6.88 6.36
CA LEU O 3 -1.89 -7.77 7.30
C LEU O 3 -1.86 -7.33 8.76
N ILE O 4 -2.82 -6.51 9.16
CA ILE O 4 -2.92 -6.07 10.54
C ILE O 4 -4.26 -6.44 11.21
N GLU O 5 -5.22 -6.84 10.39
CA GLU O 5 -6.55 -7.24 10.87
C GLU O 5 -6.48 -8.56 11.63
N LEU O 6 -5.64 -9.49 11.15
CA LEU O 6 -5.42 -10.76 11.82
C LEU O 6 -4.56 -10.60 13.07
N MET O 7 -3.61 -9.68 13.00
CA MET O 7 -2.66 -9.44 14.11
C MET O 7 -3.29 -8.71 15.29
N ILE O 8 -4.16 -7.72 15.00
CA ILE O 8 -4.83 -6.98 16.06
C ILE O 8 -5.96 -7.79 16.70
N VAL O 9 -6.75 -8.50 15.88
CA VAL O 9 -7.88 -9.28 16.37
C VAL O 9 -7.44 -10.54 17.16
N ILE O 10 -6.23 -11.05 16.90
CA ILE O 10 -5.67 -12.11 17.73
C ILE O 10 -5.14 -11.53 19.06
N ALA O 11 -4.80 -10.25 19.03
CA ALA O 11 -4.24 -9.55 20.19
C ALA O 11 -5.30 -8.81 21.01
N ILE O 12 -6.51 -8.70 20.46
CA ILE O 12 -7.65 -8.16 21.24
C ILE O 12 -8.37 -9.27 22.00
N VAL O 13 -8.35 -10.48 21.45
CA VAL O 13 -8.91 -11.66 22.11
C VAL O 13 -7.97 -12.10 23.24
N GLY O 14 -6.67 -11.89 23.03
CA GLY O 14 -5.67 -12.15 24.03
C GLY O 14 -5.81 -11.24 25.25
N ILE O 15 -6.00 -9.95 24.99
CA ILE O 15 -6.23 -8.98 26.07
C ILE O 15 -7.64 -9.05 26.64
N LEU O 16 -8.58 -9.57 25.84
CA LEU O 16 -9.95 -9.80 26.29
C LEU O 16 -9.99 -10.90 27.35
N ALA O 17 -9.16 -11.91 27.16
CA ALA O 17 -9.01 -13.01 28.12
C ALA O 17 -8.37 -12.53 29.42
N ALA O 18 -7.45 -11.58 29.30
CA ALA O 18 -6.76 -10.99 30.45
C ALA O 18 -7.70 -10.10 31.28
N VAL O 19 -8.66 -9.46 30.61
CA VAL O 19 -9.69 -8.66 31.27
C VAL O 19 -10.79 -9.57 31.84
N ALA O 20 -11.09 -10.65 31.13
CA ALA O 20 -12.07 -11.63 31.57
C ALA O 20 -11.50 -12.60 32.61
N LEU O 21 -10.19 -12.48 32.87
CA LEU O 21 -9.49 -13.38 33.80
C LEU O 21 -9.87 -13.14 35.28
N PRO O 22 -9.79 -11.89 35.78
CA PRO O 22 -10.14 -11.61 37.18
C PRO O 22 -11.64 -11.71 37.47
N ALA O 23 -12.48 -11.49 36.45
CA ALA O 23 -13.93 -11.59 36.60
C ALA O 23 -14.36 -13.04 36.82
N TYR O 24 -13.80 -13.94 36.02
CA TYR O 24 -14.07 -15.38 36.13
C TYR O 24 -13.36 -15.96 37.36
N GLN O 25 -12.20 -15.41 37.69
CA GLN O 25 -11.48 -15.77 38.92
C GLN O 25 -12.17 -15.25 40.18
N ASP O 26 -12.94 -14.18 40.03
CA ASP O 26 -13.68 -14.02 41.62
C ASP O 26 -15.07 -14.61 41.53
N TYR O 27 -15.64 -14.60 40.34
CA TYR O 27 -16.96 -15.18 40.16
C TYR O 27 -16.78 -16.63 40.53
N THR O 28 -15.64 -17.17 40.10
CA THR O 28 -15.30 -18.55 40.36
C THR O 28 -15.13 -18.85 41.84
N ALA O 29 -14.30 -18.09 42.52
CA ALA O 29 -14.05 -18.30 43.95
C ALA O 29 -15.33 -18.12 44.74
N ARG O 30 -16.05 -17.06 44.40
CA ARG O 30 -17.31 -16.72 45.04
C ARG O 30 -18.28 -17.86 44.86
N ALA O 31 -18.05 -18.69 43.84
CA ALA O 31 -18.90 -19.83 43.56
C ALA O 31 -18.51 -21.04 44.41
N GLN O 32 -17.20 -21.19 44.63
CA GLN O 32 -16.63 -22.28 45.42
C GLN O 32 -16.89 -22.07 46.91
N VAL O 33 -17.18 -20.83 47.29
CA VAL O 33 -17.45 -20.51 48.68
C VAL O 33 -18.93 -20.74 48.94
N SER O 34 -19.75 -20.44 47.94
CA SER O 34 -21.19 -20.60 48.07
C SER O 34 -21.55 -22.04 48.38
N GLU O 35 -20.60 -22.94 48.15
CA GLU O 35 -20.85 -24.35 48.40
C GLU O 35 -20.39 -24.73 49.79
N ALA O 36 -19.29 -24.15 50.21
CA ALA O 36 -18.80 -24.42 51.55
C ALA O 36 -19.96 -24.06 52.46
N ILE O 37 -20.72 -23.07 52.04
CA ILE O 37 -21.87 -22.61 52.79
C ILE O 37 -23.01 -23.63 52.75
N LEU O 38 -23.19 -24.28 51.61
CA LEU O 38 -24.27 -25.25 51.50
C LEU O 38 -23.91 -26.52 52.26
N LEU O 39 -22.63 -26.81 52.33
CA LEU O 39 -22.18 -27.99 53.03
C LEU O 39 -22.24 -27.74 54.53
N ALA O 40 -22.08 -26.48 54.91
CA ALA O 40 -22.12 -26.10 56.31
C ALA O 40 -23.56 -26.20 56.78
N GLU O 41 -24.47 -25.70 55.96
CA GLU O 41 -25.89 -25.75 56.30
C GLU O 41 -26.35 -27.20 56.18
N GLY O 42 -27.64 -27.45 56.45
CA GLY O 42 -28.15 -28.81 56.35
C GLY O 42 -27.61 -29.66 57.48
N GLN O 43 -26.75 -29.01 58.27
CA GLN O 43 -26.16 -29.61 59.43
C GLN O 43 -26.63 -28.73 60.56
N LYS O 44 -27.47 -27.77 60.20
CA LYS O 44 -28.06 -26.86 61.15
C LYS O 44 -29.10 -27.69 61.86
N SER O 45 -29.80 -28.50 61.07
CA SER O 45 -30.84 -29.38 61.58
C SER O 45 -30.36 -30.19 62.79
N ALA O 46 -29.30 -30.96 62.59
CA ALA O 46 -28.76 -31.76 63.67
C ALA O 46 -28.46 -30.87 64.87
N VAL O 47 -27.68 -29.82 64.64
CA VAL O 47 -27.30 -28.91 65.71
C VAL O 47 -28.48 -28.24 66.40
N THR O 48 -29.47 -27.83 65.64
CA THR O 48 -30.65 -27.19 66.22
C THR O 48 -31.38 -28.16 67.13
N GLU O 49 -31.66 -29.33 66.59
CA GLU O 49 -32.36 -30.32 67.36
C GLU O 49 -31.57 -30.64 68.62
N TYR O 50 -30.29 -30.95 68.48
CA TYR O 50 -29.50 -31.26 69.67
C TYR O 50 -29.65 -30.19 70.74
N TYR O 51 -29.54 -28.93 70.35
CA TYR O 51 -29.68 -27.83 71.31
C TYR O 51 -31.08 -27.74 71.97
N LEU O 52 -32.13 -27.71 71.16
CA LEU O 52 -33.48 -27.64 71.68
C LEU O 52 -33.87 -28.84 72.55
N ASN O 53 -33.39 -30.02 72.18
CA ASN O 53 -33.70 -31.20 72.98
C ASN O 53 -32.92 -31.26 74.29
N HIS O 54 -31.69 -30.77 74.31
CA HIS O 54 -30.88 -30.84 75.51
C HIS O 54 -30.51 -29.52 76.19
N GLY O 55 -30.58 -28.42 75.45
CA GLY O 55 -30.23 -27.15 76.06
C GLY O 55 -28.74 -26.92 76.12
N LYS O 56 -27.98 -27.77 75.44
CA LYS O 56 -26.52 -27.66 75.36
C LYS O 56 -26.14 -27.83 73.89
N TRP O 57 -25.15 -27.08 73.43
CA TRP O 57 -24.72 -27.17 72.02
C TRP O 57 -23.92 -28.42 71.81
N PRO O 58 -24.10 -29.09 70.65
CA PRO O 58 -23.34 -30.32 70.39
C PRO O 58 -21.84 -30.05 70.37
N GLU O 59 -21.09 -30.78 71.19
CA GLU O 59 -19.64 -30.58 71.26
C GLU O 59 -18.89 -30.87 69.98
N ASN O 60 -19.30 -31.92 69.28
CA ASN O 60 -18.65 -32.30 68.03
C ASN O 60 -19.62 -33.00 67.09
N ASN O 61 -19.16 -33.31 65.88
CA ASN O 61 -20.00 -33.96 64.89
C ASN O 61 -20.80 -35.16 65.40
N THR O 62 -20.13 -36.04 66.13
CA THR O 62 -20.77 -37.24 66.67
C THR O 62 -21.89 -36.86 67.61
N SER O 63 -21.66 -35.86 68.45
CA SER O 63 -22.70 -35.41 69.35
C SER O 63 -23.89 -34.94 68.54
N ALA O 64 -23.62 -34.15 67.49
CA ALA O 64 -24.69 -33.62 66.65
C ALA O 64 -25.36 -34.73 65.84
N GLY O 65 -24.72 -35.88 65.82
CA GLY O 65 -25.28 -37.00 65.07
C GLY O 65 -25.03 -36.82 63.60
N VAL O 66 -23.76 -36.63 63.24
CA VAL O 66 -23.37 -36.46 61.85
C VAL O 66 -22.05 -37.17 61.67
N ALA O 67 -21.69 -37.44 60.41
CA ALA O 67 -20.44 -38.12 60.10
C ALA O 67 -19.42 -37.81 61.19
N SER O 68 -19.26 -38.75 62.11
CA SER O 68 -18.36 -38.60 63.23
C SER O 68 -17.01 -38.04 62.82
N SER O 69 -16.71 -38.10 61.54
CA SER O 69 -15.43 -37.63 61.03
C SER O 69 -15.59 -36.34 60.20
N PRO O 70 -14.98 -35.23 60.65
CA PRO O 70 -15.08 -33.95 59.93
C PRO O 70 -14.81 -34.12 58.45
N THR O 71 -13.76 -34.87 58.15
CA THR O 71 -13.34 -35.15 56.78
C THR O 71 -14.37 -35.93 55.99
N ASP O 72 -15.40 -36.42 56.66
CA ASP O 72 -16.43 -37.17 55.96
C ASP O 72 -17.51 -36.22 55.46
N ILE O 73 -17.39 -34.95 55.78
CA ILE O 73 -18.34 -33.93 55.34
C ILE O 73 -17.64 -32.94 54.41
N LYS O 74 -16.85 -33.49 53.50
CA LYS O 74 -16.12 -32.68 52.55
C LYS O 74 -16.82 -32.59 51.21
N GLY O 75 -16.22 -31.84 50.30
CA GLY O 75 -16.76 -31.67 48.98
C GLY O 75 -15.66 -31.48 47.96
N LYS O 76 -16.00 -30.82 46.85
CA LYS O 76 -15.07 -30.55 45.77
C LYS O 76 -14.10 -29.47 46.18
N TYR O 77 -14.62 -28.41 46.79
CA TYR O 77 -13.81 -27.30 47.23
C TYR O 77 -13.75 -27.31 48.74
N VAL O 78 -14.55 -28.18 49.35
CA VAL O 78 -14.60 -28.29 50.79
C VAL O 78 -13.81 -29.47 51.28
N LYS O 79 -12.81 -29.19 52.11
CA LYS O 79 -11.97 -30.24 52.66
C LYS O 79 -12.63 -30.86 53.88
N GLU O 80 -13.67 -30.20 54.40
CA GLU O 80 -14.42 -30.70 55.55
C GLU O 80 -15.40 -29.72 56.18
N VAL O 81 -16.04 -30.19 57.24
CA VAL O 81 -17.02 -29.43 57.99
C VAL O 81 -17.05 -30.02 59.40
N GLU O 82 -16.64 -29.22 60.37
CA GLU O 82 -16.58 -29.65 61.75
C GLU O 82 -17.54 -28.87 62.63
N VAL O 83 -18.18 -29.57 63.55
CA VAL O 83 -19.10 -28.98 64.49
C VAL O 83 -18.32 -28.89 65.78
N LYS O 84 -18.15 -27.68 66.27
CA LYS O 84 -17.41 -27.46 67.51
C LYS O 84 -18.28 -26.59 68.43
N ASN O 85 -18.97 -27.26 69.35
CA ASN O 85 -19.87 -26.62 70.31
C ASN O 85 -20.98 -25.85 69.60
N GLY O 86 -21.66 -26.53 68.68
CA GLY O 86 -22.75 -25.91 67.93
C GLY O 86 -22.32 -25.08 66.75
N VAL O 87 -21.06 -24.64 66.75
CA VAL O 87 -20.53 -23.84 65.65
C VAL O 87 -20.11 -24.80 64.55
N VAL O 88 -20.57 -24.56 63.33
CA VAL O 88 -20.21 -25.42 62.23
C VAL O 88 -19.31 -24.64 61.29
N THR O 89 -18.06 -25.11 61.16
CA THR O 89 -17.06 -24.46 60.32
C THR O 89 -16.78 -25.26 59.06
N ALA O 90 -16.66 -24.61 57.92
CA ALA O 90 -16.39 -25.32 56.67
C ALA O 90 -15.03 -24.92 56.13
N THR O 91 -14.18 -25.91 55.86
CA THR O 91 -12.84 -25.63 55.34
C THR O 91 -12.76 -25.85 53.84
N MET O 92 -12.09 -24.92 53.17
CA MET O 92 -11.91 -24.99 51.73
C MET O 92 -10.73 -25.91 51.41
N LEU O 93 -10.94 -26.82 50.48
CA LEU O 93 -9.90 -27.76 50.07
C LEU O 93 -8.64 -26.98 49.68
N SER O 94 -7.66 -27.68 49.13
CA SER O 94 -6.43 -27.04 48.69
C SER O 94 -6.30 -27.21 47.18
N SER O 95 -7.06 -28.16 46.65
CA SER O 95 -7.04 -28.45 45.21
C SER O 95 -8.42 -28.24 44.58
N GLY O 96 -8.45 -27.52 43.47
CA GLY O 96 -9.70 -27.28 42.77
C GLY O 96 -10.36 -25.95 43.11
N VAL O 97 -9.67 -25.11 43.88
CA VAL O 97 -10.23 -23.81 44.26
C VAL O 97 -9.48 -22.59 43.71
N ASN O 98 -9.98 -21.40 44.03
CA ASN O 98 -9.38 -20.15 43.56
C ASN O 98 -7.87 -20.13 43.75
N ASN O 99 -7.41 -19.45 44.80
CA ASN O 99 -5.99 -19.34 45.08
C ASN O 99 -5.84 -18.60 46.39
N GLU O 100 -6.75 -17.67 46.65
CA GLU O 100 -6.68 -16.91 47.88
C GLU O 100 -7.81 -17.32 48.81
N ILE O 101 -8.37 -18.50 48.57
CA ILE O 101 -9.44 -18.99 49.43
C ILE O 101 -9.26 -20.44 49.89
N LYS O 102 -8.26 -21.13 49.37
CA LYS O 102 -8.03 -22.52 49.77
C LYS O 102 -7.50 -22.62 51.18
N GLY O 103 -7.90 -23.69 51.86
CA GLY O 103 -7.48 -23.89 53.23
C GLY O 103 -8.15 -22.83 54.08
N LYS O 104 -9.05 -22.06 53.48
CA LYS O 104 -9.72 -21.00 54.22
C LYS O 104 -11.12 -21.45 54.59
N LYS O 105 -11.67 -20.89 55.66
CA LYS O 105 -13.00 -21.30 56.09
C LYS O 105 -13.95 -20.26 56.67
N LEU O 106 -15.20 -20.67 56.84
CA LEU O 106 -16.25 -19.85 57.41
C LEU O 106 -16.99 -20.64 58.52
N SER O 107 -17.92 -19.98 59.22
CA SER O 107 -18.66 -20.63 60.28
C SER O 107 -20.11 -20.25 60.31
N LEU O 108 -20.90 -21.15 60.86
CA LEU O 108 -22.33 -20.98 61.03
C LEU O 108 -22.49 -21.25 62.49
N TRP O 109 -23.18 -20.37 63.20
CA TRP O 109 -23.39 -20.57 64.62
C TRP O 109 -24.76 -20.07 64.91
N ALA O 110 -25.31 -20.48 66.03
CA ALA O 110 -26.66 -20.05 66.33
C ALA O 110 -26.73 -19.40 67.69
N ARG O 111 -27.92 -18.90 68.01
CA ARG O 111 -28.14 -18.24 69.27
C ARG O 111 -29.49 -18.63 69.81
N ARG O 112 -29.54 -18.84 71.12
CA ARG O 112 -30.79 -19.20 71.79
C ARG O 112 -31.80 -18.07 71.63
N GLU O 113 -32.96 -18.38 71.07
CA GLU O 113 -33.99 -17.37 70.96
C GLU O 113 -34.94 -17.60 72.11
N ASN O 114 -34.80 -18.76 72.75
CA ASN O 114 -35.63 -19.19 73.87
C ASN O 114 -36.85 -19.86 73.26
N GLY O 115 -36.76 -21.17 73.10
CA GLY O 115 -37.84 -21.91 72.49
C GLY O 115 -37.48 -22.24 71.05
N SER O 116 -36.47 -21.55 70.55
CA SER O 116 -35.96 -21.73 69.20
C SER O 116 -34.61 -21.02 69.11
N VAL O 117 -33.94 -21.14 67.98
CA VAL O 117 -32.66 -20.47 67.78
C VAL O 117 -32.62 -19.78 66.43
N LYS O 118 -31.69 -18.84 66.27
CA LYS O 118 -31.51 -18.14 65.02
C LYS O 118 -30.08 -18.38 64.54
N TRP O 119 -29.92 -18.65 63.25
CA TRP O 119 -28.59 -18.91 62.70
C TRP O 119 -27.89 -17.74 62.02
N PHE O 120 -26.57 -17.74 62.12
CA PHE O 120 -25.75 -16.70 61.52
C PHE O 120 -24.77 -17.39 60.61
N CYS O 121 -24.21 -16.62 59.67
CA CYS O 121 -23.25 -17.14 58.72
C CYS O 121 -22.20 -16.07 58.48
N GLY O 122 -20.93 -16.44 58.61
CA GLY O 122 -19.88 -15.45 58.40
C GLY O 122 -18.49 -16.02 58.51
N GLN O 123 -17.54 -15.18 58.89
CA GLN O 123 -16.14 -15.60 59.01
C GLN O 123 -15.97 -16.37 60.31
N PRO O 124 -15.12 -17.42 60.29
CA PRO O 124 -14.82 -18.30 61.42
C PRO O 124 -15.00 -17.69 62.80
N VAL O 125 -15.63 -18.45 63.69
CA VAL O 125 -15.86 -17.98 65.04
C VAL O 125 -15.69 -19.14 66.03
N THR O 126 -15.43 -18.82 67.28
CA THR O 126 -15.27 -19.84 68.31
C THR O 126 -16.36 -19.63 69.33
N ARG O 127 -16.86 -20.69 69.96
CA ARG O 127 -17.87 -20.46 70.97
C ARG O 127 -17.24 -20.28 72.34
N THR O 128 -17.68 -19.26 73.05
CA THR O 128 -17.17 -18.95 74.37
C THR O 128 -18.11 -19.61 75.37
N ASP O 129 -19.33 -19.08 75.47
CA ASP O 129 -20.32 -19.66 76.35
C ASP O 129 -21.55 -20.04 75.51
N ASP O 130 -22.56 -20.65 76.13
CA ASP O 130 -23.72 -21.11 75.36
C ASP O 130 -24.44 -20.05 74.55
N ASP O 131 -24.12 -18.80 74.78
CA ASP O 131 -24.78 -17.75 74.04
C ASP O 131 -23.79 -16.67 73.59
N THR O 132 -22.56 -17.08 73.34
CA THR O 132 -21.54 -16.13 72.92
C THR O 132 -20.39 -16.82 72.20
N VAL O 133 -20.02 -16.27 71.05
CA VAL O 133 -18.93 -16.76 70.24
C VAL O 133 -18.00 -15.58 69.96
N ALA O 134 -16.86 -15.82 69.34
CA ALA O 134 -15.93 -14.73 69.04
C ALA O 134 -15.08 -15.08 67.84
N ASP O 135 -14.56 -14.05 67.18
CA ASP O 135 -13.75 -14.22 65.99
C ASP O 135 -12.63 -15.22 66.23
N ALA O 136 -12.57 -16.22 65.37
CA ALA O 136 -11.51 -17.20 65.47
C ALA O 136 -10.38 -16.53 64.70
N LYS O 137 -10.03 -15.31 65.12
CA LYS O 137 -8.96 -14.54 64.48
C LYS O 137 -7.69 -15.37 64.40
N ASP O 138 -7.22 -15.65 63.19
CA ASP O 138 -6.02 -16.46 63.04
C ASP O 138 -5.38 -16.31 61.67
N GLY O 139 -6.14 -15.77 60.71
CA GLY O 139 -5.61 -15.58 59.36
C GLY O 139 -6.10 -16.51 58.25
N LYS O 140 -6.91 -17.50 58.59
CA LYS O 140 -7.41 -18.43 57.57
C LYS O 140 -8.90 -18.20 57.21
N GLU O 141 -9.44 -17.04 57.57
CA GLU O 141 -10.82 -16.74 57.24
C GLU O 141 -11.01 -16.39 55.78
N ILE O 142 -12.09 -16.86 55.18
CA ILE O 142 -12.36 -16.54 53.79
C ILE O 142 -12.64 -15.04 53.77
N ASP O 143 -11.95 -14.34 52.88
CA ASP O 143 -12.04 -12.90 52.69
C ASP O 143 -13.44 -12.40 52.41
N THR O 144 -13.82 -11.32 53.08
CA THR O 144 -15.15 -10.77 52.88
C THR O 144 -15.62 -10.70 51.43
N LYS O 145 -14.72 -10.37 50.51
CA LYS O 145 -15.11 -10.27 49.12
C LYS O 145 -15.67 -11.56 48.54
N HIS O 146 -15.30 -12.69 49.11
CA HIS O 146 -15.78 -13.98 48.60
C HIS O 146 -17.05 -14.48 49.25
N LEU O 147 -17.52 -13.75 50.25
CA LEU O 147 -18.71 -14.16 50.96
C LEU O 147 -20.00 -13.50 50.48
N PRO O 148 -21.06 -14.29 50.32
CA PRO O 148 -22.37 -13.81 49.88
C PRO O 148 -22.81 -12.65 50.76
N SER O 149 -23.86 -11.97 50.34
CA SER O 149 -24.42 -10.87 51.10
C SER O 149 -25.15 -11.47 52.32
N THR O 150 -25.56 -12.72 52.19
CA THR O 150 -26.26 -13.41 53.25
C THR O 150 -25.32 -14.04 54.25
N CYS O 151 -24.01 -13.86 54.08
CA CYS O 151 -23.08 -14.48 55.02
C CYS O 151 -22.03 -13.47 55.43
N ARG O 152 -22.48 -12.29 55.82
CA ARG O 152 -21.60 -11.21 56.26
C ARG O 152 -21.76 -10.99 57.76
N ASP O 153 -22.28 -11.98 58.48
CA ASP O 153 -22.49 -11.82 59.93
C ASP O 153 -21.23 -11.71 60.82
N ASN O 154 -21.29 -10.79 61.78
CA ASN O 154 -20.22 -10.56 62.75
C ASN O 154 -20.43 -11.40 64.02
N PHE O 155 -19.34 -11.68 64.71
CA PHE O 155 -19.38 -12.49 65.91
C PHE O 155 -20.48 -12.06 66.88
N ASP O 156 -20.78 -10.75 66.92
CA ASP O 156 -21.81 -10.29 67.86
C ASP O 156 -23.17 -9.98 67.24
N ALA O 157 -23.44 -10.52 66.07
CA ALA O 157 -24.73 -10.30 65.43
C ALA O 157 -25.82 -10.88 66.32
N LYS O 158 -26.95 -10.20 66.42
CA LYS O 158 -28.03 -10.73 67.23
C LYS O 158 -29.28 -10.82 66.37
N MEA P 1 -7.83 -0.32 12.94
CA MEA P 1 -7.10 -1.35 12.12
C MEA P 1 -7.34 -2.78 12.62
O MEA P 1 -7.31 -3.72 11.83
CB MEA P 1 -5.59 -1.03 12.02
CG MEA P 1 -4.87 -1.03 13.35
CD1 MEA P 1 -5.23 -0.16 14.37
CE1 MEA P 1 -4.56 -0.14 15.59
CZ MEA P 1 -3.48 -0.99 15.79
CE2 MEA P 1 -3.09 -1.86 14.77
CD2 MEA P 1 -3.77 -1.88 13.56
N THR P 2 -7.61 -2.93 13.92
CA THR P 2 -7.65 -4.27 14.55
C THR P 2 -8.66 -4.48 15.69
N LEU P 3 -8.32 -3.95 16.86
CA LEU P 3 -8.82 -4.45 18.15
C LEU P 3 -10.28 -4.14 18.45
N ILE P 4 -11.17 -5.02 18.00
CA ILE P 4 -12.60 -4.86 18.25
C ILE P 4 -13.22 -6.05 19.01
N GLU P 5 -12.48 -7.16 19.07
CA GLU P 5 -12.92 -8.36 19.77
C GLU P 5 -12.95 -8.14 21.28
N LEU P 6 -11.95 -7.41 21.79
CA LEU P 6 -11.89 -7.07 23.21
C LEU P 6 -12.91 -5.99 23.57
N MET P 7 -13.14 -5.07 22.64
CA MET P 7 -14.04 -3.94 22.86
C MET P 7 -15.52 -4.34 22.82
N ILE P 8 -15.88 -5.24 21.90
CA ILE P 8 -17.26 -5.71 21.80
C ILE P 8 -17.61 -6.69 22.91
N VAL P 9 -16.70 -7.62 23.22
CA VAL P 9 -16.93 -8.63 24.25
C VAL P 9 -16.94 -8.05 25.69
N ILE P 10 -16.28 -6.92 25.90
CA ILE P 10 -16.41 -6.20 27.17
C ILE P 10 -17.74 -5.44 27.23
N ALA P 11 -18.27 -5.11 26.06
CA ALA P 11 -19.51 -4.35 25.93
C ALA P 11 -20.75 -5.24 25.76
N ILE P 12 -20.53 -6.53 25.51
CA ILE P 12 -21.64 -7.51 25.51
C ILE P 12 -21.89 -8.07 26.90
N VAL P 13 -20.83 -8.15 27.71
CA VAL P 13 -20.94 -8.57 29.11
C VAL P 13 -21.54 -7.45 29.93
N GLY P 14 -21.25 -6.21 29.54
CA GLY P 14 -21.84 -5.02 30.14
C GLY P 14 -23.35 -4.95 29.91
N ILE P 15 -23.77 -5.19 28.67
CA ILE P 15 -25.20 -5.21 28.34
C ILE P 15 -25.89 -6.50 28.80
N LEU P 16 -25.10 -7.56 28.97
CA LEU P 16 -25.61 -8.82 29.51
C LEU P 16 -26.00 -8.67 30.97
N ALA P 17 -25.23 -7.87 31.70
CA ALA P 17 -25.52 -7.55 33.09
C ALA P 17 -26.76 -6.68 33.22
N ALA P 18 -26.96 -5.79 32.24
CA ALA P 18 -28.13 -4.92 32.19
C ALA P 18 -29.42 -5.68 31.89
N VAL P 19 -29.29 -6.76 31.10
CA VAL P 19 -30.41 -7.64 30.79
C VAL P 19 -30.65 -8.61 31.95
N ALA P 20 -29.57 -9.04 32.61
CA ALA P 20 -29.65 -9.91 33.77
C ALA P 20 -30.00 -9.15 35.05
N LEU P 21 -30.07 -7.83 34.95
CA LEU P 21 -30.34 -6.97 36.10
C LEU P 21 -31.79 -7.07 36.62
N PRO P 22 -32.79 -6.88 35.75
CA PRO P 22 -34.20 -6.97 36.18
C PRO P 22 -34.66 -8.39 36.54
N ALA P 23 -34.01 -9.40 35.95
CA ALA P 23 -34.33 -10.80 36.24
C ALA P 23 -33.91 -11.19 37.65
N TYR P 24 -32.69 -10.78 38.03
CA TYR P 24 -32.15 -11.02 39.36
C TYR P 24 -32.82 -10.10 40.39
N GLN P 25 -33.18 -8.89 39.96
CA GLN P 25 -33.95 -7.95 40.78
C GLN P 25 -35.40 -8.40 40.97
N ASP P 26 -35.92 -9.19 40.02
CA ASP P 26 -37.49 -9.62 40.69
C ASP P 26 -37.34 -11.00 41.29
N TYR P 27 -36.42 -11.78 40.78
CA TYR P 27 -36.20 -13.11 41.33
C TYR P 27 -35.81 -12.85 42.77
N THR P 28 -34.99 -11.82 42.93
CA THR P 28 -34.50 -11.43 44.24
C THR P 28 -35.61 -11.00 45.18
N ALA P 29 -36.43 -10.04 44.75
CA ALA P 29 -37.53 -9.54 45.58
C ALA P 29 -38.51 -10.65 45.90
N ARG P 30 -38.82 -11.42 44.88
CA ARG P 30 -39.75 -12.54 44.99
C ARG P 30 -39.21 -13.52 46.00
N ALA P 31 -37.90 -13.48 46.23
CA ALA P 31 -37.25 -14.37 47.19
C ALA P 31 -37.35 -13.81 48.61
N GLN P 32 -37.26 -12.49 48.72
CA GLN P 32 -37.34 -11.80 49.99
C GLN P 32 -38.76 -11.76 50.53
N VAL P 33 -39.73 -11.97 49.64
CA VAL P 33 -41.12 -11.99 50.04
C VAL P 33 -41.49 -13.39 50.48
N SER P 34 -40.90 -14.39 49.84
CA SER P 34 -41.16 -15.77 50.17
C SER P 34 -40.80 -16.07 51.61
N GLU P 35 -40.02 -15.18 52.21
CA GLU P 35 -39.62 -15.37 53.60
C GLU P 35 -40.57 -14.66 54.53
N ALA P 36 -41.03 -13.49 54.11
CA ALA P 36 -41.97 -12.76 54.93
C ALA P 36 -43.13 -13.74 55.14
N ILE P 37 -43.35 -14.58 54.14
CA ILE P 37 -44.41 -15.56 54.19
C ILE P 37 -44.08 -16.68 55.17
N LEU P 38 -42.82 -17.07 55.24
CA LEU P 38 -42.43 -18.15 56.14
C LEU P 38 -42.44 -17.66 57.57
N LEU P 39 -42.14 -16.38 57.75
CA LEU P 39 -42.12 -15.80 59.07
C LEU P 39 -43.54 -15.57 59.55
N ALA P 40 -44.45 -15.35 58.61
CA ALA P 40 -45.84 -15.13 58.93
C ALA P 40 -46.43 -16.46 59.37
N GLU P 41 -46.11 -17.51 58.63
CA GLU P 41 -46.61 -18.85 58.95
C GLU P 41 -45.90 -19.33 60.22
N GLY P 42 -46.22 -20.52 60.68
CA GLY P 42 -45.56 -21.05 61.88
C GLY P 42 -46.06 -20.29 63.10
N GLN P 43 -46.91 -19.32 62.82
CA GLN P 43 -47.54 -18.51 63.83
C GLN P 43 -49.01 -18.77 63.62
N LYS P 44 -49.29 -19.67 62.69
CA LYS P 44 -50.64 -20.07 62.38
C LYS P 44 -51.02 -20.96 63.54
N SER P 45 -50.08 -21.79 63.95
CA SER P 45 -50.26 -22.71 65.07
C SER P 45 -50.85 -22.02 66.28
N ALA P 46 -50.14 -21.01 66.77
CA ALA P 46 -50.61 -20.28 67.93
C ALA P 46 -52.02 -19.75 67.69
N VAL P 47 -52.19 -19.04 66.58
CA VAL P 47 -53.49 -18.48 66.24
C VAL P 47 -54.59 -19.50 66.08
N THR P 48 -54.30 -20.62 65.45
CA THR P 48 -55.30 -21.67 65.26
C THR P 48 -55.73 -22.21 66.61
N GLU P 49 -54.76 -22.60 67.42
CA GLU P 49 -55.07 -23.13 68.71
C GLU P 49 -55.89 -22.11 69.51
N TYR P 50 -55.40 -20.87 69.61
CA TYR P 50 -56.16 -19.89 70.36
C TYR P 50 -57.62 -19.83 69.92
N TYR P 51 -57.86 -19.81 68.62
CA TYR P 51 -59.24 -19.76 68.11
C TYR P 51 -60.07 -21.01 68.47
N LEU P 52 -59.55 -22.20 68.17
CA LEU P 52 -60.26 -23.43 68.46
C LEU P 52 -60.50 -23.65 69.96
N ASN P 53 -59.55 -23.23 70.78
CA ASN P 53 -59.73 -23.39 72.22
C ASN P 53 -60.71 -22.39 72.82
N HIS P 54 -60.76 -21.17 72.28
CA HIS P 54 -61.64 -20.15 72.83
C HIS P 54 -62.78 -19.66 71.95
N GLY P 55 -62.69 -19.88 70.64
CA GLY P 55 -63.76 -19.42 69.77
C GLY P 55 -63.67 -17.95 69.46
N LYS P 56 -62.55 -17.32 69.83
CA LYS P 56 -62.30 -15.91 69.56
C LYS P 56 -60.89 -15.81 68.99
N TRP P 57 -60.68 -14.92 68.03
CA TRP P 57 -59.36 -14.77 67.40
C TRP P 57 -58.45 -14.01 68.34
N PRO P 58 -57.16 -14.40 68.41
CA PRO P 58 -56.23 -13.70 69.31
C PRO P 58 -56.09 -12.24 68.92
N GLU P 59 -56.33 -11.34 69.88
CA GLU P 59 -56.26 -9.90 69.60
C GLU P 59 -54.89 -9.41 69.19
N ASN P 60 -53.85 -9.93 69.83
CA ASN P 60 -52.48 -9.53 69.52
C ASN P 60 -51.49 -10.65 69.79
N ASN P 61 -50.22 -10.42 69.46
CA ASN P 61 -49.19 -11.43 69.65
C ASN P 61 -49.20 -12.12 71.02
N THR P 62 -49.30 -11.32 72.07
CA THR P 62 -49.31 -11.85 73.43
C THR P 62 -50.48 -12.78 73.64
N SER P 63 -51.64 -12.40 73.13
CA SER P 63 -52.81 -13.25 73.24
C SER P 63 -52.52 -14.57 72.56
N ALA P 64 -51.94 -14.51 71.35
CA ALA P 64 -51.64 -15.71 70.60
C ALA P 64 -50.53 -16.52 71.25
N GLY P 65 -49.86 -15.89 72.20
CA GLY P 65 -48.78 -16.57 72.88
C GLY P 65 -47.55 -16.60 72.02
N VAL P 66 -47.11 -15.43 71.57
CA VAL P 66 -45.92 -15.30 70.74
C VAL P 66 -45.22 -14.04 71.16
N ALA P 67 -43.95 -13.91 70.78
CA ALA P 67 -43.15 -12.75 71.13
C ALA P 67 -44.07 -11.54 71.27
N SER P 68 -44.40 -11.22 72.51
CA SER P 68 -45.30 -10.11 72.81
C SER P 68 -44.99 -8.86 72.01
N SER P 69 -43.79 -8.82 71.44
CA SER P 69 -43.37 -7.66 70.67
C SER P 69 -43.29 -7.97 69.16
N PRO P 70 -44.11 -7.29 68.33
CA PRO P 70 -44.11 -7.52 66.89
C PRO P 70 -42.70 -7.54 66.32
N THR P 71 -41.92 -6.56 66.74
CA THR P 71 -40.53 -6.40 66.31
C THR P 71 -39.65 -7.57 66.73
N ASP P 72 -40.16 -8.44 67.57
CA ASP P 72 -39.37 -9.58 67.99
C ASP P 72 -39.56 -10.74 67.03
N ILE P 73 -40.43 -10.57 66.03
CA ILE P 73 -40.68 -11.59 65.02
C ILE P 73 -40.23 -11.08 63.66
N LYS P 74 -39.05 -10.47 63.65
CA LYS P 74 -38.49 -9.93 62.43
C LYS P 74 -37.48 -10.87 61.79
N GLY P 75 -36.96 -10.44 60.64
CA GLY P 75 -35.98 -11.23 59.93
C GLY P 75 -35.01 -10.33 59.19
N LYS P 76 -34.42 -10.87 58.13
CA LYS P 76 -33.46 -10.16 57.31
C LYS P 76 -34.17 -9.13 56.45
N TYR P 77 -35.28 -9.53 55.85
CA TYR P 77 -36.07 -8.66 55.00
C TYR P 77 -37.36 -8.32 55.71
N VAL P 78 -37.60 -9.00 56.83
CA VAL P 78 -38.80 -8.78 57.60
C VAL P 78 -38.53 -7.91 58.80
N LYS P 79 -39.23 -6.77 58.85
CA LYS P 79 -39.07 -5.83 59.94
C LYS P 79 -39.93 -6.25 61.13
N GLU P 80 -40.86 -7.18 60.88
CA GLU P 80 -41.74 -7.70 61.93
C GLU P 80 -42.92 -8.55 61.44
N VAL P 81 -43.72 -8.98 62.41
CA VAL P 81 -44.89 -9.80 62.18
C VAL P 81 -45.83 -9.56 63.36
N GLU P 82 -46.98 -8.98 63.06
CA GLU P 82 -47.97 -8.67 64.08
C GLU P 82 -49.25 -9.46 63.88
N VAL P 83 -49.82 -9.90 65.00
CA VAL P 83 -51.07 -10.63 64.99
C VAL P 83 -52.10 -9.63 65.44
N LYS P 84 -53.07 -9.37 64.59
CA LYS P 84 -54.12 -8.42 64.90
C LYS P 84 -55.46 -9.10 64.65
N ASN P 85 -56.06 -9.61 65.72
CA ASN P 85 -57.34 -10.32 65.69
C ASN P 85 -57.27 -11.55 64.79
N GLY P 86 -56.27 -12.38 65.02
CA GLY P 86 -56.09 -13.59 64.23
C GLY P 86 -55.40 -13.39 62.90
N VAL P 87 -55.40 -12.16 62.40
CA VAL P 87 -54.74 -11.84 61.13
C VAL P 87 -53.26 -11.63 61.43
N VAL P 88 -52.39 -12.32 60.70
CA VAL P 88 -50.98 -12.15 60.90
C VAL P 88 -50.38 -11.44 59.70
N THR P 89 -49.85 -10.25 59.94
CA THR P 89 -49.27 -9.43 58.88
C THR P 89 -47.75 -9.38 58.99
N ALA P 90 -47.05 -9.48 57.86
CA ALA P 90 -45.60 -9.44 57.89
C ALA P 90 -45.09 -8.20 57.16
N THR P 91 -44.25 -7.42 57.83
CA THR P 91 -43.72 -6.21 57.22
C THR P 91 -42.30 -6.41 56.71
N MET P 92 -42.05 -5.87 55.52
CA MET P 92 -40.74 -5.97 54.89
C MET P 92 -39.84 -4.86 55.45
N LEU P 93 -38.63 -5.24 55.83
CA LEU P 93 -37.67 -4.29 56.37
C LEU P 93 -37.49 -3.12 55.39
N SER P 94 -36.52 -2.28 55.67
CA SER P 94 -36.24 -1.14 54.79
C SER P 94 -34.84 -1.30 54.22
N SER P 95 -34.04 -2.14 54.88
CA SER P 95 -32.67 -2.39 54.46
C SER P 95 -32.44 -3.86 54.12
N GLY P 96 -31.83 -4.10 52.97
CA GLY P 96 -31.55 -5.46 52.53
C GLY P 96 -32.58 -6.05 51.58
N VAL P 97 -33.52 -5.23 51.14
CA VAL P 97 -34.56 -5.71 50.23
C VAL P 97 -34.55 -5.07 48.83
N ASN P 98 -35.46 -5.51 47.98
CA ASN P 98 -35.56 -5.02 46.60
C ASN P 98 -35.48 -3.49 46.54
N ASN P 99 -36.64 -2.86 46.38
CA ASN P 99 -36.69 -1.41 46.29
C ASN P 99 -38.16 -1.02 46.23
N GLU P 100 -38.98 -1.86 45.62
CA GLU P 100 -40.38 -1.57 45.51
C GLU P 100 -41.18 -2.50 46.40
N ILE P 101 -40.51 -3.09 47.38
CA ILE P 101 -41.19 -3.98 48.31
C ILE P 101 -40.88 -3.72 49.79
N LYS P 102 -39.93 -2.83 50.07
CA LYS P 102 -39.58 -2.53 51.45
C LYS P 102 -40.67 -1.74 52.16
N GLY P 103 -40.81 -2.01 53.45
CA GLY P 103 -41.84 -1.33 54.23
C GLY P 103 -43.19 -1.83 53.74
N LYS P 104 -43.18 -2.83 52.87
CA LYS P 104 -44.43 -3.36 52.34
C LYS P 104 -44.76 -4.67 53.04
N LYS P 105 -46.05 -5.01 53.09
CA LYS P 105 -46.44 -6.23 53.77
C LYS P 105 -47.59 -7.06 53.21
N LEU P 106 -47.75 -8.25 53.77
CA LEU P 106 -48.80 -9.19 53.40
C LEU P 106 -49.51 -9.71 54.68
N SER P 107 -50.57 -10.49 54.50
CA SER P 107 -51.31 -11.01 55.65
C SER P 107 -51.75 -12.44 55.45
N LEU P 108 -51.92 -13.10 56.58
CA LEU P 108 -52.38 -14.48 56.63
C LEU P 108 -53.55 -14.36 57.57
N TRP P 109 -54.69 -14.91 57.18
CA TRP P 109 -55.86 -14.85 58.04
C TRP P 109 -56.57 -16.14 57.86
N ALA P 110 -57.44 -16.48 58.78
CA ALA P 110 -58.13 -17.74 58.67
C ALA P 110 -59.62 -17.57 58.74
N ARG P 111 -60.32 -18.68 58.56
CA ARG P 111 -61.77 -18.66 58.58
C ARG P 111 -62.27 -19.89 59.30
N ARG P 112 -63.31 -19.69 60.10
CA ARG P 112 -63.92 -20.79 60.84
C ARG P 112 -64.48 -21.81 59.86
N GLU P 113 -64.04 -23.06 59.99
CA GLU P 113 -64.59 -24.10 59.14
C GLU P 113 -65.64 -24.81 59.95
N ASN P 114 -65.61 -24.55 61.26
CA ASN P 114 -66.52 -25.15 62.23
C ASN P 114 -65.87 -26.47 62.65
N GLY P 115 -65.08 -26.40 63.73
CA GLY P 115 -64.38 -27.58 64.19
C GLY P 115 -62.92 -27.49 63.78
N SER P 116 -62.65 -26.59 62.85
CA SER P 116 -61.32 -26.34 62.33
C SER P 116 -61.36 -25.03 61.54
N VAL P 117 -60.21 -24.59 61.06
CA VAL P 117 -60.15 -23.37 60.26
C VAL P 117 -59.30 -23.58 59.02
N LYS P 118 -59.46 -22.71 58.03
CA LYS P 118 -58.68 -22.77 56.82
C LYS P 118 -57.91 -21.45 56.68
N TRP P 119 -56.65 -21.53 56.29
CA TRP P 119 -55.83 -20.32 56.16
C TRP P 119 -55.69 -19.76 54.74
N PHE P 120 -55.55 -18.45 54.67
CA PHE P 120 -55.41 -17.76 53.41
C PHE P 120 -54.13 -16.96 53.49
N CYS P 121 -53.58 -16.59 52.33
CA CYS P 121 -52.35 -15.83 52.26
C CYS P 121 -52.49 -14.84 51.11
N GLY P 122 -52.22 -13.57 51.38
CA GLY P 122 -52.34 -12.58 50.32
C GLY P 122 -51.93 -11.18 50.74
N GLN P 123 -52.50 -10.19 50.10
CA GLN P 123 -52.18 -8.79 50.40
C GLN P 123 -52.91 -8.38 51.67
N PRO P 124 -52.26 -7.55 52.50
CA PRO P 124 -52.77 -7.04 53.77
C PRO P 124 -54.28 -6.96 53.90
N VAL P 125 -54.79 -7.41 55.03
CA VAL P 125 -56.22 -7.38 55.27
C VAL P 125 -56.50 -7.03 56.74
N THR P 126 -57.71 -6.54 57.02
CA THR P 126 -58.09 -6.19 58.37
C THR P 126 -59.23 -7.08 58.76
N ARG P 127 -59.37 -7.43 60.03
CA ARG P 127 -60.51 -8.25 60.40
C ARG P 127 -61.68 -7.36 60.82
N THR P 128 -62.85 -7.67 60.28
CA THR P 128 -64.05 -6.92 60.59
C THR P 128 -64.75 -7.67 61.71
N ASP P 129 -65.29 -8.84 61.41
CA ASP P 129 -65.94 -9.65 62.42
C ASP P 129 -65.23 -11.02 62.48
N ASP P 130 -65.65 -11.89 63.38
CA ASP P 130 -64.95 -13.17 63.55
C ASP P 130 -64.87 -14.03 62.30
N ASP P 131 -65.61 -13.67 61.28
CA ASP P 131 -65.57 -14.46 60.06
C ASP P 131 -65.53 -13.59 58.81
N THR P 132 -64.92 -12.42 58.94
CA THR P 132 -64.84 -11.50 57.82
C THR P 132 -63.71 -10.50 57.99
N VAL P 133 -62.92 -10.35 56.93
CA VAL P 133 -61.80 -9.43 56.89
C VAL P 133 -61.96 -8.59 55.64
N ALA P 134 -61.14 -7.56 55.46
CA ALA P 134 -61.24 -6.71 54.27
C ALA P 134 -59.89 -6.11 53.95
N ASP P 135 -59.73 -5.72 52.68
CA ASP P 135 -58.48 -5.14 52.22
C ASP P 135 -58.04 -4.00 53.09
N ALA P 136 -56.81 -4.09 53.58
CA ALA P 136 -56.25 -3.04 54.39
C ALA P 136 -55.72 -2.07 53.34
N LYS P 137 -56.61 -1.64 52.43
CA LYS P 137 -56.24 -0.72 51.35
C LYS P 137 -55.58 0.52 51.93
N ASP P 138 -54.33 0.76 51.57
CA ASP P 138 -53.61 1.91 52.10
C ASP P 138 -52.38 2.27 51.28
N GLY P 139 -51.93 1.35 50.43
CA GLY P 139 -50.78 1.62 49.59
C GLY P 139 -49.46 0.93 49.93
N LYS P 140 -49.41 0.19 51.03
CA LYS P 140 -48.17 -0.47 51.42
C LYS P 140 -48.21 -2.01 51.19
N GLU P 141 -49.15 -2.46 50.39
CA GLU P 141 -49.24 -3.89 50.09
C GLU P 141 -48.17 -4.34 49.12
N ILE P 142 -47.60 -5.52 49.36
CA ILE P 142 -46.60 -6.04 48.45
C ILE P 142 -47.34 -6.33 47.15
N ASP P 143 -46.79 -5.82 46.06
CA ASP P 143 -47.32 -5.95 44.71
C ASP P 143 -47.54 -7.37 44.26
N THR P 144 -48.70 -7.62 43.66
CA THR P 144 -49.01 -8.98 43.19
C THR P 144 -47.85 -9.70 42.51
N LYS P 145 -47.07 -8.99 41.71
CA LYS P 145 -45.98 -9.64 41.00
C LYS P 145 -44.95 -10.29 41.92
N HIS P 146 -44.85 -9.81 43.15
CA HIS P 146 -43.88 -10.37 44.10
C HIS P 146 -44.42 -11.50 44.94
N LEU P 147 -45.71 -11.78 44.81
CA LEU P 147 -46.31 -12.82 45.62
C LEU P 147 -46.43 -14.17 44.93
N PRO P 148 -46.08 -15.24 45.65
CA PRO P 148 -46.14 -16.62 45.13
C PRO P 148 -47.52 -16.89 44.57
N SER P 149 -47.65 -18.01 43.86
CA SER P 149 -48.92 -18.41 43.30
C SER P 149 -49.82 -18.89 44.47
N THR P 150 -49.17 -19.32 45.55
CA THR P 150 -49.88 -19.81 46.71
C THR P 150 -50.30 -18.70 47.64
N CYS P 151 -50.02 -17.45 47.29
CA CYS P 151 -50.39 -16.35 48.17
C CYS P 151 -51.05 -15.24 47.39
N ARG P 152 -52.02 -15.63 46.57
CA ARG P 152 -52.77 -14.67 45.75
C ARG P 152 -54.19 -14.56 46.27
N ASP P 153 -54.44 -14.93 47.53
CA ASP P 153 -55.80 -14.87 48.06
C ASP P 153 -56.42 -13.47 48.27
N ASN P 154 -57.70 -13.35 47.91
CA ASN P 154 -58.47 -12.11 48.07
C ASN P 154 -59.20 -12.08 49.41
N PHE P 155 -59.48 -10.88 49.89
CA PHE P 155 -60.15 -10.69 51.16
C PHE P 155 -61.38 -11.60 51.32
N ASP P 156 -62.08 -11.88 50.23
CA ASP P 156 -63.28 -12.73 50.34
C ASP P 156 -63.12 -14.18 49.90
N ALA P 157 -61.88 -14.66 49.87
CA ALA P 157 -61.64 -16.04 49.50
C ALA P 157 -62.32 -16.94 50.52
N LYS P 158 -62.91 -18.04 50.07
CA LYS P 158 -63.54 -18.95 51.01
C LYS P 158 -62.96 -20.33 50.80
N MEA Q 1 -18.20 -9.25 14.75
CA MEA Q 1 -16.89 -8.69 15.22
C MEA Q 1 -16.69 -8.83 16.73
O MEA Q 1 -15.54 -8.94 17.19
CB MEA Q 1 -16.70 -7.23 14.75
CG MEA Q 1 -17.74 -6.26 15.30
CD1 MEA Q 1 -19.09 -6.44 15.04
CE1 MEA Q 1 -20.04 -5.54 15.54
CZ MEA Q 1 -19.64 -4.45 16.28
CE2 MEA Q 1 -18.28 -4.24 16.53
CD2 MEA Q 1 -17.34 -5.14 16.04
N THR Q 2 -17.77 -8.85 17.49
CA THR Q 2 -17.69 -8.77 18.97
C THR Q 2 -18.74 -9.53 19.78
N LEU Q 3 -19.96 -8.99 19.83
CA LEU Q 3 -20.92 -9.23 20.90
C LEU Q 3 -21.55 -10.63 20.91
N ILE Q 4 -20.89 -11.59 21.55
CA ILE Q 4 -21.42 -12.94 21.65
C ILE Q 4 -21.62 -13.40 23.11
N GLU Q 5 -21.03 -12.65 24.05
CA GLU Q 5 -21.13 -12.96 25.47
C GLU Q 5 -22.55 -12.70 25.99
N LEU Q 6 -23.17 -11.63 25.49
CA LEU Q 6 -24.55 -11.31 25.84
C LEU Q 6 -25.53 -12.25 25.16
N MET Q 7 -25.21 -12.64 23.93
CA MET Q 7 -26.09 -13.50 23.12
C MET Q 7 -26.10 -14.95 23.59
N ILE Q 8 -24.94 -15.47 23.99
CA ILE Q 8 -24.85 -16.85 24.48
C ILE Q 8 -25.40 -16.99 25.89
N VAL Q 9 -25.09 -16.03 26.77
CA VAL Q 9 -25.54 -16.06 28.16
C VAL Q 9 -27.05 -15.81 28.32
N ILE Q 10 -27.67 -15.12 27.36
CA ILE Q 10 -29.12 -15.01 27.33
C ILE Q 10 -29.76 -16.31 26.81
N ALA Q 11 -28.98 -17.05 26.03
CA ALA Q 11 -29.43 -18.30 25.41
C ALA Q 11 -29.06 -19.54 26.22
N ILE Q 12 -28.20 -19.37 27.23
CA ILE Q 12 -27.91 -20.46 28.18
C ILE Q 12 -28.90 -20.43 29.35
N VAL Q 13 -29.38 -19.25 29.70
CA VAL Q 13 -30.41 -19.09 30.73
C VAL Q 13 -31.76 -19.54 30.18
N GLY Q 14 -31.96 -19.33 28.88
CA GLY Q 14 -33.14 -19.81 28.17
C GLY Q 14 -33.22 -21.33 28.13
N ILE Q 15 -32.10 -21.97 27.80
CA ILE Q 15 -32.04 -23.43 27.80
C ILE Q 15 -31.94 -24.02 29.21
N LEU Q 16 -31.45 -23.21 30.15
CA LEU Q 16 -31.40 -23.60 31.56
C LEU Q 16 -32.81 -23.72 32.14
N ALA Q 17 -33.69 -22.83 31.71
CA ALA Q 17 -35.09 -22.85 32.10
C ALA Q 17 -35.82 -24.07 31.51
N ALA Q 18 -35.43 -24.44 30.29
CA ALA Q 18 -35.98 -25.59 29.60
C ALA Q 18 -35.57 -26.92 30.25
N VAL Q 19 -34.36 -26.94 30.82
CA VAL Q 19 -33.86 -28.09 31.56
C VAL Q 19 -34.43 -28.11 32.97
N ALA Q 20 -34.63 -26.92 33.55
CA ALA Q 20 -35.23 -26.79 34.87
C ALA Q 20 -36.76 -26.89 34.83
N LEU Q 21 -37.32 -26.97 33.62
CA LEU Q 21 -38.76 -27.03 33.42
C LEU Q 21 -39.40 -28.37 33.88
N PRO Q 22 -38.89 -29.51 33.41
CA PRO Q 22 -39.46 -30.81 33.82
C PRO Q 22 -39.16 -31.18 35.28
N ALA Q 23 -38.07 -30.66 35.83
CA ALA Q 23 -37.71 -30.91 37.23
C ALA Q 23 -38.69 -30.24 38.18
N TYR Q 24 -39.01 -28.97 37.89
CA TYR Q 24 -39.96 -28.19 38.68
C TYR Q 24 -41.39 -28.66 38.40
N GLN Q 25 -41.65 -29.10 37.17
CA GLN Q 25 -42.93 -29.71 36.80
C GLN Q 25 -43.11 -31.10 37.41
N ASP Q 26 -42.01 -31.77 37.71
CA ASP Q 26 -42.64 -33.19 38.54
C ASP Q 26 -42.48 -32.93 40.02
N TYR Q 27 -41.51 -32.12 40.40
CA TYR Q 27 -41.33 -31.80 41.79
C TYR Q 27 -42.63 -31.15 42.20
N THR Q 28 -43.13 -30.32 41.29
CA THR Q 28 -44.36 -29.60 41.52
C THR Q 28 -45.57 -30.51 41.67
N ALA Q 29 -45.78 -31.40 40.70
CA ALA Q 29 -46.91 -32.33 40.75
C ALA Q 29 -46.82 -33.22 41.96
N ARG Q 30 -45.62 -33.72 42.20
CA ARG Q 30 -45.34 -34.60 43.32
C ARG Q 30 -45.66 -33.88 44.61
N ALA Q 31 -45.66 -32.56 44.56
CA ALA Q 31 -45.97 -31.73 45.73
C ALA Q 31 -47.48 -31.57 45.91
N GLN Q 32 -48.18 -31.46 44.79
CA GLN Q 32 -49.63 -31.31 44.77
C GLN Q 32 -50.34 -32.62 45.13
N VAL Q 33 -49.63 -33.72 44.99
CA VAL Q 33 -50.20 -35.02 45.31
C VAL Q 33 -49.98 -35.28 46.78
N SER Q 34 -48.85 -34.82 47.30
CA SER Q 34 -48.52 -35.03 48.70
C SER Q 34 -49.58 -34.40 49.60
N GLU Q 35 -50.39 -33.52 49.03
CA GLU Q 35 -51.43 -32.87 49.80
C GLU Q 35 -52.73 -33.63 49.70
N ALA Q 36 -52.99 -34.16 48.52
CA ALA Q 36 -54.20 -34.94 48.34
C ALA Q 36 -54.11 -36.03 49.40
N ILE Q 37 -52.88 -36.44 49.70
CA ILE Q 37 -52.64 -37.46 50.68
C ILE Q 37 -52.90 -36.95 52.09
N LEU Q 38 -52.57 -35.69 52.36
CA LEU Q 38 -52.77 -35.15 53.69
C LEU Q 38 -54.24 -34.88 53.93
N LEU Q 39 -54.95 -34.57 52.86
CA LEU Q 39 -56.37 -34.30 52.96
C LEU Q 39 -57.12 -35.61 53.11
N ALA Q 40 -56.55 -36.67 52.56
CA ALA Q 40 -57.16 -37.99 52.64
C ALA Q 40 -57.01 -38.48 54.07
N GLU Q 41 -55.82 -38.30 54.62
CA GLU Q 41 -55.56 -38.72 55.99
C GLU Q 41 -56.30 -37.79 56.94
N GLY Q 42 -56.19 -38.01 58.24
CA GLY Q 42 -56.87 -37.15 59.19
C GLY Q 42 -58.36 -37.41 59.15
N GLN Q 43 -58.73 -38.30 58.23
CA GLN Q 43 -60.08 -38.73 58.05
C GLN Q 43 -60.02 -40.22 58.32
N LYS Q 44 -58.83 -40.65 58.70
CA LYS Q 44 -58.60 -42.04 59.02
C LYS Q 44 -59.24 -42.20 60.38
N SER Q 45 -59.05 -41.19 61.22
CA SER Q 45 -59.61 -41.16 62.57
C SER Q 45 -61.09 -41.52 62.58
N ALA Q 46 -61.87 -40.73 61.86
CA ALA Q 46 -63.30 -40.98 61.79
C ALA Q 46 -63.56 -42.41 61.35
N VAL Q 47 -62.97 -42.79 60.21
CA VAL Q 47 -63.15 -44.13 59.67
C VAL Q 47 -62.71 -45.24 60.61
N THR Q 48 -61.58 -45.06 61.28
CA THR Q 48 -61.09 -46.08 62.20
C THR Q 48 -62.08 -46.25 63.34
N GLU Q 49 -62.43 -45.15 63.97
CA GLU Q 49 -63.35 -45.21 65.07
C GLU Q 49 -64.65 -45.87 64.62
N TYR Q 50 -65.24 -45.37 63.53
CA TYR Q 50 -66.48 -45.98 63.08
C TYR Q 50 -66.38 -47.50 62.96
N TYR Q 51 -65.30 -47.98 62.35
CA TYR Q 51 -65.10 -49.42 62.21
C TYR Q 51 -64.96 -50.18 63.54
N LEU Q 52 -64.05 -49.71 64.40
CA LEU Q 52 -63.83 -50.36 65.69
C LEU Q 52 -65.07 -50.31 66.60
N ASN Q 53 -65.82 -49.22 66.53
CA ASN Q 53 -67.02 -49.13 67.37
C ASN Q 53 -68.17 -49.98 66.83
N HIS Q 54 -68.28 -50.13 65.53
CA HIS Q 54 -69.39 -50.89 64.96
C HIS Q 54 -69.05 -52.19 64.22
N GLY Q 55 -67.79 -52.34 63.79
CA GLY Q 55 -67.44 -53.55 63.09
C GLY Q 55 -67.85 -53.53 61.63
N LYS Q 56 -68.29 -52.37 61.15
CA LYS Q 56 -68.69 -52.17 59.76
C LYS Q 56 -68.00 -50.89 59.28
N TRP Q 57 -67.55 -50.87 58.03
CA TRP Q 57 -66.88 -49.68 57.49
C TRP Q 57 -67.90 -48.61 57.17
N PRO Q 58 -67.56 -47.34 57.44
CA PRO Q 58 -68.51 -46.26 57.15
C PRO Q 58 -68.85 -46.20 55.67
N GLU Q 59 -70.14 -46.27 55.35
CA GLU Q 59 -70.58 -46.24 53.95
C GLU Q 59 -70.24 -44.98 53.18
N ASN Q 60 -70.37 -43.83 53.86
CA ASN Q 60 -70.08 -42.55 53.23
C ASN Q 60 -69.61 -41.52 54.25
N ASN Q 61 -69.23 -40.34 53.79
CA ASN Q 61 -68.74 -39.29 54.68
C ASN Q 61 -69.60 -39.04 55.92
N THR Q 62 -70.90 -38.95 55.72
CA THR Q 62 -71.83 -38.70 56.81
C THR Q 62 -71.77 -39.81 57.83
N SER Q 63 -71.70 -41.05 57.36
CA SER Q 63 -71.58 -42.17 58.27
C SER Q 63 -70.31 -42.01 59.09
N ALA Q 64 -69.21 -41.67 58.42
CA ALA Q 64 -67.94 -41.51 59.10
C ALA Q 64 -67.94 -40.29 60.02
N GLY Q 65 -68.95 -39.45 59.85
CA GLY Q 65 -69.04 -38.26 60.67
C GLY Q 65 -68.07 -37.21 60.18
N VAL Q 66 -68.18 -36.88 58.90
CA VAL Q 66 -67.33 -35.86 58.29
C VAL Q 66 -68.17 -35.10 57.31
N ALA Q 67 -67.70 -33.92 56.91
CA ALA Q 67 -68.42 -33.07 55.97
C ALA Q 67 -69.25 -33.96 55.06
N SER Q 68 -70.54 -34.05 55.38
CA SER Q 68 -71.48 -34.88 54.63
C SER Q 68 -71.31 -34.73 53.13
N SER Q 69 -70.65 -33.66 52.71
CA SER Q 69 -70.47 -33.38 51.29
C SER Q 69 -69.01 -33.59 50.86
N PRO Q 70 -68.75 -34.55 49.95
CA PRO Q 70 -67.38 -34.82 49.49
C PRO Q 70 -66.65 -33.55 49.10
N THR Q 71 -67.36 -32.70 48.36
CA THR Q 71 -66.83 -31.42 47.90
C THR Q 71 -66.49 -30.48 49.04
N ASP Q 72 -66.89 -30.82 50.25
CA ASP Q 72 -66.59 -29.96 51.38
C ASP Q 72 -65.23 -30.31 51.97
N ILE Q 73 -64.61 -31.35 51.43
CA ILE Q 73 -63.28 -31.78 51.89
C ILE Q 73 -62.27 -31.60 50.76
N LYS Q 74 -62.35 -30.44 50.11
CA LYS Q 74 -61.46 -30.12 49.02
C LYS Q 74 -60.30 -29.25 49.46
N GLY Q 75 -59.44 -28.95 48.51
CA GLY Q 75 -58.28 -28.12 48.77
C GLY Q 75 -57.90 -27.31 47.56
N LYS Q 76 -56.64 -26.93 47.48
CA LYS Q 76 -56.10 -26.14 46.39
C LYS Q 76 -55.97 -27.00 45.14
N TYR Q 77 -55.44 -28.20 45.33
CA TYR Q 77 -55.24 -29.13 44.23
C TYR Q 77 -56.23 -30.27 44.37
N VAL Q 78 -56.92 -30.29 45.51
CA VAL Q 78 -57.89 -31.33 45.79
C VAL Q 78 -59.29 -30.85 45.55
N LYS Q 79 -59.98 -31.52 44.64
CA LYS Q 79 -61.35 -31.17 44.31
C LYS Q 79 -62.31 -31.79 45.31
N GLU Q 80 -61.81 -32.75 46.10
CA GLU Q 80 -62.62 -33.43 47.11
C GLU Q 80 -61.99 -34.66 47.75
N VAL Q 81 -62.75 -35.27 48.64
CA VAL Q 81 -62.35 -36.46 49.37
C VAL Q 81 -63.63 -37.16 49.80
N GLU Q 82 -63.85 -38.35 49.25
CA GLU Q 82 -65.04 -39.14 49.54
C GLU Q 82 -64.70 -40.43 50.25
N VAL Q 83 -65.55 -40.78 51.22
CA VAL Q 83 -65.40 -42.00 51.97
C VAL Q 83 -66.43 -42.94 51.39
N LYS Q 84 -65.98 -44.05 50.85
CA LYS Q 84 -66.86 -45.03 50.26
C LYS Q 84 -66.55 -46.39 50.86
N ASN Q 85 -67.33 -46.78 51.86
CA ASN Q 85 -67.17 -48.04 52.59
C ASN Q 85 -65.80 -48.14 53.24
N GLY Q 86 -65.44 -47.10 53.99
CA GLY Q 86 -64.15 -47.07 54.68
C GLY Q 86 -62.99 -46.64 53.82
N VAL Q 87 -63.14 -46.73 52.50
CA VAL Q 87 -62.09 -46.32 51.57
C VAL Q 87 -62.20 -44.82 51.39
N VAL Q 88 -61.10 -44.10 51.58
CA VAL Q 88 -61.12 -42.67 51.40
C VAL Q 88 -60.32 -42.31 50.16
N THR Q 89 -61.00 -41.75 49.18
CA THR Q 89 -60.39 -41.37 47.91
C THR Q 89 -60.26 -39.86 47.77
N ALA Q 90 -59.12 -39.40 47.28
CA ALA Q 90 -58.92 -37.95 47.12
C ALA Q 90 -58.80 -37.60 45.65
N THR Q 91 -59.61 -36.66 45.19
CA THR Q 91 -59.57 -36.24 43.78
C THR Q 91 -58.80 -34.94 43.60
N MET Q 92 -57.99 -34.92 42.55
CA MET Q 92 -57.19 -33.75 42.22
C MET Q 92 -58.04 -32.76 41.43
N LEU Q 93 -58.00 -31.51 41.84
CA LEU Q 93 -58.76 -30.45 41.17
C LEU Q 93 -58.44 -30.47 39.67
N SER Q 94 -58.92 -29.47 38.94
CA SER Q 94 -58.65 -29.37 37.52
C SER Q 94 -57.86 -28.09 37.27
N SER Q 95 -57.91 -27.19 38.24
CA SER Q 95 -57.20 -25.91 38.14
C SER Q 95 -56.16 -25.75 39.26
N GLY Q 96 -54.95 -25.37 38.88
CA GLY Q 96 -53.89 -25.16 39.84
C GLY Q 96 -52.96 -26.35 40.02
N VAL Q 97 -53.11 -27.36 39.18
CA VAL Q 97 -52.27 -28.55 39.27
C VAL Q 97 -51.36 -28.80 38.05
N ASN Q 98 -50.56 -29.86 38.13
CA ASN Q 98 -49.62 -30.21 37.06
C ASN Q 98 -50.28 -30.15 35.69
N ASN Q 99 -50.63 -31.31 35.16
CA ASN Q 99 -51.24 -31.40 33.84
C ASN Q 99 -51.62 -32.85 33.61
N GLU Q 100 -50.82 -33.76 34.14
CA GLU Q 100 -51.09 -35.16 33.96
C GLU Q 100 -51.56 -35.78 35.26
N ILE Q 101 -52.01 -34.94 36.18
CA ILE Q 101 -52.51 -35.43 37.46
C ILE Q 101 -53.86 -34.84 37.89
N LYS Q 102 -54.37 -33.87 37.15
CA LYS Q 102 -55.65 -33.26 37.50
C LYS Q 102 -56.81 -34.20 37.23
N GLY Q 103 -57.83 -34.10 38.07
CA GLY Q 103 -58.99 -34.97 37.94
C GLY Q 103 -58.55 -36.38 38.27
N LYS Q 104 -57.32 -36.53 38.74
CA LYS Q 104 -56.82 -37.86 39.08
C LYS Q 104 -56.85 -38.05 40.58
N LYS Q 105 -56.94 -39.31 41.03
CA LYS Q 105 -57.02 -39.56 42.45
C LYS Q 105 -56.33 -40.80 43.03
N LEU Q 106 -56.28 -40.84 44.35
CA LEU Q 106 -55.68 -41.93 45.11
C LEU Q 106 -56.65 -42.39 46.22
N SER Q 107 -56.31 -43.47 46.92
CA SER Q 107 -57.17 -43.98 47.98
C SER Q 107 -56.40 -44.45 49.18
N LEU Q 108 -57.09 -44.41 50.31
CA LEU Q 108 -56.55 -44.84 51.59
C LEU Q 108 -57.61 -45.82 52.02
N TRP Q 109 -57.20 -47.01 52.43
CA TRP Q 109 -58.16 -48.00 52.89
C TRP Q 109 -57.50 -48.72 54.01
N ALA Q 110 -58.29 -49.40 54.81
CA ALA Q 110 -57.71 -50.10 55.93
C ALA Q 110 -58.08 -51.56 55.94
N ARG Q 111 -57.53 -52.27 56.90
CA ARG Q 111 -57.78 -53.69 57.03
C ARG Q 111 -57.91 -54.04 58.49
N ARG Q 112 -58.86 -54.91 58.78
CA ARG Q 112 -59.08 -55.37 60.15
C ARG Q 112 -57.85 -56.10 60.65
N GLU Q 113 -57.29 -55.64 61.76
CA GLU Q 113 -56.15 -56.34 62.33
C GLU Q 113 -56.70 -57.21 63.44
N ASN Q 114 -57.94 -56.95 63.81
CA ASN Q 114 -58.65 -57.66 64.87
C ASN Q 114 -58.28 -56.94 66.16
N GLY Q 115 -59.10 -55.97 66.54
CA GLY Q 115 -58.84 -55.19 67.73
C GLY Q 115 -58.29 -53.82 67.33
N SER Q 116 -57.86 -53.74 66.07
CA SER Q 116 -57.32 -52.52 65.50
C SER Q 116 -57.26 -52.71 63.99
N VAL Q 117 -56.86 -51.68 63.26
CA VAL Q 117 -56.75 -51.78 61.81
C VAL Q 117 -55.43 -51.17 61.35
N LYS Q 118 -55.02 -51.52 60.13
CA LYS Q 118 -53.82 -50.97 59.55
C LYS Q 118 -54.20 -50.24 58.25
N TRP Q 119 -53.62 -49.08 58.03
CA TRP Q 119 -53.94 -48.30 56.83
C TRP Q 119 -52.95 -48.43 55.67
N PHE Q 120 -53.49 -48.32 54.46
CA PHE Q 120 -52.70 -48.40 53.26
C PHE Q 120 -52.95 -47.13 52.47
N CYS Q 121 -52.03 -46.82 51.55
CA CYS Q 121 -52.13 -45.62 50.74
C CYS Q 121 -51.62 -45.97 49.35
N GLY Q 122 -52.42 -45.66 48.33
CA GLY Q 122 -51.99 -45.98 46.97
C GLY Q 122 -52.95 -45.50 45.91
N GLN Q 123 -52.96 -46.19 44.78
CA GLN Q 123 -53.82 -45.83 43.66
C GLN Q 123 -55.23 -46.30 43.95
N PRO Q 124 -56.24 -45.51 43.56
CA PRO Q 124 -57.67 -45.78 43.74
C PRO Q 124 -58.06 -47.23 43.87
N VAL Q 125 -58.91 -47.53 44.84
CA VAL Q 125 -59.37 -48.89 45.05
C VAL Q 125 -60.84 -48.89 45.45
N THR Q 126 -61.52 -50.02 45.27
CA THR Q 126 -62.92 -50.15 45.61
C THR Q 126 -63.02 -51.20 46.68
N ARG Q 127 -63.98 -51.09 47.60
CA ARG Q 127 -64.09 -52.14 48.59
C ARG Q 127 -65.06 -53.22 48.12
N THR Q 128 -64.65 -54.47 48.24
CA THR Q 128 -65.46 -55.58 47.84
C THR Q 128 -66.20 -56.07 49.07
N ASP Q 129 -65.46 -56.64 50.02
CA ASP Q 129 -66.06 -57.10 51.26
C ASP Q 129 -65.35 -56.39 52.42
N ASP Q 130 -65.78 -56.63 53.65
CA ASP Q 130 -65.21 -55.91 54.79
C ASP Q 130 -63.71 -56.05 54.97
N ASP Q 131 -63.11 -56.97 54.24
CA ASP Q 131 -61.68 -57.16 54.36
C ASP Q 131 -61.01 -57.35 53.01
N THR Q 132 -61.57 -56.74 51.98
CA THR Q 132 -61.03 -56.87 50.65
C THR Q 132 -61.45 -55.72 49.75
N VAL Q 133 -60.49 -55.15 49.05
CA VAL Q 133 -60.71 -54.06 48.12
C VAL Q 133 -60.05 -54.46 46.81
N ALA Q 134 -60.24 -53.68 45.75
CA ALA Q 134 -59.64 -54.00 44.46
C ALA Q 134 -59.42 -52.74 43.65
N ASP Q 135 -58.49 -52.81 42.70
CA ASP Q 135 -58.15 -51.69 41.86
C ASP Q 135 -59.38 -51.08 41.23
N ALA Q 136 -59.55 -49.79 41.43
CA ALA Q 136 -60.67 -49.09 40.82
C ALA Q 136 -60.13 -48.78 39.43
N LYS Q 137 -59.69 -49.81 38.71
CA LYS Q 137 -59.14 -49.66 37.36
C LYS Q 137 -60.12 -48.90 36.48
N ASP Q 138 -59.72 -47.73 35.99
CA ASP Q 138 -60.60 -46.94 35.16
C ASP Q 138 -59.86 -45.89 34.34
N GLY Q 139 -58.62 -45.60 34.72
CA GLY Q 139 -57.82 -44.62 33.99
C GLY Q 139 -57.58 -43.27 34.63
N LYS Q 140 -58.18 -43.01 35.79
CA LYS Q 140 -58.00 -41.71 36.45
C LYS Q 140 -57.08 -41.79 37.69
N GLU Q 141 -56.31 -42.87 37.81
CA GLU Q 141 -55.40 -43.00 38.93
C GLU Q 141 -54.17 -42.13 38.79
N ILE Q 142 -53.73 -41.53 39.88
CA ILE Q 142 -52.53 -40.71 39.83
C ILE Q 142 -51.39 -41.68 39.55
N ASP Q 143 -50.59 -41.34 38.54
CA ASP Q 143 -49.46 -42.11 38.07
C ASP Q 143 -48.43 -42.42 39.13
N THR Q 144 -47.97 -43.66 39.19
CA THR Q 144 -46.98 -44.05 40.19
C THR Q 144 -45.86 -43.04 40.40
N LYS Q 145 -45.38 -42.42 39.33
CA LYS Q 145 -44.28 -41.48 39.48
C LYS Q 145 -44.60 -40.30 40.38
N HIS Q 146 -45.88 -39.96 40.53
CA HIS Q 146 -46.26 -38.83 41.36
C HIS Q 146 -46.57 -39.21 42.81
N LEU Q 147 -46.52 -40.50 43.11
CA LEU Q 147 -46.82 -40.94 44.46
C LEU Q 147 -45.60 -41.17 45.33
N PRO Q 148 -45.66 -40.69 46.59
CA PRO Q 148 -44.57 -40.85 47.56
C PRO Q 148 -44.18 -42.31 47.66
N SER Q 149 -43.07 -42.56 48.32
CA SER Q 149 -42.59 -43.92 48.53
C SER Q 149 -43.52 -44.58 49.58
N THR Q 150 -44.14 -43.74 50.40
CA THR Q 150 -45.03 -44.22 51.44
C THR Q 150 -46.44 -44.46 50.93
N CYS Q 151 -46.68 -44.25 49.64
CA CYS Q 151 -48.03 -44.46 49.12
C CYS Q 151 -47.98 -45.26 47.84
N ARG Q 152 -47.25 -46.36 47.88
CA ARG Q 152 -47.11 -47.25 46.73
C ARG Q 152 -47.85 -48.55 47.00
N ASP Q 153 -48.80 -48.56 47.93
CA ASP Q 153 -49.52 -49.79 48.25
C ASP Q 153 -50.46 -50.38 47.17
N ASN Q 154 -50.41 -51.69 47.02
CA ASN Q 154 -51.26 -52.43 46.08
C ASN Q 154 -52.55 -52.90 46.74
N PHE Q 155 -53.58 -53.09 45.92
CA PHE Q 155 -54.88 -53.50 46.41
C PHE Q 155 -54.79 -54.68 47.40
N ASP Q 156 -53.82 -55.57 47.21
CA ASP Q 156 -53.72 -56.73 48.11
C ASP Q 156 -52.62 -56.65 49.17
N ALA Q 157 -52.16 -55.43 49.47
CA ALA Q 157 -51.15 -55.27 50.49
C ALA Q 157 -51.71 -55.74 51.82
N LYS Q 158 -50.90 -56.40 52.63
CA LYS Q 158 -51.39 -56.84 53.92
C LYS Q 158 -50.45 -56.31 54.99
N MEA R 1 -17.23 -19.08 24.40
CA MEA R 1 -17.68 -17.70 24.01
C MEA R 1 -18.89 -17.22 24.82
O MEA R 1 -19.05 -16.02 25.02
CB MEA R 1 -17.94 -17.62 22.48
CG MEA R 1 -19.05 -18.53 21.98
CD1 MEA R 1 -18.95 -19.91 22.14
CE1 MEA R 1 -19.96 -20.75 21.67
CZ MEA R 1 -21.06 -20.22 21.02
CE2 MEA R 1 -21.15 -18.84 20.83
CD2 MEA R 1 -20.15 -18.00 21.31
N THR R 2 -19.72 -18.15 25.28
CA THR R 2 -21.02 -17.80 25.89
C THR R 2 -21.52 -18.67 27.04
N LEU R 3 -22.03 -19.86 26.69
CA LEU R 3 -23.00 -20.60 27.50
C LEU R 3 -22.45 -21.22 28.78
N ILE R 4 -22.44 -20.44 29.86
CA ILE R 4 -21.98 -20.94 31.15
C ILE R 4 -23.05 -20.87 32.26
N GLU R 5 -24.12 -20.11 31.98
CA GLU R 5 -25.22 -19.95 32.92
C GLU R 5 -26.02 -21.25 33.06
N LEU R 6 -26.19 -21.96 31.95
CA LEU R 6 -26.89 -23.24 31.94
C LEU R 6 -26.01 -24.34 32.54
N MET R 7 -24.70 -24.25 32.29
CA MET R 7 -23.74 -25.26 32.75
C MET R 7 -23.46 -25.18 34.25
N ILE R 8 -23.37 -23.96 34.79
CA ILE R 8 -23.12 -23.78 36.22
C ILE R 8 -24.37 -24.06 37.05
N VAL R 9 -25.53 -23.59 36.58
CA VAL R 9 -26.79 -23.77 37.31
C VAL R 9 -27.30 -25.22 37.29
N ILE R 10 -26.90 -26.01 36.29
CA ILE R 10 -27.16 -27.45 36.32
C ILE R 10 -26.20 -28.17 37.27
N ALA R 11 -25.04 -27.55 37.50
CA ALA R 11 -23.98 -28.10 38.35
C ALA R 11 -24.04 -27.58 39.79
N ILE R 12 -24.85 -26.55 40.02
CA ILE R 12 -25.11 -26.09 41.40
C ILE R 12 -26.30 -26.83 42.01
N VAL R 13 -27.24 -27.25 41.18
CA VAL R 13 -28.38 -28.07 41.61
C VAL R 13 -27.90 -29.50 41.87
N GLY R 14 -26.91 -29.94 41.10
CA GLY R 14 -26.27 -31.23 41.29
C GLY R 14 -25.53 -31.31 42.62
N ILE R 15 -24.75 -30.28 42.93
CA ILE R 15 -24.05 -30.20 44.22
C ILE R 15 -24.98 -29.84 45.38
N LEU R 16 -26.09 -29.19 45.06
CA LEU R 16 -27.11 -28.88 46.06
C LEU R 16 -27.79 -30.15 46.56
N ALA R 17 -27.99 -31.11 45.65
CA ALA R 17 -28.54 -32.40 45.98
C ALA R 17 -27.57 -33.23 46.84
N ALA R 18 -26.28 -33.06 46.57
CA ALA R 18 -25.23 -33.74 47.31
C ALA R 18 -25.10 -33.20 48.74
N VAL R 19 -25.38 -31.92 48.92
CA VAL R 19 -25.38 -31.28 50.23
C VAL R 19 -26.70 -31.58 50.95
N ALA R 20 -27.79 -31.67 50.20
CA ALA R 20 -29.10 -32.02 50.75
C ALA R 20 -29.26 -33.52 50.96
N LEU R 21 -28.27 -34.29 50.53
CA LEU R 21 -28.30 -35.76 50.61
C LEU R 21 -28.17 -36.29 52.06
N PRO R 22 -27.14 -35.87 52.80
CA PRO R 22 -26.97 -36.35 54.18
C PRO R 22 -28.01 -35.79 55.17
N ALA R 23 -28.55 -34.61 54.87
CA ALA R 23 -29.58 -34.00 55.71
C ALA R 23 -30.89 -34.78 55.64
N TYR R 24 -31.29 -35.15 54.42
CA TYR R 24 -32.49 -35.95 54.19
C TYR R 24 -32.27 -37.41 54.60
N GLN R 25 -31.04 -37.89 54.43
CA GLN R 25 -30.63 -39.21 54.92
C GLN R 25 -30.53 -39.28 56.44
N ASP R 26 -30.30 -38.13 57.07
CA ASP R 26 -30.44 -38.59 58.77
C ASP R 26 -31.82 -38.17 59.22
N TYR R 27 -32.37 -37.15 58.58
CA TYR R 27 -33.70 -36.70 58.94
C TYR R 27 -34.58 -37.90 58.66
N THR R 28 -34.26 -38.56 57.56
CA THR R 28 -35.00 -39.74 57.14
C THR R 28 -34.90 -40.89 58.13
N ALA R 29 -33.68 -41.27 58.48
CA ALA R 29 -33.46 -42.37 59.42
C ALA R 29 -34.08 -42.06 60.76
N ARG R 30 -33.85 -40.83 61.21
CA ARG R 30 -34.35 -40.35 62.49
C ARG R 30 -35.85 -40.43 62.48
N ALA R 31 -36.44 -40.44 61.28
CA ALA R 31 -37.90 -40.52 61.13
C ALA R 31 -38.38 -41.97 61.21
N GLN R 32 -37.57 -42.87 60.66
CA GLN R 32 -37.86 -44.30 60.64
C GLN R 32 -37.67 -44.94 62.03
N VAL R 33 -36.90 -44.26 62.87
CA VAL R 33 -36.66 -44.75 64.21
C VAL R 33 -37.77 -44.26 65.12
N SER R 34 -38.26 -43.05 64.84
CA SER R 34 -39.33 -42.48 65.64
C SER R 34 -40.57 -43.34 65.61
N GLU R 35 -40.63 -44.25 64.64
CA GLU R 35 -41.77 -45.13 64.52
C GLU R 35 -41.54 -46.42 65.25
N ALA R 36 -40.31 -46.90 65.20
CA ALA R 36 -39.98 -48.11 65.92
C ALA R 36 -40.37 -47.83 67.36
N ILE R 37 -40.22 -46.56 67.75
CA ILE R 37 -40.55 -46.13 69.08
C ILE R 37 -42.06 -46.14 69.31
N LEU R 38 -42.82 -45.76 68.30
CA LEU R 38 -44.28 -45.72 68.45
C LEU R 38 -44.84 -47.12 68.47
N LEU R 39 -44.18 -48.02 67.75
CA LEU R 39 -44.63 -49.39 67.69
C LEU R 39 -44.26 -50.10 68.99
N ALA R 40 -43.19 -49.64 69.61
CA ALA R 40 -42.74 -50.22 70.86
C ALA R 40 -43.71 -49.80 71.96
N GLU R 41 -44.08 -48.53 71.94
CA GLU R 41 -45.02 -48.01 72.93
C GLU R 41 -46.41 -48.58 72.61
N GLY R 42 -47.41 -48.21 73.41
CA GLY R 42 -48.76 -48.72 73.15
C GLY R 42 -48.84 -50.19 73.49
N GLN R 43 -47.69 -50.71 73.89
CA GLN R 43 -47.55 -52.08 74.30
C GLN R 43 -47.06 -51.96 75.73
N LYS R 44 -46.99 -50.72 76.18
CA LYS R 44 -46.58 -50.43 77.53
C LYS R 44 -47.78 -50.80 78.37
N SER R 45 -48.96 -50.47 77.85
CA SER R 45 -50.22 -50.76 78.51
C SER R 45 -50.31 -52.21 78.95
N ALA R 46 -50.18 -53.13 77.99
CA ALA R 46 -50.24 -54.53 78.31
C ALA R 46 -49.21 -54.86 79.40
N VAL R 47 -47.96 -54.50 79.14
CA VAL R 47 -46.89 -54.78 80.09
C VAL R 47 -47.10 -54.17 81.46
N THR R 48 -47.58 -52.94 81.51
CA THR R 48 -47.82 -52.27 82.79
C THR R 48 -48.88 -53.03 83.57
N GLU R 49 -50.01 -53.26 82.91
CA GLU R 49 -51.08 -53.96 83.57
C GLU R 49 -50.59 -55.32 84.05
N TYR R 50 -49.98 -56.10 83.17
CA TYR R 50 -49.50 -57.41 83.60
C TYR R 50 -48.66 -57.32 84.88
N TYR R 51 -47.74 -56.37 84.92
CA TYR R 51 -46.89 -56.21 86.10
C TYR R 51 -47.67 -55.81 87.38
N LEU R 52 -48.48 -54.75 87.29
CA LEU R 52 -49.25 -54.30 88.43
C LEU R 52 -50.27 -55.35 88.93
N ASN R 53 -50.85 -56.11 88.01
CA ASN R 53 -51.80 -57.12 88.42
C ASN R 53 -51.13 -58.35 89.03
N HIS R 54 -49.94 -58.71 88.57
CA HIS R 54 -49.27 -59.90 89.07
C HIS R 54 -47.97 -59.69 89.84
N GLY R 55 -47.32 -58.54 89.66
CA GLY R 55 -46.08 -58.32 90.36
C GLY R 55 -44.90 -59.00 89.70
N LYS R 56 -45.10 -59.51 88.50
CA LYS R 56 -44.05 -60.17 87.72
C LYS R 56 -44.13 -59.59 86.31
N TRP R 57 -42.99 -59.39 85.66
CA TRP R 57 -42.97 -58.82 84.30
C TRP R 57 -43.37 -59.89 83.31
N PRO R 58 -44.15 -59.52 82.27
CA PRO R 58 -44.57 -60.50 81.28
C PRO R 58 -43.37 -61.12 80.57
N GLU R 59 -43.27 -62.45 80.59
CA GLU R 59 -42.14 -63.13 79.96
C GLU R 59 -42.03 -62.94 78.46
N ASN R 60 -43.17 -62.95 77.78
CA ASN R 60 -43.19 -62.78 76.33
C ASN R 60 -44.49 -62.14 75.86
N ASN R 61 -44.58 -61.85 74.57
CA ASN R 61 -45.77 -61.21 74.01
C ASN R 61 -47.10 -61.82 74.45
N THR R 62 -47.18 -63.14 74.39
CA THR R 62 -48.40 -63.85 74.76
C THR R 62 -48.74 -63.59 76.22
N SER R 63 -47.74 -63.61 77.08
CA SER R 63 -47.97 -63.32 78.47
C SER R 63 -48.55 -61.93 78.60
N ALA R 64 -47.96 -60.97 77.89
CA ALA R 64 -48.41 -59.58 77.96
C ALA R 64 -49.78 -59.43 77.31
N GLY R 65 -50.20 -60.45 76.58
CA GLY R 65 -51.48 -60.39 75.92
C GLY R 65 -51.41 -59.53 74.68
N VAL R 66 -50.47 -59.87 73.80
CA VAL R 66 -50.29 -59.15 72.55
C VAL R 66 -49.94 -60.17 71.49
N ALA R 67 -50.08 -59.78 70.22
CA ALA R 67 -49.78 -60.67 69.11
C ALA R 67 -48.71 -61.66 69.54
N SER R 68 -49.15 -62.86 69.88
CA SER R 68 -48.27 -63.92 70.35
C SER R 68 -47.01 -64.04 69.51
N SER R 69 -47.05 -63.47 68.31
CA SER R 69 -45.91 -63.55 67.40
C SER R 69 -45.21 -62.20 67.24
N PRO R 70 -43.92 -62.11 67.65
CA PRO R 70 -43.17 -60.85 67.54
C PRO R 70 -43.33 -60.21 66.17
N THR R 71 -43.21 -61.04 65.14
CA THR R 71 -43.33 -60.62 63.75
C THR R 71 -44.71 -60.08 63.42
N ASP R 72 -45.65 -60.24 64.32
CA ASP R 72 -46.98 -59.74 64.07
C ASP R 72 -47.11 -58.29 64.53
N ILE R 73 -46.05 -57.77 65.14
CA ILE R 73 -46.02 -56.38 65.61
C ILE R 73 -44.97 -55.61 64.83
N LYS R 74 -44.97 -55.81 63.52
CA LYS R 74 -44.03 -55.15 62.65
C LYS R 74 -44.64 -53.91 61.98
N GLY R 75 -43.82 -53.25 61.19
CA GLY R 75 -44.24 -52.07 60.48
C GLY R 75 -43.52 -51.92 59.16
N LYS R 76 -43.43 -50.69 58.68
CA LYS R 76 -42.77 -50.37 57.43
C LYS R 76 -41.26 -50.47 57.60
N TYR R 77 -40.76 -49.91 58.69
CA TYR R 77 -39.35 -49.92 58.98
C TYR R 77 -39.09 -50.86 60.14
N VAL R 78 -40.18 -51.33 60.75
CA VAL R 78 -40.07 -52.23 61.89
C VAL R 78 -40.34 -53.66 61.48
N LYS R 79 -39.34 -54.50 61.71
CA LYS R 79 -39.44 -55.90 61.37
C LYS R 79 -40.17 -56.66 62.47
N GLU R 80 -40.31 -56.03 63.63
CA GLU R 80 -41.01 -56.62 64.77
C GLU R 80 -40.87 -55.88 66.09
N VAL R 81 -41.48 -56.46 67.12
CA VAL R 81 -41.47 -55.93 68.48
C VAL R 81 -41.73 -57.11 69.40
N GLU R 82 -40.72 -57.41 70.22
CA GLU R 82 -40.80 -58.53 71.15
C GLU R 82 -40.74 -58.06 72.60
N VAL R 83 -41.55 -58.71 73.42
CA VAL R 83 -41.60 -58.42 74.84
C VAL R 83 -40.83 -59.54 75.48
N LYS R 84 -39.76 -59.19 76.17
CA LYS R 84 -38.92 -60.18 76.84
C LYS R 84 -38.74 -59.74 78.29
N ASN R 85 -39.55 -60.33 79.17
CA ASN R 85 -39.56 -60.03 80.60
C ASN R 85 -39.86 -58.55 80.87
N GLY R 86 -40.94 -58.07 80.27
CA GLY R 86 -41.33 -56.68 80.45
C GLY R 86 -40.61 -55.70 79.56
N VAL R 87 -39.44 -56.09 79.05
CA VAL R 87 -38.66 -55.23 78.16
C VAL R 87 -39.24 -55.38 76.75
N VAL R 88 -39.56 -54.27 76.11
CA VAL R 88 -40.10 -54.33 74.77
C VAL R 88 -39.06 -53.77 73.80
N THR R 89 -38.58 -54.63 72.91
CA THR R 89 -37.56 -54.26 71.94
C THR R 89 -38.14 -54.16 70.53
N ALA R 90 -37.75 -53.14 69.79
CA ALA R 90 -38.27 -52.97 68.43
C ALA R 90 -37.13 -53.13 67.42
N THR R 91 -37.32 -54.02 66.45
CA THR R 91 -36.30 -54.24 65.42
C THR R 91 -36.63 -53.52 64.13
N MET R 92 -35.60 -52.92 63.55
CA MET R 92 -35.73 -52.20 62.29
C MET R 92 -35.66 -53.19 61.13
N LEU R 93 -36.60 -53.07 60.21
CA LEU R 93 -36.64 -53.94 59.04
C LEU R 93 -35.28 -53.90 58.33
N SER R 94 -35.21 -54.52 57.15
CA SER R 94 -33.98 -54.52 56.38
C SER R 94 -34.24 -53.80 55.06
N SER R 95 -35.51 -53.66 54.73
CA SER R 95 -35.92 -52.99 53.49
C SER R 95 -36.79 -51.77 53.77
N GLY R 96 -36.45 -50.65 53.15
CA GLY R 96 -37.21 -49.42 53.32
C GLY R 96 -36.65 -48.48 54.36
N VAL R 97 -35.46 -48.77 54.88
CA VAL R 97 -34.84 -47.92 55.90
C VAL R 97 -33.53 -47.26 55.46
N ASN R 98 -32.96 -46.46 56.36
CA ASN R 98 -31.72 -45.73 56.09
C ASN R 98 -30.66 -46.63 55.45
N ASN R 99 -29.72 -47.07 56.26
CA ASN R 99 -28.63 -47.92 55.78
C ASN R 99 -27.80 -48.33 56.98
N GLU R 100 -27.70 -47.44 57.96
CA GLU R 100 -26.92 -47.75 59.14
C GLU R 100 -27.84 -47.96 60.32
N ILE R 101 -29.10 -48.23 60.06
CA ILE R 101 -30.06 -48.47 61.13
C ILE R 101 -30.92 -49.73 60.94
N LYS R 102 -30.83 -50.37 59.78
CA LYS R 102 -31.62 -51.57 59.53
C LYS R 102 -31.13 -52.76 60.33
N GLY R 103 -32.08 -53.60 60.73
CA GLY R 103 -31.74 -54.76 61.53
C GLY R 103 -31.29 -54.26 62.90
N LYS R 104 -31.43 -52.96 63.14
CA LYS R 104 -31.01 -52.41 64.42
C LYS R 104 -32.23 -52.16 65.29
N LYS R 105 -32.03 -52.17 66.60
CA LYS R 105 -33.15 -51.97 67.50
C LYS R 105 -32.96 -51.18 68.80
N LEU R 106 -34.07 -50.87 69.45
CA LEU R 106 -34.11 -50.16 70.71
C LEU R 106 -35.01 -50.91 71.71
N SER R 107 -35.05 -50.44 72.96
CA SER R 107 -35.87 -51.08 73.97
C SER R 107 -36.56 -50.09 74.88
N LEU R 108 -37.66 -50.56 75.43
CA LEU R 108 -38.48 -49.80 76.35
C LEU R 108 -38.56 -50.75 77.51
N TRP R 109 -38.29 -50.27 78.71
CA TRP R 109 -38.37 -51.12 79.88
C TRP R 109 -38.89 -50.27 80.98
N ALA R 110 -39.39 -50.89 82.03
CA ALA R 110 -39.94 -50.11 83.11
C ALA R 110 -39.31 -50.47 84.44
N ARG R 111 -39.72 -49.74 85.46
CA ARG R 111 -39.20 -49.97 86.79
C ARG R 111 -40.31 -49.81 87.79
N ARG R 112 -40.30 -50.70 88.78
CA ARG R 112 -41.30 -50.66 89.84
C ARG R 112 -41.19 -49.35 90.61
N GLU R 113 -42.28 -48.60 90.66
CA GLU R 113 -42.27 -47.37 91.44
C GLU R 113 -42.89 -47.69 92.78
N ASN R 114 -43.54 -48.85 92.83
CA ASN R 114 -44.25 -49.33 94.01
C ASN R 114 -45.64 -48.74 93.94
N GLY R 115 -46.56 -49.49 93.34
CA GLY R 115 -47.92 -49.00 93.18
C GLY R 115 -48.13 -48.54 91.76
N SER R 116 -47.01 -48.36 91.05
CA SER R 116 -47.00 -47.94 89.66
C SER R 116 -45.59 -48.16 89.12
N VAL R 117 -45.39 -47.91 87.84
CA VAL R 117 -44.07 -48.06 87.23
C VAL R 117 -43.74 -46.86 86.37
N LYS R 118 -42.46 -46.67 86.07
CA LYS R 118 -42.02 -45.60 85.21
C LYS R 118 -41.30 -46.22 84.00
N TRP R 119 -41.57 -45.70 82.81
CA TRP R 119 -40.94 -46.24 81.61
C TRP R 119 -39.72 -45.49 81.08
N PHE R 120 -38.83 -46.24 80.47
CA PHE R 120 -37.61 -45.69 79.92
C PHE R 120 -37.57 -46.08 78.46
N CYS R 121 -36.78 -45.35 77.67
CA CYS R 121 -36.66 -45.61 76.25
C CYS R 121 -35.20 -45.37 75.86
N GLY R 122 -34.59 -46.34 75.19
CA GLY R 122 -33.21 -46.17 74.80
C GLY R 122 -32.67 -47.31 73.96
N GLN R 123 -31.36 -47.53 74.05
CA GLN R 123 -30.71 -48.59 73.29
C GLN R 123 -30.96 -49.92 73.97
N PRO R 124 -31.15 -50.99 73.18
CA PRO R 124 -31.43 -52.36 73.63
C PRO R 124 -30.91 -52.71 75.01
N VAL R 125 -31.76 -53.36 75.80
CA VAL R 125 -31.37 -53.76 77.13
C VAL R 125 -31.95 -55.15 77.46
N THR R 126 -31.36 -55.83 78.43
CA THR R 126 -31.83 -57.16 78.82
C THR R 126 -32.27 -57.05 80.26
N ARG R 127 -33.28 -57.81 80.68
CA ARG R 127 -33.66 -57.73 82.08
C ARG R 127 -32.89 -58.78 82.89
N THR R 128 -32.34 -58.35 84.01
CA THR R 128 -31.58 -59.21 84.88
C THR R 128 -32.55 -59.71 85.95
N ASP R 129 -32.98 -58.81 86.83
CA ASP R 129 -33.93 -59.16 87.86
C ASP R 129 -35.17 -58.24 87.71
N ASP R 130 -36.19 -58.44 88.53
CA ASP R 130 -37.42 -57.67 88.38
C ASP R 130 -37.25 -56.16 88.45
N ASP R 131 -36.10 -55.71 88.86
CA ASP R 131 -35.88 -54.28 88.96
C ASP R 131 -34.51 -53.87 88.44
N THR R 132 -34.00 -54.62 87.47
CA THR R 132 -32.70 -54.34 86.92
C THR R 132 -32.52 -54.93 85.53
N VAL R 133 -32.05 -54.10 84.61
CA VAL R 133 -31.78 -54.50 83.24
C VAL R 133 -30.35 -54.10 82.92
N ALA R 134 -29.84 -54.48 81.76
CA ALA R 134 -28.48 -54.13 81.38
C ALA R 134 -28.34 -54.08 79.88
N ASP R 135 -27.33 -53.32 79.42
CA ASP R 135 -27.08 -53.15 78.01
C ASP R 135 -27.02 -54.49 77.29
N ALA R 136 -27.82 -54.63 76.26
CA ALA R 136 -27.81 -55.84 75.47
C ALA R 136 -26.67 -55.56 74.49
N LYS R 137 -25.50 -55.26 75.03
CA LYS R 137 -24.31 -54.97 74.22
C LYS R 137 -24.07 -56.10 73.23
N ASP R 138 -24.13 -55.79 71.94
CA ASP R 138 -23.93 -56.83 70.93
C ASP R 138 -23.60 -56.26 69.56
N GLY R 139 -23.86 -54.97 69.37
CA GLY R 139 -23.56 -54.32 68.10
C GLY R 139 -24.72 -53.98 67.17
N LYS R 140 -25.94 -54.35 67.54
CA LYS R 140 -27.09 -54.05 66.69
C LYS R 140 -27.99 -52.91 67.25
N GLU R 141 -27.45 -52.14 68.19
CA GLU R 141 -28.21 -51.03 68.75
C GLU R 141 -28.30 -49.85 67.80
N ILE R 142 -29.46 -49.21 67.73
CA ILE R 142 -29.61 -48.05 66.89
C ILE R 142 -28.71 -46.97 67.50
N ASP R 143 -27.88 -46.38 66.66
CA ASP R 143 -26.91 -45.35 67.03
C ASP R 143 -27.53 -44.14 67.69
N THR R 144 -26.91 -43.68 68.77
CA THR R 144 -27.43 -42.53 69.49
C THR R 144 -27.91 -41.38 68.60
N LYS R 145 -27.20 -41.11 67.51
CA LYS R 145 -27.59 -40.01 66.65
C LYS R 145 -28.98 -40.15 66.06
N HIS R 146 -29.48 -41.38 65.95
CA HIS R 146 -30.80 -41.60 65.38
C HIS R 146 -31.93 -41.64 66.41
N LEU R 147 -31.57 -41.53 67.67
CA LEU R 147 -32.57 -41.58 68.72
C LEU R 147 -33.02 -40.21 69.22
N PRO R 148 -34.34 -40.04 69.39
CA PRO R 148 -34.93 -38.79 69.88
C PRO R 148 -34.26 -38.38 71.18
N SER R 149 -34.54 -37.16 71.61
CA SER R 149 -34.00 -36.65 72.86
C SER R 149 -34.74 -37.36 74.01
N THR R 150 -35.95 -37.83 73.71
CA THR R 150 -36.77 -38.51 74.70
C THR R 150 -36.45 -39.97 74.80
N CYS R 151 -35.47 -40.46 74.03
CA CYS R 151 -35.14 -41.87 74.10
C CYS R 151 -33.64 -42.07 74.20
N ARG R 152 -33.04 -41.34 75.13
CA ARG R 152 -31.60 -41.41 75.36
C ARG R 152 -31.33 -42.08 76.70
N ASP R 153 -32.29 -42.85 77.23
CA ASP R 153 -32.10 -43.49 78.53
C ASP R 153 -31.04 -44.61 78.63
N ASN R 154 -30.28 -44.60 79.70
CA ASN R 154 -29.25 -45.61 79.99
C ASN R 154 -29.82 -46.75 80.83
N PHE R 155 -29.18 -47.91 80.72
CA PHE R 155 -29.62 -49.09 81.43
C PHE R 155 -29.91 -48.82 82.91
N ASP R 156 -29.16 -47.89 83.52
CA ASP R 156 -29.38 -47.62 84.95
C ASP R 156 -30.16 -46.35 85.27
N ALA R 157 -30.91 -45.85 84.30
CA ALA R 157 -31.71 -44.66 84.53
C ALA R 157 -32.73 -44.97 85.62
N LYS R 158 -32.98 -44.02 86.51
CA LYS R 158 -33.97 -44.26 87.54
C LYS R 158 -34.99 -43.14 87.48
C1 DT6 S . -20.54 16.48 15.35
C2 DT6 S . -21.03 17.79 15.97
N2 DT6 S . -20.06 18.24 16.94
C3 DT6 S . -22.40 17.59 16.61
N3 DT6 S . -24.68 16.79 16.16
O3 DT6 S . -22.90 18.83 17.14
C4 DT6 S . -23.38 17.04 15.57
C5 DT6 S . -22.80 15.76 14.97
O5 DT6 S . -21.51 16.00 14.39
C6 DT6 S . -23.67 15.20 13.87
O6 DT6 S . -24.92 14.75 14.39
C7 DT6 S . -19.61 19.50 16.90
O7 DT6 S . -19.99 20.32 16.07
C8 DT6 S . -18.58 19.87 17.95
O8 DT6 S . -25.83 17.84 14.54
C9 DT6 S . -25.81 17.21 15.59
C10 DT6 S . -27.10 16.87 16.33
C1 GLA S . -23.50 18.75 18.41
C2 GLA S . -24.59 19.80 18.54
C3 GLA S . -24.00 21.21 18.73
C4 GLA S . -22.90 21.24 19.78
C5 GLA S . -21.88 20.12 19.56
C6 GLA S . -20.86 20.01 20.68
O2 GLA S . -25.37 19.79 17.37
O3 GLA S . -25.04 22.09 19.12
O4 GLA S . -23.47 21.11 21.08
O5 GLA S . -22.56 18.86 19.48
O6 GLA S . -20.41 21.30 21.09
C1 DT6 T . 17.01 0.20 20.04
C2 DT6 T . 18.16 -0.13 20.99
N2 DT6 T . 18.69 -1.44 20.69
C3 DT6 T . 17.69 -0.04 22.44
N3 DT6 T . 16.57 1.43 24.05
O3 DT6 T . 18.78 -0.27 23.35
C4 DT6 T . 17.09 1.35 22.71
C5 DT6 T . 15.97 1.61 21.68
O5 DT6 T . 16.47 1.49 20.33
C6 DT6 T . 15.38 2.99 21.83
O6 DT6 T . 14.69 3.11 23.06
C7 DT6 T . 19.99 -1.62 20.51
O7 DT6 T . 20.81 -0.70 20.62
C8 DT6 T . 20.43 -3.03 20.18
O8 DT6 T . 17.57 3.42 24.49
C9 DT6 T . 16.85 2.48 24.85
C10 DT6 T . 16.25 2.44 26.24
C1 GLA T . 18.49 -1.11 24.44
C2 GLA T . 19.33 -0.70 25.64
C3 GLA T . 20.79 -1.15 25.49
C4 GLA T . 20.90 -2.61 25.02
C5 GLA T . 19.99 -2.89 23.83
C6 GLA T . 19.95 -4.36 23.45
O2 GLA T . 19.30 0.70 25.77
O3 GLA T . 21.45 -1.01 26.73
O4 GLA T . 20.57 -3.49 26.10
O5 GLA T . 18.65 -2.49 24.15
O6 GLA T . 21.25 -4.94 23.48
C1 DT6 U . 6.70 -21.68 -13.32
C2 DT6 U . 6.49 -23.07 -13.93
N2 DT6 U . 5.31 -23.05 -14.77
C3 DT6 U . 6.37 -24.12 -12.82
N3 DT6 U . 7.48 -25.02 -10.84
O3 DT6 U . 6.23 -25.44 -13.39
C4 DT6 U . 7.61 -24.07 -11.93
C5 DT6 U . 7.78 -22.65 -11.38
O5 DT6 U . 7.87 -21.69 -12.47
C6 DT6 U . 9.03 -22.49 -10.55
O6 DT6 U . 8.93 -23.26 -9.35
C7 DT6 U . 5.36 -23.51 -16.01
O7 DT6 U . 6.39 -24.00 -16.50
C8 DT6 U . 4.08 -23.42 -16.81
O8 DT6 U . 9.56 -25.87 -11.12
C9 DT6 U . 8.49 -25.85 -10.52
C10 DT6 U . 8.23 -26.80 -9.35
C1 GLA U . 5.27 -26.26 -12.78
C2 GLA U . 5.69 -27.72 -12.88
C3 GLA U . 5.50 -28.27 -14.30
C4 GLA U . 4.13 -27.92 -14.89
C5 GLA U . 3.82 -26.43 -14.70
C6 GLA U . 2.41 -26.07 -15.11
O2 GLA U . 7.05 -27.82 -12.54
O3 GLA U . 5.64 -29.68 -14.26
O4 GLA U . 3.12 -28.70 -14.26
O5 GLA U . 3.96 -26.07 -13.32
O6 GLA U . 2.05 -26.71 -16.33
C1 DT6 V . -13.44 12.63 -23.99
C2 DT6 V . -14.79 13.28 -24.34
N2 DT6 V . -14.89 14.57 -23.70
C3 DT6 V . -15.94 12.36 -23.92
N3 DT6 V . -16.82 10.09 -24.13
O3 DT6 V . -17.20 12.93 -24.32
C4 DT6 V . -15.77 10.98 -24.57
C5 DT6 V . -14.39 10.42 -24.20
O5 DT6 V . -13.34 11.33 -24.60
C6 DT6 V . -14.11 9.10 -24.86
O6 DT6 V . -14.99 8.10 -24.36
C7 DT6 V . -15.21 15.64 -24.42
O7 DT6 V . -15.48 15.59 -25.63
C8 DT6 V . -15.26 16.96 -23.66
O8 DT6 V . -17.29 9.35 -26.22
C9 DT6 V . -17.50 9.33 -25.01
C10 DT6 V . -18.57 8.43 -24.41
C1 GLA V . -18.22 12.86 -23.35
C2 GLA V . -19.57 12.75 -24.03
C3 GLA V . -20.02 14.08 -24.63
C4 GLA V . -19.84 15.25 -23.65
C5 GLA V . -18.45 15.23 -23.02
C6 GLA V . -18.29 16.26 -21.92
O2 GLA V . -19.48 11.79 -25.07
O3 GLA V . -21.39 13.99 -24.99
O4 GLA V . -20.83 15.18 -22.63
O5 GLA V . -18.20 13.95 -22.43
O6 GLA V . -18.87 17.51 -22.29
C1 DT6 W . 17.96 31.48 -5.12
C2 DT6 W . 18.40 32.43 -4.00
N2 DT6 W . 19.60 31.91 -3.38
C3 DT6 W . 17.28 32.60 -2.98
N3 DT6 W . 14.92 33.22 -2.74
O3 DT6 W . 17.67 33.55 -1.96
C4 DT6 W . 16.01 33.10 -3.69
C5 DT6 W . 15.65 32.12 -4.81
O5 DT6 W . 16.75 31.97 -5.74
C6 DT6 W . 14.46 32.57 -5.61
O6 DT6 W . 13.29 32.55 -4.80
C7 DT6 W . 20.67 32.69 -3.23
O7 DT6 W . 20.69 33.88 -3.57
C8 DT6 W . 21.89 32.04 -2.59
O8 DT6 W . 14.31 35.28 -3.44
C9 DT6 W . 14.15 34.31 -2.70
C10 DT6 W . 13.03 34.30 -1.66
C1 GLA W . 17.34 33.18 -0.65
C2 GLA W . 17.08 34.43 0.19
C3 GLA W . 18.38 35.15 0.54
C4 GLA W . 19.46 34.21 1.06
C5 GLA W . 19.61 32.99 0.15
C6 GLA W . 20.55 31.95 0.71
O2 GLA W . 16.25 35.29 -0.55
O3 GLA W . 18.09 36.13 1.54
O4 GLA W . 19.14 33.78 2.38
O5 GLA W . 18.34 32.36 -0.03
O6 GLA W . 21.72 32.55 1.28
C1 DT6 X . 39.88 -0.07 -20.01
C2 DT6 X . 40.78 -1.26 -19.70
N2 DT6 X . 40.41 -2.38 -20.55
C3 DT6 X . 40.68 -1.64 -18.22
N3 DT6 X . 40.87 -0.73 -15.95
O3 DT6 X . 41.58 -2.72 -17.90
C4 DT6 X . 41.02 -0.42 -17.36
C5 DT6 X . 40.10 0.76 -17.75
O5 DT6 X . 40.23 1.05 -19.15
C6 DT6 X . 40.43 2.01 -17.00
O6 DT6 X . 40.14 1.87 -15.61
C7 DT6 X . 41.34 -3.02 -21.25
O7 DT6 X . 42.54 -2.73 -21.20
C8 DT6 X . 40.85 -4.15 -22.12
O8 DT6 X . 42.87 0.16 -15.36
C9 DT6 X . 41.81 -0.41 -15.06
C10 DT6 X . 41.53 -0.79 -13.61
C1 GLA X . 41.04 -3.71 -17.07
C2 GLA X . 42.15 -4.33 -16.23
C3 GLA X . 43.05 -5.25 -17.05
C4 GLA X . 42.24 -6.23 -17.92
C5 GLA X . 41.16 -5.49 -18.70
C6 GLA X . 40.23 -6.44 -19.45
O2 GLA X . 42.93 -3.29 -15.69
O3 GLA X . 43.87 -6.01 -16.16
O4 GLA X . 41.66 -7.24 -17.11
O5 GLA X . 40.34 -4.73 -17.80
O6 GLA X . 40.96 -7.49 -20.08
C1 DT6 Y . 13.80 2.73 -51.78
C2 DT6 Y . 12.75 2.03 -52.64
N2 DT6 Y . 11.67 2.96 -52.92
C3 DT6 Y . 12.23 0.79 -51.93
N3 DT6 Y . 12.95 -1.30 -50.87
O3 DT6 Y . 11.29 0.09 -52.76
C4 DT6 Y . 13.41 -0.14 -51.60
C5 DT6 Y . 14.44 0.65 -50.77
O5 DT6 Y . 14.89 1.82 -51.47
C6 DT6 Y . 15.67 -0.18 -50.47
O6 DT6 Y . 15.35 -1.26 -49.60
C7 DT6 Y . 11.26 3.15 -54.17
O7 DT6 Y . 11.73 2.54 -55.13
C8 DT6 Y . 10.14 4.16 -54.36
O8 DT6 Y . 14.10 -2.77 -52.16
C9 DT6 Y . 13.34 -2.54 -51.21
C10 DT6 Y . 12.78 -3.68 -50.37
C1 GLA Y . 10.15 -0.39 -52.10
C2 GLA Y . 9.64 -1.65 -52.78
C3 GLA Y . 8.96 -1.36 -54.11
C4 GLA Y . 7.95 -0.20 -54.00
C5 GLA Y . 8.57 1.00 -53.29
C6 GLA Y . 7.56 2.10 -53.01
O2 GLA Y . 10.75 -2.50 -53.02
O3 GLA Y . 8.27 -2.52 -54.55
O4 GLA Y . 6.79 -0.63 -53.30
O5 GLA Y . 9.11 0.59 -52.02
O6 GLA Y . 6.70 2.31 -54.13
C1 DT6 Z . 15.20 43.07 -43.47
C2 DT6 Z . 14.42 44.33 -43.09
N2 DT6 Z . 15.18 45.08 -42.12
C3 DT6 Z . 13.04 43.95 -42.55
N3 DT6 Z . 11.00 42.68 -43.06
O3 DT6 Z . 12.27 45.13 -42.25
C4 DT6 Z . 12.29 43.10 -43.58
C5 DT6 Z . 13.15 41.88 -43.94
O5 DT6 Z . 14.45 42.30 -44.43
C6 DT6 Z . 12.52 41.04 -45.02
O6 DT6 Z . 11.33 40.43 -44.54
C7 DT6 Z . 15.40 46.38 -42.30
O7 DT6 Z . 14.97 47.00 -43.27
C8 DT6 Z . 16.23 47.07 -41.23
O8 DT6 Z . 9.87 43.28 -44.92
C9 DT6 Z . 9.89 42.81 -43.79
C10 DT6 Z . 8.60 42.33 -43.13
C1 GLA Z . 11.56 45.10 -41.03
C2 GLA Z . 10.29 45.93 -41.15
C3 GLA Z . 10.60 47.43 -41.12
C4 GLA Z . 11.56 47.81 -39.98
C5 GLA Z . 12.77 46.88 -39.97
C6 GLA Z . 13.67 47.12 -38.76
O2 GLA Z . 9.66 45.63 -42.38
O3 GLA Z . 9.38 48.14 -40.95
O4 GLA Z . 10.88 47.74 -38.74
O5 GLA Z . 12.34 45.52 -39.92
O6 GLA Z . 13.83 48.50 -38.50
C1 DT6 AA . 54.29 34.98 -33.30
C2 DT6 AA . 55.37 35.01 -32.21
N2 DT6 AA . 56.14 33.79 -32.26
C3 DT6 AA . 54.73 35.19 -30.83
N3 DT6 AA . 53.20 36.61 -29.55
O3 DT6 AA . 55.74 35.29 -29.81
C4 DT6 AA . 53.87 36.45 -30.83
C5 DT6 AA . 52.84 36.37 -31.96
O5 DT6 AA . 53.50 36.19 -33.23
C6 DT6 AA . 52.00 37.61 -32.08
O6 DT6 AA . 51.17 37.76 -30.94
C7 DT6 AA . 57.47 33.85 -32.31
O7 DT6 AA . 58.10 34.91 -32.27
C8 DT6 AA . 58.20 32.51 -32.40
O8 DT6 AA . 53.76 38.79 -29.33
C9 DT6 AA . 53.20 37.78 -28.90
C10 DT6 AA . 52.46 37.80 -27.57
C1 GLA AA . 55.47 34.55 -28.64
C2 GLA AA . 56.10 35.25 -27.44
C3 GLA AA . 57.62 35.08 -27.41
C4 GLA AA . 58.05 33.62 -27.64
C5 GLA AA . 57.33 33.03 -28.86
C6 GLA AA . 57.60 31.55 -29.02
O2 GLA AA . 55.81 36.63 -27.52
O3 GLA AA . 58.10 35.50 -26.14
O4 GLA AA . 57.76 32.84 -26.49
O5 GLA AA . 55.91 33.20 -28.71
O6 GLA AA . 58.96 31.24 -28.79
C1 DT6 BA . -30.32 -21.33 2.24
C2 DT6 BA . -31.56 -21.70 1.42
N2 DT6 BA . -32.46 -20.57 1.39
C3 DT6 BA . -32.24 -22.94 2.02
N3 DT6 BA . -31.85 -25.25 2.72
O3 DT6 BA . -33.37 -23.33 1.21
C4 DT6 BA . -31.24 -24.09 2.10
C5 DT6 BA . -30.01 -23.63 2.90
O5 DT6 BA . -29.41 -22.46 2.30
C6 DT6 BA . -28.94 -24.69 2.96
O6 DT6 BA . -29.39 -25.81 3.71
C7 DT6 BA . -32.94 -20.14 0.22
O7 DT6 BA . -32.67 -20.68 -0.86
C8 DT6 BA . -33.85 -18.93 0.28
O8 DT6 BA . -31.12 -26.69 1.14
C9 DT6 BA . -31.73 -26.47 2.18
C10 DT6 BA . -32.42 -27.60 2.94
C1 GLA BA . -34.52 -23.68 1.93
C2 GLA BA . -35.31 -24.73 1.16
C3 GLA BA . -36.04 -24.12 -0.04
C4 GLA BA . -36.79 -22.84 0.32
C5 GLA BA . -35.90 -21.88 1.11
C6 GLA BA . -36.66 -20.67 1.63
O2 GLA BA . -34.42 -25.72 0.70
O3 GLA BA . -36.97 -25.07 -0.54
O4 GLA BA . -37.95 -23.15 1.09
O5 GLA BA . -35.35 -22.55 2.25
O6 GLA BA . -37.54 -20.15 0.65
C1 DT6 CA . -2.64 -33.28 30.32
C2 DT6 CA . -1.96 -34.65 30.38
N2 DT6 CA . -2.61 -35.54 29.45
C3 DT6 CA . -2.01 -35.21 31.80
N3 DT6 CA . -1.45 -34.69 34.13
O3 DT6 CA . -1.31 -36.46 31.88
C4 DT6 CA . -1.36 -34.20 32.77
C5 DT6 CA . -2.07 -32.85 32.63
O5 DT6 CA . -2.01 -32.38 31.26
C6 DT6 CA . -1.45 -31.79 33.49
O6 DT6 CA . -1.64 -32.08 34.87
C7 DT6 CA . -1.88 -36.23 28.57
O7 DT6 CA . -0.65 -36.17 28.52
C8 DT6 CA . -2.67 -37.13 27.61
O8 DT6 CA . 0.72 -34.25 34.60
C9 DT6 CA . -0.39 -34.67 34.95
C10 DT6 CA . -0.61 -35.20 36.36
C1 GLA CA . -1.95 -37.47 32.62
C2 GLA CA . -0.91 -38.39 33.26
C3 GLA CA . -0.28 -39.32 32.24
C4 GLA CA . -1.33 -40.00 31.34
C5 GLA CA . -2.32 -38.98 30.78
C6 GLA CA . -3.46 -39.62 30.03
O2 GLA CA . 0.10 -37.59 33.83
O3 GLA CA . 0.45 -40.33 32.93
O4 GLA CA . -2.03 -40.99 32.08
O5 GLA CA . -2.89 -38.22 31.86
O6 GLA CA . -3.01 -40.68 29.19
C1 DT6 DA . -16.78 -0.82 51.40
C2 DT6 DA . -16.06 -0.14 52.57
N2 DT6 DA . -14.93 -0.95 52.98
C3 DT6 DA . -17.04 0.09 53.72
N3 DT6 DA . -19.21 1.06 54.30
O3 DT6 DA . -16.40 0.79 54.80
C4 DT6 DA . -18.25 0.89 53.23
C5 DT6 DA . -18.88 0.16 52.03
O5 DT6 DA . -17.92 -0.04 50.98
C6 DT6 DA . -20.03 0.94 51.45
O6 DT6 DA . -21.12 1.00 52.36
C7 DT6 DA . -13.74 -0.40 53.11
O7 DT6 DA . -13.52 0.80 52.92
C8 DT6 DA . -12.62 -1.34 53.52
O8 DT6 DA . -19.47 3.27 53.94
C9 DT6 DA . -19.76 2.25 54.56
C10 DT6 DA . -20.76 2.29 55.71
C1 GLA DA . -16.68 0.29 56.08
C2 GLA DA . -16.62 1.43 57.09
C3 GLA DA . -15.18 1.86 57.39
C4 GLA DA . -14.26 0.68 57.67
C5 GLA DA . -14.42 -0.40 56.60
C6 GLA DA . -13.65 -1.67 56.92
O2 GLA DA . -17.33 2.54 56.57
O3 GLA DA . -15.18 2.72 58.53
O4 GLA DA . -14.54 0.13 58.95
O5 GLA DA . -15.81 -0.76 56.48
O6 GLA DA . -12.35 -1.37 57.42
C1 DT6 EA . -52.70 -10.87 33.90
C2 DT6 EA . -53.92 -9.95 33.78
N2 DT6 EA . -53.71 -8.77 34.58
C3 DT6 EA . -55.18 -10.70 34.21
N3 DT6 EA . -56.50 -12.73 33.81
O3 DT6 EA . -56.34 -9.87 34.03
C4 DT6 EA . -55.34 -11.98 33.37
C5 DT6 EA . -54.06 -12.83 33.52
O5 DT6 EA . -52.89 -12.07 33.12
C6 DT6 EA . -54.10 -14.07 32.67
O6 DT6 EA . -55.10 -14.96 33.14
C7 DT6 EA . -53.88 -7.57 34.05
O7 DT6 EA . -54.26 -7.39 32.88
C8 DT6 EA . -53.62 -6.38 34.97
O8 DT6 EA . -57.28 -13.06 31.71
C9 DT6 EA . -57.38 -13.22 32.93
C10 DT6 EA . -58.55 -13.99 33.52
C1 GLA EA . -57.27 -9.90 35.08
C2 GLA EA . -58.67 -9.66 34.55
C3 GLA EA . -58.90 -8.20 34.18
C4 GLA EA . -58.42 -7.24 35.27
C5 GLA EA . -57.01 -7.60 35.73
C6 GLA EA . -56.56 -6.77 36.93
O2 GLA EA . -58.86 -10.46 33.39
O3 GLA EA . -60.29 -7.99 33.96
O4 GLA EA . -59.32 -7.28 36.37
O5 GLA EA . -56.97 -8.97 36.13
O6 GLA EA . -56.93 -5.40 36.79
C1 DT6 FA . -38.64 -49.40 37.87
C2 DT6 FA . -39.17 -50.62 37.11
N2 DT6 FA . -40.39 -50.27 36.42
C3 DT6 FA . -39.40 -51.79 38.08
N3 DT6 FA . -38.30 -53.14 39.81
O3 DT6 FA . -39.83 -52.96 37.37
C4 DT6 FA . -38.09 -52.09 38.84
C5 DT6 FA . -37.61 -50.80 39.54
O5 DT6 FA . -37.43 -49.73 38.58
C6 DT6 FA . -36.29 -51.00 40.24
O6 DT6 FA . -36.44 -51.89 41.33
C7 DT6 FA . -40.53 -50.55 35.13
O7 DT6 FA . -39.67 -51.13 34.47
C8 DT6 FA . -41.84 -50.11 34.50
O8 DT6 FA . -36.47 -54.30 39.19
C9 DT6 FA . -37.46 -54.17 39.91
C10 DT6 FA . -37.79 -55.22 40.97
C1 GLA FA . -40.87 -53.68 37.98
C2 GLA FA . -40.75 -55.15 37.65
C3 GLA FA . -41.15 -55.45 36.21
C4 GLA FA . -42.48 -54.78 35.82
C5 GLA FA . -42.49 -53.30 36.22
C6 GLA FA . -43.84 -52.65 36.02
O2 GLA FA . -39.41 -55.54 37.83
O3 GLA FA . -41.29 -56.86 36.05
O4 GLA FA . -43.57 -55.45 36.45
O5 GLA FA . -42.16 -53.19 37.62
O6 GLA FA . -44.42 -53.03 34.78
C1 DT6 GA . -21.53 -34.75 72.36
C2 DT6 GA . -20.38 -35.40 73.14
N2 DT6 GA . -20.16 -36.73 72.62
C3 DT6 GA . -20.71 -35.43 74.64
N3 DT6 GA . -21.38 -34.03 76.53
O3 DT6 GA . -19.61 -35.99 75.38
C4 DT6 GA . -21.01 -34.02 75.13
C5 DT6 GA . -22.15 -33.42 74.28
O5 DT6 GA . -21.78 -33.42 72.88
C6 DT6 GA . -22.44 -31.99 74.66
O6 DT6 GA . -22.98 -31.92 75.97
C7 DT6 GA . -18.93 -37.11 72.27
O7 DT6 GA . -17.93 -36.37 72.40
C8 DT6 GA . -18.80 -38.51 71.71
O8 DT6 GA . -19.99 -32.34 77.10
C9 DT6 GA . -20.84 -33.19 77.41
C10 DT6 GA . -21.32 -33.31 78.85
C1 GLA GA . -19.96 -36.90 76.38
C2 GLA GA . -18.96 -36.84 77.52
C3 GLA GA . -17.63 -37.51 77.15
C4 GLA GA . -17.84 -38.89 76.50
C5 GLA GA . -18.88 -38.82 75.39
C6 GLA GA . -19.24 -40.18 74.83
O2 GLA GA . -18.71 -35.48 77.83
O3 GLA GA . -16.86 -37.67 78.32
O4 GLA GA . -18.24 -39.83 77.48
O5 GLA GA . -20.09 -38.24 75.90
O6 GLA GA . -18.08 -40.98 74.65
C1 DT6 HA . -55.54 -11.54 73.95
C2 DT6 HA . -55.72 -10.27 74.78
N2 DT6 HA . -54.60 -10.14 75.70
C3 DT6 HA . -57.05 -10.31 75.54
N3 DT6 HA . -59.46 -10.62 75.25
O3 DT6 HA . -57.25 -9.09 76.27
C4 DT6 HA . -58.20 -10.52 74.55
C5 DT6 HA . -57.93 -11.79 73.73
O5 DT6 HA . -56.66 -11.70 73.05
C6 DT6 HA . -58.98 -12.02 72.68
O6 DT6 HA . -60.24 -12.31 73.27
C7 DT6 HA . -53.92 -8.99 75.76
O7 DT6 HA . -54.21 -8.01 75.08
C8 DT6 HA . -52.75 -8.97 76.72
O8 DT6 HA . -60.52 -9.16 73.90
C9 DT6 HA . -60.53 -9.92 74.87
C10 DT6 HA . -61.79 -10.14 75.69
C1 GLA HA . -57.73 -9.25 77.59
C2 GLA HA . -58.59 -8.05 77.96
C3 GLA HA . -57.74 -6.81 78.26
C4 GLA HA . -56.55 -7.13 79.19
C5 GLA HA . -55.79 -8.36 78.71
C6 GLA HA . -54.73 -8.81 79.68
O2 GLA HA . -59.46 -7.75 76.89
O3 GLA HA . -58.55 -5.83 78.87
O4 GLA HA . -57.02 -7.34 80.51
O5 GLA HA . -56.71 -9.47 78.54
O6 GLA HA . -54.00 -7.70 80.20
C1 DT6 IA . -73.45 -44.72 57.35
C2 DT6 IA . -74.80 -44.74 56.63
N2 DT6 IA . -75.47 -43.49 56.84
C3 DT6 IA . -75.66 -45.91 57.14
N3 DT6 IA . -75.65 -48.33 57.50
O3 DT6 IA . -76.90 -45.98 56.42
C4 DT6 IA . -74.89 -47.22 56.96
C5 DT6 IA . -73.53 -47.11 57.68
O5 DT6 IA . -72.77 -45.99 57.17
C6 DT6 IA . -72.68 -48.34 57.48
O6 DT6 IA . -73.27 -49.46 58.13
C7 DT6 IA . -75.95 -42.80 55.80
O7 DT6 IA . -75.89 -43.22 54.63
C8 DT6 IA . -76.61 -41.47 56.11
O8 DT6 IA . -75.34 -49.64 55.68
C9 DT6 IA . -75.82 -49.46 56.80
C10 DT6 IA . -76.64 -50.55 57.48
C1 GLA IA . -78.04 -46.21 57.21
C2 GLA IA . -79.07 -46.99 56.41
C3 GLA IA . -79.77 -46.09 55.39
C4 GLA IA . -80.23 -44.76 55.99
C5 GLA IA . -79.11 -44.10 56.79
C6 GLA IA . -79.57 -42.86 57.54
O2 GLA IA . -78.42 -48.04 55.73
O3 GLA IA . -80.90 -46.78 54.88
O4 GLA IA . -81.36 -44.98 56.83
O5 GLA IA . -78.60 -45.02 57.76
O6 GLA IA . -80.42 -42.06 56.73
C1 DT6 JA . -46.27 -65.32 80.47
C2 DT6 JA . -45.86 -66.79 80.27
N2 DT6 JA . -46.75 -67.41 79.32
C3 DT6 JA . -45.89 -67.52 81.61
N3 DT6 JA . -45.05 -67.45 83.92
O3 DT6 JA . -45.44 -68.88 81.45
C4 DT6 JA . -44.98 -66.80 82.62
C5 DT6 JA . -45.44 -65.33 82.73
O5 DT6 JA . -45.40 -64.69 81.44
C6 DT6 JA . -44.55 -64.53 83.65
O6 DT6 JA . -44.67 -64.99 84.98
C7 DT6 JA . -46.24 -68.07 78.28
O7 DT6 JA . -45.03 -68.23 78.10
C8 DT6 JA . -47.26 -68.67 77.31
O8 DT6 JA . -42.80 -67.49 84.19
C9 DT6 JA . -43.94 -67.74 84.60
C10 DT6 JA . -44.14 -68.42 85.95
C1 GLA JA . -46.20 -69.85 82.13
C2 GLA JA . -45.30 -71.02 82.53
C3 GLA JA . -44.96 -71.89 81.33
C4 GLA JA . -46.19 -72.24 80.47
C5 GLA JA . -47.00 -70.99 80.17
C6 GLA JA . -48.31 -71.30 79.47
O2 GLA JA . -44.11 -70.51 83.08
O3 GLA JA . -44.37 -73.10 81.81
O4 GLA JA . -46.99 -73.19 81.16
O5 GLA JA . -47.33 -70.30 81.39
O6 GLA JA . -48.14 -72.29 78.47
CA OPE KA . -10.82 24.67 16.89
CB OPE KA . -12.35 24.70 16.83
O1 OPE KA . -10.96 22.03 18.58
O2 OPE KA . -8.60 22.78 18.10
O3 OPE KA . -9.65 21.01 16.69
O4 OPE KA . -10.44 23.33 16.51
N OPE KA . -12.83 24.68 15.42
P OPE KA . -9.89 22.26 17.55
CA OPE LA . 26.50 -5.79 13.86
CB OPE LA . 26.29 -5.01 15.17
O1 OPE LA . 23.74 -7.21 14.28
O2 OPE LA . 24.90 -7.91 12.16
O3 OPE LA . 23.12 -6.16 12.08
O4 OPE LA . 25.28 -5.62 13.12
N OPE LA . 26.33 -3.55 14.93
P OPE LA . 24.23 -6.80 12.93
CA OPE MA . 2.94 -20.74 -25.51
CB OPE MA . 3.54 -21.79 -24.58
O1 OPE MA . 1.05 -19.79 -23.19
O2 OPE MA . 0.74 -18.47 -25.32
O3 OPE MA . 2.18 -17.56 -23.49
O4 OPE MA . 2.97 -19.49 -24.78
N OPE MA . 5.01 -21.59 -24.44
P OPE MA . 1.65 -18.83 -24.17
CA OPE NA . -12.02 25.16 -26.22
CB OPE NA . -13.04 24.04 -26.51
O1 OPE NA . -11.60 24.00 -23.34
O2 OPE NA . -10.16 26.02 -23.81
O3 OPE NA . -9.20 23.72 -24.03
O4 OPE NA . -10.86 24.49 -25.67
N OPE NA . -12.61 23.23 -27.68
P OPE NA . -10.48 24.59 -24.13
CA OPE OA . 30.70 32.74 -5.06
CB OPE OA . 29.47 33.48 -4.52
O1 OPE OA . 29.37 30.01 -4.29
O2 OPE OA . 31.63 29.73 -5.39
O3 OPE OA . 29.55 29.48 -6.75
O4 OPE OA . 30.19 31.70 -5.93
N OPE OA . 28.85 34.31 -5.58
P OPE OA . 30.20 30.17 -5.53
CA OPE PA . 43.18 -6.16 -30.77
CB OPE PA . 43.66 -6.06 -29.31
O1 OPE PA . 40.21 -6.21 -29.77
O2 OPE PA . 40.41 -6.31 -32.28
O3 OPE PA . 39.95 -4.12 -31.16
O4 OPE PA . 42.17 -5.15 -30.92
N OPE PA . 44.48 -4.83 -29.11
P OPE PA . 40.62 -5.51 -31.03
CA OPE QA . 9.34 10.66 -60.78
CB OPE QA . 9.38 9.16 -60.50
O1 OPE QA . 8.72 11.19 -57.75
O2 OPE QA . 8.87 13.31 -59.12
O3 OPE QA . 10.84 12.54 -57.78
O4 OPE QA . 10.17 11.28 -59.79
N OPE QA . 10.70 8.59 -60.88
P OPE QA . 9.58 12.11 -58.56
CA OPE RA . 23.07 53.09 -42.31
CB OPE RA . 21.57 52.82 -42.50
O1 OPE RA . 23.22 50.71 -40.27
O2 OPE RA . 25.45 51.84 -40.64
O3 OPE RA . 24.89 49.73 -41.88
O4 OPE RA . 23.73 51.81 -42.46
N OPE RA . 21.26 52.53 -43.93
P OPE RA . 24.33 51.01 -41.23
CA OPE SA . 65.31 30.19 -37.71
CB OPE SA . 64.83 31.08 -36.54
O1 OPE SA . 62.82 28.34 -37.32
O2 OPE SA . 64.32 27.60 -39.22
O3 OPE SA . 62.28 28.96 -39.70
O4 OPE SA . 64.18 30.03 -38.57
N OPE SA . 64.62 32.48 -37.00
P OPE SA . 63.38 28.65 -38.68
CA OPE TA . -33.94 -11.52 -5.14
CB OPE TA . -34.17 -13.04 -5.06
O1 OPE TA . -34.19 -11.33 -2.02
O2 OPE TA . -33.75 -9.11 -3.12
O3 OPE TA . -31.85 -10.40 -2.12
O4 OPE TA . -32.92 -11.22 -4.18
N OPE TA . -33.01 -13.78 -5.65
P OPE TA . -33.23 -10.48 -2.80
CA OPE UA . -1.49 -38.25 18.58
CB OPE UA . -0.89 -38.44 19.98
O1 OPE UA . -4.32 -37.91 19.89
O2 OPE UA . -4.36 -37.68 17.38
O3 OPE UA . -4.30 -35.63 18.80
O4 OPE UA . -2.31 -37.06 18.67
N OPE UA . 0.17 -37.42 20.24
P OPE UA . -3.90 -37.12 18.69
CA OPE VA . -4.07 -1.88 50.20
CB OPE VA . -5.09 -1.01 50.97
O1 OPE VA . -5.83 -4.41 50.76
O2 OPE VA . -3.77 -4.92 49.40
O3 OPE VA . -5.96 -4.60 48.26
O4 OPE VA . -4.85 -2.66 49.27
N OPE VA . -5.63 0.07 50.09
P OPE VA . -5.10 -4.21 49.48
CA OPE WA . -49.10 1.39 33.11
CB OPE WA . -50.33 0.53 32.81
O1 OPE WA . -48.67 -0.22 35.77
O2 OPE WA . -46.91 1.55 35.40
O3 OPE WA . -46.43 -0.83 34.79
O4 OPE WA . -48.05 0.45 33.44
N OPE WA . -50.18 -0.16 31.50
P OPE WA . -47.52 0.25 34.93
CA OPE XA . -43.18 -46.04 26.39
CB OPE XA . -42.71 -47.32 27.10
O1 OPE XA . -44.65 -45.13 29.00
O2 OPE XA . -44.88 -43.47 27.10
O3 OPE XA . -43.15 -43.10 28.86
O4 OPE XA . -42.86 -44.94 27.26
N OPE XA . -41.23 -47.40 27.10
P OPE XA . -43.97 -44.15 28.08
CA OPE YA . -13.92 -41.35 64.48
CB OPE YA . -13.87 -40.76 65.89
O1 OPE YA . -16.86 -42.31 65.02
O2 OPE YA . -16.04 -42.90 62.70
O3 OPE YA . -17.45 -40.87 63.04
O4 OPE YA . -15.15 -40.88 63.89
N OPE YA . -13.57 -39.30 65.83
P OPE YA . -16.42 -41.82 63.68
CA OPE ZA . -44.34 -5.52 75.42
CB OPE ZA . -45.84 -5.21 75.54
O1 OPE ZA . -44.84 -8.30 76.78
O2 OPE ZA . -42.42 -7.92 76.14
O3 OPE ZA . -43.91 -9.26 74.63
O4 OPE ZA . -44.26 -6.84 74.83
N OPE ZA . -46.43 -4.93 74.20
P OPE ZA . -43.84 -8.12 75.67
CA OPE AB . -75.75 -33.47 51.71
CB OPE AB . -76.24 -34.92 51.63
O1 OPE AB . -75.68 -33.69 54.83
O2 OPE AB . -74.92 -31.44 53.99
O3 OPE AB . -73.23 -33.18 54.60
O4 OPE AB . -74.61 -33.50 52.58
N OPE AB . -75.31 -35.74 50.82
P OPE AB . -74.66 -32.92 54.07
CA OPE BB . -47.09 -68.66 68.14
CB OPE BB . -46.42 -69.17 69.42
O1 OPE BB . -49.68 -68.02 69.79
O2 OPE BB . -49.90 -67.43 67.33
O3 OPE BB . -49.33 -65.65 69.00
O4 OPE BB . -47.66 -67.38 68.47
N OPE BB . -45.18 -68.39 69.69
P OPE BB . -49.23 -67.15 68.65
#